data_6RAO
#
_entry.id   6RAO
#
loop_
_entity.id
_entity.type
_entity.pdbx_description
1 polymer Afp1
2 polymer Afp2
3 polymer Afp3
4 polymer Afp5
5 polymer Afp9
6 polymer Afp4
7 polymer Afp7
8 polymer Afp11
9 polymer Afp12
#
loop_
_entity_poly.entity_id
_entity_poly.type
_entity_poly.pdbx_seq_one_letter_code
_entity_poly.pdbx_strand_id
1 'polypeptide(L)'
;MAITADDIAVQYPIPTYRFIVTLGDEQVPFTSASGLDINFDTIEYRDGTGNWFKMPGQRQAPNITLSKGVFPGKNAMYEW
INAIQLNQVEKKDIMISLTNEAGTEVLVSWNVSNAFPTSLTSPSFDATSNEIAVQQITLMADRVTIQTA
;
A,B
2 'polypeptide(L)'
;MTVTTTYPGVYLSEDAVSSFSVNSAATAVPLFAYDSENTNTINKPIQVFRNWAEFTVEYPTPLEDAFYTSLSLWFMHGGG
KCYLVNEANIADAVAQYDDITLIVAAGTDTTTYTAFTTVVGQGYRIFGLFDGPKEKIAGTAKPDEVMEEYPTSPFGAVFY
PWGTLASGAAVPPSAIAAASITQTDRTRGVWKAPANQAVNGVTPAFAVSDDFQGKYNQGKALNMIRTFSGQGTVVWGART
LEDSDNWRYIPVRRLFNAVERDIQKSLNKLVFEPNSQPTWQRVKAAVDSYLHSLWQQGALAGNTPADAWFVQVGKDLTMT
QEEINQGKMIIKIGLAAVRPAEFIILQFSQDIAQ
;
C
3 'polypeptide(L)'
;MATVTSVPGVYIEEDASPAMSVSASATAVPLFVARFTPLKPELAGVITRIGSWLDYTILFDSNVPSSARVTVSSTAVEPS
PEFDALETASSKATTTYTYQIDDTEVVDPTASVALRLYFQNGGGPCYLYPLEKADDNGPLAALPDLIDEVGEITLLASPD
PDETYRTAVYGALAASLDQHKGYFLLADSVNGDAPSAVGGSAQVAVYYPNVEVPHTRKLDDAEVAIDGYLDDEGKAVTTL
AALRVVNTEFAGEIAQSLSGDLSAPLSLPPSALIAGVYGKTDGERGVWKAPANVVLNGVSDVSVRVTNEQQAELNPKGIN
VIRHFSDRGLVVWGSRTQKDDDDWRYIPVRRLFDAAERDIKKALQPMVFEPNSQLTWKRVQTAIDNYLYRLWQQGALAGN
KAEEAYFVRVGKGITMTQDEINQGKMIIQVGMAAVRPAEFIILKFTQDMSQ
;
D
4 'polypeptide(L)'
;MSTPAVSHRFLVNFLFNNIPNPFDIAFQRISGLSRTLEVSQHREGGENVRNLWLAEQVNHGSLVLERGVMNASPLTLQFD
RVLRRESTQWANVVIMLLNELSLPVTTWTLSHALPVRWQMGDLDAGSNQVLINTLELRYQDMRMLGVKL
;
F
5 'polypeptide(L)'
;MSNDILKATLGQCWAFPPRFSPDTGVSLTAGVEAVMQSLRVLFMTEPGERIMRESYGGGMHDFIFENITDELLANIHNRI
EESILRHEPRALLKDVIIQPDKQEASRLRAQITVYLAGSDLVETVDGTLNIHDGQTLRLL
;
H
6 'polypeptide(L)'
;MTMVLPGVSYNETLLTQASNDDPVTMPLFIGYTPPDTAIPVTVMQPVSVGSLTQANSLFGQRGTLAYSLRHFFENGGLQC
YVLPLGPGKGEPAARLQELIAALQTPQMLETLLADDKTGLVLVPELSELNEVSSTSLSAEGVDAAEVDADALWYQGWQVL
LTLCRQAPQRFALLELPEDPASAVTLTQQSFSADQCQRGAAWWPRLETSYQDESSAPVVLSPLPAVAAAIQRSAHDNGVW
KAPANIALAKTRRPTQSILTSQALLDNQGVSCNLIRSFVGKGVRLWGCRTLLNEENTAWRYIQIRLLVSSVEHYLSKLAR
AYLFEPNTAPTWMKLKGQVWTWLRQQWLAGAFFGTVEDEAFSLSIGLDETMTEDDIRHGKMILQVRLALLAPAEFIAISL
TLDLRDGTASAQTGGQS
;
E
7 'polypeptide(L)'
;MSLLERGLSKLTLNAWKDREGKIPAGSMSAMYNPETIQLDYQTRFDTEDTINTASQSNRYVISEPVGLNLTLLFDSQMPG
NTTPIETQLAMLKSLCAVDAATGSPYFLRITWGKMRWENKGWFAGRARDLSVTYTLFDRDATPLRATVQLSLVADESFVI
QQSLKTQSAPDRALVSVPDLASLPLLALSAGGVLASSVDYLSLAWDNDLDNLDDFQTGDFLRATKGEEV
;
G
8 'polypeptide(L)'
;MSDLEQLKQILGNGLTDQTFLLEPRTGKGLLNLMAKYTEAVPFAGHTDADWKDFWMAGCTLEALSDIYQYPGLAEKKLPV
QQAFLLALLHLLETPRAMLNTVPARHRSLYYRDLLGFAPRAPQPDSVAVSFTLQRNSSPYALPAGSLLDGGQDSAGNSIT
YQTDDSLLITGQQLEQLCWTAQVGETWKRYTAIDSATGVTLPAEGLRLFTATGQGTDTKEKAPELYLGFSGTSAQDTLSL
YWSVRASSALDVTWWYYQGTKWASLDAELQDNTASLSVSNLWRARLPADSQPGSGLPQDDEPLEAGYYWIKGTLKENKEA
KDENSPAEAMPQLQAVLANAMTATLNVAQAIDDSHFSQPLPANTINQLVTPVAAISDVRQPLPSVGGQPRETEMAMLQRA
APRIAHRQRAITWNNMRSLLMEHYPEIFDVRFPDVDKLSRLPALEVQSLMVIPDGRYGDNDDALRPALSNGRLSRMAQWL
SQYTSLWAAPTLKNPKYIDVTARYRVTFVVGIRPDYGYRQLAAQLQHDYMPWATDRRQAVTPGNQVDYYQLLATLQQSPL
VQSVNALVLSHDVIDETGKPTSMETQSTVTARDDEVLILCPEGETHV
;
I
9 'polypeptide(L)'
;MSKENALFPAVKDAIVFDALWQQAHEKVTALSGEIWTDTGDHDPGVTLLQSATWNCSDLSYRASLSLNDLLTHQDQSTLF
PEEFGPEQVLTCNTVTAEDYRRALLDVHSSDIQALDTPEQDFLFSDVSLTQEPKEHRFHWWYNAEKREYSFRKPTDSGEV
NELKLRGNLWLSLVPTRYTQSLSPENLAAVEQCLAEFLAAHRNLGEVVSRITWLQPATFSPRMTIELADNIGDINQVAAQ
IYQVTDAFLRPAVARYTTEQRRALGDADDAIFEGPRLKHGWQQTAPSQITSGGYVLNLGPLVNLLLAIPGVASLSTLSVD
KGDGHITAVTGDNLRWQVADGYYPLLWGAPPLSLLAGDDSPLTLVSKGGIRNTLESEAMAGYLTQADLIVTTPTVLPAGR
FRDQTLYIPIGQRQPECYALQQPDTVIDDQTRAVHQFLLPVDQLLADGTAELAQLPTLLAFKNRGDAIRGTRWPYTNAMV
QQAIHQPYAKTLEAIAQQDAAIFTQDKQPVGGNYARELDFLQYLLGYFGTQRAALPLTLDLPDFLATQRAYLAQQPALGY
DRINIRIDQVSALQKRIAARIGLDSICFADNPDLGQLPFYLIEHRQLLPQTPDSTFDSEQTPSGFAVAEPDITLTQAGSV
GKVVQGQLIDLIAIEGGSRLHVSRLLVIKAEGDSFTVSTENSQQLHNTLSRLETAWASHNLRWQNSNVWLQDMDYRLNYA
EAKLQPANPQQRLLASNAQSPYPAMVSVGDGIVLRPAGLQFYMPGANATRAATLDADWQLAATVKAVDPIAGTLLIEKAA
GSTEDFPSAESSFRYQWAFSQANYATTDRFSFVVSAVLNRRLIENPNIVPEQLVAWIQETIMAEFPAHVSLINHWLDDAT
FNNFGVTYSRWQNSGMPLGDDAFALMQILTLGHLPVTQLDIGLMRIATEEQRTEVIGDGSQWHEDVILREELFYVPKDVQ
TTL
;
J
#
# COMPACT_ATOMS: atom_id res chain seq x y z
N ALA A 2 118.20 -65.95 -33.17
CA ALA A 2 117.05 -66.77 -33.53
C ALA A 2 115.76 -65.95 -33.41
N ILE A 3 114.99 -65.91 -34.48
CA ILE A 3 113.76 -65.13 -34.51
C ILE A 3 112.52 -66.00 -34.69
N THR A 4 112.67 -67.27 -35.13
CA THR A 4 111.65 -68.33 -35.21
C THR A 4 110.31 -67.88 -35.80
N ALA A 5 110.27 -67.80 -37.14
CA ALA A 5 109.30 -67.10 -38.00
C ALA A 5 107.81 -67.12 -37.61
N ASP A 6 107.40 -68.07 -36.76
CA ASP A 6 106.10 -67.93 -36.11
C ASP A 6 106.01 -66.70 -35.22
N ASP A 7 107.15 -66.19 -34.72
CA ASP A 7 107.15 -64.91 -34.04
C ASP A 7 107.13 -63.73 -35.00
N ILE A 8 107.58 -63.90 -36.24
CA ILE A 8 107.44 -62.86 -37.25
C ILE A 8 105.98 -62.64 -37.59
N ALA A 9 105.18 -63.71 -37.56
CA ALA A 9 103.75 -63.60 -37.81
C ALA A 9 102.97 -62.99 -36.65
N VAL A 10 103.63 -62.64 -35.56
CA VAL A 10 102.97 -62.03 -34.41
C VAL A 10 103.40 -60.58 -34.23
N GLN A 11 104.69 -60.28 -34.32
CA GLN A 11 105.19 -58.99 -33.89
C GLN A 11 105.96 -58.22 -34.96
N TYR A 12 106.07 -58.73 -36.18
CA TYR A 12 106.61 -57.88 -37.25
C TYR A 12 105.48 -57.23 -38.02
N PRO A 13 105.72 -56.06 -38.62
CA PRO A 13 104.65 -55.40 -39.39
C PRO A 13 104.34 -56.12 -40.69
N ILE A 14 103.33 -55.61 -41.37
CA ILE A 14 102.74 -56.28 -42.54
C ILE A 14 103.05 -55.43 -43.77
N PRO A 15 103.52 -56.01 -44.86
CA PRO A 15 103.70 -55.24 -46.10
C PRO A 15 102.39 -55.07 -46.86
N THR A 16 102.47 -54.31 -47.96
CA THR A 16 101.29 -53.87 -48.69
C THR A 16 101.16 -54.49 -50.07
N TYR A 17 101.93 -55.52 -50.39
CA TYR A 17 101.87 -56.09 -51.72
C TYR A 17 100.97 -57.30 -51.83
N ARG A 18 100.44 -57.80 -50.72
CA ARG A 18 99.63 -59.02 -50.72
C ARG A 18 98.27 -58.66 -50.13
N PHE A 19 97.26 -58.57 -50.99
CA PHE A 19 95.94 -58.17 -50.55
C PHE A 19 94.88 -58.78 -51.45
N ILE A 20 93.75 -59.14 -50.84
CA ILE A 20 92.59 -59.67 -51.54
C ILE A 20 91.47 -58.66 -51.44
N VAL A 21 90.84 -58.35 -52.57
CA VAL A 21 89.73 -57.41 -52.63
C VAL A 21 88.46 -58.18 -52.86
N THR A 22 87.61 -58.26 -51.84
CA THR A 22 86.29 -58.88 -51.95
C THR A 22 85.30 -57.79 -52.31
N LEU A 23 84.71 -57.89 -53.49
CA LEU A 23 83.91 -56.84 -54.11
C LEU A 23 82.46 -57.33 -54.20
N GLY A 24 81.70 -57.07 -53.15
CA GLY A 24 80.35 -57.58 -53.05
C GLY A 24 80.36 -59.00 -52.54
N ASP A 25 80.19 -59.96 -53.45
CA ASP A 25 80.29 -61.37 -53.13
C ASP A 25 81.34 -62.08 -53.96
N GLU A 26 82.15 -61.34 -54.71
CA GLU A 26 83.14 -61.92 -55.60
C GLU A 26 84.51 -61.35 -55.27
N GLN A 27 85.54 -62.10 -55.63
CA GLN A 27 86.91 -61.60 -55.55
C GLN A 27 87.37 -61.12 -56.91
N VAL A 28 87.82 -59.88 -56.97
CA VAL A 28 88.31 -59.30 -58.21
C VAL A 28 89.76 -58.90 -58.00
N PRO A 29 90.68 -59.29 -58.87
CA PRO A 29 92.11 -58.94 -58.67
C PRO A 29 92.37 -57.50 -59.06
N PHE A 30 92.88 -56.73 -58.12
CA PHE A 30 93.25 -55.34 -58.37
C PHE A 30 94.75 -55.15 -58.20
N THR A 31 95.26 -54.08 -58.80
CA THR A 31 96.67 -53.74 -58.69
C THR A 31 96.92 -52.76 -57.55
N SER A 32 96.10 -51.70 -57.45
CA SER A 32 96.26 -50.70 -56.42
C SER A 32 94.94 -50.48 -55.70
N ALA A 33 95.04 -49.89 -54.51
CA ALA A 33 93.87 -49.60 -53.67
C ALA A 33 94.30 -48.54 -52.67
N SER A 34 93.65 -47.38 -52.69
CA SER A 34 93.97 -46.32 -51.75
C SER A 34 92.74 -45.49 -51.44
N GLY A 35 92.84 -44.70 -50.38
CA GLY A 35 91.80 -43.76 -50.04
C GLY A 35 90.79 -44.24 -49.03
N LEU A 36 91.14 -45.21 -48.19
CA LEU A 36 90.19 -45.78 -47.23
C LEU A 36 90.38 -45.10 -45.88
N ASP A 37 90.13 -43.79 -45.87
CA ASP A 37 90.45 -42.94 -44.75
C ASP A 37 89.24 -42.79 -43.82
N ILE A 38 89.51 -42.33 -42.60
CA ILE A 38 88.47 -42.00 -41.63
C ILE A 38 88.72 -40.55 -41.23
N ASN A 39 87.93 -39.63 -41.76
CA ASN A 39 88.13 -38.20 -41.57
C ASN A 39 86.94 -37.59 -40.86
N PHE A 40 87.21 -36.74 -39.88
CA PHE A 40 86.19 -35.98 -39.16
C PHE A 40 86.33 -34.50 -39.44
N ASP A 41 85.28 -33.76 -39.14
CA ASP A 41 85.33 -32.31 -39.14
C ASP A 41 85.60 -31.80 -37.73
N THR A 42 85.68 -30.48 -37.60
CA THR A 42 86.07 -29.85 -36.35
C THR A 42 85.07 -28.77 -35.97
N ILE A 43 84.54 -28.86 -34.75
CA ILE A 43 83.71 -27.83 -34.17
C ILE A 43 84.58 -27.02 -33.22
N GLU A 44 84.45 -25.70 -33.24
CA GLU A 44 85.21 -24.83 -32.36
C GLU A 44 84.27 -23.82 -31.73
N TYR A 45 84.61 -23.41 -30.51
CA TYR A 45 83.80 -22.42 -29.80
C TYR A 45 84.69 -21.67 -28.81
N ARG A 46 84.71 -20.35 -28.92
CA ARG A 46 85.49 -19.50 -28.04
C ARG A 46 84.58 -18.48 -27.38
N ASP A 47 84.81 -18.25 -26.10
CA ASP A 47 84.14 -17.19 -25.37
C ASP A 47 85.15 -16.13 -24.97
N GLY A 48 84.66 -15.07 -24.34
CA GLY A 48 85.54 -13.98 -23.98
C GLY A 48 86.42 -14.23 -22.79
N THR A 49 86.12 -15.27 -22.00
CA THR A 49 86.90 -15.54 -20.80
C THR A 49 88.16 -16.33 -21.10
N GLY A 50 88.23 -17.02 -22.23
CA GLY A 50 89.40 -17.78 -22.60
C GLY A 50 89.17 -19.24 -22.88
N ASN A 51 87.97 -19.76 -22.65
CA ASN A 51 87.69 -21.17 -22.88
C ASN A 51 87.59 -21.44 -24.36
N TRP A 52 88.51 -22.23 -24.90
CA TRP A 52 88.38 -22.74 -26.25
C TRP A 52 87.80 -24.14 -26.12
N PHE A 53 86.76 -24.42 -26.90
CA PHE A 53 86.12 -25.74 -26.89
C PHE A 53 86.32 -26.39 -28.24
N LYS A 54 87.09 -27.48 -28.28
CA LYS A 54 87.42 -28.19 -29.51
C LYS A 54 86.74 -29.54 -29.49
N MET A 55 86.04 -29.87 -30.57
CA MET A 55 85.16 -31.02 -30.64
C MET A 55 85.25 -31.65 -32.02
N PRO A 56 85.13 -32.97 -32.11
CA PRO A 56 85.00 -33.60 -33.43
C PRO A 56 83.63 -33.32 -34.02
N GLY A 57 83.61 -32.99 -35.31
CA GLY A 57 82.39 -32.75 -36.04
C GLY A 57 81.73 -34.04 -36.48
N GLN A 58 81.15 -34.01 -37.67
CA GLN A 58 80.60 -35.21 -38.27
C GLN A 58 81.52 -35.71 -39.37
N ARG A 59 81.69 -37.03 -39.42
CA ARG A 59 82.62 -37.63 -40.35
C ARG A 59 82.07 -37.60 -41.77
N GLN A 60 82.93 -37.30 -42.73
CA GLN A 60 82.48 -37.21 -44.10
C GLN A 60 82.78 -38.50 -44.86
N ALA A 61 82.33 -38.52 -46.11
CA ALA A 61 82.32 -39.75 -46.89
C ALA A 61 83.71 -40.10 -47.38
N PRO A 62 84.07 -41.38 -47.39
CA PRO A 62 85.34 -41.78 -47.99
C PRO A 62 85.24 -41.88 -49.51
N ASN A 63 86.36 -41.62 -50.17
CA ASN A 63 86.47 -41.77 -51.61
C ASN A 63 87.59 -42.77 -51.90
N ILE A 64 87.20 -43.98 -52.29
CA ILE A 64 88.11 -45.10 -52.48
C ILE A 64 88.37 -45.23 -53.97
N THR A 65 89.64 -45.32 -54.35
CA THR A 65 90.03 -45.51 -55.74
C THR A 65 90.74 -46.86 -55.89
N LEU A 66 90.30 -47.64 -56.88
CA LEU A 66 90.85 -48.94 -57.19
C LEU A 66 91.35 -48.92 -58.63
N SER A 67 92.33 -49.76 -58.96
CA SER A 67 92.81 -49.83 -60.32
C SER A 67 93.22 -51.25 -60.66
N LYS A 68 92.79 -51.74 -61.81
CA LYS A 68 93.14 -53.06 -62.29
C LYS A 68 93.40 -53.00 -63.79
N GLY A 69 93.92 -54.09 -64.34
CA GLY A 69 94.27 -54.13 -65.74
C GLY A 69 93.10 -54.56 -66.61
N VAL A 70 93.27 -54.31 -67.91
CA VAL A 70 92.24 -54.67 -68.90
C VAL A 70 92.54 -56.05 -69.44
N PHE A 71 91.59 -56.95 -69.31
CA PHE A 71 91.69 -58.34 -69.71
C PHE A 71 90.77 -58.61 -70.90
N PRO A 72 91.07 -59.62 -71.73
CA PRO A 72 90.31 -59.80 -72.97
C PRO A 72 88.88 -60.28 -72.79
N GLY A 73 88.47 -60.69 -71.59
CA GLY A 73 87.13 -61.19 -71.42
C GLY A 73 86.07 -60.12 -71.26
N LYS A 74 85.26 -60.27 -70.23
CA LYS A 74 84.15 -59.38 -69.92
C LYS A 74 84.57 -58.37 -68.85
N ASN A 75 84.19 -57.12 -69.06
CA ASN A 75 84.58 -56.02 -68.18
C ASN A 75 83.54 -55.90 -67.07
N ALA A 76 83.90 -56.34 -65.86
CA ALA A 76 82.95 -56.33 -64.77
C ALA A 76 82.77 -54.94 -64.16
N MET A 77 83.74 -54.05 -64.33
CA MET A 77 83.63 -52.71 -63.78
C MET A 77 82.89 -51.76 -64.69
N TYR A 78 82.86 -52.03 -65.99
CA TYR A 78 81.99 -51.28 -66.88
C TYR A 78 80.54 -51.69 -66.69
N GLU A 79 80.29 -52.97 -66.43
CA GLU A 79 78.93 -53.46 -66.23
C GLU A 79 78.30 -52.99 -64.92
N TRP A 80 79.08 -52.42 -64.01
CA TRP A 80 78.54 -51.91 -62.76
C TRP A 80 78.41 -50.40 -62.75
N ILE A 81 79.16 -49.70 -63.60
CA ILE A 81 78.98 -48.25 -63.78
C ILE A 81 78.04 -47.94 -64.94
N ASN A 82 77.72 -48.92 -65.79
CA ASN A 82 76.73 -48.69 -66.82
C ASN A 82 75.31 -48.87 -66.31
N ALA A 83 75.13 -49.52 -65.16
CA ALA A 83 73.81 -49.76 -64.61
C ALA A 83 73.40 -48.66 -63.62
N ILE A 84 73.53 -47.42 -64.08
CA ILE A 84 73.07 -46.24 -63.34
C ILE A 84 71.82 -45.74 -64.01
N GLN A 85 70.71 -45.67 -63.26
CA GLN A 85 69.50 -45.04 -63.76
C GLN A 85 69.06 -44.00 -62.73
N LEU A 86 69.73 -42.85 -62.75
CA LEU A 86 69.38 -41.58 -62.12
C LEU A 86 69.43 -41.54 -60.59
N ASN A 87 69.23 -42.68 -59.95
CA ASN A 87 69.49 -42.91 -58.54
C ASN A 87 70.03 -44.29 -58.29
N GLN A 88 69.79 -45.23 -59.19
CA GLN A 88 69.69 -46.64 -58.88
C GLN A 88 71.00 -47.31 -59.24
N VAL A 89 71.72 -47.76 -58.22
CA VAL A 89 72.98 -48.44 -58.39
C VAL A 89 73.01 -49.58 -57.38
N GLU A 90 73.53 -50.73 -57.80
CA GLU A 90 73.78 -51.81 -56.86
C GLU A 90 74.94 -51.41 -55.97
N LYS A 91 74.65 -51.04 -54.73
CA LYS A 91 75.70 -50.84 -53.74
C LYS A 91 76.35 -52.17 -53.40
N LYS A 92 77.64 -52.14 -53.11
CA LYS A 92 78.36 -53.35 -52.77
C LYS A 92 79.20 -53.12 -51.52
N ASP A 93 79.54 -54.21 -50.84
CA ASP A 93 80.42 -54.20 -49.69
C ASP A 93 81.84 -54.46 -50.17
N ILE A 94 82.75 -53.56 -49.87
CA ILE A 94 84.15 -53.73 -50.25
C ILE A 94 84.90 -54.28 -49.05
N MET A 95 85.72 -55.29 -49.28
CA MET A 95 86.63 -55.80 -48.25
C MET A 95 88.02 -55.88 -48.86
N ILE A 96 88.97 -55.14 -48.29
CA ILE A 96 90.35 -55.18 -48.74
C ILE A 96 91.19 -55.71 -47.57
N SER A 97 91.62 -56.95 -47.68
CA SER A 97 92.24 -57.67 -46.58
C SER A 97 93.71 -57.93 -46.89
N LEU A 98 94.60 -57.50 -46.01
CA LEU A 98 95.99 -57.93 -46.08
C LEU A 98 96.07 -59.40 -45.70
N THR A 99 96.65 -60.21 -46.57
CA THR A 99 96.51 -61.65 -46.50
C THR A 99 97.90 -62.26 -46.37
N ASN A 100 97.97 -63.54 -46.03
CA ASN A 100 99.24 -64.25 -46.08
C ASN A 100 99.62 -64.55 -47.54
N GLU A 101 100.79 -65.15 -47.70
CA GLU A 101 101.32 -65.38 -49.05
C GLU A 101 100.56 -66.48 -49.76
N ALA A 102 99.96 -67.41 -49.01
CA ALA A 102 99.11 -68.42 -49.61
C ALA A 102 97.77 -67.86 -50.06
N GLY A 103 97.27 -66.83 -49.38
CA GLY A 103 96.01 -66.22 -49.74
C GLY A 103 94.80 -66.73 -49.01
N THR A 104 94.98 -67.39 -47.86
CA THR A 104 93.88 -68.12 -47.24
C THR A 104 93.49 -67.59 -45.86
N GLU A 105 94.21 -66.61 -45.30
CA GLU A 105 93.83 -66.10 -43.99
C GLU A 105 94.16 -64.62 -43.87
N VAL A 106 93.26 -63.88 -43.23
CA VAL A 106 93.32 -62.42 -43.15
C VAL A 106 94.21 -62.03 -41.98
N LEU A 107 95.11 -61.08 -42.22
CA LEU A 107 95.92 -60.49 -41.16
C LEU A 107 95.21 -59.27 -40.56
N VAL A 108 94.80 -58.33 -41.41
CA VAL A 108 94.03 -57.16 -41.02
C VAL A 108 93.24 -56.71 -42.25
N SER A 109 92.02 -56.23 -42.03
CA SER A 109 91.13 -55.91 -43.13
C SER A 109 90.55 -54.51 -42.98
N TRP A 110 90.27 -53.88 -44.12
CA TRP A 110 89.61 -52.58 -44.20
C TRP A 110 88.28 -52.78 -44.92
N ASN A 111 87.18 -52.60 -44.18
CA ASN A 111 85.85 -52.84 -44.71
C ASN A 111 85.20 -51.53 -45.08
N VAL A 112 84.35 -51.57 -46.11
CA VAL A 112 83.72 -50.40 -46.70
C VAL A 112 82.25 -50.73 -46.97
N SER A 113 81.35 -49.89 -46.48
CA SER A 113 79.97 -50.35 -46.27
C SER A 113 79.11 -50.31 -47.53
N ASN A 114 78.83 -49.13 -48.07
CA ASN A 114 77.90 -49.04 -49.21
C ASN A 114 78.57 -48.24 -50.31
N ALA A 115 79.35 -48.91 -51.14
CA ALA A 115 80.12 -48.26 -52.18
C ALA A 115 79.43 -48.36 -53.52
N PHE A 116 79.51 -47.29 -54.30
CA PHE A 116 78.98 -47.25 -55.65
C PHE A 116 79.95 -46.46 -56.52
N PRO A 117 80.07 -46.78 -57.81
CA PRO A 117 81.07 -46.11 -58.63
C PRO A 117 80.65 -44.72 -59.06
N THR A 118 81.62 -43.80 -59.01
CA THR A 118 81.42 -42.45 -59.51
C THR A 118 82.28 -42.11 -60.71
N SER A 119 83.34 -42.87 -60.98
CA SER A 119 84.16 -42.62 -62.15
C SER A 119 84.83 -43.91 -62.61
N LEU A 120 85.25 -43.92 -63.86
CA LEU A 120 85.96 -45.04 -64.47
C LEU A 120 86.79 -44.48 -65.62
N THR A 121 88.11 -44.48 -65.44
CA THR A 121 89.00 -43.85 -66.42
C THR A 121 89.49 -44.90 -67.41
N SER A 122 89.59 -44.50 -68.67
CA SER A 122 90.16 -45.36 -69.70
C SER A 122 91.69 -45.36 -69.56
N PRO A 123 92.36 -46.39 -70.09
CA PRO A 123 93.83 -46.35 -70.13
C PRO A 123 94.31 -45.31 -71.13
N SER A 124 95.55 -44.88 -70.92
CA SER A 124 96.16 -43.90 -71.81
C SER A 124 96.85 -44.63 -72.95
N PHE A 125 96.34 -44.46 -74.15
CA PHE A 125 96.83 -45.15 -75.34
C PHE A 125 98.02 -44.37 -75.87
N ASP A 126 99.16 -45.05 -75.99
CA ASP A 126 100.38 -44.43 -76.50
C ASP A 126 101.13 -45.47 -77.32
N ALA A 127 101.49 -45.10 -78.54
CA ALA A 127 102.14 -46.04 -79.44
C ALA A 127 103.61 -46.27 -79.12
N THR A 128 104.19 -45.49 -78.21
CA THR A 128 105.60 -45.58 -77.85
C THR A 128 105.77 -45.97 -76.40
N SER A 129 104.90 -46.85 -75.88
CA SER A 129 104.93 -47.19 -74.47
C SER A 129 104.72 -48.68 -74.29
N ASN A 130 105.55 -49.30 -73.44
CA ASN A 130 105.40 -50.70 -73.08
C ASN A 130 104.75 -50.82 -71.71
N GLU A 131 103.43 -50.63 -71.68
CA GLU A 131 102.66 -50.64 -70.46
C GLU A 131 101.41 -51.48 -70.63
N ILE A 132 100.73 -51.72 -69.51
CA ILE A 132 99.49 -52.49 -69.47
C ILE A 132 98.33 -51.52 -69.34
N ALA A 133 97.25 -51.81 -70.08
CA ALA A 133 96.03 -51.00 -70.03
C ALA A 133 95.37 -51.13 -68.66
N VAL A 134 95.35 -50.03 -67.92
CA VAL A 134 94.88 -50.02 -66.54
C VAL A 134 93.68 -49.08 -66.45
N GLN A 135 92.52 -49.64 -66.12
CA GLN A 135 91.37 -48.83 -65.73
C GLN A 135 91.46 -48.48 -64.26
N GLN A 136 90.92 -47.31 -63.91
CA GLN A 136 90.94 -46.84 -62.52
C GLN A 136 89.55 -46.38 -62.14
N ILE A 137 88.90 -47.11 -61.25
CA ILE A 137 87.55 -46.82 -60.78
C ILE A 137 87.64 -46.14 -59.42
N THR A 138 86.82 -45.11 -59.21
CA THR A 138 86.71 -44.48 -57.90
C THR A 138 85.33 -44.72 -57.34
N LEU A 139 85.28 -44.98 -56.04
CA LEU A 139 84.06 -45.38 -55.37
C LEU A 139 83.74 -44.35 -54.30
N MET A 140 82.47 -44.29 -53.92
CA MET A 140 82.03 -43.45 -52.82
C MET A 140 81.17 -44.25 -51.87
N ALA A 141 81.50 -44.19 -50.58
CA ALA A 141 80.78 -44.94 -49.57
C ALA A 141 80.44 -44.08 -48.37
N ASP A 142 80.04 -44.72 -47.28
CA ASP A 142 79.61 -43.99 -46.09
C ASP A 142 80.42 -44.33 -44.85
N ARG A 143 81.01 -45.52 -44.79
CA ARG A 143 81.73 -45.92 -43.58
C ARG A 143 82.93 -46.78 -43.96
N VAL A 144 84.03 -46.59 -43.23
CA VAL A 144 85.22 -47.43 -43.32
C VAL A 144 85.43 -48.08 -41.97
N THR A 145 85.50 -49.40 -41.96
CA THR A 145 85.67 -50.20 -40.76
C THR A 145 86.95 -51.03 -40.88
N ILE A 146 87.71 -51.08 -39.79
CA ILE A 146 88.93 -51.88 -39.73
C ILE A 146 88.70 -53.04 -38.77
N GLN A 147 88.63 -54.25 -39.31
CA GLN A 147 88.61 -55.45 -38.48
C GLN A 147 90.00 -56.08 -38.47
N THR A 148 90.46 -56.47 -37.30
CA THR A 148 91.77 -57.07 -37.13
C THR A 148 91.60 -58.46 -36.51
N ALA A 149 92.22 -59.45 -37.14
CA ALA A 149 92.10 -60.83 -36.68
C ALA A 149 93.30 -61.65 -37.16
N ALA B 2 93.65 -34.96 -20.88
CA ALA B 2 92.75 -35.79 -20.12
C ALA B 2 91.46 -35.05 -19.85
N ILE B 3 90.40 -35.42 -20.58
CA ILE B 3 89.12 -34.76 -20.42
C ILE B 3 87.96 -35.74 -20.21
N THR B 4 88.12 -37.03 -20.53
CA THR B 4 87.19 -38.14 -20.25
C THR B 4 85.72 -37.86 -20.59
N ALA B 5 85.36 -38.03 -21.87
CA ALA B 5 84.17 -37.50 -22.57
C ALA B 5 82.81 -37.54 -21.87
N ASP B 6 82.70 -38.22 -20.73
CA ASP B 6 81.57 -37.96 -19.83
C ASP B 6 81.58 -36.52 -19.30
N ASP B 7 82.75 -35.88 -19.27
CA ASP B 7 82.80 -34.46 -18.94
C ASP B 7 82.48 -33.57 -20.14
N ILE B 8 82.65 -34.08 -21.36
CA ILE B 8 82.24 -33.35 -22.55
C ILE B 8 80.72 -33.25 -22.63
N ALA B 9 80.02 -34.27 -22.13
CA ALA B 9 78.57 -34.27 -22.12
C ALA B 9 77.97 -33.29 -21.12
N VAL B 10 78.77 -32.73 -20.23
CA VAL B 10 78.28 -31.78 -19.23
C VAL B 10 78.81 -30.37 -19.49
N GLN B 11 80.05 -30.26 -19.96
CA GLN B 11 80.73 -28.97 -20.05
C GLN B 11 80.74 -28.37 -21.45
N TYR B 12 80.99 -29.17 -22.49
CA TYR B 12 81.10 -28.65 -23.84
C TYR B 12 79.74 -28.26 -24.41
N PRO B 13 79.70 -27.34 -25.41
CA PRO B 13 78.42 -26.97 -26.01
C PRO B 13 77.82 -28.06 -26.89
N ILE B 14 76.68 -27.77 -27.51
CA ILE B 14 75.91 -28.74 -28.27
C ILE B 14 75.91 -28.29 -29.73
N PRO B 15 76.21 -29.17 -30.68
CA PRO B 15 76.16 -28.81 -32.09
C PRO B 15 74.75 -28.92 -32.67
N THR B 16 74.57 -28.31 -33.85
CA THR B 16 73.26 -28.15 -34.45
C THR B 16 72.83 -29.28 -35.37
N TYR B 17 73.72 -30.17 -35.77
CA TYR B 17 73.39 -31.07 -36.86
C TYR B 17 72.59 -32.29 -36.43
N ARG B 18 72.46 -32.56 -35.13
CA ARG B 18 71.76 -33.74 -34.65
C ARG B 18 70.51 -33.29 -33.91
N PHE B 19 69.35 -33.52 -34.51
CA PHE B 19 68.09 -33.08 -33.93
C PHE B 19 66.97 -33.96 -34.47
N ILE B 20 65.92 -34.12 -33.67
CA ILE B 20 64.72 -34.81 -34.10
C ILE B 20 63.52 -33.89 -33.91
N VAL B 21 62.54 -34.02 -34.79
CA VAL B 21 61.36 -33.16 -34.80
C VAL B 21 60.14 -34.04 -34.62
N THR B 22 59.54 -33.98 -33.43
CA THR B 22 58.28 -34.67 -33.17
C THR B 22 57.15 -33.72 -33.50
N LEU B 23 56.32 -34.09 -34.46
CA LEU B 23 55.28 -33.22 -34.99
C LEU B 23 53.92 -33.87 -34.73
N GLY B 24 53.30 -33.50 -33.62
CA GLY B 24 52.05 -34.11 -33.22
C GLY B 24 52.25 -35.44 -32.52
N ASP B 25 51.86 -36.53 -33.18
CA ASP B 25 51.96 -37.87 -32.64
C ASP B 25 53.03 -38.70 -33.34
N GLU B 26 53.91 -38.05 -34.09
CA GLU B 26 54.84 -38.76 -34.95
C GLU B 26 56.12 -37.97 -35.08
N GLN B 27 57.17 -38.63 -35.56
CA GLN B 27 58.43 -37.98 -35.89
C GLN B 27 58.64 -38.00 -37.39
N VAL B 28 59.00 -36.85 -37.94
CA VAL B 28 59.23 -36.67 -39.37
C VAL B 28 60.67 -36.20 -39.53
N PRO B 29 61.48 -36.84 -40.39
CA PRO B 29 62.89 -36.44 -40.55
C PRO B 29 63.02 -35.19 -41.42
N PHE B 30 63.51 -34.11 -40.82
CA PHE B 30 63.72 -32.85 -41.50
C PHE B 30 65.21 -32.59 -41.72
N THR B 31 65.49 -31.62 -42.61
CA THR B 31 66.85 -31.21 -42.91
C THR B 31 67.22 -29.90 -42.20
N SER B 32 66.34 -28.91 -42.23
CA SER B 32 66.55 -27.65 -41.57
C SER B 32 65.39 -27.36 -40.62
N ALA B 33 65.61 -26.41 -39.71
CA ALA B 33 64.60 -25.95 -38.78
C ALA B 33 65.05 -24.59 -38.25
N SER B 34 64.23 -23.56 -38.43
CA SER B 34 64.63 -22.23 -38.02
C SER B 34 63.40 -21.39 -37.70
N GLY B 35 63.61 -20.37 -36.87
CA GLY B 35 62.58 -19.40 -36.59
C GLY B 35 61.92 -19.51 -35.24
N LEU B 36 62.57 -20.15 -34.27
CA LEU B 36 61.93 -20.43 -32.99
C LEU B 36 62.30 -19.34 -31.98
N ASP B 37 61.94 -18.11 -32.34
CA ASP B 37 62.34 -16.93 -31.58
C ASP B 37 61.30 -16.58 -30.53
N ILE B 38 61.71 -15.78 -29.56
CA ILE B 38 60.83 -15.20 -28.56
C ILE B 38 61.06 -13.69 -28.65
N ASN B 39 60.10 -12.95 -29.20
CA ASN B 39 60.28 -11.54 -29.48
C ASN B 39 59.21 -10.73 -28.76
N PHE B 40 59.61 -9.61 -28.18
CA PHE B 40 58.70 -8.72 -27.47
C PHE B 40 58.65 -7.35 -28.13
N ASP B 41 57.53 -6.67 -27.91
CA ASP B 41 57.39 -5.28 -28.27
C ASP B 41 57.93 -4.42 -27.12
N THR B 42 57.77 -3.10 -27.22
CA THR B 42 58.29 -2.20 -26.21
C THR B 42 57.39 -0.99 -26.07
N ILE B 43 57.11 -0.60 -24.83
CA ILE B 43 56.29 0.54 -24.49
C ILE B 43 57.18 1.56 -23.80
N GLU B 44 57.04 2.84 -24.17
CA GLU B 44 57.81 3.91 -23.55
C GLU B 44 56.90 5.01 -23.02
N TYR B 45 57.50 5.92 -22.26
CA TYR B 45 56.83 7.09 -21.72
C TYR B 45 57.87 8.10 -21.29
N ARG B 46 57.75 9.34 -21.78
CA ARG B 46 58.57 10.47 -21.35
C ARG B 46 57.70 11.61 -20.86
N ASP B 47 58.11 12.24 -19.77
CA ASP B 47 57.47 13.45 -19.28
C ASP B 47 58.49 14.59 -19.25
N GLY B 48 58.00 15.79 -18.94
CA GLY B 48 58.80 16.99 -19.09
C GLY B 48 59.91 17.16 -18.09
N THR B 49 59.87 16.42 -16.97
CA THR B 49 60.92 16.52 -15.98
C THR B 49 62.12 15.63 -16.29
N GLY B 50 61.99 14.70 -17.21
CA GLY B 50 63.11 13.87 -17.62
C GLY B 50 62.97 12.40 -17.31
N ASN B 51 61.88 11.96 -16.70
CA ASN B 51 61.69 10.54 -16.43
C ASN B 51 61.35 9.84 -17.73
N TRP B 52 62.00 8.71 -17.98
CA TRP B 52 61.79 7.95 -19.21
C TRP B 52 61.67 6.48 -18.86
N PHE B 53 60.45 5.98 -18.95
CA PHE B 53 60.07 4.65 -18.53
C PHE B 53 60.10 3.71 -19.73
N LYS B 54 60.68 2.53 -19.54
CA LYS B 54 60.79 1.55 -20.60
C LYS B 54 60.22 0.24 -20.08
N MET B 55 59.36 -0.39 -20.86
CA MET B 55 58.57 -1.53 -20.45
C MET B 55 58.58 -2.53 -21.58
N PRO B 56 58.56 -3.83 -21.27
CA PRO B 56 58.29 -4.81 -22.31
C PRO B 56 56.84 -4.76 -22.75
N GLY B 57 56.62 -4.91 -24.04
CA GLY B 57 55.29 -4.96 -24.58
C GLY B 57 54.70 -6.35 -24.48
N GLN B 58 53.91 -6.71 -25.47
CA GLN B 58 53.36 -8.05 -25.55
C GLN B 58 53.99 -8.79 -26.71
N ARG B 59 54.27 -10.07 -26.51
CA ARG B 59 55.08 -10.82 -27.44
C ARG B 59 54.31 -11.18 -28.69
N GLN B 60 55.00 -11.16 -29.83
CA GLN B 60 54.34 -11.54 -31.06
C GLN B 60 54.59 -13.01 -31.38
N ALA B 61 53.81 -13.51 -32.32
CA ALA B 61 53.71 -14.93 -32.64
C ALA B 61 54.92 -15.39 -33.45
N PRO B 62 55.38 -16.63 -33.24
CA PRO B 62 56.53 -17.11 -34.00
C PRO B 62 56.15 -17.66 -35.37
N ASN B 63 57.10 -17.58 -36.28
CA ASN B 63 57.01 -18.17 -37.61
C ASN B 63 58.14 -19.18 -37.76
N ILE B 64 57.79 -20.45 -37.68
CA ILE B 64 58.74 -21.56 -37.73
C ILE B 64 58.93 -21.93 -39.19
N THR B 65 60.10 -22.44 -39.55
CA THR B 65 60.37 -22.89 -40.92
C THR B 65 61.05 -24.25 -40.85
N LEU B 66 60.43 -25.24 -41.48
CA LEU B 66 60.94 -26.60 -41.50
C LEU B 66 61.06 -27.06 -42.95
N SER B 67 62.22 -27.60 -43.32
CA SER B 67 62.43 -28.07 -44.68
C SER B 67 62.91 -29.50 -44.69
N LYS B 68 62.34 -30.32 -45.57
CA LYS B 68 62.79 -31.69 -45.77
C LYS B 68 62.72 -32.03 -47.24
N GLY B 69 63.19 -33.22 -47.58
CA GLY B 69 63.25 -33.65 -48.96
C GLY B 69 61.98 -34.34 -49.42
N VAL B 70 61.87 -34.49 -50.73
CA VAL B 70 60.72 -35.15 -51.35
C VAL B 70 61.06 -36.62 -51.55
N PHE B 71 60.28 -37.49 -50.95
CA PHE B 71 60.45 -38.93 -50.87
C PHE B 71 59.35 -39.65 -51.66
N PRO B 72 59.61 -40.88 -52.12
CA PRO B 72 58.63 -41.56 -52.99
C PRO B 72 57.36 -42.03 -52.32
N GLY B 73 57.21 -41.87 -51.00
CA GLY B 73 56.01 -42.33 -50.35
C GLY B 73 54.86 -41.35 -50.49
N LYS B 74 54.22 -41.04 -49.38
CA LYS B 74 53.21 -39.98 -49.33
C LYS B 74 53.81 -38.73 -48.71
N ASN B 75 53.19 -37.59 -49.02
CA ASN B 75 53.71 -36.28 -48.64
C ASN B 75 52.94 -35.83 -47.41
N ALA B 76 53.48 -36.17 -46.23
CA ALA B 76 52.79 -35.94 -44.97
C ALA B 76 52.68 -34.46 -44.61
N MET B 77 53.55 -33.61 -45.13
CA MET B 77 53.39 -32.18 -44.95
C MET B 77 52.29 -31.63 -45.84
N TYR B 78 51.98 -32.31 -46.94
CA TYR B 78 50.94 -31.85 -47.85
C TYR B 78 49.54 -32.13 -47.31
N GLU B 79 49.32 -33.30 -46.70
CA GLU B 79 47.97 -33.58 -46.22
C GLU B 79 47.62 -32.85 -44.93
N TRP B 80 48.52 -32.04 -44.39
CA TRP B 80 48.20 -31.17 -43.27
C TRP B 80 47.96 -29.73 -43.71
N ILE B 81 48.47 -29.33 -44.87
CA ILE B 81 48.14 -28.04 -45.45
C ILE B 81 47.05 -28.15 -46.51
N ASN B 82 46.77 -29.36 -47.01
CA ASN B 82 45.63 -29.52 -47.90
C ASN B 82 44.32 -29.44 -47.14
N ALA B 83 44.31 -29.85 -45.87
CA ALA B 83 43.08 -29.91 -45.09
C ALA B 83 42.81 -28.61 -44.35
N ILE B 84 42.89 -27.49 -45.05
CA ILE B 84 42.47 -26.20 -44.51
C ILE B 84 41.06 -25.97 -45.03
N GLN B 85 40.08 -25.94 -44.15
CA GLN B 85 38.73 -25.55 -44.52
C GLN B 85 38.42 -24.23 -43.83
N LEU B 86 38.92 -23.14 -44.41
CA LEU B 86 38.45 -21.77 -44.29
C LEU B 86 38.66 -21.09 -42.93
N ASN B 87 38.77 -21.86 -41.86
CA ASN B 87 39.23 -21.41 -40.56
C ASN B 87 40.00 -22.50 -39.88
N GLN B 88 39.80 -23.73 -40.36
CA GLN B 88 40.04 -24.91 -39.55
C GLN B 88 41.26 -25.65 -40.03
N VAL B 89 42.01 -26.15 -39.05
CA VAL B 89 43.26 -26.84 -39.28
C VAL B 89 43.55 -27.65 -38.02
N GLU B 90 44.01 -28.88 -38.21
CA GLU B 90 44.50 -29.67 -37.09
C GLU B 90 45.76 -29.02 -36.58
N LYS B 91 45.66 -28.34 -35.44
CA LYS B 91 46.82 -27.68 -34.86
C LYS B 91 47.62 -28.68 -34.05
N LYS B 92 48.93 -28.72 -34.28
CA LYS B 92 49.81 -29.68 -33.67
C LYS B 92 50.81 -28.99 -32.76
N ASP B 93 51.41 -29.76 -31.87
CA ASP B 93 52.44 -29.28 -30.97
C ASP B 93 53.77 -29.96 -31.29
N ILE B 94 54.80 -29.14 -31.54
CA ILE B 94 56.05 -29.58 -32.13
C ILE B 94 57.14 -29.54 -31.09
N MET B 95 57.97 -30.57 -31.06
CA MET B 95 59.15 -30.61 -30.22
C MET B 95 60.36 -30.80 -31.13
N ILE B 96 61.34 -29.91 -31.02
CA ILE B 96 62.57 -30.00 -31.80
C ILE B 96 63.69 -30.18 -30.80
N SER B 97 64.23 -31.39 -30.72
CA SER B 97 65.11 -31.80 -29.63
C SER B 97 66.51 -32.07 -30.17
N LEU B 98 67.50 -31.36 -29.64
CA LEU B 98 68.89 -31.71 -29.91
C LEU B 98 69.21 -33.01 -29.18
N THR B 99 69.63 -34.02 -29.94
CA THR B 99 69.75 -35.38 -29.46
C THR B 99 71.22 -35.80 -29.53
N ASN B 100 71.56 -36.88 -28.86
CA ASN B 100 72.93 -37.37 -28.90
C ASN B 100 73.11 -38.23 -30.13
N GLU B 101 74.31 -38.78 -30.32
CA GLU B 101 74.58 -39.59 -31.51
C GLU B 101 73.60 -40.72 -31.76
N ALA B 102 73.64 -41.71 -30.88
CA ALA B 102 72.77 -42.87 -30.98
C ALA B 102 71.32 -42.48 -31.04
N GLY B 103 70.98 -41.27 -30.62
CA GLY B 103 69.58 -40.91 -30.64
C GLY B 103 68.81 -41.27 -29.39
N THR B 104 69.48 -41.69 -28.33
CA THR B 104 68.82 -42.23 -27.14
C THR B 104 68.79 -41.25 -25.97
N GLU B 105 69.12 -39.98 -26.18
CA GLU B 105 69.11 -39.00 -25.10
C GLU B 105 68.87 -37.61 -25.66
N VAL B 106 67.87 -36.94 -25.14
CA VAL B 106 67.53 -35.58 -25.52
C VAL B 106 68.29 -34.60 -24.63
N LEU B 107 69.02 -33.68 -25.26
CA LEU B 107 69.90 -32.76 -24.54
C LEU B 107 69.17 -31.47 -24.14
N VAL B 108 68.56 -30.80 -25.11
CA VAL B 108 67.73 -29.62 -24.88
C VAL B 108 66.71 -29.56 -26.00
N SER B 109 65.50 -29.13 -25.71
CA SER B 109 64.44 -29.13 -26.70
C SER B 109 63.63 -27.84 -26.66
N TRP B 110 63.03 -27.53 -27.80
CA TRP B 110 62.20 -26.36 -28.01
C TRP B 110 60.78 -26.82 -28.29
N ASN B 111 59.80 -26.23 -27.59
CA ASN B 111 58.43 -26.70 -27.65
C ASN B 111 57.54 -25.65 -28.29
N VAL B 112 57.01 -25.99 -29.47
CA VAL B 112 56.08 -25.15 -30.22
C VAL B 112 54.68 -25.67 -29.95
N SER B 113 53.75 -24.78 -29.58
CA SER B 113 52.54 -25.22 -28.90
C SER B 113 51.34 -25.48 -29.81
N ASN B 114 50.88 -24.46 -30.54
CA ASN B 114 49.75 -24.66 -31.46
C ASN B 114 50.15 -24.18 -32.83
N ALA B 115 50.79 -25.04 -33.60
CA ALA B 115 51.29 -24.67 -34.91
C ALA B 115 50.32 -25.10 -35.99
N PHE B 116 50.25 -24.30 -37.05
CA PHE B 116 49.44 -24.65 -38.20
C PHE B 116 50.14 -24.10 -39.43
N PRO B 117 50.06 -24.79 -40.57
CA PRO B 117 50.80 -24.35 -41.76
C PRO B 117 50.17 -23.17 -42.46
N THR B 118 51.03 -22.23 -42.87
CA THR B 118 50.59 -21.10 -43.68
C THR B 118 51.23 -21.06 -45.06
N SER B 119 52.28 -21.86 -45.30
CA SER B 119 52.91 -21.87 -46.62
C SER B 119 53.60 -23.20 -46.83
N LEU B 120 53.68 -23.61 -48.10
CA LEU B 120 54.42 -24.81 -48.50
C LEU B 120 54.98 -24.56 -49.89
N THR B 121 56.29 -24.61 -50.03
CA THR B 121 56.93 -24.32 -51.31
C THR B 121 57.38 -25.62 -51.96
N SER B 122 57.20 -25.69 -53.28
CA SER B 122 57.62 -26.82 -54.08
C SER B 122 59.13 -26.76 -54.30
N PRO B 123 59.74 -27.87 -54.71
CA PRO B 123 61.13 -27.78 -55.17
C PRO B 123 61.26 -26.99 -56.46
N SER B 124 62.48 -26.51 -56.72
CA SER B 124 62.76 -25.74 -57.91
C SER B 124 63.36 -26.69 -58.95
N PHE B 125 62.56 -27.00 -59.98
CA PHE B 125 62.97 -27.95 -61.00
C PHE B 125 64.00 -27.29 -61.91
N ASP B 126 65.14 -27.93 -62.08
CA ASP B 126 66.22 -27.34 -62.87
C ASP B 126 67.00 -28.48 -63.51
N ALA B 127 67.05 -28.50 -64.83
CA ALA B 127 67.61 -29.62 -65.57
C ALA B 127 69.13 -29.66 -65.56
N THR B 128 69.80 -28.70 -64.93
CA THR B 128 71.25 -28.64 -64.87
C THR B 128 71.76 -28.69 -63.44
N SER B 129 70.97 -29.23 -62.52
CA SER B 129 71.32 -29.19 -61.10
C SER B 129 71.36 -30.59 -60.52
N ASN B 130 72.40 -30.86 -59.75
CA ASN B 130 72.53 -32.11 -59.00
C ASN B 130 72.13 -31.81 -57.56
N GLU B 131 70.82 -31.74 -57.32
CA GLU B 131 70.28 -31.43 -56.01
C GLU B 131 69.12 -32.36 -55.70
N ILE B 132 68.63 -32.27 -54.48
CA ILE B 132 67.51 -33.05 -53.98
C ILE B 132 66.29 -32.14 -53.95
N ALA B 133 65.13 -32.69 -54.31
CA ALA B 133 63.87 -31.96 -54.26
C ALA B 133 63.52 -31.66 -52.80
N VAL B 134 63.61 -30.40 -52.41
CA VAL B 134 63.41 -29.97 -51.03
C VAL B 134 62.19 -29.07 -50.99
N GLN B 135 61.20 -29.47 -50.18
CA GLN B 135 60.09 -28.60 -49.81
C GLN B 135 60.40 -27.95 -48.47
N GLN B 136 59.85 -26.75 -48.27
CA GLN B 136 59.85 -26.18 -46.93
C GLN B 136 58.45 -25.70 -46.59
N ILE B 137 58.10 -25.86 -45.31
CA ILE B 137 56.81 -25.46 -44.79
C ILE B 137 57.03 -24.43 -43.71
N THR B 138 56.24 -23.36 -43.74
CA THR B 138 56.30 -22.35 -42.70
C THR B 138 55.07 -22.50 -41.83
N LEU B 139 55.25 -22.39 -40.53
CA LEU B 139 54.22 -22.67 -39.56
C LEU B 139 54.00 -21.42 -38.72
N MET B 140 52.82 -21.30 -38.15
CA MET B 140 52.54 -20.19 -37.26
C MET B 140 51.99 -20.72 -35.94
N ALA B 141 52.61 -20.29 -34.85
CA ALA B 141 52.29 -20.79 -33.53
C ALA B 141 51.91 -19.64 -32.61
N ASP B 142 51.80 -19.92 -31.32
CA ASP B 142 51.51 -18.89 -30.34
C ASP B 142 52.54 -18.74 -29.24
N ARG B 143 53.27 -19.81 -28.88
CA ARG B 143 54.36 -19.65 -27.92
C ARG B 143 55.45 -20.66 -28.22
N VAL B 144 56.66 -20.32 -27.81
CA VAL B 144 57.82 -21.21 -27.90
C VAL B 144 58.44 -21.28 -26.52
N THR B 145 58.57 -22.48 -25.98
CA THR B 145 59.24 -22.68 -24.70
C THR B 145 60.44 -23.60 -24.89
N ILE B 146 61.33 -23.58 -23.90
CA ILE B 146 62.54 -24.40 -23.88
C ILE B 146 62.52 -25.21 -22.59
N GLN B 147 62.59 -26.53 -22.70
CA GLN B 147 62.84 -27.35 -21.53
C GLN B 147 64.23 -27.97 -21.63
N THR B 148 64.97 -27.87 -20.54
CA THR B 148 66.39 -28.20 -20.50
C THR B 148 66.54 -29.45 -19.65
N ALA B 149 66.37 -30.61 -20.27
CA ALA B 149 66.59 -31.87 -19.58
C ALA B 149 66.97 -32.95 -20.57
N THR C 4 3.74 -41.18 -42.77
CA THR C 4 3.78 -41.89 -44.04
C THR C 4 3.66 -40.92 -45.20
N THR C 5 4.77 -40.74 -45.91
CA THR C 5 4.87 -39.76 -46.98
C THR C 5 4.71 -40.45 -48.32
N THR C 6 3.69 -40.06 -49.08
CA THR C 6 3.38 -40.69 -50.37
C THR C 6 3.57 -39.73 -51.54
N TYR C 7 2.92 -38.58 -51.52
CA TYR C 7 3.00 -37.60 -52.58
C TYR C 7 4.13 -36.60 -52.32
N PRO C 8 4.66 -35.93 -53.37
CA PRO C 8 5.80 -35.02 -53.16
C PRO C 8 5.46 -33.67 -52.56
N GLY C 9 4.28 -33.48 -51.99
CA GLY C 9 3.92 -32.16 -51.52
C GLY C 9 4.35 -31.79 -50.12
N VAL C 10 3.48 -31.05 -49.43
CA VAL C 10 3.70 -30.58 -48.07
C VAL C 10 2.71 -31.30 -47.16
N TYR C 11 3.20 -31.87 -46.07
CA TYR C 11 2.39 -32.62 -45.13
C TYR C 11 2.08 -31.78 -43.90
N LEU C 12 0.82 -31.76 -43.50
CA LEU C 12 0.36 -30.94 -42.38
C LEU C 12 -0.03 -31.89 -41.24
N SER C 13 0.90 -32.18 -40.34
CA SER C 13 0.61 -33.01 -39.19
C SER C 13 0.44 -32.12 -37.96
N GLU C 14 -0.51 -32.48 -37.10
CA GLU C 14 -0.86 -31.65 -35.96
C GLU C 14 -0.80 -32.39 -34.63
N ASP C 15 0.03 -33.43 -34.55
CA ASP C 15 0.32 -34.09 -33.28
C ASP C 15 1.73 -33.72 -32.81
N ALA C 16 2.09 -32.46 -32.99
CA ALA C 16 3.43 -32.00 -32.66
C ALA C 16 3.62 -31.92 -31.16
N VAL C 17 4.85 -32.23 -30.73
CA VAL C 17 5.19 -32.26 -29.32
C VAL C 17 6.41 -31.36 -29.11
N SER C 18 6.92 -31.32 -27.89
CA SER C 18 8.05 -30.45 -27.58
C SER C 18 9.34 -31.03 -28.14
N SER C 19 10.39 -30.21 -28.09
CA SER C 19 11.70 -30.57 -28.59
C SER C 19 12.73 -29.69 -27.89
N PHE C 20 13.93 -30.22 -27.72
CA PHE C 20 14.98 -29.51 -27.00
C PHE C 20 16.29 -29.63 -27.76
N SER C 21 16.94 -28.49 -27.98
CA SER C 21 18.22 -28.46 -28.69
C SER C 21 19.35 -28.84 -27.76
N VAL C 22 20.26 -29.67 -28.26
CA VAL C 22 21.37 -30.14 -27.45
C VAL C 22 22.41 -29.05 -27.33
N ASN C 23 22.82 -28.77 -26.11
CA ASN C 23 23.84 -27.78 -25.80
C ASN C 23 24.82 -28.37 -24.81
N SER C 24 25.36 -29.53 -25.16
CA SER C 24 26.07 -30.41 -24.24
C SER C 24 27.39 -29.82 -23.78
N ALA C 25 27.91 -30.43 -22.71
CA ALA C 25 29.29 -30.25 -22.26
C ALA C 25 29.99 -31.59 -22.35
N ALA C 26 31.26 -31.56 -22.75
CA ALA C 26 32.00 -32.81 -22.90
C ALA C 26 32.40 -33.42 -21.57
N THR C 27 32.47 -32.62 -20.51
CA THR C 27 32.89 -33.09 -19.19
C THR C 27 31.71 -33.47 -18.30
N ALA C 28 30.50 -33.58 -18.87
CA ALA C 28 29.31 -33.98 -18.13
C ALA C 28 28.59 -35.04 -18.96
N VAL C 29 28.99 -36.29 -18.78
CA VAL C 29 28.30 -37.44 -19.33
C VAL C 29 27.84 -38.31 -18.17
N PRO C 30 26.58 -38.23 -17.78
CA PRO C 30 26.13 -38.84 -16.53
C PRO C 30 25.62 -40.26 -16.72
N LEU C 31 25.39 -40.90 -15.58
CA LEU C 31 24.76 -42.21 -15.50
C LEU C 31 23.54 -42.04 -14.60
N PHE C 32 22.35 -42.17 -15.17
CA PHE C 32 21.12 -42.13 -14.40
C PHE C 32 20.74 -43.55 -14.02
N ALA C 33 20.71 -43.85 -12.73
CA ALA C 33 20.41 -45.18 -12.26
C ALA C 33 18.92 -45.31 -11.98
N TYR C 34 18.27 -46.26 -12.66
CA TYR C 34 16.88 -46.57 -12.40
C TYR C 34 16.79 -47.84 -11.56
N ASP C 35 15.67 -47.96 -10.84
CA ASP C 35 15.50 -49.02 -9.87
C ASP C 35 15.31 -50.37 -10.54
N SER C 36 15.75 -51.42 -9.85
CA SER C 36 15.64 -52.77 -10.38
C SER C 36 14.20 -53.25 -10.43
N GLU C 37 13.42 -52.91 -9.41
CA GLU C 37 12.01 -53.27 -9.33
C GLU C 37 11.10 -52.20 -9.93
N ASN C 38 11.45 -51.76 -11.14
CA ASN C 38 10.68 -50.77 -11.87
C ASN C 38 10.03 -51.45 -13.06
N THR C 39 8.74 -51.18 -13.26
CA THR C 39 7.94 -51.96 -14.18
C THR C 39 7.91 -51.41 -15.60
N ASN C 40 8.00 -50.09 -15.78
CA ASN C 40 7.83 -49.47 -17.08
C ASN C 40 9.13 -49.09 -17.75
N THR C 41 10.21 -49.81 -17.44
CA THR C 41 11.48 -49.66 -18.14
C THR C 41 11.70 -50.86 -19.04
N ILE C 42 12.42 -50.61 -20.14
CA ILE C 42 12.73 -51.67 -21.11
C ILE C 42 13.75 -52.62 -20.49
N ASN C 43 13.60 -53.91 -20.79
CA ASN C 43 14.44 -54.97 -20.22
C ASN C 43 15.93 -54.83 -20.58
N LYS C 44 16.25 -54.01 -21.58
CA LYS C 44 17.63 -53.60 -21.86
C LYS C 44 18.24 -52.91 -20.64
N PRO C 45 19.29 -53.46 -20.03
CA PRO C 45 19.78 -52.90 -18.76
C PRO C 45 20.63 -51.65 -18.92
N ILE C 46 21.31 -51.50 -20.06
CA ILE C 46 22.14 -50.35 -20.35
C ILE C 46 21.70 -49.79 -21.70
N GLN C 47 21.30 -48.52 -21.72
CA GLN C 47 20.79 -47.91 -22.93
C GLN C 47 21.24 -46.46 -23.03
N VAL C 48 21.53 -46.04 -24.27
CA VAL C 48 22.26 -44.81 -24.57
C VAL C 48 21.31 -43.83 -25.22
N PHE C 49 21.31 -42.59 -24.74
CA PHE C 49 20.38 -41.55 -25.16
C PHE C 49 21.17 -40.30 -25.49
N ARG C 50 21.34 -40.00 -26.77
CA ARG C 50 22.13 -38.84 -27.16
C ARG C 50 21.34 -37.54 -27.07
N ASN C 51 20.02 -37.59 -27.21
CA ASN C 51 19.21 -36.39 -27.21
C ASN C 51 17.79 -36.71 -26.79
N TRP C 52 16.94 -35.68 -26.76
CA TRP C 52 15.55 -35.82 -26.38
C TRP C 52 14.73 -36.54 -27.43
N ALA C 53 15.16 -36.53 -28.69
CA ALA C 53 14.41 -37.21 -29.74
C ALA C 53 14.58 -38.72 -29.65
N GLU C 54 15.78 -39.19 -29.30
CA GLU C 54 15.98 -40.62 -29.12
C GLU C 54 15.39 -41.13 -27.81
N PHE C 55 15.08 -40.24 -26.88
CA PHE C 55 14.49 -40.68 -25.62
C PHE C 55 12.99 -40.86 -25.74
N THR C 56 12.33 -40.06 -26.57
CA THR C 56 10.89 -40.17 -26.74
C THR C 56 10.48 -41.16 -27.82
N VAL C 57 11.42 -41.72 -28.58
CA VAL C 57 11.06 -42.83 -29.46
C VAL C 57 11.07 -44.15 -28.71
N GLU C 58 11.60 -44.17 -27.50
CA GLU C 58 11.57 -45.37 -26.66
C GLU C 58 10.70 -45.19 -25.44
N TYR C 59 10.47 -43.95 -24.99
CA TYR C 59 9.54 -43.62 -23.92
C TYR C 59 8.60 -42.52 -24.43
N PRO C 60 7.59 -42.88 -25.24
CA PRO C 60 6.76 -41.84 -25.85
C PRO C 60 5.71 -41.24 -24.92
N THR C 61 5.15 -42.06 -24.03
CA THR C 61 4.15 -41.41 -23.18
C THR C 61 4.82 -40.79 -21.95
N PRO C 62 4.39 -39.58 -21.55
CA PRO C 62 5.02 -38.92 -20.40
C PRO C 62 4.70 -39.60 -19.09
N LEU C 63 5.69 -40.30 -18.54
CA LEU C 63 5.54 -41.02 -17.30
C LEU C 63 5.69 -40.07 -16.13
N GLU C 64 5.52 -40.58 -14.92
CA GLU C 64 5.63 -39.77 -13.71
C GLU C 64 6.58 -40.43 -12.72
N ASP C 65 7.64 -41.05 -13.22
CA ASP C 65 8.55 -41.82 -12.39
C ASP C 65 9.84 -41.05 -12.15
N ALA C 66 10.76 -41.66 -11.40
CA ALA C 66 11.98 -40.97 -11.02
C ALA C 66 12.96 -40.89 -12.17
N PHE C 67 12.96 -41.87 -13.08
CA PHE C 67 13.91 -41.84 -14.18
C PHE C 67 13.42 -40.95 -15.32
N TYR C 68 12.11 -40.83 -15.49
CA TYR C 68 11.59 -40.04 -16.60
C TYR C 68 11.71 -38.55 -16.31
N THR C 69 11.41 -38.15 -15.08
CA THR C 69 11.49 -36.73 -14.73
C THR C 69 12.91 -36.29 -14.45
N SER C 70 13.84 -37.22 -14.26
CA SER C 70 15.25 -36.87 -14.18
C SER C 70 15.83 -36.58 -15.54
N LEU C 71 15.48 -37.42 -16.52
CA LEU C 71 16.01 -37.27 -17.88
C LEU C 71 15.32 -36.15 -18.63
N SER C 72 14.03 -35.94 -18.42
CA SER C 72 13.35 -34.84 -19.09
C SER C 72 13.78 -33.49 -18.55
N LEU C 73 14.24 -33.45 -17.30
CA LEU C 73 14.85 -32.26 -16.73
C LEU C 73 16.31 -32.13 -17.14
N TRP C 74 16.95 -33.24 -17.50
CA TRP C 74 18.30 -33.21 -18.06
C TRP C 74 18.31 -32.59 -19.44
N PHE C 75 17.47 -33.09 -20.34
CA PHE C 75 17.54 -32.68 -21.74
C PHE C 75 16.98 -31.28 -21.99
N MET C 76 16.14 -30.75 -21.09
CA MET C 76 15.62 -29.41 -21.32
C MET C 76 16.58 -28.34 -20.87
N HIS C 77 17.72 -28.69 -20.29
CA HIS C 77 18.77 -27.76 -19.92
C HIS C 77 20.04 -28.06 -20.69
N GLY C 78 19.91 -28.32 -21.97
CA GLY C 78 21.04 -28.79 -22.75
C GLY C 78 21.19 -30.28 -22.58
N GLY C 79 22.37 -30.74 -22.18
CA GLY C 79 22.54 -32.15 -21.91
C GLY C 79 22.78 -32.98 -23.14
N GLY C 80 23.83 -33.79 -23.13
CA GLY C 80 24.17 -34.59 -24.28
C GLY C 80 23.89 -36.05 -24.06
N LYS C 81 24.87 -36.91 -24.31
CA LYS C 81 24.62 -38.32 -24.18
C LYS C 81 24.64 -38.73 -22.71
N CYS C 82 23.82 -39.71 -22.38
CA CYS C 82 23.59 -40.13 -21.01
C CYS C 82 23.13 -41.57 -21.05
N TYR C 83 23.16 -42.22 -19.88
CA TYR C 83 22.94 -43.66 -19.78
C TYR C 83 21.85 -43.93 -18.76
N LEU C 84 20.86 -44.75 -19.13
CA LEU C 84 20.00 -45.42 -18.17
C LEU C 84 20.61 -46.78 -17.86
N VAL C 85 21.08 -46.95 -16.64
CA VAL C 85 21.70 -48.18 -16.20
C VAL C 85 20.93 -48.70 -15.00
N ASN C 86 20.61 -49.98 -14.99
CA ASN C 86 19.98 -50.63 -13.85
C ASN C 86 20.93 -50.60 -12.65
N GLU C 87 20.34 -50.63 -11.45
CA GLU C 87 21.11 -50.50 -10.19
C GLU C 87 22.14 -51.59 -10.00
N ALA C 88 21.87 -52.74 -10.58
CA ALA C 88 22.74 -53.90 -10.50
C ALA C 88 23.96 -53.75 -11.39
N ASN C 89 23.82 -53.06 -12.52
CA ASN C 89 24.93 -52.86 -13.42
C ASN C 89 25.38 -51.41 -13.47
N ILE C 90 25.93 -50.93 -12.38
CA ILE C 90 26.43 -49.57 -12.32
C ILE C 90 27.92 -49.62 -12.18
N ALA C 91 28.44 -50.71 -11.62
CA ALA C 91 29.86 -50.88 -11.44
C ALA C 91 30.47 -51.46 -12.70
N ASP C 92 29.64 -51.98 -13.59
CA ASP C 92 30.15 -52.54 -14.82
C ASP C 92 29.88 -51.62 -15.98
N ALA C 93 28.89 -50.76 -15.88
CA ALA C 93 28.69 -49.81 -16.98
C ALA C 93 29.73 -48.69 -16.94
N VAL C 94 30.23 -48.35 -15.76
CA VAL C 94 31.34 -47.40 -15.67
C VAL C 94 32.62 -48.04 -16.17
N ALA C 95 32.81 -49.34 -15.88
CA ALA C 95 34.01 -50.03 -16.29
C ALA C 95 34.05 -50.38 -17.77
N GLN C 96 32.91 -50.31 -18.46
CA GLN C 96 32.87 -50.68 -19.87
C GLN C 96 32.79 -49.51 -20.83
N TYR C 97 32.18 -48.40 -20.45
CA TYR C 97 31.80 -47.40 -21.44
C TYR C 97 32.66 -46.16 -21.49
N ASP C 98 33.66 -46.03 -20.61
CA ASP C 98 34.85 -45.18 -20.79
C ASP C 98 34.56 -43.68 -20.80
N ASP C 99 33.29 -43.27 -20.79
CA ASP C 99 32.88 -41.93 -21.12
C ASP C 99 32.18 -41.24 -19.96
N ILE C 100 31.84 -41.98 -18.91
CA ILE C 100 30.98 -41.48 -17.85
C ILE C 100 31.79 -40.60 -16.91
N THR C 101 31.23 -39.44 -16.57
CA THR C 101 31.83 -38.55 -15.59
C THR C 101 31.02 -38.39 -14.32
N LEU C 102 29.73 -38.72 -14.34
CA LEU C 102 28.82 -38.51 -13.23
C LEU C 102 28.01 -39.77 -12.97
N ILE C 103 27.81 -40.09 -11.70
CA ILE C 103 26.87 -41.13 -11.29
C ILE C 103 25.72 -40.44 -10.59
N VAL C 104 24.57 -40.39 -11.24
CA VAL C 104 23.41 -39.65 -10.75
C VAL C 104 22.41 -40.67 -10.22
N ALA C 105 22.24 -40.70 -8.91
CA ALA C 105 21.25 -41.57 -8.27
C ALA C 105 19.90 -40.92 -8.43
N ALA C 106 19.14 -41.35 -9.44
CA ALA C 106 17.84 -40.76 -9.74
C ALA C 106 16.78 -41.47 -8.90
N GLY C 107 16.72 -41.12 -7.62
CA GLY C 107 15.79 -41.75 -6.71
C GLY C 107 16.17 -43.17 -6.39
N THR C 108 17.31 -43.36 -5.75
CA THR C 108 17.91 -44.68 -5.57
C THR C 108 18.73 -44.68 -4.29
N ASP C 109 18.59 -45.73 -3.49
CA ASP C 109 19.26 -45.82 -2.20
C ASP C 109 19.88 -47.20 -1.99
N THR C 110 21.03 -47.20 -1.31
CA THR C 110 21.75 -48.33 -0.70
C THR C 110 22.32 -49.34 -1.68
N THR C 111 22.02 -49.24 -2.97
CA THR C 111 22.60 -50.13 -3.98
C THR C 111 23.48 -49.38 -4.94
N THR C 112 23.09 -48.17 -5.34
CA THR C 112 24.02 -47.24 -5.98
C THR C 112 25.15 -46.86 -5.03
N TYR C 113 24.87 -46.79 -3.71
CA TYR C 113 25.90 -46.40 -2.75
C TYR C 113 27.01 -47.44 -2.66
N THR C 114 26.64 -48.72 -2.62
CA THR C 114 27.65 -49.77 -2.51
C THR C 114 28.33 -50.07 -3.84
N ALA C 115 27.76 -49.64 -4.95
CA ALA C 115 28.42 -49.75 -6.25
C ALA C 115 29.13 -48.47 -6.65
N PHE C 116 28.83 -47.35 -5.98
CA PHE C 116 29.66 -46.17 -6.06
C PHE C 116 31.01 -46.41 -5.40
N THR C 117 31.01 -46.98 -4.19
CA THR C 117 32.24 -47.22 -3.47
C THR C 117 33.06 -48.38 -4.04
N THR C 118 32.49 -49.14 -4.97
CA THR C 118 33.27 -50.13 -5.68
C THR C 118 34.14 -49.49 -6.75
N VAL C 119 33.54 -48.65 -7.60
CA VAL C 119 34.26 -48.05 -8.72
C VAL C 119 35.19 -46.92 -8.28
N VAL C 120 35.00 -46.37 -7.09
CA VAL C 120 35.95 -45.39 -6.56
C VAL C 120 37.23 -46.10 -6.10
N GLY C 121 37.07 -47.25 -5.44
CA GLY C 121 38.23 -48.05 -5.06
C GLY C 121 38.95 -48.67 -6.23
N GLN C 122 38.27 -48.81 -7.38
CA GLN C 122 38.93 -49.23 -8.61
C GLN C 122 39.52 -48.07 -9.38
N GLY C 123 39.18 -46.84 -9.03
CA GLY C 123 39.81 -45.67 -9.61
C GLY C 123 39.32 -45.29 -10.99
N TYR C 124 38.07 -44.86 -11.11
CA TYR C 124 37.49 -44.55 -12.42
C TYR C 124 37.19 -43.07 -12.62
N ARG C 125 37.59 -42.19 -11.70
CA ARG C 125 37.54 -40.72 -11.85
C ARG C 125 36.12 -40.21 -12.09
N ILE C 126 35.17 -40.72 -11.31
CA ILE C 126 33.78 -40.31 -11.42
C ILE C 126 33.41 -39.44 -10.22
N PHE C 127 32.22 -38.85 -10.28
CA PHE C 127 31.70 -38.04 -9.20
C PHE C 127 30.23 -38.39 -9.01
N GLY C 128 29.88 -38.89 -7.83
CA GLY C 128 28.51 -39.27 -7.55
C GLY C 128 27.67 -38.11 -7.04
N LEU C 129 26.38 -38.15 -7.38
CA LEU C 129 25.41 -37.14 -6.97
C LEU C 129 24.24 -37.88 -6.34
N PHE C 130 24.18 -37.90 -5.01
CA PHE C 130 23.22 -38.73 -4.31
C PHE C 130 21.95 -37.93 -4.00
N ASP C 131 21.08 -38.48 -3.15
CA ASP C 131 19.81 -37.86 -2.83
C ASP C 131 19.67 -37.68 -1.33
N GLY C 132 18.94 -36.64 -0.95
CA GLY C 132 18.55 -36.49 0.43
C GLY C 132 17.29 -37.26 0.72
N PRO C 133 16.83 -37.17 1.96
CA PRO C 133 15.57 -37.83 2.35
C PRO C 133 14.37 -37.22 1.64
N LYS C 134 13.46 -38.09 1.21
CA LYS C 134 12.24 -37.65 0.55
C LYS C 134 11.24 -37.07 1.54
N GLU C 135 11.40 -37.37 2.82
CA GLU C 135 10.59 -36.84 3.89
C GLU C 135 11.21 -35.60 4.52
N LYS C 136 10.37 -34.84 5.21
CA LYS C 136 10.79 -33.59 5.87
C LYS C 136 11.72 -33.87 7.04
N ILE C 137 12.97 -33.41 6.94
CA ILE C 137 13.88 -33.48 8.07
C ILE C 137 13.44 -32.46 9.12
N ALA C 138 13.36 -32.90 10.38
CA ALA C 138 12.66 -32.13 11.40
C ALA C 138 13.45 -30.90 11.84
N GLY C 139 14.62 -31.10 12.44
CA GLY C 139 15.33 -30.01 13.05
C GLY C 139 15.85 -30.44 14.41
N THR C 140 15.14 -31.38 15.02
CA THR C 140 15.62 -32.14 16.17
C THR C 140 16.15 -33.49 15.73
N ALA C 141 16.63 -33.56 14.49
CA ALA C 141 17.01 -34.83 13.91
C ALA C 141 18.46 -35.29 13.95
N LYS C 142 19.38 -34.34 14.18
CA LYS C 142 20.85 -34.53 14.21
C LYS C 142 21.49 -34.78 12.83
N PRO C 143 22.58 -34.09 12.54
CA PRO C 143 23.23 -34.29 11.24
C PRO C 143 24.07 -35.57 11.12
N ASP C 144 24.28 -36.29 12.22
CA ASP C 144 25.04 -37.51 12.21
C ASP C 144 24.20 -38.73 11.91
N GLU C 145 22.99 -38.76 12.43
CA GLU C 145 22.12 -39.90 12.22
C GLU C 145 21.40 -39.83 10.91
N VAL C 146 21.38 -38.65 10.31
CA VAL C 146 20.71 -38.49 9.03
C VAL C 146 21.68 -38.75 7.89
N MET C 147 22.94 -38.44 8.11
CA MET C 147 23.97 -38.55 7.10
C MET C 147 24.83 -39.81 7.25
N GLU C 148 24.23 -40.92 7.67
CA GLU C 148 24.98 -42.16 7.82
C GLU C 148 24.76 -43.15 6.69
N GLU C 149 23.83 -42.87 5.78
CA GLU C 149 23.63 -43.76 4.64
C GLU C 149 24.72 -43.63 3.61
N TYR C 150 25.36 -42.51 3.57
CA TYR C 150 26.19 -41.96 2.52
C TYR C 150 27.66 -42.29 2.76
N PRO C 151 28.43 -42.52 1.69
CA PRO C 151 29.84 -42.83 1.87
C PRO C 151 30.63 -41.62 2.35
N THR C 152 31.82 -41.89 2.89
CA THR C 152 32.70 -40.85 3.38
C THR C 152 33.85 -40.62 2.41
N SER C 153 33.55 -40.68 1.15
CA SER C 153 34.48 -40.47 0.06
C SER C 153 34.33 -39.05 -0.50
N PRO C 154 35.40 -38.46 -1.01
CA PRO C 154 35.31 -37.10 -1.53
C PRO C 154 34.74 -36.98 -2.94
N PHE C 155 34.13 -38.05 -3.46
CA PHE C 155 33.64 -38.10 -4.81
C PHE C 155 32.12 -38.00 -4.86
N GLY C 156 31.47 -37.49 -3.81
CA GLY C 156 30.03 -37.51 -3.74
C GLY C 156 29.48 -36.27 -3.05
N ALA C 157 28.21 -35.98 -3.39
CA ALA C 157 27.44 -34.91 -2.76
C ALA C 157 25.98 -35.36 -2.71
N VAL C 158 25.19 -34.76 -1.81
CA VAL C 158 23.96 -35.39 -1.32
C VAL C 158 22.69 -34.65 -1.78
N PHE C 159 22.63 -33.32 -1.61
CA PHE C 159 21.53 -32.48 -2.14
C PHE C 159 20.13 -32.80 -1.63
N TYR C 160 19.75 -32.37 -0.42
CA TYR C 160 18.49 -32.79 0.21
C TYR C 160 17.21 -32.49 -0.56
N PRO C 161 16.79 -31.22 -0.76
CA PRO C 161 15.35 -30.97 -0.99
C PRO C 161 14.89 -31.42 -2.37
N TRP C 162 13.91 -32.32 -2.37
CA TRP C 162 13.34 -32.89 -3.58
C TRP C 162 12.54 -31.85 -4.35
N GLY C 163 12.25 -32.16 -5.60
CA GLY C 163 11.58 -31.24 -6.49
C GLY C 163 10.10 -31.53 -6.65
N THR C 164 9.37 -30.50 -7.11
CA THR C 164 7.93 -30.56 -7.33
C THR C 164 7.60 -29.92 -8.68
N LEU C 165 8.15 -30.54 -9.74
CA LEU C 165 7.98 -30.21 -11.16
C LEU C 165 6.56 -29.76 -11.52
N ALA C 166 6.49 -28.80 -12.45
CA ALA C 166 5.27 -28.03 -12.73
C ALA C 166 4.10 -28.89 -13.22
N SER C 167 4.36 -30.08 -13.73
CA SER C 167 3.31 -31.03 -14.07
C SER C 167 2.88 -31.90 -12.90
N GLY C 168 3.25 -31.51 -11.67
CA GLY C 168 2.88 -32.25 -10.49
C GLY C 168 3.86 -33.33 -10.08
N ALA C 169 4.74 -33.76 -10.98
CA ALA C 169 5.66 -34.85 -10.71
C ALA C 169 6.76 -34.41 -9.76
N ALA C 170 7.46 -35.38 -9.21
CA ALA C 170 8.54 -35.17 -8.25
C ALA C 170 9.87 -35.46 -8.92
N VAL C 171 10.77 -34.49 -8.89
CA VAL C 171 12.09 -34.61 -9.49
C VAL C 171 13.06 -35.03 -8.38
N PRO C 172 13.89 -36.05 -8.60
CA PRO C 172 14.95 -36.36 -7.66
C PRO C 172 15.96 -35.23 -7.62
N PRO C 173 16.47 -34.89 -6.43
CA PRO C 173 17.37 -33.74 -6.31
C PRO C 173 18.78 -33.98 -6.82
N SER C 174 19.09 -35.20 -7.25
CA SER C 174 20.32 -35.43 -8.01
C SER C 174 20.18 -34.93 -9.42
N ALA C 175 18.95 -34.91 -9.95
CA ALA C 175 18.73 -34.43 -11.30
C ALA C 175 18.71 -32.91 -11.36
N ILE C 176 18.30 -32.26 -10.28
CA ILE C 176 18.44 -30.82 -10.16
C ILE C 176 19.91 -30.44 -10.11
N ALA C 177 20.71 -31.25 -9.41
CA ALA C 177 22.14 -30.97 -9.29
C ALA C 177 22.89 -31.26 -10.57
N ALA C 178 22.44 -32.26 -11.35
CA ALA C 178 23.13 -32.60 -12.58
C ALA C 178 22.78 -31.64 -13.70
N ALA C 179 21.62 -31.00 -13.62
CA ALA C 179 21.24 -30.01 -14.63
C ALA C 179 21.85 -28.65 -14.38
N SER C 180 22.40 -28.41 -13.20
CA SER C 180 23.21 -27.22 -12.96
C SER C 180 24.69 -27.47 -13.18
N ILE C 181 25.07 -28.72 -13.45
CA ILE C 181 26.44 -29.02 -13.86
C ILE C 181 26.62 -28.83 -15.37
N THR C 182 25.59 -29.14 -16.16
CA THR C 182 25.65 -28.93 -17.61
C THR C 182 25.74 -27.45 -17.95
N GLN C 183 24.92 -26.64 -17.32
CA GLN C 183 24.91 -25.21 -17.59
C GLN C 183 26.15 -24.52 -17.05
N THR C 184 26.82 -25.11 -16.07
CA THR C 184 28.05 -24.54 -15.55
C THR C 184 29.27 -24.96 -16.36
N ASP C 185 29.30 -26.21 -16.85
CA ASP C 185 30.47 -26.70 -17.57
C ASP C 185 30.58 -26.11 -18.97
N ARG C 186 29.52 -25.50 -19.50
CA ARG C 186 29.67 -24.65 -20.68
C ARG C 186 30.12 -23.25 -20.30
N THR C 187 29.30 -22.55 -19.52
CA THR C 187 29.42 -21.11 -19.41
C THR C 187 30.60 -20.69 -18.55
N ARG C 188 31.03 -21.55 -17.62
CA ARG C 188 32.09 -21.14 -16.71
C ARG C 188 33.23 -22.15 -16.61
N GLY C 189 32.95 -23.41 -16.88
CA GLY C 189 33.97 -24.44 -16.84
C GLY C 189 33.75 -25.41 -15.68
N VAL C 190 34.57 -26.46 -15.68
CA VAL C 190 34.44 -27.50 -14.65
C VAL C 190 35.05 -27.06 -13.33
N TRP C 191 35.92 -26.05 -13.35
CA TRP C 191 36.55 -25.56 -12.12
C TRP C 191 35.68 -24.57 -11.36
N LYS C 192 34.55 -24.15 -11.93
CA LYS C 192 33.65 -23.24 -11.27
C LYS C 192 32.52 -24.03 -10.62
N ALA C 193 32.00 -23.50 -9.52
CA ALA C 193 31.06 -24.23 -8.69
C ALA C 193 29.72 -24.41 -9.41
N PRO C 194 29.08 -25.57 -9.28
CA PRO C 194 27.78 -25.80 -9.90
C PRO C 194 26.62 -25.18 -9.15
N ALA C 195 26.87 -24.28 -8.20
CA ALA C 195 25.86 -23.91 -7.23
C ALA C 195 24.90 -22.87 -7.76
N ASN C 196 25.38 -21.66 -8.00
CA ASN C 196 24.47 -20.51 -8.10
C ASN C 196 23.77 -20.43 -9.46
N GLN C 197 24.05 -21.35 -10.36
CA GLN C 197 23.33 -21.43 -11.63
C GLN C 197 21.90 -21.92 -11.40
N ALA C 198 20.94 -21.19 -11.96
CA ALA C 198 19.53 -21.45 -11.70
C ALA C 198 18.99 -22.47 -12.71
N VAL C 199 18.25 -23.44 -12.19
CA VAL C 199 17.61 -24.47 -13.01
C VAL C 199 16.12 -24.16 -13.09
N ASN C 200 15.56 -24.25 -14.30
CA ASN C 200 14.21 -23.79 -14.59
C ASN C 200 13.23 -24.95 -14.62
N GLY C 201 11.96 -24.62 -14.41
CA GLY C 201 10.90 -25.59 -14.49
C GLY C 201 10.70 -26.47 -13.28
N VAL C 202 11.55 -26.33 -12.25
CA VAL C 202 11.47 -27.14 -11.05
C VAL C 202 11.18 -26.19 -9.90
N THR C 203 10.79 -26.75 -8.75
CA THR C 203 10.48 -26.00 -7.55
C THR C 203 10.91 -26.86 -6.37
N PRO C 204 11.56 -26.30 -5.35
CA PRO C 204 11.85 -27.09 -4.16
C PRO C 204 10.59 -27.42 -3.38
N ALA C 205 10.52 -28.66 -2.90
CA ALA C 205 9.32 -29.12 -2.20
C ALA C 205 9.14 -28.45 -0.86
N PHE C 206 10.23 -28.14 -0.17
CA PHE C 206 10.21 -27.58 1.17
C PHE C 206 10.99 -26.26 1.19
N ALA C 207 10.54 -25.33 2.02
CA ALA C 207 11.29 -24.10 2.25
C ALA C 207 12.36 -24.37 3.28
N VAL C 208 13.60 -24.02 2.95
CA VAL C 208 14.76 -24.30 3.79
C VAL C 208 15.31 -22.97 4.29
N SER C 209 15.57 -22.89 5.59
CA SER C 209 16.23 -21.72 6.16
C SER C 209 17.74 -21.90 6.14
N ASP C 210 18.45 -20.82 6.44
CA ASP C 210 19.90 -20.89 6.53
C ASP C 210 20.39 -21.18 7.94
N ASP C 211 19.51 -21.12 8.94
CA ASP C 211 19.83 -21.70 10.23
C ASP C 211 19.83 -23.23 10.17
N PHE C 212 19.03 -23.78 9.26
CA PHE C 212 18.94 -25.22 9.06
C PHE C 212 20.15 -25.76 8.31
N GLN C 213 20.68 -24.99 7.36
CA GLN C 213 21.81 -25.43 6.56
C GLN C 213 23.13 -25.34 7.32
N GLY C 214 23.19 -24.52 8.38
CA GLY C 214 24.42 -24.41 9.14
C GLY C 214 24.77 -25.66 9.92
N LYS C 215 23.76 -26.45 10.31
CA LYS C 215 24.01 -27.73 10.97
C LYS C 215 24.52 -28.76 9.98
N TYR C 216 24.11 -28.65 8.73
CA TYR C 216 24.31 -29.65 7.70
C TYR C 216 25.40 -29.27 6.71
N ASN C 217 26.25 -28.31 7.04
CA ASN C 217 27.27 -27.86 6.11
C ASN C 217 28.61 -28.51 6.42
N GLN C 218 29.11 -28.31 7.64
CA GLN C 218 30.32 -28.98 8.04
C GLN C 218 30.04 -30.44 8.39
N GLY C 219 31.05 -31.28 8.17
CA GLY C 219 30.92 -32.70 8.38
C GLY C 219 30.67 -33.37 7.05
N LYS C 220 29.47 -33.88 6.83
CA LYS C 220 29.17 -34.53 5.56
C LYS C 220 28.51 -33.69 4.44
N ALA C 221 28.24 -32.41 4.69
CA ALA C 221 27.73 -31.51 3.64
C ALA C 221 26.46 -31.88 2.85
N LEU C 222 25.30 -31.66 3.44
CA LEU C 222 24.04 -32.01 2.77
C LEU C 222 23.82 -31.34 1.42
N ASN C 223 24.26 -30.08 1.26
CA ASN C 223 24.14 -29.26 0.03
C ASN C 223 22.75 -28.90 -0.46
N MET C 224 22.06 -28.04 0.31
CA MET C 224 20.70 -27.57 0.06
C MET C 224 20.35 -27.12 -1.37
N ILE C 225 19.06 -27.13 -1.69
CA ILE C 225 18.52 -26.63 -2.95
C ILE C 225 17.49 -25.57 -2.56
N ARG C 226 17.84 -24.31 -2.73
CA ARG C 226 17.07 -23.21 -2.16
C ARG C 226 16.63 -22.26 -3.26
N THR C 227 15.47 -21.65 -3.07
CA THR C 227 14.95 -20.65 -3.99
C THR C 227 15.04 -19.27 -3.35
N PHE C 228 15.36 -18.29 -4.19
CA PHE C 228 15.49 -16.90 -3.78
C PHE C 228 14.66 -16.05 -4.73
N SER C 229 14.30 -14.86 -4.29
CA SER C 229 13.64 -13.91 -5.18
C SER C 229 14.63 -13.42 -6.22
N GLY C 230 14.24 -13.49 -7.49
CA GLY C 230 15.20 -13.31 -8.56
C GLY C 230 15.69 -14.66 -9.04
N GLN C 231 16.82 -15.10 -8.50
CA GLN C 231 17.44 -16.37 -8.86
C GLN C 231 16.58 -17.54 -8.36
N GLY C 232 15.71 -18.05 -9.24
CA GLY C 232 14.77 -19.06 -8.84
C GLY C 232 15.40 -20.44 -8.80
N THR C 233 15.24 -21.12 -7.66
CA THR C 233 15.68 -22.50 -7.34
C THR C 233 17.06 -22.85 -7.87
N VAL C 234 18.06 -22.18 -7.30
CA VAL C 234 19.45 -22.56 -7.45
C VAL C 234 19.76 -23.72 -6.51
N VAL C 235 20.87 -24.42 -6.70
CA VAL C 235 21.37 -25.31 -5.67
C VAL C 235 22.36 -24.51 -4.83
N TRP C 236 22.30 -24.67 -3.51
CA TRP C 236 22.97 -23.73 -2.63
C TRP C 236 23.97 -24.50 -1.79
N GLY C 237 25.18 -24.65 -2.30
CA GLY C 237 26.22 -25.39 -1.61
C GLY C 237 27.08 -26.16 -2.58
N ALA C 238 28.37 -26.29 -2.30
CA ALA C 238 29.26 -26.94 -3.25
C ALA C 238 30.29 -27.84 -2.56
N ARG C 239 29.94 -28.43 -1.42
CA ARG C 239 30.87 -29.25 -0.66
C ARG C 239 30.64 -30.74 -0.88
N THR C 240 31.73 -31.51 -0.80
CA THR C 240 31.69 -32.95 -0.97
C THR C 240 31.47 -33.67 0.35
N LEU C 241 31.49 -34.99 0.32
CA LEU C 241 31.22 -35.81 1.50
C LEU C 241 32.42 -36.00 2.43
N GLU C 242 33.52 -35.25 2.28
CA GLU C 242 34.49 -35.18 3.36
C GLU C 242 34.92 -33.73 3.56
N ASP C 243 35.18 -33.39 4.82
CA ASP C 243 35.54 -32.03 5.19
C ASP C 243 37.04 -31.99 5.47
N SER C 244 37.83 -32.01 4.41
CA SER C 244 39.28 -31.92 4.50
C SER C 244 39.78 -30.70 3.75
N ASP C 245 41.04 -30.33 3.99
CA ASP C 245 41.61 -29.16 3.33
C ASP C 245 41.77 -29.37 1.84
N ASN C 246 42.13 -30.58 1.41
CA ASN C 246 42.24 -30.86 -0.02
C ASN C 246 40.88 -30.98 -0.66
N TRP C 247 40.08 -31.95 -0.20
CA TRP C 247 38.98 -32.46 -0.99
C TRP C 247 37.61 -32.08 -0.45
N ARG C 248 37.51 -30.90 0.15
CA ARG C 248 36.27 -30.16 0.25
C ARG C 248 35.99 -29.57 -1.15
N TYR C 249 34.83 -28.92 -1.34
CA TYR C 249 34.56 -28.12 -2.53
C TYR C 249 34.55 -28.86 -3.87
N ILE C 250 33.39 -29.40 -4.25
CA ILE C 250 33.05 -29.99 -5.56
C ILE C 250 33.80 -29.39 -6.77
N PRO C 251 34.03 -28.06 -6.89
CA PRO C 251 34.98 -27.59 -7.93
C PRO C 251 36.37 -28.22 -7.92
N VAL C 252 37.06 -28.28 -6.78
CA VAL C 252 38.46 -28.70 -6.83
C VAL C 252 38.60 -30.22 -6.91
N ARG C 253 37.54 -30.99 -6.65
CA ARG C 253 37.58 -32.41 -6.95
C ARG C 253 37.28 -32.65 -8.42
N ARG C 254 36.21 -32.03 -8.94
CA ARG C 254 35.87 -32.16 -10.35
C ARG C 254 36.86 -31.48 -11.27
N LEU C 255 37.66 -30.54 -10.79
CA LEU C 255 38.76 -30.03 -11.60
C LEU C 255 39.82 -31.08 -11.78
N PHE C 256 40.22 -31.76 -10.69
CA PHE C 256 41.26 -32.77 -10.84
C PHE C 256 40.74 -34.01 -11.57
N ASN C 257 39.45 -34.31 -11.51
CA ASN C 257 38.91 -35.40 -12.31
C ASN C 257 39.01 -35.09 -13.80
N ALA C 258 38.84 -33.83 -14.18
CA ALA C 258 38.97 -33.44 -15.57
C ALA C 258 40.43 -33.35 -16.00
N VAL C 259 41.31 -32.95 -15.09
CA VAL C 259 42.74 -32.91 -15.38
C VAL C 259 43.29 -34.32 -15.58
N GLU C 260 42.98 -35.22 -14.64
CA GLU C 260 43.52 -36.58 -14.68
C GLU C 260 42.96 -37.42 -15.81
N ARG C 261 41.79 -37.07 -16.35
CA ARG C 261 41.24 -37.77 -17.50
C ARG C 261 41.68 -37.20 -18.82
N ASP C 262 41.92 -35.89 -18.90
CA ASP C 262 42.44 -35.31 -20.13
C ASP C 262 43.93 -35.52 -20.28
N ILE C 263 44.64 -35.81 -19.19
CA ILE C 263 46.04 -36.15 -19.30
C ILE C 263 46.22 -37.60 -19.73
N GLN C 264 45.40 -38.52 -19.20
CA GLN C 264 45.54 -39.91 -19.61
C GLN C 264 44.98 -40.16 -21.00
N LYS C 265 44.03 -39.36 -21.48
CA LYS C 265 43.66 -39.45 -22.89
C LYS C 265 44.76 -38.96 -23.80
N SER C 266 45.64 -38.08 -23.31
CA SER C 266 46.77 -37.60 -24.08
C SER C 266 47.95 -38.55 -23.99
N LEU C 267 48.11 -39.23 -22.86
CA LEU C 267 49.24 -40.12 -22.65
C LEU C 267 48.94 -41.57 -23.00
N ASN C 268 47.69 -41.91 -23.31
CA ASN C 268 47.42 -43.25 -23.82
C ASN C 268 47.90 -43.41 -25.26
N LYS C 269 48.19 -42.33 -25.96
CA LYS C 269 48.81 -42.42 -27.26
C LYS C 269 50.32 -42.51 -27.18
N LEU C 270 50.89 -42.61 -25.98
CA LEU C 270 52.32 -42.82 -25.77
C LEU C 270 52.61 -44.14 -25.07
N VAL C 271 51.63 -44.98 -24.90
CA VAL C 271 51.85 -46.29 -24.29
C VAL C 271 52.41 -47.22 -25.35
N PHE C 272 53.30 -48.12 -24.94
CA PHE C 272 54.09 -49.07 -25.72
C PHE C 272 55.17 -48.39 -26.55
N GLU C 273 55.45 -47.11 -26.30
CA GLU C 273 56.65 -46.47 -26.77
C GLU C 273 57.84 -47.02 -25.99
N PRO C 274 59.06 -46.92 -26.51
CA PRO C 274 60.22 -47.42 -25.76
C PRO C 274 60.47 -46.62 -24.49
N ASN C 275 60.64 -47.34 -23.39
CA ASN C 275 60.79 -46.73 -22.06
C ASN C 275 62.21 -46.18 -21.97
N SER C 276 62.38 -44.98 -22.52
CA SER C 276 63.69 -44.35 -22.58
C SER C 276 63.53 -42.87 -22.30
N GLN C 277 64.66 -42.22 -22.10
CA GLN C 277 64.74 -40.80 -21.77
C GLN C 277 64.18 -39.87 -22.86
N PRO C 278 64.25 -40.17 -24.18
CA PRO C 278 63.48 -39.35 -25.13
C PRO C 278 61.97 -39.46 -24.98
N THR C 279 61.45 -40.57 -24.45
CA THR C 279 60.00 -40.69 -24.29
C THR C 279 59.52 -39.94 -23.06
N TRP C 280 60.37 -39.86 -22.02
CA TRP C 280 60.00 -39.17 -20.79
C TRP C 280 59.92 -37.67 -21.02
N GLN C 281 60.73 -37.15 -21.95
CA GLN C 281 60.66 -35.73 -22.30
C GLN C 281 59.41 -35.42 -23.10
N ARG C 282 58.93 -36.37 -23.88
CA ARG C 282 57.69 -36.17 -24.64
C ARG C 282 56.46 -36.27 -23.76
N VAL C 283 56.56 -36.97 -22.64
CA VAL C 283 55.45 -37.00 -21.69
C VAL C 283 55.34 -35.66 -20.95
N LYS C 284 56.46 -35.16 -20.43
CA LYS C 284 56.38 -33.97 -19.58
C LYS C 284 56.17 -32.70 -20.37
N ALA C 285 56.38 -32.72 -21.69
CA ALA C 285 56.05 -31.58 -22.51
C ALA C 285 54.64 -31.65 -23.07
N ALA C 286 54.02 -32.82 -23.05
CA ALA C 286 52.60 -32.94 -23.37
C ALA C 286 51.72 -32.58 -22.19
N VAL C 287 52.25 -32.64 -20.97
CA VAL C 287 51.51 -32.22 -19.79
C VAL C 287 51.70 -30.74 -19.52
N ASP C 288 52.91 -30.22 -19.72
CA ASP C 288 53.16 -28.79 -19.62
C ASP C 288 52.39 -28.00 -20.67
N SER C 289 52.16 -28.58 -21.85
CA SER C 289 51.35 -27.92 -22.85
C SER C 289 49.87 -27.99 -22.55
N TYR C 290 49.42 -29.01 -21.82
CA TYR C 290 48.03 -29.06 -21.40
C TYR C 290 47.78 -28.12 -20.22
N LEU C 291 48.69 -28.07 -19.26
CA LEU C 291 48.48 -27.29 -18.06
C LEU C 291 48.73 -25.81 -18.26
N HIS C 292 49.50 -25.41 -19.29
CA HIS C 292 49.70 -24.00 -19.54
C HIS C 292 48.45 -23.37 -20.15
N SER C 293 47.74 -24.11 -21.00
CA SER C 293 46.48 -23.61 -21.55
C SER C 293 45.41 -23.58 -20.49
N LEU C 294 45.48 -24.48 -19.51
CA LEU C 294 44.52 -24.53 -18.43
C LEU C 294 44.78 -23.45 -17.40
N TRP C 295 46.03 -23.03 -17.28
CA TRP C 295 46.37 -21.91 -16.39
C TRP C 295 45.88 -20.58 -16.94
N GLN C 296 46.03 -20.38 -18.25
CA GLN C 296 45.72 -19.10 -18.85
C GLN C 296 44.24 -18.93 -19.18
N GLN C 297 43.38 -19.83 -18.71
CA GLN C 297 41.94 -19.61 -18.76
C GLN C 297 41.32 -19.65 -17.37
N GLY C 298 42.13 -19.52 -16.33
CA GLY C 298 41.63 -19.26 -15.00
C GLY C 298 41.41 -20.47 -14.12
N ALA C 299 41.80 -21.66 -14.56
CA ALA C 299 41.53 -22.85 -13.78
C ALA C 299 42.53 -23.05 -12.66
N LEU C 300 43.74 -22.52 -12.80
CA LEU C 300 44.81 -22.75 -11.85
C LEU C 300 45.16 -21.48 -11.09
N ALA C 301 45.44 -21.62 -9.80
CA ALA C 301 45.77 -20.49 -8.93
C ALA C 301 47.26 -20.24 -9.00
N GLY C 302 47.64 -19.08 -9.50
CA GLY C 302 49.04 -18.72 -9.59
C GLY C 302 49.25 -17.57 -10.54
N ASN C 303 50.10 -16.63 -10.15
CA ASN C 303 50.42 -15.47 -10.97
C ASN C 303 51.69 -15.65 -11.79
N THR C 304 52.20 -16.88 -11.85
CA THR C 304 53.35 -17.26 -12.66
C THR C 304 53.23 -18.76 -12.92
N PRO C 305 53.83 -19.27 -13.99
CA PRO C 305 53.77 -20.72 -14.23
C PRO C 305 54.50 -21.57 -13.20
N ALA C 306 55.43 -21.01 -12.43
CA ALA C 306 56.11 -21.81 -11.42
C ALA C 306 55.29 -21.96 -10.15
N ASP C 307 54.27 -21.13 -9.95
CA ASP C 307 53.40 -21.25 -8.79
C ASP C 307 52.09 -21.96 -9.09
N ALA C 308 51.86 -22.37 -10.34
CA ALA C 308 50.59 -22.95 -10.73
C ALA C 308 50.66 -24.45 -11.00
N TRP C 309 51.77 -24.96 -11.55
CA TRP C 309 51.90 -26.39 -11.75
C TRP C 309 53.37 -26.76 -11.78
N PHE C 310 53.65 -28.05 -11.63
CA PHE C 310 54.97 -28.59 -11.95
C PHE C 310 54.78 -30.01 -12.47
N VAL C 311 55.65 -30.41 -13.39
CA VAL C 311 55.73 -31.77 -13.89
C VAL C 311 57.15 -32.24 -13.65
N GLN C 312 57.32 -33.49 -13.24
CA GLN C 312 58.64 -33.98 -12.86
C GLN C 312 58.77 -35.45 -13.22
N VAL C 313 59.89 -35.77 -13.88
CA VAL C 313 60.20 -37.14 -14.33
C VAL C 313 61.70 -37.25 -14.47
N GLY C 314 62.26 -38.34 -13.97
CA GLY C 314 63.70 -38.54 -14.06
C GLY C 314 64.07 -39.98 -13.80
N LYS C 315 65.37 -40.21 -13.60
CA LYS C 315 65.89 -41.52 -13.27
C LYS C 315 66.39 -41.58 -11.83
N ASP C 316 66.60 -40.43 -11.19
CA ASP C 316 66.77 -40.37 -9.75
C ASP C 316 65.76 -39.43 -9.12
N LEU C 317 64.79 -38.95 -9.89
CA LEU C 317 63.74 -38.07 -9.39
C LEU C 317 62.49 -38.84 -9.00
N THR C 318 61.89 -39.56 -9.94
CA THR C 318 60.59 -40.17 -9.72
C THR C 318 60.58 -41.68 -9.85
N MET C 319 61.62 -42.29 -10.41
CA MET C 319 61.62 -43.72 -10.61
C MET C 319 63.04 -44.24 -10.72
N THR C 320 63.25 -45.48 -10.29
CA THR C 320 64.55 -46.10 -10.21
C THR C 320 64.75 -47.08 -11.37
N GLN C 321 66.00 -47.48 -11.58
CA GLN C 321 66.34 -48.35 -12.71
C GLN C 321 65.77 -49.74 -12.55
N GLU C 322 65.63 -50.23 -11.31
CA GLU C 322 64.93 -51.49 -11.09
C GLU C 322 63.44 -51.38 -11.35
N GLU C 323 62.92 -50.16 -11.44
CA GLU C 323 61.52 -49.89 -11.74
C GLU C 323 61.29 -49.51 -13.20
N ILE C 324 62.35 -49.10 -13.90
CA ILE C 324 62.30 -48.96 -15.36
C ILE C 324 62.11 -50.32 -16.00
N ASN C 325 62.79 -51.35 -15.48
CA ASN C 325 62.83 -52.67 -16.09
C ASN C 325 61.51 -53.42 -15.97
N GLN C 326 60.56 -52.93 -15.17
CA GLN C 326 59.22 -53.48 -15.11
C GLN C 326 58.28 -52.79 -16.09
N GLY C 327 58.78 -51.85 -16.88
CA GLY C 327 57.96 -51.13 -17.83
C GLY C 327 57.27 -49.91 -17.28
N LYS C 328 57.63 -49.45 -16.09
CA LYS C 328 56.93 -48.37 -15.44
C LYS C 328 57.53 -47.01 -15.78
N MET C 329 56.67 -45.99 -15.78
CA MET C 329 57.06 -44.62 -16.09
C MET C 329 56.32 -43.72 -15.11
N ILE C 330 56.98 -43.35 -14.03
CA ILE C 330 56.35 -42.56 -12.98
C ILE C 330 56.54 -41.08 -13.28
N ILE C 331 55.43 -40.38 -13.47
CA ILE C 331 55.38 -38.93 -13.61
C ILE C 331 54.67 -38.42 -12.37
N LYS C 332 55.21 -37.37 -11.73
CA LYS C 332 54.48 -36.71 -10.66
C LYS C 332 54.15 -35.28 -11.07
N ILE C 333 52.89 -34.91 -10.85
CA ILE C 333 52.32 -33.67 -11.33
C ILE C 333 51.59 -33.03 -10.15
N GLY C 334 52.02 -31.85 -9.74
CA GLY C 334 51.32 -31.08 -8.73
C GLY C 334 50.81 -29.80 -9.35
N LEU C 335 49.62 -29.38 -8.93
CA LEU C 335 48.98 -28.22 -9.54
C LEU C 335 48.01 -27.61 -8.55
N ALA C 336 47.94 -26.28 -8.53
CA ALA C 336 47.15 -25.54 -7.56
C ALA C 336 45.82 -25.13 -8.17
N ALA C 337 44.74 -25.40 -7.45
CA ALA C 337 43.39 -25.05 -7.88
C ALA C 337 42.91 -23.80 -7.16
N VAL C 338 41.84 -23.21 -7.68
CA VAL C 338 41.27 -21.99 -7.14
C VAL C 338 40.10 -22.36 -6.24
N ARG C 339 40.20 -21.97 -4.97
CA ARG C 339 39.08 -22.28 -4.07
C ARG C 339 38.03 -21.18 -4.15
N PRO C 340 36.75 -21.52 -4.08
CA PRO C 340 35.70 -20.51 -4.18
C PRO C 340 35.56 -19.73 -2.88
N ALA C 341 34.79 -18.65 -2.96
CA ALA C 341 34.33 -17.94 -1.78
C ALA C 341 33.03 -18.60 -1.32
N GLU C 342 32.90 -18.78 -0.02
CA GLU C 342 31.72 -19.42 0.51
C GLU C 342 30.97 -18.55 1.50
N PHE C 343 31.66 -17.64 2.18
CA PHE C 343 31.05 -16.82 3.20
C PHE C 343 31.34 -15.36 2.87
N ILE C 344 30.33 -14.50 3.01
CA ILE C 344 30.49 -13.07 2.78
C ILE C 344 29.97 -12.34 4.00
N ILE C 345 30.85 -11.60 4.66
CA ILE C 345 30.52 -10.90 5.91
C ILE C 345 30.39 -9.42 5.59
N LEU C 346 29.22 -8.86 5.87
CA LEU C 346 28.96 -7.45 5.67
C LEU C 346 29.02 -6.76 7.03
N GLN C 347 30.11 -6.05 7.30
CA GLN C 347 30.33 -5.39 8.58
C GLN C 347 29.82 -3.95 8.48
N PHE C 348 28.78 -3.64 9.25
CA PHE C 348 28.09 -2.36 9.13
C PHE C 348 28.38 -1.45 10.31
N SER C 349 28.61 -0.17 10.00
CA SER C 349 28.67 0.91 10.97
C SER C 349 27.72 1.99 10.52
N GLN C 350 27.15 2.71 11.47
CA GLN C 350 26.45 3.96 11.15
C GLN C 350 26.52 4.87 12.37
N ASP C 351 26.26 6.15 12.16
CA ASP C 351 26.10 7.11 13.25
C ASP C 351 25.18 8.20 12.72
N ILE C 352 24.22 8.63 13.53
CA ILE C 352 23.19 9.52 13.03
C ILE C 352 23.73 10.94 12.94
N ALA C 353 23.45 11.59 11.80
CA ALA C 353 23.84 12.98 11.49
C ALA C 353 25.35 13.21 11.57
N GLN C 354 26.12 12.16 11.31
CA GLN C 354 27.58 12.27 11.23
C GLN C 354 28.11 11.43 10.09
N VAL D 4 34.52 -57.64 -73.80
CA VAL D 4 33.58 -57.34 -74.87
C VAL D 4 33.91 -56.00 -75.51
N THR D 5 35.08 -55.47 -75.17
CA THR D 5 35.53 -54.20 -75.73
C THR D 5 36.02 -54.42 -77.16
N SER D 6 35.36 -53.78 -78.12
CA SER D 6 35.79 -53.83 -79.51
C SER D 6 35.92 -52.48 -80.17
N VAL D 7 35.10 -51.50 -79.80
CA VAL D 7 35.18 -50.15 -80.34
C VAL D 7 36.33 -49.46 -79.62
N PRO D 8 37.20 -48.72 -80.30
CA PRO D 8 38.35 -48.13 -79.62
C PRO D 8 38.08 -46.86 -78.82
N GLY D 9 36.82 -46.60 -78.47
CA GLY D 9 36.52 -45.43 -77.68
C GLY D 9 36.73 -45.57 -76.17
N VAL D 10 35.79 -45.03 -75.40
CA VAL D 10 35.82 -45.06 -73.94
C VAL D 10 34.52 -45.70 -73.46
N TYR D 11 34.64 -46.69 -72.58
CA TYR D 11 33.50 -47.46 -72.09
C TYR D 11 33.10 -46.99 -70.69
N ILE D 12 31.83 -47.21 -70.36
CA ILE D 12 31.25 -46.72 -69.10
C ILE D 12 30.49 -47.86 -68.45
N GLU D 13 30.83 -48.17 -67.19
CA GLU D 13 30.05 -49.06 -66.34
C GLU D 13 29.63 -48.28 -65.10
N GLU D 14 28.57 -48.73 -64.43
CA GLU D 14 27.94 -47.88 -63.42
C GLU D 14 27.71 -48.52 -62.05
N ASP D 15 27.98 -49.80 -61.87
CA ASP D 15 27.77 -50.41 -60.56
C ASP D 15 29.01 -51.18 -60.12
N ALA D 16 30.17 -50.53 -60.23
CA ALA D 16 31.42 -51.11 -59.79
C ALA D 16 31.58 -50.97 -58.28
N SER D 17 32.47 -51.75 -57.75
CA SER D 17 32.88 -51.66 -56.36
C SER D 17 34.21 -50.93 -56.26
N PRO D 18 34.47 -50.21 -55.18
CA PRO D 18 35.75 -49.50 -55.05
C PRO D 18 36.90 -50.46 -54.82
N ALA D 19 38.01 -50.20 -55.51
CA ALA D 19 39.20 -51.03 -55.42
C ALA D 19 39.91 -50.80 -54.08
N MET D 20 40.84 -51.69 -53.78
CA MET D 20 41.54 -51.69 -52.51
C MET D 20 43.04 -51.66 -52.75
N SER D 21 43.72 -50.85 -51.96
CA SER D 21 45.16 -50.68 -52.06
C SER D 21 45.87 -51.77 -51.25
N VAL D 22 47.10 -52.06 -51.67
CA VAL D 22 47.93 -53.05 -51.01
C VAL D 22 49.30 -52.42 -50.75
N SER D 23 49.89 -52.76 -49.60
CA SER D 23 51.19 -52.26 -49.24
C SER D 23 52.25 -53.32 -49.55
N ALA D 24 53.51 -52.97 -49.27
CA ALA D 24 54.63 -53.87 -49.47
C ALA D 24 55.36 -54.05 -48.15
N SER D 25 55.56 -55.30 -47.76
CA SER D 25 56.28 -55.61 -46.54
C SER D 25 56.97 -56.96 -46.70
N ALA D 26 58.06 -57.14 -45.96
CA ALA D 26 58.82 -58.37 -46.02
C ALA D 26 58.88 -59.11 -44.69
N THR D 27 58.37 -58.53 -43.62
CA THR D 27 58.44 -59.14 -42.29
C THR D 27 57.10 -59.68 -41.81
N ALA D 28 56.01 -59.38 -42.50
CA ALA D 28 54.68 -59.86 -42.13
C ALA D 28 54.01 -60.41 -43.39
N VAL D 29 54.23 -61.69 -43.66
CA VAL D 29 53.61 -62.39 -44.76
C VAL D 29 52.83 -63.58 -44.18
N PRO D 30 51.51 -63.46 -44.07
CA PRO D 30 50.73 -64.49 -43.37
C PRO D 30 50.23 -65.59 -44.28
N LEU D 31 49.68 -66.63 -43.65
CA LEU D 31 49.08 -67.79 -44.33
C LEU D 31 47.70 -68.05 -43.75
N PHE D 32 46.67 -67.42 -44.33
CA PHE D 32 45.33 -67.53 -43.79
C PHE D 32 44.74 -68.89 -44.15
N VAL D 33 44.50 -69.71 -43.14
CA VAL D 33 43.86 -71.02 -43.32
C VAL D 33 42.40 -70.84 -42.95
N ALA D 34 41.54 -70.78 -43.97
CA ALA D 34 40.11 -70.58 -43.75
C ALA D 34 39.36 -71.29 -44.87
N ARG D 35 38.04 -71.08 -44.90
CA ARG D 35 37.17 -71.76 -45.87
C ARG D 35 37.04 -70.90 -47.13
N PHE D 36 38.11 -70.87 -47.91
CA PHE D 36 38.12 -70.15 -49.17
C PHE D 36 37.61 -71.07 -50.27
N THR D 37 36.73 -70.53 -51.12
CA THR D 37 36.12 -71.32 -52.18
C THR D 37 36.74 -70.93 -53.51
N PRO D 38 37.51 -71.81 -54.15
CA PRO D 38 38.13 -71.45 -55.43
C PRO D 38 37.12 -71.41 -56.56
N LEU D 39 37.52 -70.77 -57.65
CA LEU D 39 36.74 -70.78 -58.88
C LEU D 39 37.18 -71.94 -59.78
N LYS D 40 38.46 -71.97 -60.13
CA LYS D 40 38.98 -73.12 -60.85
C LYS D 40 39.59 -74.10 -59.87
N PRO D 41 39.21 -75.39 -59.92
CA PRO D 41 39.47 -76.29 -58.79
C PRO D 41 40.87 -76.89 -58.74
N GLU D 42 41.84 -76.39 -59.50
CA GLU D 42 43.19 -76.94 -59.36
C GLU D 42 43.88 -76.43 -58.11
N LEU D 43 43.51 -75.26 -57.61
CA LEU D 43 44.11 -74.69 -56.40
C LEU D 43 43.23 -74.99 -55.18
N ALA D 44 42.96 -76.27 -54.97
CA ALA D 44 42.11 -76.70 -53.87
C ALA D 44 42.89 -77.17 -52.64
N GLY D 45 44.03 -77.81 -52.83
CA GLY D 45 44.80 -78.29 -51.70
C GLY D 45 46.20 -77.73 -51.63
N VAL D 46 46.46 -76.65 -52.37
CA VAL D 46 47.79 -76.06 -52.40
C VAL D 46 47.73 -74.64 -51.84
N ILE D 47 48.90 -74.01 -51.72
CA ILE D 47 49.02 -72.66 -51.20
C ILE D 47 49.26 -71.71 -52.36
N THR D 48 48.41 -70.69 -52.48
CA THR D 48 48.49 -69.72 -53.56
C THR D 48 48.83 -68.34 -53.00
N ARG D 49 49.55 -67.56 -53.80
CA ARG D 49 49.91 -66.20 -53.44
C ARG D 49 48.87 -65.22 -53.97
N ILE D 50 48.41 -64.33 -53.10
CA ILE D 50 47.35 -63.37 -53.42
C ILE D 50 47.95 -61.98 -53.22
N GLY D 51 48.47 -61.40 -54.30
CA GLY D 51 49.24 -60.17 -54.18
C GLY D 51 48.40 -58.95 -53.86
N SER D 52 47.12 -58.96 -54.22
CA SER D 52 46.23 -57.84 -53.94
C SER D 52 44.81 -58.37 -53.82
N TRP D 53 43.87 -57.47 -53.56
CA TRP D 53 42.46 -57.88 -53.51
C TRP D 53 41.94 -58.21 -54.90
N LEU D 54 42.51 -57.60 -55.94
CA LEU D 54 42.13 -57.92 -57.31
C LEU D 54 42.55 -59.33 -57.68
N ASP D 55 43.63 -59.83 -57.11
CA ASP D 55 44.04 -61.21 -57.36
C ASP D 55 43.12 -62.19 -56.67
N TYR D 56 42.52 -61.77 -55.55
CA TYR D 56 41.59 -62.65 -54.84
C TYR D 56 40.28 -62.82 -55.60
N THR D 57 39.80 -61.74 -56.23
CA THR D 57 38.52 -61.80 -56.92
C THR D 57 38.60 -62.60 -58.22
N ILE D 58 39.79 -62.77 -58.78
CA ILE D 58 39.93 -63.54 -60.02
C ILE D 58 40.11 -65.02 -59.72
N LEU D 59 40.93 -65.34 -58.71
CA LEU D 59 41.23 -66.73 -58.41
C LEU D 59 40.15 -67.38 -57.55
N PHE D 60 39.64 -66.66 -56.57
CA PHE D 60 38.67 -67.19 -55.62
C PHE D 60 37.32 -66.53 -55.81
N ASP D 61 36.27 -67.24 -55.40
CA ASP D 61 34.94 -66.68 -55.40
C ASP D 61 34.80 -65.71 -54.24
N SER D 62 34.52 -64.44 -54.54
CA SER D 62 34.50 -63.41 -53.52
C SER D 62 33.09 -63.02 -53.09
N ASN D 63 32.05 -63.56 -53.73
CA ASN D 63 30.67 -63.26 -53.31
C ASN D 63 30.18 -64.33 -52.34
N VAL D 64 30.03 -65.56 -52.83
CA VAL D 64 29.65 -66.77 -52.10
C VAL D 64 28.37 -66.54 -51.30
N PRO D 65 27.20 -66.56 -51.93
CA PRO D 65 25.96 -66.18 -51.23
C PRO D 65 25.59 -67.14 -50.11
N SER D 66 25.13 -66.57 -49.00
CA SER D 66 24.87 -67.31 -47.79
C SER D 66 23.59 -68.13 -47.90
N SER D 67 23.41 -69.04 -46.94
CA SER D 67 22.24 -69.89 -46.91
C SER D 67 21.66 -69.97 -45.51
N VAL D 106 21.34 -70.43 -42.11
CA VAL D 106 21.75 -69.37 -41.19
C VAL D 106 23.26 -69.23 -41.20
N VAL D 107 23.95 -70.12 -41.91
CA VAL D 107 25.40 -70.07 -42.02
C VAL D 107 25.78 -68.94 -42.96
N ASP D 108 26.95 -68.34 -42.71
CA ASP D 108 27.38 -67.17 -43.48
C ASP D 108 28.86 -67.31 -43.82
N PRO D 109 29.24 -67.16 -45.08
CA PRO D 109 30.66 -67.24 -45.45
C PRO D 109 31.41 -66.00 -45.00
N THR D 110 32.49 -66.21 -44.24
CA THR D 110 33.23 -65.12 -43.63
C THR D 110 34.70 -65.09 -44.03
N ALA D 111 35.13 -65.99 -44.92
CA ALA D 111 36.53 -66.02 -45.31
C ALA D 111 36.88 -64.89 -46.28
N SER D 112 35.95 -64.50 -47.14
CA SER D 112 36.19 -63.38 -48.04
C SER D 112 36.05 -62.03 -47.33
N VAL D 113 35.27 -61.98 -46.26
CA VAL D 113 35.14 -60.75 -45.48
C VAL D 113 36.41 -60.51 -44.68
N ALA D 114 37.05 -61.58 -44.20
CA ALA D 114 38.23 -61.45 -43.36
C ALA D 114 39.45 -60.97 -44.16
N LEU D 115 39.49 -61.23 -45.46
CA LEU D 115 40.59 -60.70 -46.25
C LEU D 115 40.42 -59.24 -46.62
N ARG D 116 39.17 -58.77 -46.78
CA ARG D 116 38.96 -57.36 -47.04
C ARG D 116 39.38 -56.52 -45.84
N LEU D 117 39.17 -57.02 -44.63
CA LEU D 117 39.67 -56.33 -43.45
C LEU D 117 41.18 -56.47 -43.29
N TYR D 118 41.80 -57.44 -43.97
CA TYR D 118 43.25 -57.53 -43.97
C TYR D 118 43.88 -56.44 -44.81
N PHE D 119 43.35 -56.21 -46.01
CA PHE D 119 43.97 -55.23 -46.90
C PHE D 119 43.58 -53.80 -46.50
N GLN D 120 42.49 -53.64 -45.76
CA GLN D 120 42.15 -52.32 -45.24
C GLN D 120 43.07 -51.91 -44.09
N ASN D 121 43.68 -52.87 -43.41
CA ASN D 121 44.52 -52.60 -42.27
C ASN D 121 46.01 -52.70 -42.60
N GLY D 122 46.37 -52.75 -43.87
CA GLY D 122 47.74 -52.98 -44.26
C GLY D 122 47.92 -54.33 -44.93
N GLY D 123 48.04 -54.33 -46.25
CA GLY D 123 48.05 -55.55 -47.04
C GLY D 123 49.38 -56.26 -47.02
N GLY D 124 49.54 -57.17 -47.98
CA GLY D 124 50.74 -57.94 -48.11
C GLY D 124 50.63 -58.98 -49.21
N PRO D 125 51.67 -59.80 -49.38
CA PRO D 125 51.61 -60.85 -50.40
C PRO D 125 50.61 -61.97 -50.09
N CYS D 126 50.29 -62.19 -48.81
CA CYS D 126 49.07 -62.86 -48.35
C CYS D 126 48.82 -64.26 -48.93
N TYR D 127 49.62 -65.25 -48.55
CA TYR D 127 49.39 -66.62 -48.97
C TYR D 127 48.10 -67.17 -48.35
N LEU D 128 47.40 -67.99 -49.12
CA LEU D 128 46.14 -68.60 -48.69
C LEU D 128 46.22 -70.11 -48.82
N TYR D 129 45.58 -70.82 -47.89
CA TYR D 129 45.43 -72.27 -47.97
C TYR D 129 43.97 -72.62 -47.77
N PRO D 130 43.21 -72.90 -48.83
CA PRO D 130 41.79 -73.27 -48.67
C PRO D 130 41.62 -74.65 -48.07
N LEU D 131 41.01 -74.71 -46.88
CA LEU D 131 40.81 -75.94 -46.13
C LEU D 131 39.35 -75.98 -45.71
N GLU D 132 38.58 -76.88 -46.31
CA GLU D 132 37.12 -76.75 -46.32
C GLU D 132 36.49 -77.15 -44.98
N LYS D 133 36.63 -78.40 -44.58
CA LYS D 133 36.08 -78.85 -43.32
C LYS D 133 37.22 -79.12 -42.34
N ALA D 134 36.88 -79.26 -41.06
CA ALA D 134 37.92 -79.29 -40.03
C ALA D 134 38.52 -80.68 -39.88
N ASP D 135 37.70 -81.72 -39.87
CA ASP D 135 38.11 -83.04 -39.42
C ASP D 135 38.88 -83.85 -40.47
N ASP D 136 39.20 -83.30 -41.63
CA ASP D 136 40.00 -84.04 -42.62
C ASP D 136 41.48 -83.97 -42.22
N ASN D 137 41.92 -85.00 -41.51
CA ASN D 137 43.29 -85.07 -41.00
C ASN D 137 44.31 -85.40 -42.07
N GLY D 138 43.89 -85.59 -43.32
CA GLY D 138 44.79 -85.74 -44.44
C GLY D 138 45.49 -84.44 -44.81
N PRO D 139 44.73 -83.43 -45.25
CA PRO D 139 45.36 -82.13 -45.60
C PRO D 139 45.96 -81.39 -44.42
N LEU D 140 45.52 -81.65 -43.19
CA LEU D 140 46.15 -80.99 -42.05
C LEU D 140 47.49 -81.64 -41.69
N ALA D 141 47.65 -82.93 -42.00
CA ALA D 141 48.94 -83.56 -41.78
C ALA D 141 49.96 -83.14 -42.84
N ALA D 142 49.49 -82.81 -44.04
CA ALA D 142 50.34 -82.35 -45.11
C ALA D 142 50.55 -80.84 -45.09
N LEU D 143 50.00 -80.14 -44.10
CA LEU D 143 50.11 -78.69 -44.06
C LEU D 143 51.52 -78.18 -43.70
N PRO D 144 52.20 -78.66 -42.63
CA PRO D 144 53.52 -78.07 -42.34
C PRO D 144 54.61 -78.40 -43.35
N ASP D 145 54.39 -79.40 -44.22
CA ASP D 145 55.35 -79.68 -45.28
C ASP D 145 55.15 -78.78 -46.49
N LEU D 146 53.93 -78.25 -46.68
CA LEU D 146 53.69 -77.30 -47.74
C LEU D 146 54.11 -75.89 -47.37
N ILE D 147 54.20 -75.58 -46.08
CA ILE D 147 54.62 -74.25 -45.66
C ILE D 147 56.12 -74.08 -45.88
N ASP D 148 56.89 -75.15 -45.66
CA ASP D 148 58.34 -75.08 -45.83
C ASP D 148 58.75 -75.00 -47.29
N GLU D 149 57.89 -75.43 -48.21
CA GLU D 149 58.23 -75.36 -49.62
C GLU D 149 58.16 -73.93 -50.14
N VAL D 150 57.30 -73.11 -49.57
CA VAL D 150 57.25 -71.69 -49.89
C VAL D 150 58.19 -70.97 -48.93
N GLY D 151 58.98 -70.02 -49.45
CA GLY D 151 60.11 -69.54 -48.69
C GLY D 151 59.75 -68.54 -47.61
N GLU D 152 58.66 -67.80 -47.79
CA GLU D 152 58.53 -66.49 -47.16
C GLU D 152 57.34 -66.33 -46.21
N ILE D 153 56.80 -67.41 -45.64
CA ILE D 153 55.75 -67.25 -44.64
C ILE D 153 56.36 -66.86 -43.30
N THR D 154 55.84 -65.80 -42.68
CA THR D 154 56.26 -65.38 -41.35
C THR D 154 55.17 -65.53 -40.31
N LEU D 155 53.93 -65.14 -40.62
CA LEU D 155 52.80 -65.24 -39.71
C LEU D 155 51.89 -66.37 -40.15
N LEU D 156 51.12 -66.93 -39.20
CA LEU D 156 50.15 -67.97 -39.53
C LEU D 156 48.72 -67.46 -39.53
N ALA D 157 48.14 -67.15 -38.36
CA ALA D 157 46.89 -66.37 -38.19
C ALA D 157 45.69 -66.91 -38.99
N SER D 158 45.17 -68.07 -38.59
CA SER D 158 44.01 -68.66 -39.28
C SER D 158 42.70 -67.95 -38.91
N PRO D 159 42.02 -67.28 -39.86
CA PRO D 159 40.83 -66.42 -39.56
C PRO D 159 39.48 -67.09 -39.69
N ASP D 160 39.14 -68.00 -38.78
CA ASP D 160 37.88 -68.69 -38.96
C ASP D 160 37.01 -68.59 -37.71
N PRO D 161 35.71 -68.35 -37.86
CA PRO D 161 34.86 -68.15 -36.68
C PRO D 161 34.54 -69.42 -35.90
N ASP D 162 34.71 -70.60 -36.50
CA ASP D 162 34.44 -71.83 -35.78
C ASP D 162 35.55 -72.09 -34.76
N GLU D 163 35.18 -72.71 -33.64
CA GLU D 163 36.13 -72.92 -32.56
C GLU D 163 36.92 -74.21 -32.74
N THR D 164 36.24 -75.30 -33.11
CA THR D 164 36.92 -76.57 -33.31
C THR D 164 37.69 -76.62 -34.61
N TYR D 165 37.41 -75.70 -35.54
CA TYR D 165 38.19 -75.61 -36.77
C TYR D 165 39.60 -75.11 -36.47
N ARG D 166 39.72 -74.10 -35.60
CA ARG D 166 41.01 -73.51 -35.30
C ARG D 166 41.86 -74.41 -34.43
N THR D 167 41.23 -75.19 -33.55
CA THR D 167 41.95 -76.13 -32.70
C THR D 167 42.61 -77.24 -33.50
N ALA D 168 41.98 -77.68 -34.59
CA ALA D 168 42.62 -78.63 -35.48
C ALA D 168 43.77 -77.98 -36.26
N VAL D 169 43.68 -76.68 -36.54
CA VAL D 169 44.75 -75.99 -37.23
C VAL D 169 45.88 -75.64 -36.28
N TYR D 170 45.55 -75.18 -35.07
CA TYR D 170 46.58 -74.78 -34.11
C TYR D 170 47.35 -75.99 -33.58
N GLY D 171 46.73 -77.17 -33.55
CA GLY D 171 47.44 -78.37 -33.15
C GLY D 171 48.33 -78.91 -34.25
N ALA D 172 47.94 -78.72 -35.51
CA ALA D 172 48.76 -79.19 -36.62
C ALA D 172 49.98 -78.29 -36.84
N LEU D 173 49.91 -77.04 -36.41
CA LEU D 173 51.00 -76.09 -36.60
C LEU D 173 51.86 -75.92 -35.37
N ALA D 174 51.53 -76.59 -34.26
CA ALA D 174 52.27 -76.39 -33.03
C ALA D 174 53.64 -77.02 -33.06
N ALA D 175 53.82 -78.08 -33.85
CA ALA D 175 55.12 -78.75 -33.92
C ALA D 175 56.10 -77.98 -34.79
N SER D 176 55.62 -77.09 -35.65
CA SER D 176 56.50 -76.33 -36.53
C SER D 176 56.96 -75.01 -35.92
N LEU D 177 56.46 -74.64 -34.73
CA LEU D 177 56.82 -73.37 -34.14
C LEU D 177 58.11 -73.44 -33.34
N ASP D 178 58.47 -74.61 -32.81
CA ASP D 178 59.69 -74.76 -32.04
C ASP D 178 60.83 -75.37 -32.85
N GLN D 179 60.83 -75.18 -34.17
CA GLN D 179 61.85 -75.74 -35.04
C GLN D 179 62.75 -74.68 -35.66
N HIS D 180 62.80 -73.49 -35.04
CA HIS D 180 63.71 -72.39 -35.39
C HIS D 180 63.50 -71.89 -36.82
N LYS D 181 62.29 -72.04 -37.35
CA LYS D 181 61.99 -71.63 -38.71
C LYS D 181 61.47 -70.21 -38.80
N GLY D 182 61.20 -69.57 -37.68
CA GLY D 182 60.82 -68.17 -37.67
C GLY D 182 59.36 -67.87 -37.86
N TYR D 183 58.48 -68.87 -37.71
CA TYR D 183 57.07 -68.59 -37.84
C TYR D 183 56.54 -67.96 -36.56
N PHE D 184 55.37 -67.34 -36.67
CA PHE D 184 54.76 -66.66 -35.52
C PHE D 184 53.26 -66.84 -35.63
N LEU D 185 52.68 -67.59 -34.71
CA LEU D 185 51.26 -67.88 -34.73
C LEU D 185 50.47 -66.77 -34.05
N LEU D 186 49.36 -66.38 -34.67
CA LEU D 186 48.43 -65.41 -34.11
C LEU D 186 47.15 -66.16 -33.74
N ALA D 187 47.10 -66.68 -32.53
CA ALA D 187 45.96 -67.44 -32.07
C ALA D 187 44.87 -66.51 -31.54
N ASP D 188 43.72 -67.09 -31.24
CA ASP D 188 42.56 -66.32 -30.79
C ASP D 188 41.95 -67.02 -29.59
N SER D 189 41.74 -66.27 -28.51
CA SER D 189 41.11 -66.84 -27.34
C SER D 189 39.61 -67.03 -27.58
N VAL D 190 39.02 -67.91 -26.79
CA VAL D 190 37.61 -68.23 -26.90
C VAL D 190 36.80 -67.56 -25.81
N ASN D 191 37.22 -67.73 -24.55
CA ASN D 191 36.55 -67.07 -23.45
C ASN D 191 37.54 -66.44 -22.46
N GLY D 192 38.79 -66.24 -22.87
CA GLY D 192 39.73 -65.52 -22.03
C GLY D 192 40.94 -66.33 -21.63
N ASP D 193 41.31 -67.33 -22.44
CA ASP D 193 42.48 -68.14 -22.13
C ASP D 193 43.08 -68.65 -23.43
N ALA D 194 44.30 -69.17 -23.32
CA ALA D 194 45.00 -69.72 -24.47
C ALA D 194 44.30 -70.98 -24.97
N PRO D 195 44.35 -71.24 -26.29
CA PRO D 195 43.62 -72.41 -26.83
C PRO D 195 44.26 -73.76 -26.56
N SER D 196 45.36 -73.78 -25.79
CA SER D 196 45.98 -74.94 -25.13
C SER D 196 46.68 -75.90 -26.09
N ALA D 197 46.55 -75.69 -27.40
CA ALA D 197 47.41 -76.39 -28.34
C ALA D 197 48.78 -75.75 -28.38
N VAL D 198 48.84 -74.44 -28.10
CA VAL D 198 50.07 -73.69 -28.02
C VAL D 198 50.13 -72.99 -26.66
N GLY D 199 50.73 -73.65 -25.67
CA GLY D 199 50.58 -73.19 -24.30
C GLY D 199 51.50 -72.03 -23.96
N GLY D 200 52.81 -72.28 -23.96
CA GLY D 200 53.74 -71.28 -23.48
C GLY D 200 54.94 -71.06 -24.36
N SER D 201 54.77 -71.24 -25.67
CA SER D 201 55.85 -70.98 -26.59
C SER D 201 55.93 -69.50 -26.92
N ALA D 202 57.13 -69.02 -27.19
CA ALA D 202 57.35 -67.60 -27.46
C ALA D 202 56.94 -67.19 -28.86
N GLN D 203 56.45 -68.10 -29.68
CA GLN D 203 56.10 -67.82 -31.06
C GLN D 203 54.61 -67.54 -31.24
N VAL D 204 53.86 -67.37 -30.15
CA VAL D 204 52.41 -67.32 -30.20
C VAL D 204 51.93 -66.04 -29.53
N ALA D 205 51.04 -65.31 -30.20
CA ALA D 205 50.36 -64.15 -29.64
C ALA D 205 48.86 -64.36 -29.77
N VAL D 206 48.17 -64.45 -28.63
CA VAL D 206 46.74 -64.67 -28.58
C VAL D 206 46.05 -63.30 -28.55
N TYR D 207 44.87 -63.21 -29.15
CA TYR D 207 44.09 -61.97 -29.18
C TYR D 207 42.64 -62.31 -28.89
N TYR D 208 42.10 -61.82 -27.76
CA TYR D 208 40.85 -62.36 -27.25
C TYR D 208 39.57 -61.93 -27.95
N PRO D 209 39.18 -60.63 -28.03
CA PRO D 209 37.78 -60.34 -28.36
C PRO D 209 37.48 -60.52 -29.84
N ASN D 210 36.40 -61.24 -30.12
CA ASN D 210 35.89 -61.31 -31.48
C ASN D 210 35.36 -59.95 -31.90
N VAL D 211 35.56 -59.63 -33.17
CA VAL D 211 35.32 -58.29 -33.69
C VAL D 211 34.18 -58.36 -34.68
N GLU D 212 33.19 -57.49 -34.52
CA GLU D 212 31.94 -57.59 -35.26
C GLU D 212 31.92 -56.62 -36.44
N VAL D 213 31.39 -57.10 -37.57
CA VAL D 213 31.38 -56.37 -38.82
C VAL D 213 29.93 -56.21 -39.25
N PRO D 214 29.49 -55.02 -39.69
CA PRO D 214 28.13 -54.83 -40.19
C PRO D 214 27.84 -55.60 -41.49
N PRO D 265 24.99 -58.55 -37.73
CA PRO D 265 26.42 -58.29 -37.59
C PRO D 265 27.21 -59.57 -37.35
N LEU D 266 28.09 -59.94 -38.28
CA LEU D 266 28.86 -61.15 -38.17
C LEU D 266 30.13 -60.90 -37.36
N SER D 267 30.46 -61.85 -36.49
CA SER D 267 31.58 -61.71 -35.58
C SER D 267 32.78 -62.47 -36.14
N LEU D 268 33.89 -61.77 -36.33
CA LEU D 268 35.10 -62.35 -36.86
C LEU D 268 36.16 -62.51 -35.77
N PRO D 269 36.96 -63.55 -35.83
CA PRO D 269 38.16 -63.62 -35.00
C PRO D 269 39.17 -62.59 -35.47
N PRO D 270 39.88 -61.94 -34.55
CA PRO D 270 40.66 -60.75 -34.90
C PRO D 270 41.97 -61.01 -35.61
N SER D 271 42.33 -62.26 -35.91
CA SER D 271 43.67 -62.56 -36.43
C SER D 271 43.88 -62.03 -37.85
N ALA D 272 42.82 -61.89 -38.63
CA ALA D 272 42.96 -61.35 -39.98
C ALA D 272 43.25 -59.85 -39.93
N LEU D 273 42.80 -59.18 -38.86
CA LEU D 273 43.04 -57.75 -38.75
C LEU D 273 44.39 -57.47 -38.12
N ILE D 274 44.80 -58.30 -37.15
CA ILE D 274 46.08 -58.08 -36.46
C ILE D 274 47.24 -58.43 -37.39
N ALA D 275 47.02 -59.38 -38.30
CA ALA D 275 48.03 -59.66 -39.32
C ALA D 275 48.17 -58.48 -40.28
N GLY D 276 47.11 -57.70 -40.44
CA GLY D 276 47.22 -56.47 -41.21
C GLY D 276 48.02 -55.40 -40.49
N VAL D 277 47.79 -55.24 -39.18
CA VAL D 277 48.41 -54.13 -38.48
C VAL D 277 49.86 -54.42 -38.13
N TYR D 278 50.30 -55.68 -38.29
CA TYR D 278 51.73 -55.95 -38.19
C TYR D 278 52.46 -55.39 -39.41
N GLY D 279 51.88 -55.57 -40.59
CA GLY D 279 52.51 -55.05 -41.80
C GLY D 279 52.47 -53.54 -41.86
N LYS D 280 51.45 -52.92 -41.26
CA LYS D 280 51.40 -51.47 -41.20
C LYS D 280 52.43 -50.92 -40.22
N THR D 281 52.62 -51.59 -39.09
CA THR D 281 53.53 -51.10 -38.06
C THR D 281 54.98 -51.31 -38.50
N ASP D 282 55.28 -52.45 -39.13
CA ASP D 282 56.65 -52.74 -39.54
C ASP D 282 57.09 -51.86 -40.69
N GLY D 283 56.16 -51.49 -41.57
CA GLY D 283 56.50 -50.61 -42.66
C GLY D 283 56.75 -49.17 -42.21
N GLU D 284 56.02 -48.74 -41.18
CA GLU D 284 56.10 -47.36 -40.72
C GLU D 284 57.07 -47.17 -39.56
N ARG D 285 57.26 -48.18 -38.71
CA ARG D 285 58.07 -48.04 -37.51
C ARG D 285 59.14 -49.10 -37.34
N GLY D 286 59.01 -50.27 -37.97
CA GLY D 286 59.96 -51.35 -37.81
C GLY D 286 59.43 -52.45 -36.92
N VAL D 287 60.11 -53.59 -36.97
CA VAL D 287 59.68 -54.75 -36.19
C VAL D 287 60.00 -54.61 -34.71
N TRP D 288 60.88 -53.70 -34.34
CA TRP D 288 61.22 -53.46 -32.95
C TRP D 288 60.21 -52.58 -32.24
N LYS D 289 59.21 -52.07 -32.94
CA LYS D 289 58.14 -51.30 -32.34
C LYS D 289 56.99 -52.21 -31.95
N ALA D 290 56.44 -51.98 -30.76
CA ALA D 290 55.31 -52.78 -30.28
C ALA D 290 54.06 -52.48 -31.10
N PRO D 291 53.43 -53.46 -31.73
CA PRO D 291 52.22 -53.22 -32.53
C PRO D 291 50.96 -53.14 -31.68
N ALA D 292 50.90 -52.14 -30.80
CA ALA D 292 49.83 -52.11 -29.82
C ALA D 292 49.26 -50.72 -29.55
N ASN D 293 49.24 -49.84 -30.54
CA ASN D 293 48.41 -48.64 -30.47
C ASN D 293 47.75 -48.35 -31.81
N VAL D 294 47.55 -49.36 -32.63
CA VAL D 294 46.99 -49.17 -33.96
C VAL D 294 45.49 -49.23 -33.87
N VAL D 295 44.82 -48.23 -34.44
CA VAL D 295 43.36 -48.20 -34.50
C VAL D 295 42.92 -49.05 -35.67
N LEU D 296 42.01 -49.98 -35.41
CA LEU D 296 41.58 -50.95 -36.42
C LEU D 296 40.62 -50.27 -37.39
N ASN D 297 40.99 -50.25 -38.67
CA ASN D 297 40.11 -49.71 -39.70
C ASN D 297 39.02 -50.71 -40.05
N GLY D 298 38.00 -50.24 -40.74
CA GLY D 298 36.93 -51.15 -41.11
C GLY D 298 35.87 -51.26 -40.04
N VAL D 299 36.06 -52.24 -39.16
CA VAL D 299 35.14 -52.68 -38.12
C VAL D 299 34.67 -51.59 -37.19
N SER D 300 33.53 -51.83 -36.53
CA SER D 300 32.88 -50.84 -35.67
C SER D 300 33.06 -51.15 -34.18
N ASP D 301 32.70 -52.35 -33.75
CA ASP D 301 32.67 -52.66 -32.33
C ASP D 301 33.04 -54.11 -32.11
N VAL D 302 33.63 -54.39 -30.94
CA VAL D 302 33.97 -55.75 -30.52
C VAL D 302 32.73 -56.44 -29.98
N SER D 303 32.83 -57.76 -29.80
CA SER D 303 31.68 -58.52 -29.30
C SER D 303 31.55 -58.42 -27.79
N VAL D 304 32.67 -58.30 -27.08
CA VAL D 304 32.69 -58.18 -25.62
C VAL D 304 33.51 -56.96 -25.26
N ARG D 305 32.90 -56.01 -24.53
CA ARG D 305 33.63 -54.84 -24.06
C ARG D 305 34.36 -55.23 -22.77
N VAL D 306 35.67 -55.25 -22.83
CA VAL D 306 36.50 -55.81 -21.77
C VAL D 306 36.91 -54.69 -20.81
N THR D 307 36.68 -54.91 -19.51
CA THR D 307 37.03 -53.94 -18.49
C THR D 307 38.52 -54.04 -18.15
N ASN D 308 38.96 -53.18 -17.22
CA ASN D 308 40.34 -53.25 -16.76
C ASN D 308 40.56 -54.44 -15.83
N GLU D 309 39.56 -54.77 -15.01
CA GLU D 309 39.76 -55.74 -13.95
C GLU D 309 39.87 -57.16 -14.50
N GLN D 310 39.23 -57.43 -15.63
CA GLN D 310 39.41 -58.73 -16.27
C GLN D 310 40.61 -58.73 -17.20
N GLN D 311 41.05 -57.56 -17.65
CA GLN D 311 42.34 -57.52 -18.35
C GLN D 311 43.50 -57.64 -17.37
N ALA D 312 43.31 -57.25 -16.11
CA ALA D 312 44.33 -57.39 -15.09
C ALA D 312 44.63 -58.83 -14.71
N GLU D 313 43.71 -59.76 -14.98
CA GLU D 313 43.97 -61.18 -14.81
C GLU D 313 44.34 -61.85 -16.12
N LEU D 314 44.20 -61.14 -17.24
CA LEU D 314 44.55 -61.63 -18.57
C LEU D 314 45.90 -61.16 -19.06
N ASN D 315 46.29 -59.92 -18.78
CA ASN D 315 47.56 -59.41 -19.30
C ASN D 315 48.81 -60.04 -18.65
N PRO D 316 48.76 -60.59 -17.39
CA PRO D 316 49.86 -61.51 -17.03
C PRO D 316 49.66 -62.94 -17.52
N LYS D 317 49.12 -63.03 -18.73
CA LYS D 317 49.25 -64.10 -19.69
C LYS D 317 49.32 -63.38 -21.03
N GLY D 318 49.63 -64.09 -22.10
CA GLY D 318 49.59 -63.36 -23.36
C GLY D 318 48.21 -63.43 -23.94
N ILE D 319 47.35 -62.44 -23.66
CA ILE D 319 45.98 -62.44 -24.13
C ILE D 319 45.68 -61.26 -25.05
N ASN D 320 46.27 -60.09 -24.77
CA ASN D 320 46.40 -58.97 -25.71
C ASN D 320 45.03 -58.46 -26.20
N VAL D 321 44.30 -57.87 -25.26
CA VAL D 321 42.91 -57.53 -25.46
C VAL D 321 42.76 -56.38 -26.47
N ILE D 322 41.83 -56.54 -27.40
CA ILE D 322 41.36 -55.45 -28.24
C ILE D 322 40.40 -54.60 -27.42
N ARG D 323 40.80 -53.37 -27.11
CA ARG D 323 40.02 -52.48 -26.26
C ARG D 323 39.30 -51.44 -27.09
N HIS D 324 38.25 -50.87 -26.52
CA HIS D 324 37.52 -49.76 -27.11
C HIS D 324 37.75 -48.50 -26.31
N PHE D 325 38.26 -47.47 -26.96
CA PHE D 325 38.40 -46.14 -26.40
C PHE D 325 37.47 -45.20 -27.14
N SER D 326 36.80 -44.32 -26.40
CA SER D 326 35.72 -43.53 -26.98
C SER D 326 36.24 -42.47 -27.95
N ASP D 327 37.42 -41.91 -27.66
CA ASP D 327 37.97 -40.88 -28.54
C ASP D 327 38.65 -41.49 -29.76
N ARG D 328 39.13 -42.72 -29.65
CA ARG D 328 39.95 -43.31 -30.70
C ARG D 328 39.24 -44.38 -31.51
N GLY D 329 38.49 -45.27 -30.85
CA GLY D 329 37.84 -46.36 -31.56
C GLY D 329 38.23 -47.71 -31.03
N LEU D 330 38.65 -48.62 -31.91
CA LEU D 330 39.10 -49.95 -31.51
C LEU D 330 40.61 -49.99 -31.61
N VAL D 331 41.29 -50.09 -30.48
CA VAL D 331 42.75 -50.06 -30.41
C VAL D 331 43.22 -51.41 -29.91
N VAL D 332 44.16 -52.01 -30.63
CA VAL D 332 44.83 -53.21 -30.12
C VAL D 332 45.70 -52.81 -28.93
N TRP D 333 45.60 -53.57 -27.85
CA TRP D 333 46.06 -53.08 -26.56
C TRP D 333 46.73 -54.24 -25.82
N GLY D 334 48.03 -54.38 -26.00
CA GLY D 334 48.77 -55.48 -25.43
C GLY D 334 49.77 -56.04 -26.43
N SER D 335 50.99 -56.32 -25.98
CA SER D 335 52.04 -56.79 -26.87
C SER D 335 52.88 -57.88 -26.20
N ARG D 336 52.22 -58.85 -25.58
CA ARG D 336 52.91 -59.96 -24.94
C ARG D 336 52.70 -61.26 -25.70
N THR D 337 53.69 -62.15 -25.57
CA THR D 337 53.63 -63.50 -26.08
C THR D 337 53.20 -64.46 -24.99
N GLN D 338 53.12 -65.75 -25.33
CA GLN D 338 52.78 -66.78 -24.36
C GLN D 338 53.90 -67.11 -23.41
N LYS D 339 55.14 -66.74 -23.73
CA LYS D 339 56.27 -67.07 -22.88
C LYS D 339 56.35 -66.09 -21.72
N ASP D 340 56.46 -66.61 -20.50
CA ASP D 340 56.51 -65.79 -19.30
C ASP D 340 57.95 -65.46 -18.90
N ASP D 341 58.92 -65.80 -19.74
CA ASP D 341 60.31 -65.52 -19.45
C ASP D 341 60.58 -64.02 -19.58
N ASP D 342 61.63 -63.57 -18.90
CA ASP D 342 62.00 -62.16 -18.97
C ASP D 342 62.59 -61.81 -20.33
N ASP D 343 63.15 -62.81 -21.03
CA ASP D 343 63.75 -62.54 -22.33
C ASP D 343 62.68 -62.37 -23.41
N TRP D 344 61.77 -63.33 -23.54
CA TRP D 344 60.86 -63.38 -24.68
C TRP D 344 59.43 -63.04 -24.28
N ARG D 345 59.29 -62.05 -23.39
CA ARG D 345 57.98 -61.67 -22.89
C ARG D 345 57.18 -60.90 -23.93
N TYR D 346 57.83 -60.02 -24.69
CA TYR D 346 57.15 -59.08 -25.55
C TYR D 346 57.18 -59.52 -27.01
N ILE D 347 56.13 -59.13 -27.74
CA ILE D 347 56.12 -59.35 -29.19
C ILE D 347 57.24 -58.63 -29.93
N PRO D 348 57.51 -57.32 -29.73
CA PRO D 348 58.54 -56.68 -30.59
C PRO D 348 59.96 -57.15 -30.31
N VAL D 349 60.24 -57.67 -29.12
CA VAL D 349 61.55 -58.25 -28.86
C VAL D 349 61.68 -59.60 -29.56
N ARG D 350 60.59 -60.36 -29.60
CA ARG D 350 60.63 -61.69 -30.22
C ARG D 350 60.70 -61.59 -31.74
N ARG D 351 59.90 -60.71 -32.34
CA ARG D 351 59.90 -60.60 -33.79
C ARG D 351 61.08 -59.80 -34.33
N LEU D 352 61.81 -59.08 -33.48
CA LEU D 352 63.07 -58.50 -33.92
C LEU D 352 64.12 -59.58 -34.15
N PHE D 353 64.23 -60.51 -33.20
CA PHE D 353 65.15 -61.63 -33.35
C PHE D 353 64.73 -62.59 -34.45
N ASP D 354 63.43 -62.77 -34.69
CA ASP D 354 63.01 -63.62 -35.79
C ASP D 354 63.30 -62.98 -37.14
N ALA D 355 63.22 -61.65 -37.22
CA ALA D 355 63.47 -60.96 -38.49
C ALA D 355 64.96 -60.79 -38.75
N ALA D 356 65.76 -60.65 -37.69
CA ALA D 356 67.20 -60.52 -37.88
C ALA D 356 67.83 -61.86 -38.26
N GLU D 357 67.34 -62.95 -37.66
CA GLU D 357 67.82 -64.27 -38.03
C GLU D 357 67.39 -64.65 -39.44
N ARG D 358 66.27 -64.12 -39.91
CA ARG D 358 65.79 -64.43 -41.25
C ARG D 358 66.60 -63.67 -42.30
N ASP D 359 67.03 -62.45 -42.00
CA ASP D 359 67.76 -61.66 -42.97
C ASP D 359 69.25 -61.98 -42.98
N ILE D 360 69.80 -62.41 -41.85
CA ILE D 360 71.16 -62.93 -41.84
C ILE D 360 71.25 -64.24 -42.61
N LYS D 361 70.22 -65.09 -42.48
CA LYS D 361 70.19 -66.36 -43.19
C LYS D 361 70.11 -66.16 -44.70
N LYS D 362 69.37 -65.14 -45.15
CA LYS D 362 69.31 -64.85 -46.58
C LYS D 362 70.59 -64.22 -47.10
N ALA D 363 71.42 -63.67 -46.22
CA ALA D 363 72.67 -63.04 -46.63
C ALA D 363 73.85 -64.01 -46.66
N LEU D 364 73.79 -65.10 -45.90
CA LEU D 364 74.90 -66.03 -45.81
C LEU D 364 74.75 -67.24 -46.73
N GLN D 365 73.59 -67.43 -47.33
CA GLN D 365 73.43 -68.51 -48.30
C GLN D 365 74.25 -68.39 -49.59
N PRO D 366 74.65 -67.21 -50.08
CA PRO D 366 75.73 -67.19 -51.07
C PRO D 366 77.07 -67.69 -50.55
N MET D 367 77.32 -67.67 -49.24
CA MET D 367 78.56 -68.16 -48.69
C MET D 367 78.51 -69.62 -48.28
N VAL D 368 77.61 -70.41 -48.85
CA VAL D 368 77.55 -71.85 -48.62
C VAL D 368 78.28 -72.51 -49.78
N PHE D 369 78.98 -73.62 -49.47
CA PHE D 369 79.87 -74.37 -50.36
C PHE D 369 81.08 -73.55 -50.80
N GLU D 370 81.44 -72.55 -50.01
CA GLU D 370 82.72 -71.87 -50.12
C GLU D 370 83.79 -72.73 -49.45
N PRO D 371 85.07 -72.48 -49.73
CA PRO D 371 86.12 -73.17 -48.97
C PRO D 371 86.10 -72.76 -47.51
N ASN D 372 86.08 -73.76 -46.63
CA ASN D 372 85.96 -73.53 -45.19
C ASN D 372 87.33 -73.14 -44.66
N SER D 373 87.71 -71.89 -44.91
CA SER D 373 89.00 -71.35 -44.52
C SER D 373 88.78 -70.06 -43.72
N GLN D 374 89.89 -69.50 -43.23
CA GLN D 374 89.81 -68.30 -42.40
C GLN D 374 89.45 -67.06 -43.21
N LEU D 375 89.71 -67.09 -44.52
CA LEU D 375 89.28 -66.01 -45.40
C LEU D 375 87.77 -65.97 -45.55
N THR D 376 87.11 -67.12 -45.57
CA THR D 376 85.67 -67.17 -45.67
C THR D 376 85.01 -66.76 -44.35
N TRP D 377 85.62 -67.10 -43.23
CA TRP D 377 85.06 -66.79 -41.92
C TRP D 377 85.04 -65.30 -41.66
N LYS D 378 85.98 -64.55 -42.24
CA LYS D 378 85.98 -63.11 -42.12
C LYS D 378 85.00 -62.47 -43.10
N ARG D 379 84.75 -63.10 -44.24
CA ARG D 379 83.74 -62.61 -45.17
C ARG D 379 82.34 -62.81 -44.61
N VAL D 380 82.15 -63.83 -43.78
CA VAL D 380 80.86 -64.08 -43.15
C VAL D 380 80.67 -63.17 -41.95
N GLN D 381 81.75 -62.90 -41.20
CA GLN D 381 81.68 -62.02 -40.04
C GLN D 381 81.37 -60.59 -40.44
N THR D 382 81.90 -60.13 -41.57
CA THR D 382 81.65 -58.76 -42.01
C THR D 382 80.24 -58.60 -42.55
N ALA D 383 79.72 -59.64 -43.20
CA ALA D 383 78.35 -59.58 -43.73
C ALA D 383 77.32 -59.54 -42.62
N ILE D 384 77.63 -60.11 -41.46
CA ILE D 384 76.73 -60.01 -40.31
C ILE D 384 76.95 -58.68 -39.61
N ASP D 385 78.20 -58.24 -39.53
CA ASP D 385 78.53 -56.97 -38.86
C ASP D 385 77.99 -55.78 -39.62
N ASN D 386 77.92 -55.85 -40.96
CA ASN D 386 77.32 -54.78 -41.72
C ASN D 386 75.81 -54.75 -41.55
N TYR D 387 75.19 -55.91 -41.33
CA TYR D 387 73.75 -55.94 -41.13
C TYR D 387 73.38 -55.43 -39.74
N LEU D 388 74.13 -55.85 -38.72
CA LEU D 388 73.81 -55.44 -37.36
C LEU D 388 74.16 -53.99 -37.09
N TYR D 389 75.06 -53.39 -37.87
CA TYR D 389 75.34 -51.98 -37.72
C TYR D 389 74.19 -51.13 -38.24
N ARG D 390 73.58 -51.52 -39.35
CA ARG D 390 72.49 -50.72 -39.90
C ARG D 390 71.15 -51.03 -39.26
N LEU D 391 71.09 -51.99 -38.32
CA LEU D 391 69.96 -52.05 -37.41
C LEU D 391 70.16 -51.10 -36.23
N TRP D 392 71.39 -50.99 -35.75
CA TRP D 392 71.68 -50.13 -34.60
C TRP D 392 71.51 -48.66 -34.95
N GLN D 393 71.89 -48.27 -36.16
CA GLN D 393 71.83 -46.86 -36.50
C GLN D 393 70.45 -46.43 -36.99
N GLN D 394 69.48 -47.35 -37.06
CA GLN D 394 68.10 -46.96 -37.29
C GLN D 394 67.23 -47.21 -36.07
N GLY D 395 67.81 -47.51 -34.92
CA GLY D 395 67.11 -47.54 -33.67
C GLY D 395 66.62 -48.89 -33.20
N ALA D 396 67.00 -49.97 -33.87
CA ALA D 396 66.48 -51.29 -33.51
C ALA D 396 67.12 -51.83 -32.23
N LEU D 397 68.42 -51.67 -32.08
CA LEU D 397 69.15 -52.27 -30.98
C LEU D 397 69.36 -51.26 -29.87
N ALA D 398 69.33 -51.75 -28.64
CA ALA D 398 69.43 -50.91 -27.45
C ALA D 398 70.89 -50.78 -27.06
N GLY D 399 71.56 -49.80 -27.68
CA GLY D 399 72.94 -49.52 -27.37
C GLY D 399 73.23 -48.05 -27.49
N ASN D 400 74.43 -47.67 -27.04
CA ASN D 400 74.88 -46.29 -27.12
C ASN D 400 76.28 -46.19 -27.71
N LYS D 401 76.93 -47.31 -28.02
CA LYS D 401 78.32 -47.31 -28.44
C LYS D 401 78.56 -48.17 -29.67
N ALA D 402 77.63 -49.10 -30.00
CA ALA D 402 77.63 -50.16 -31.01
C ALA D 402 78.54 -51.32 -30.64
N GLU D 403 79.28 -51.21 -29.54
CA GLU D 403 79.86 -52.36 -28.88
C GLU D 403 79.02 -52.82 -27.71
N GLU D 404 78.04 -52.03 -27.32
CA GLU D 404 77.03 -52.43 -26.33
C GLU D 404 75.78 -52.97 -26.99
N ALA D 405 75.65 -52.84 -28.31
CA ALA D 405 74.46 -53.31 -28.99
C ALA D 405 74.60 -54.75 -29.45
N TYR D 406 75.75 -55.11 -30.02
CA TYR D 406 75.90 -56.41 -30.66
C TYR D 406 77.34 -56.85 -30.61
N PHE D 407 77.57 -58.10 -31.04
CA PHE D 407 78.90 -58.65 -31.27
C PHE D 407 78.77 -59.82 -32.23
N VAL D 408 79.81 -60.02 -33.04
CA VAL D 408 79.92 -61.18 -33.91
C VAL D 408 81.27 -61.84 -33.65
N ARG D 409 81.28 -63.15 -33.42
CA ARG D 409 82.49 -63.88 -33.10
C ARG D 409 82.60 -65.12 -33.97
N VAL D 410 83.78 -65.30 -34.57
CA VAL D 410 84.10 -66.49 -35.35
C VAL D 410 85.60 -66.67 -35.32
N GLY D 411 86.05 -67.92 -35.31
CA GLY D 411 87.48 -68.21 -35.31
C GLY D 411 87.69 -69.70 -35.23
N LYS D 412 88.94 -70.10 -35.01
CA LYS D 412 89.22 -71.52 -34.83
C LYS D 412 89.46 -71.88 -33.37
N GLY D 413 90.21 -71.06 -32.63
CA GLY D 413 90.25 -71.25 -31.19
C GLY D 413 88.98 -70.81 -30.53
N ILE D 414 88.30 -69.83 -31.09
CA ILE D 414 87.05 -69.30 -30.58
C ILE D 414 85.93 -69.89 -31.42
N THR D 415 84.88 -70.37 -30.75
CA THR D 415 83.59 -70.87 -31.28
C THR D 415 83.70 -72.19 -32.07
N MET D 416 84.89 -72.71 -32.34
CA MET D 416 85.02 -73.96 -33.07
C MET D 416 86.16 -74.80 -32.50
N THR D 417 86.22 -76.03 -32.98
CA THR D 417 87.36 -76.92 -32.80
C THR D 417 87.74 -77.46 -34.17
N GLN D 418 88.97 -77.98 -34.27
CA GLN D 418 89.50 -78.46 -35.55
C GLN D 418 88.72 -79.67 -36.06
N ASP D 419 88.14 -80.47 -35.15
CA ASP D 419 87.29 -81.58 -35.56
C ASP D 419 85.99 -81.12 -36.20
N GLU D 420 85.56 -79.89 -35.94
CA GLU D 420 84.34 -79.36 -36.51
C GLU D 420 84.53 -78.73 -37.88
N ILE D 421 85.71 -78.17 -38.16
CA ILE D 421 86.02 -77.74 -39.52
C ILE D 421 86.10 -78.93 -40.45
N ASN D 422 86.67 -80.04 -39.97
CA ASN D 422 86.91 -81.21 -40.81
C ASN D 422 85.61 -81.89 -41.23
N GLN D 423 84.55 -81.75 -40.45
CA GLN D 423 83.25 -82.24 -40.86
C GLN D 423 82.42 -81.18 -41.57
N GLY D 424 83.03 -80.03 -41.89
CA GLY D 424 82.49 -79.12 -42.88
C GLY D 424 81.50 -78.08 -42.40
N LYS D 425 81.71 -77.52 -41.22
CA LYS D 425 80.78 -76.54 -40.68
C LYS D 425 81.54 -75.38 -40.05
N MET D 426 80.92 -74.21 -40.05
CA MET D 426 81.42 -73.06 -39.32
C MET D 426 80.38 -72.62 -38.30
N ILE D 427 80.85 -72.20 -37.13
CA ILE D 427 79.98 -71.87 -36.01
C ILE D 427 80.22 -70.41 -35.63
N ILE D 428 79.15 -69.63 -35.59
CA ILE D 428 79.19 -68.19 -35.40
C ILE D 428 78.35 -67.85 -34.19
N GLN D 429 78.87 -66.99 -33.32
CA GLN D 429 78.14 -66.53 -32.15
C GLN D 429 77.75 -65.07 -32.36
N VAL D 430 76.45 -64.82 -32.47
CA VAL D 430 75.89 -63.49 -32.68
C VAL D 430 75.02 -63.16 -31.48
N GLY D 431 75.21 -61.96 -30.94
CA GLY D 431 74.38 -61.49 -29.84
C GLY D 431 73.85 -60.10 -30.14
N MET D 432 72.69 -59.80 -29.57
CA MET D 432 72.05 -58.50 -29.74
C MET D 432 71.47 -58.04 -28.42
N ALA D 433 71.03 -56.78 -28.39
CA ALA D 433 70.42 -56.18 -27.20
C ALA D 433 69.26 -55.32 -27.66
N ALA D 434 68.03 -55.75 -27.34
CA ALA D 434 66.84 -55.04 -27.74
C ALA D 434 66.31 -54.18 -26.59
N VAL D 435 65.44 -53.24 -26.95
CA VAL D 435 64.81 -52.33 -25.99
C VAL D 435 63.38 -52.77 -25.77
N ARG D 436 62.91 -52.64 -24.51
CA ARG D 436 61.57 -53.07 -24.10
C ARG D 436 60.62 -51.90 -24.03
N PRO D 437 59.35 -52.09 -24.38
CA PRO D 437 58.41 -50.96 -24.39
C PRO D 437 57.94 -50.57 -23.00
N ALA D 438 57.47 -49.33 -22.91
CA ALA D 438 56.87 -48.80 -21.69
C ALA D 438 55.38 -49.06 -21.73
N GLU D 439 54.92 -49.98 -20.90
CA GLU D 439 53.50 -50.32 -20.88
C GLU D 439 52.78 -49.88 -19.61
N PHE D 440 53.47 -49.30 -18.64
CA PHE D 440 52.80 -48.80 -17.46
C PHE D 440 53.24 -47.36 -17.20
N ILE D 441 52.26 -46.47 -17.08
CA ILE D 441 52.52 -45.06 -16.78
C ILE D 441 51.76 -44.70 -15.51
N ILE D 442 52.49 -44.31 -14.47
CA ILE D 442 51.91 -43.95 -13.19
C ILE D 442 52.04 -42.44 -13.02
N LEU D 443 50.93 -41.77 -12.69
CA LEU D 443 50.87 -40.32 -12.75
C LEU D 443 51.15 -39.62 -11.43
N LYS D 444 50.61 -40.11 -10.31
CA LYS D 444 50.94 -39.66 -8.94
C LYS D 444 50.68 -38.15 -8.74
N PHE D 445 49.41 -37.77 -8.79
CA PHE D 445 49.12 -36.34 -8.67
C PHE D 445 49.21 -35.88 -7.22
N THR D 446 49.28 -34.56 -7.05
CA THR D 446 49.24 -33.91 -5.75
C THR D 446 48.82 -32.46 -5.94
N GLN D 447 48.64 -31.76 -4.83
CA GLN D 447 48.42 -30.32 -4.89
C GLN D 447 49.17 -29.59 -3.79
N ASP D 448 50.29 -30.15 -3.35
CA ASP D 448 51.18 -29.54 -2.37
C ASP D 448 52.43 -29.05 -3.08
N MET D 449 52.77 -27.78 -2.86
CA MET D 449 53.97 -27.20 -3.45
C MET D 449 54.46 -25.99 -2.66
N MET E 1 59.94 6.40 -9.39
CA MET E 1 58.50 6.64 -9.48
C MET E 1 57.87 5.36 -9.99
N SER E 2 56.60 5.12 -9.62
CA SER E 2 55.93 3.90 -10.03
C SER E 2 55.61 3.93 -11.53
N THR E 3 55.54 2.74 -12.12
CA THR E 3 55.42 2.60 -13.56
C THR E 3 53.99 2.94 -14.01
N PRO E 4 53.83 3.64 -15.13
CA PRO E 4 52.49 3.96 -15.62
C PRO E 4 51.73 2.73 -16.11
N ALA E 5 50.42 2.91 -16.27
CA ALA E 5 49.52 1.81 -16.60
C ALA E 5 49.37 1.67 -18.10
N VAL E 6 49.61 0.45 -18.61
CA VAL E 6 49.38 0.14 -20.02
C VAL E 6 47.92 -0.23 -20.22
N SER E 7 47.50 -0.34 -21.47
CA SER E 7 46.09 -0.33 -21.82
C SER E 7 45.67 -1.55 -22.63
N HIS E 8 46.15 -2.75 -22.30
CA HIS E 8 45.75 -3.93 -23.05
C HIS E 8 45.27 -5.08 -22.16
N ARG E 9 44.97 -4.82 -20.89
CA ARG E 9 44.33 -5.78 -20.02
C ARG E 9 43.21 -5.10 -19.25
N PHE E 10 42.01 -5.65 -19.37
CA PHE E 10 40.83 -5.02 -18.81
C PHE E 10 39.69 -6.04 -18.71
N LEU E 11 38.96 -5.98 -17.59
CA LEU E 11 37.75 -6.76 -17.38
C LEU E 11 36.56 -5.83 -17.38
N VAL E 12 35.40 -6.35 -17.80
CA VAL E 12 34.14 -5.62 -17.77
C VAL E 12 33.06 -6.50 -17.15
N ASN E 13 32.42 -6.01 -16.11
CA ASN E 13 31.35 -6.72 -15.41
C ASN E 13 30.03 -6.00 -15.65
N PHE E 14 28.99 -6.74 -16.01
CA PHE E 14 27.66 -6.19 -16.21
C PHE E 14 26.69 -6.74 -15.17
N LEU E 15 25.70 -5.92 -14.81
CA LEU E 15 24.65 -6.33 -13.87
C LEU E 15 23.33 -5.72 -14.33
N PHE E 16 22.52 -6.53 -15.00
CA PHE E 16 21.17 -6.17 -15.38
C PHE E 16 20.18 -6.64 -14.32
N ASN E 17 18.95 -6.16 -14.43
CA ASN E 17 17.89 -6.60 -13.52
C ASN E 17 17.01 -7.69 -14.14
N ASN E 18 17.02 -7.82 -15.47
CA ASN E 18 16.45 -9.01 -16.10
C ASN E 18 17.21 -10.26 -15.70
N ILE E 19 18.52 -10.16 -15.68
CA ILE E 19 19.41 -11.32 -15.64
C ILE E 19 19.86 -11.53 -14.21
N PRO E 20 19.70 -12.73 -13.64
CA PRO E 20 20.01 -12.92 -12.22
C PRO E 20 21.49 -13.01 -11.90
N ASN E 21 22.33 -13.44 -12.84
CA ASN E 21 23.74 -13.59 -12.56
C ASN E 21 24.52 -12.43 -13.15
N PRO E 22 25.46 -11.86 -12.41
CA PRO E 22 26.39 -10.90 -13.00
C PRO E 22 27.38 -11.63 -13.91
N PHE E 23 27.54 -11.12 -15.11
CA PHE E 23 28.37 -11.77 -16.10
C PHE E 23 29.53 -10.88 -16.52
N ASP E 24 30.61 -11.50 -16.95
CA ASP E 24 31.88 -10.86 -17.26
C ASP E 24 32.22 -11.20 -18.70
N ILE E 25 32.41 -10.19 -19.54
CA ILE E 25 32.55 -10.38 -20.98
C ILE E 25 33.81 -9.69 -21.48
N ALA E 26 34.61 -10.43 -22.26
CA ALA E 26 35.85 -9.93 -22.81
C ALA E 26 35.59 -9.15 -24.09
N PHE E 27 36.15 -7.95 -24.16
CA PHE E 27 36.04 -7.08 -25.32
C PHE E 27 37.41 -6.86 -25.94
N GLN E 28 37.40 -6.28 -27.12
CA GLN E 28 38.62 -5.94 -27.84
C GLN E 28 39.02 -4.49 -27.66
N ARG E 29 38.07 -3.57 -27.74
CA ARG E 29 38.33 -2.17 -28.03
C ARG E 29 37.37 -1.24 -27.27
N ILE E 30 37.41 -1.26 -25.94
CA ILE E 30 36.72 -0.19 -25.18
C ILE E 30 37.26 1.18 -25.60
N SER E 31 36.34 2.08 -25.94
CA SER E 31 36.74 3.34 -26.58
C SER E 31 37.36 4.31 -25.61
N GLY E 32 36.62 4.76 -24.61
CA GLY E 32 37.19 5.75 -23.74
C GLY E 32 36.16 6.70 -23.17
N LEU E 33 36.30 6.99 -21.88
CA LEU E 33 35.27 7.71 -21.13
C LEU E 33 35.69 9.15 -21.00
N SER E 34 34.85 10.06 -21.48
CA SER E 34 35.07 11.49 -21.35
C SER E 34 34.10 12.06 -20.32
N ARG E 35 34.42 13.26 -19.83
CA ARG E 35 33.59 13.92 -18.84
C ARG E 35 33.88 15.41 -18.92
N THR E 36 32.97 16.16 -19.56
CA THR E 36 33.11 17.58 -19.83
C THR E 36 32.20 18.35 -18.87
N LEU E 37 32.59 19.57 -18.52
CA LEU E 37 31.85 20.35 -17.54
C LEU E 37 31.03 21.50 -18.14
N GLU E 38 31.25 21.85 -19.41
CA GLU E 38 30.39 22.75 -20.18
C GLU E 38 30.29 24.14 -19.55
N VAL E 39 31.40 24.86 -19.61
CA VAL E 39 31.43 26.25 -19.20
C VAL E 39 30.91 27.15 -20.31
N SER E 40 30.64 28.41 -19.99
CA SER E 40 30.19 29.40 -20.95
C SER E 40 30.88 30.72 -20.69
N GLN E 41 31.24 31.43 -21.75
CA GLN E 41 31.97 32.67 -21.59
C GLN E 41 31.02 33.85 -21.52
N HIS E 42 31.23 34.70 -20.51
CA HIS E 42 30.47 35.93 -20.32
C HIS E 42 31.38 37.10 -20.60
N ARG E 43 30.84 38.13 -21.23
CA ARG E 43 31.59 39.34 -21.53
C ARG E 43 31.04 40.49 -20.70
N GLU E 44 31.89 41.09 -19.89
CA GLU E 44 31.51 42.21 -19.04
C GLU E 44 31.75 43.51 -19.81
N GLY E 45 31.07 44.56 -19.39
CA GLY E 45 31.16 45.87 -20.02
C GLY E 45 32.54 46.49 -19.99
N GLY E 46 33.03 46.81 -18.81
CA GLY E 46 34.28 47.54 -18.76
C GLY E 46 35.53 46.71 -18.79
N GLU E 47 35.43 45.40 -18.89
CA GLU E 47 36.59 44.52 -18.77
C GLU E 47 36.90 43.90 -20.12
N ASN E 48 38.08 44.20 -20.65
CA ASN E 48 38.45 43.80 -22.00
C ASN E 48 39.63 42.85 -22.05
N VAL E 49 40.27 42.56 -20.93
CA VAL E 49 41.55 41.86 -20.95
C VAL E 49 41.49 40.47 -20.31
N ARG E 50 40.58 40.22 -19.37
CA ARG E 50 40.42 38.90 -18.77
C ARG E 50 39.16 38.25 -19.31
N ASN E 51 39.02 36.96 -19.04
CA ASN E 51 37.86 36.18 -19.43
C ASN E 51 37.07 35.76 -18.20
N LEU E 52 35.87 35.26 -18.42
CA LEU E 52 34.99 34.86 -17.34
C LEU E 52 34.25 33.61 -17.78
N TRP E 53 34.55 32.49 -17.14
CA TRP E 53 34.00 31.19 -17.50
C TRP E 53 33.10 30.75 -16.38
N LEU E 54 31.86 30.38 -16.71
CA LEU E 54 30.85 30.06 -15.72
C LEU E 54 30.44 28.61 -15.87
N ALA E 55 30.56 27.85 -14.79
CA ALA E 55 30.31 26.41 -14.79
C ALA E 55 28.83 26.10 -14.90
N GLU E 56 28.47 25.14 -15.75
CA GLU E 56 27.05 24.80 -15.84
C GLU E 56 26.69 23.36 -15.48
N GLN E 57 27.10 22.39 -16.32
CA GLN E 57 26.46 21.09 -16.39
C GLN E 57 27.47 20.04 -16.84
N VAL E 58 27.61 18.97 -16.08
CA VAL E 58 28.60 17.94 -16.42
C VAL E 58 28.01 17.02 -17.48
N ASN E 59 28.71 16.89 -18.60
CA ASN E 59 28.33 16.00 -19.70
C ASN E 59 29.23 14.77 -19.70
N HIS E 60 28.64 13.59 -19.70
CA HIS E 60 29.37 12.34 -19.80
C HIS E 60 29.37 11.85 -21.23
N GLY E 61 30.39 11.08 -21.57
CA GLY E 61 30.53 10.57 -22.92
C GLY E 61 29.68 9.34 -23.18
N SER E 62 30.26 8.37 -23.88
CA SER E 62 29.55 7.17 -24.27
C SER E 62 30.52 6.00 -24.23
N LEU E 63 30.00 4.81 -23.90
CA LEU E 63 30.81 3.61 -23.81
C LEU E 63 30.65 2.82 -25.09
N VAL E 64 31.65 2.89 -25.96
CA VAL E 64 31.66 2.16 -27.21
C VAL E 64 32.53 0.93 -27.04
N LEU E 65 31.99 -0.24 -27.36
CA LEU E 65 32.62 -1.53 -27.12
C LEU E 65 32.75 -2.27 -28.44
N GLU E 66 33.80 -3.07 -28.59
CA GLU E 66 33.99 -3.89 -29.77
C GLU E 66 34.41 -5.30 -29.39
N ARG E 67 33.78 -6.29 -30.00
CA ARG E 67 34.20 -7.67 -29.84
C ARG E 67 33.83 -8.43 -31.10
N GLY E 68 34.37 -9.62 -31.25
CA GLY E 68 34.08 -10.41 -32.42
C GLY E 68 32.72 -11.06 -32.35
N VAL E 69 32.25 -11.55 -33.50
CA VAL E 69 31.03 -12.34 -33.55
C VAL E 69 31.36 -13.72 -33.01
N MET E 70 30.95 -13.99 -31.79
CA MET E 70 31.20 -15.25 -31.09
C MET E 70 29.84 -15.79 -30.67
N ASN E 71 29.83 -16.81 -29.82
CA ASN E 71 28.59 -17.40 -29.33
C ASN E 71 27.78 -16.38 -28.54
N ALA E 72 26.47 -16.62 -28.48
CA ALA E 72 25.52 -15.69 -27.90
C ALA E 72 25.72 -15.58 -26.39
N SER E 73 26.15 -14.40 -25.95
CA SER E 73 26.41 -14.11 -24.55
C SER E 73 25.14 -13.55 -23.92
N PRO E 74 25.12 -13.37 -22.58
CA PRO E 74 23.96 -12.67 -21.98
C PRO E 74 23.90 -11.18 -22.27
N LEU E 75 24.86 -10.60 -23.01
CA LEU E 75 24.82 -9.18 -23.34
C LEU E 75 24.39 -8.93 -24.77
N THR E 76 24.72 -9.80 -25.72
CA THR E 76 24.19 -9.67 -27.05
C THR E 76 22.76 -10.15 -27.16
N LEU E 77 22.33 -11.05 -26.26
CA LEU E 77 20.92 -11.37 -26.13
C LEU E 77 20.15 -10.24 -25.46
N GLN E 78 20.82 -9.40 -24.68
CA GLN E 78 20.19 -8.28 -24.01
C GLN E 78 20.10 -7.05 -24.90
N PHE E 79 21.10 -6.80 -25.77
CA PHE E 79 20.92 -5.74 -26.74
C PHE E 79 19.85 -6.08 -27.75
N ASP E 80 19.66 -7.36 -28.02
CA ASP E 80 18.63 -7.80 -28.96
C ASP E 80 17.24 -7.51 -28.39
N ARG E 81 17.07 -7.63 -27.07
CA ARG E 81 15.79 -7.31 -26.46
C ARG E 81 15.53 -5.82 -26.40
N VAL E 82 16.56 -5.02 -26.12
CA VAL E 82 16.37 -3.58 -25.99
C VAL E 82 16.17 -2.95 -27.37
N LEU E 83 16.90 -3.43 -28.38
CA LEU E 83 16.77 -2.84 -29.71
C LEU E 83 15.54 -3.39 -30.46
N ARG E 84 14.94 -4.48 -29.97
CA ARG E 84 13.60 -4.86 -30.41
C ARG E 84 12.51 -4.23 -29.58
N ARG E 85 12.88 -3.37 -28.63
CA ARG E 85 12.01 -2.68 -27.68
C ARG E 85 11.17 -3.63 -26.83
N GLU E 86 11.73 -4.78 -26.44
CA GLU E 86 11.02 -5.68 -25.53
C GLU E 86 11.36 -5.39 -24.08
N SER E 87 12.49 -4.74 -23.83
CA SER E 87 12.83 -4.27 -22.50
C SER E 87 13.58 -2.96 -22.62
N THR E 88 13.65 -2.23 -21.52
CA THR E 88 14.43 -1.01 -21.43
C THR E 88 15.27 -1.05 -20.18
N GLN E 89 15.74 -2.24 -19.86
CA GLN E 89 16.58 -2.46 -18.71
C GLN E 89 17.95 -1.94 -18.99
N TRP E 90 18.60 -1.41 -17.97
CA TRP E 90 19.94 -0.88 -18.07
C TRP E 90 20.78 -1.48 -16.97
N ALA E 91 22.09 -1.44 -17.12
CA ALA E 91 22.94 -2.09 -16.16
C ALA E 91 24.00 -1.24 -15.54
N ASN E 92 24.49 -1.70 -14.39
CA ASN E 92 25.63 -1.12 -13.71
C ASN E 92 26.87 -1.84 -14.22
N VAL E 93 27.77 -1.10 -14.86
CA VAL E 93 28.94 -1.66 -15.50
C VAL E 93 30.15 -1.33 -14.62
N VAL E 94 31.05 -2.30 -14.46
CA VAL E 94 32.32 -2.12 -13.77
C VAL E 94 33.44 -2.50 -14.73
N ILE E 95 34.30 -1.55 -15.05
CA ILE E 95 35.44 -1.76 -15.94
C ILE E 95 36.70 -1.58 -15.10
N MET E 96 37.66 -2.51 -15.23
CA MET E 96 38.87 -2.36 -14.45
C MET E 96 40.09 -2.91 -15.17
N LEU E 97 41.19 -2.16 -15.12
CA LEU E 97 42.51 -2.59 -15.56
C LEU E 97 43.15 -3.53 -14.56
N LEU E 98 44.08 -4.34 -15.06
CA LEU E 98 44.78 -5.33 -14.26
C LEU E 98 46.29 -5.12 -14.40
N ASN E 99 47.01 -5.29 -13.30
CA ASN E 99 48.47 -5.18 -13.35
C ASN E 99 49.08 -6.54 -13.67
N GLU E 100 50.38 -6.69 -13.41
CA GLU E 100 51.08 -7.93 -13.75
C GLU E 100 50.58 -9.12 -12.96
N LEU E 101 50.11 -8.93 -11.72
CA LEU E 101 49.77 -10.10 -10.93
C LEU E 101 48.34 -10.54 -11.20
N SER E 102 47.38 -9.86 -10.61
CA SER E 102 46.00 -9.87 -11.07
C SER E 102 45.27 -8.59 -10.69
N LEU E 103 45.93 -7.63 -10.07
CA LEU E 103 45.27 -6.72 -9.15
C LEU E 103 44.65 -5.54 -9.89
N PRO E 104 43.45 -5.13 -9.51
CA PRO E 104 42.81 -3.98 -10.16
C PRO E 104 43.47 -2.67 -9.74
N VAL E 105 44.08 -1.99 -10.71
CA VAL E 105 44.75 -0.74 -10.41
C VAL E 105 43.89 0.49 -10.65
N THR E 106 42.85 0.39 -11.48
CA THR E 106 41.91 1.48 -11.69
C THR E 106 40.58 0.88 -12.10
N THR E 107 39.50 1.54 -11.72
CA THR E 107 38.15 1.02 -11.88
C THR E 107 37.23 2.19 -12.25
N TRP E 108 36.30 1.97 -13.18
CA TRP E 108 35.57 3.11 -13.73
C TRP E 108 34.08 3.17 -13.41
N THR E 109 33.37 2.04 -13.29
CA THR E 109 32.14 1.93 -12.50
C THR E 109 31.00 2.83 -13.01
N LEU E 110 30.46 2.47 -14.17
CA LEU E 110 29.37 3.21 -14.79
C LEU E 110 28.02 2.82 -14.19
N SER E 111 27.04 3.72 -14.31
CA SER E 111 25.73 3.53 -13.68
C SER E 111 24.61 3.78 -14.67
N HIS E 112 23.65 2.84 -14.68
CA HIS E 112 22.45 2.86 -15.53
C HIS E 112 22.81 3.02 -17.01
N ALA E 113 23.65 2.12 -17.49
CA ALA E 113 24.03 2.12 -18.90
C ALA E 113 22.93 1.51 -19.74
N LEU E 114 22.58 2.18 -20.84
CA LEU E 114 21.47 1.76 -21.69
C LEU E 114 22.01 1.41 -23.08
N PRO E 115 21.78 0.19 -23.57
CA PRO E 115 22.17 -0.17 -24.94
C PRO E 115 21.43 0.61 -26.01
N VAL E 116 22.18 1.35 -26.83
CA VAL E 116 21.58 2.26 -27.80
C VAL E 116 21.96 1.98 -29.24
N ARG E 117 23.05 1.26 -29.52
CA ARG E 117 23.45 1.09 -30.91
C ARG E 117 24.20 -0.23 -31.12
N TRP E 118 23.81 -0.97 -32.14
CA TRP E 118 24.53 -2.13 -32.64
C TRP E 118 25.06 -1.78 -34.03
N GLN E 119 26.30 -2.17 -34.31
CA GLN E 119 26.89 -1.89 -35.62
C GLN E 119 27.71 -3.10 -36.04
N MET E 120 27.33 -3.70 -37.15
CA MET E 120 27.97 -4.90 -37.67
C MET E 120 29.12 -4.55 -38.60
N GLY E 121 30.14 -5.39 -38.62
CA GLY E 121 31.26 -5.21 -39.53
C GLY E 121 30.91 -5.58 -40.96
N ASP E 122 31.88 -5.36 -41.84
CA ASP E 122 31.66 -5.53 -43.27
C ASP E 122 31.80 -6.99 -43.66
N LEU E 123 30.98 -7.44 -44.60
CA LEU E 123 31.16 -8.74 -45.23
C LEU E 123 31.78 -8.53 -46.60
N ASP E 124 33.03 -8.97 -46.76
CA ASP E 124 33.80 -8.75 -47.97
C ASP E 124 34.42 -10.07 -48.38
N ALA E 125 34.43 -10.34 -49.69
CA ALA E 125 34.85 -11.64 -50.19
C ALA E 125 36.36 -11.84 -50.10
N GLY E 126 37.14 -10.82 -50.41
CA GLY E 126 38.53 -10.87 -50.04
C GLY E 126 38.80 -9.99 -48.84
N SER E 127 38.81 -10.55 -47.63
CA SER E 127 38.97 -9.65 -46.49
C SER E 127 40.02 -10.07 -45.49
N ASN E 128 40.10 -11.36 -45.14
CA ASN E 128 40.96 -11.93 -44.10
C ASN E 128 40.83 -11.18 -42.76
N GLN E 129 39.63 -11.23 -42.18
CA GLN E 129 39.42 -10.56 -40.91
C GLN E 129 38.24 -11.18 -40.16
N VAL E 130 38.27 -11.01 -38.84
CA VAL E 130 37.20 -11.43 -37.95
C VAL E 130 36.06 -10.44 -38.04
N LEU E 131 34.83 -10.93 -38.09
CA LEU E 131 33.65 -10.07 -38.10
C LEU E 131 33.47 -9.44 -36.73
N ILE E 132 33.73 -8.13 -36.63
CA ILE E 132 33.68 -7.38 -35.39
C ILE E 132 32.36 -6.62 -35.35
N ASN E 133 31.63 -6.73 -34.23
CA ASN E 133 30.45 -5.91 -34.06
C ASN E 133 30.64 -4.89 -32.95
N THR E 134 30.07 -3.70 -33.16
CA THR E 134 30.31 -2.53 -32.32
C THR E 134 29.08 -2.24 -31.48
N LEU E 135 29.27 -2.16 -30.17
CA LEU E 135 28.20 -1.96 -29.21
C LEU E 135 28.40 -0.62 -28.53
N GLU E 136 27.31 0.01 -28.14
CA GLU E 136 27.40 1.38 -27.64
C GLU E 136 26.31 1.62 -26.60
N LEU E 137 26.68 2.25 -25.49
CA LEU E 137 25.83 2.42 -24.31
C LEU E 137 25.84 3.88 -23.90
N ARG E 138 24.71 4.38 -23.40
CA ARG E 138 24.64 5.69 -22.77
C ARG E 138 24.31 5.51 -21.31
N TYR E 139 25.17 6.01 -20.43
CA TYR E 139 25.02 5.89 -18.99
C TYR E 139 24.68 7.24 -18.38
N GLN E 140 24.26 7.21 -17.12
CA GLN E 140 23.83 8.42 -16.42
C GLN E 140 24.93 9.06 -15.59
N ASP E 141 25.67 8.27 -14.83
CA ASP E 141 26.71 8.81 -13.98
C ASP E 141 27.94 7.93 -14.15
N MET E 142 29.06 8.42 -13.65
CA MET E 142 30.33 7.75 -13.78
C MET E 142 31.16 8.08 -12.56
N ARG E 143 31.85 7.08 -12.01
CA ARG E 143 32.56 7.22 -10.76
C ARG E 143 33.82 6.37 -10.78
N MET E 144 34.97 7.01 -10.98
CA MET E 144 36.23 6.31 -11.11
C MET E 144 36.84 6.05 -9.74
N LEU E 145 37.40 4.86 -9.57
CA LEU E 145 37.94 4.40 -8.30
C LEU E 145 39.38 3.96 -8.51
N GLY E 146 39.93 3.27 -7.52
CA GLY E 146 41.21 2.62 -7.67
C GLY E 146 42.32 3.41 -7.04
N VAL E 147 43.53 2.85 -7.14
CA VAL E 147 44.70 3.53 -6.62
C VAL E 147 45.39 4.37 -7.70
N LYS E 148 45.29 3.99 -8.96
CA LYS E 148 45.83 4.78 -10.06
C LYS E 148 44.67 5.56 -10.66
N LEU E 149 44.41 6.72 -10.10
CA LEU E 149 43.27 7.51 -10.52
C LEU E 149 43.61 8.28 -11.80
N ASP F 4 9.19 55.51 26.90
CA ASP F 4 7.85 55.94 27.30
C ASP F 4 6.93 56.05 26.10
N ILE F 5 7.49 56.50 24.97
CA ILE F 5 6.67 56.66 23.77
C ILE F 5 6.51 55.32 23.07
N LEU F 6 7.46 54.41 23.26
CA LEU F 6 7.32 53.05 22.76
C LEU F 6 6.20 52.30 23.48
N LYS F 7 5.99 52.63 24.76
CA LYS F 7 4.84 52.10 25.49
C LYS F 7 3.54 52.73 24.99
N ALA F 8 3.62 53.93 24.41
CA ALA F 8 2.42 54.57 23.90
C ALA F 8 2.08 54.07 22.50
N THR F 9 3.06 53.98 21.62
CA THR F 9 2.79 53.63 20.23
C THR F 9 2.49 52.14 20.08
N LEU F 10 3.29 51.29 20.73
CA LEU F 10 3.00 49.86 20.79
C LEU F 10 2.06 49.63 21.96
N GLY F 11 0.98 48.88 21.73
CA GLY F 11 -0.10 48.84 22.70
C GLY F 11 0.25 48.08 23.97
N GLN F 12 -0.64 48.20 24.95
CA GLN F 12 -0.49 47.47 26.20
C GLN F 12 -1.51 46.33 26.26
N CYS F 13 -1.08 45.19 26.78
CA CYS F 13 -1.94 44.02 26.88
C CYS F 13 -1.46 43.16 28.03
N TRP F 14 -2.12 42.01 28.21
CA TRP F 14 -1.82 41.18 29.36
C TRP F 14 -0.58 40.33 29.08
N ALA F 15 -0.02 39.77 30.14
CA ALA F 15 1.11 38.85 29.97
C ALA F 15 0.62 37.50 29.49
N PHE F 16 1.49 36.76 28.78
CA PHE F 16 1.04 35.50 28.18
C PHE F 16 0.79 34.40 29.20
N PRO F 17 1.62 34.15 30.21
CA PRO F 17 1.12 33.38 31.33
C PRO F 17 0.35 34.30 32.25
N PRO F 18 -0.97 34.12 32.37
CA PRO F 18 -1.76 35.08 33.15
C PRO F 18 -1.44 34.97 34.63
N ARG F 19 -0.79 36.01 35.14
CA ARG F 19 -0.40 36.09 36.54
C ARG F 19 -1.36 37.03 37.25
N PHE F 20 -2.04 36.53 38.27
CA PHE F 20 -3.03 37.30 39.00
C PHE F 20 -2.61 37.38 40.46
N SER F 21 -2.79 38.56 41.05
CA SER F 21 -2.45 38.82 42.45
C SER F 21 -3.57 39.65 43.06
N PRO F 22 -3.78 39.54 44.37
CA PRO F 22 -4.72 40.46 45.01
C PRO F 22 -4.17 41.87 45.16
N ASP F 23 -2.84 42.00 45.21
CA ASP F 23 -2.23 43.32 45.38
C ASP F 23 -2.25 44.10 44.07
N THR F 24 -1.70 43.52 43.01
CA THR F 24 -1.75 44.10 41.67
C THR F 24 -2.64 43.21 40.83
N GLY F 25 -3.60 43.82 40.13
CA GLY F 25 -4.71 43.05 39.56
C GLY F 25 -4.27 42.11 38.45
N VAL F 26 -3.85 42.66 37.32
CA VAL F 26 -3.35 41.87 36.20
C VAL F 26 -1.96 42.41 35.85
N SER F 27 -1.01 41.49 35.68
CA SER F 27 0.31 41.85 35.19
C SER F 27 0.21 42.13 33.70
N LEU F 28 0.78 43.25 33.26
CA LEU F 28 0.60 43.77 31.92
C LEU F 28 1.95 43.96 31.24
N THR F 29 2.09 43.44 30.02
CA THR F 29 3.28 43.66 29.20
C THR F 29 2.98 44.77 28.20
N ALA F 30 3.91 45.71 28.08
CA ALA F 30 3.65 46.91 27.30
C ALA F 30 4.84 47.23 26.40
N GLY F 31 4.52 47.84 25.27
CA GLY F 31 5.56 48.41 24.42
C GLY F 31 6.27 47.34 23.60
N VAL F 32 7.60 47.38 23.64
CA VAL F 32 8.43 46.47 22.87
C VAL F 32 8.31 45.05 23.42
N GLU F 33 8.10 44.92 24.73
CA GLU F 33 7.89 43.61 25.34
C GLU F 33 6.54 43.01 24.94
N ALA F 34 5.60 43.85 24.50
CA ALA F 34 4.30 43.34 24.08
C ALA F 34 4.38 42.72 22.70
N VAL F 35 5.29 43.20 21.86
CA VAL F 35 5.46 42.61 20.53
C VAL F 35 6.13 41.25 20.65
N MET F 36 7.11 41.13 21.54
CA MET F 36 7.76 39.84 21.77
C MET F 36 6.84 38.86 22.49
N GLN F 37 5.91 39.38 23.29
CA GLN F 37 4.95 38.51 23.93
C GLN F 37 3.97 37.94 22.92
N SER F 38 3.62 38.72 21.89
CA SER F 38 2.68 38.24 20.89
C SER F 38 3.32 37.23 19.96
N LEU F 39 4.64 37.31 19.78
CA LEU F 39 5.33 36.37 18.90
C LEU F 39 5.49 35.01 19.56
N ARG F 40 5.58 34.96 20.89
CA ARG F 40 5.54 33.67 21.57
C ARG F 40 4.14 33.07 21.52
N VAL F 41 3.10 33.92 21.50
CA VAL F 41 1.73 33.42 21.41
C VAL F 41 1.49 32.77 20.06
N LEU F 42 2.02 33.37 19.00
CA LEU F 42 1.72 32.93 17.63
C LEU F 42 2.30 31.55 17.36
N PHE F 43 3.55 31.32 17.79
CA PHE F 43 4.22 30.08 17.44
C PHE F 43 3.94 28.99 18.47
N MET F 44 3.33 29.34 19.60
CA MET F 44 2.88 28.31 20.53
C MET F 44 1.41 27.98 20.31
N THR F 45 0.69 28.81 19.56
CA THR F 45 -0.66 28.43 19.16
C THR F 45 -0.59 27.56 17.92
N GLU F 46 -1.69 26.93 17.54
CA GLU F 46 -1.75 25.98 16.46
C GLU F 46 -3.12 26.17 15.84
N PRO F 47 -3.26 26.16 14.52
CA PRO F 47 -4.54 26.55 13.92
C PRO F 47 -5.68 25.56 14.18
N GLY F 48 -6.79 26.08 14.66
CA GLY F 48 -7.87 25.28 15.18
C GLY F 48 -8.02 25.30 16.69
N GLU F 49 -7.01 25.75 17.43
CA GLU F 49 -7.07 25.72 18.88
C GLU F 49 -7.78 26.91 19.49
N ARG F 50 -8.07 27.94 18.71
CA ARG F 50 -8.84 29.09 19.18
C ARG F 50 -10.18 29.09 18.48
N ILE F 51 -11.26 29.10 19.27
CA ILE F 51 -12.59 28.95 18.69
C ILE F 51 -12.99 30.28 18.06
N MET F 52 -13.57 30.19 16.86
CA MET F 52 -13.94 31.27 15.93
C MET F 52 -12.73 32.05 15.42
N ARG F 53 -11.50 31.62 15.73
CA ARG F 53 -10.28 32.15 15.12
C ARG F 53 -9.42 30.96 14.68
N GLU F 54 -9.71 30.42 13.50
CA GLU F 54 -9.03 29.20 13.08
C GLU F 54 -7.86 29.50 12.17
N SER F 55 -7.75 30.74 11.69
CA SER F 55 -6.61 31.13 10.90
C SER F 55 -5.39 31.36 11.79
N TYR F 56 -5.61 31.67 13.07
CA TYR F 56 -4.55 32.13 13.96
C TYR F 56 -3.76 30.92 14.44
N GLY F 57 -2.47 30.88 14.13
CA GLY F 57 -1.60 29.84 14.63
C GLY F 57 -0.29 29.84 13.88
N GLY F 58 0.76 29.34 14.55
CA GLY F 58 2.04 29.22 13.88
C GLY F 58 2.11 28.03 12.96
N GLY F 59 1.61 26.88 13.42
CA GLY F 59 1.60 25.68 12.60
C GLY F 59 2.86 24.87 12.60
N MET F 60 3.65 24.92 13.68
CA MET F 60 4.95 24.27 13.68
C MET F 60 4.85 22.79 14.02
N HIS F 61 3.65 22.29 14.33
CA HIS F 61 3.46 20.85 14.52
C HIS F 61 3.43 20.07 13.21
N ASP F 62 3.49 20.76 12.07
CA ASP F 62 3.58 20.07 10.79
C ASP F 62 4.95 19.45 10.56
N PHE F 63 5.96 19.89 11.31
CA PHE F 63 7.35 19.60 10.98
C PHE F 63 8.05 18.70 11.99
N ILE F 64 7.32 17.85 12.72
CA ILE F 64 7.90 17.26 13.92
C ILE F 64 8.52 15.89 13.66
N PHE F 65 8.13 15.22 12.60
CA PHE F 65 8.87 14.03 12.21
C PHE F 65 9.17 14.13 10.72
N GLU F 66 10.20 14.90 10.38
CA GLU F 66 10.34 15.37 9.02
C GLU F 66 11.75 15.38 8.45
N ASN F 67 12.77 14.90 9.19
CA ASN F 67 14.11 14.68 8.66
C ASN F 67 14.82 15.93 8.13
N ILE F 68 15.64 16.60 8.92
CA ILE F 68 16.31 17.91 8.72
C ILE F 68 16.91 18.21 7.33
N THR F 69 16.70 17.33 6.36
CA THR F 69 17.26 17.18 5.01
C THR F 69 17.33 18.43 4.12
N ASP F 70 16.93 19.61 4.61
CA ASP F 70 17.08 20.95 4.02
C ASP F 70 15.99 21.23 2.99
N GLU F 71 15.11 20.25 2.78
CA GLU F 71 13.76 20.58 2.33
C GLU F 71 12.92 21.03 3.51
N LEU F 72 13.26 20.54 4.69
CA LEU F 72 12.55 20.93 5.90
C LEU F 72 12.89 22.35 6.32
N LEU F 73 14.17 22.74 6.23
CA LEU F 73 14.58 24.02 6.78
C LEU F 73 14.11 25.18 5.91
N ALA F 74 13.77 24.90 4.66
CA ALA F 74 13.14 25.91 3.81
C ALA F 74 11.65 26.03 4.12
N ASN F 75 11.02 24.91 4.48
CA ASN F 75 9.60 24.95 4.85
C ASN F 75 9.38 25.67 6.17
N ILE F 76 10.33 25.55 7.09
CA ILE F 76 10.24 26.26 8.37
C ILE F 76 10.46 27.75 8.14
N HIS F 77 11.37 28.11 7.23
CA HIS F 77 11.63 29.51 6.93
C HIS F 77 10.42 30.19 6.31
N ASN F 78 9.65 29.45 5.50
CA ASN F 78 8.52 30.06 4.82
C ASN F 78 7.29 30.11 5.70
N ARG F 79 7.13 29.12 6.60
CA ARG F 79 6.00 29.14 7.53
C ARG F 79 6.15 30.24 8.56
N ILE F 80 7.39 30.52 8.98
CA ILE F 80 7.64 31.61 9.91
C ILE F 80 7.42 32.95 9.23
N GLU F 81 7.92 33.10 8.00
CA GLU F 81 7.83 34.37 7.29
C GLU F 81 6.39 34.71 6.92
N GLU F 82 5.60 33.70 6.57
CA GLU F 82 4.21 33.94 6.20
C GLU F 82 3.37 34.29 7.41
N SER F 83 3.58 33.61 8.53
CA SER F 83 2.72 33.81 9.68
C SER F 83 3.02 35.11 10.40
N ILE F 84 4.21 35.68 10.19
CA ILE F 84 4.47 37.03 10.69
C ILE F 84 3.80 38.06 9.78
N LEU F 85 3.64 37.75 8.51
CA LEU F 85 2.89 38.63 7.62
C LEU F 85 1.40 38.64 7.98
N ARG F 86 0.82 37.48 8.24
CA ARG F 86 -0.63 37.41 8.30
C ARG F 86 -1.14 37.91 9.65
N HIS F 87 -0.48 37.43 10.71
CA HIS F 87 -0.88 37.67 12.10
C HIS F 87 -0.07 38.59 12.97
N GLU F 88 0.99 39.17 12.45
CA GLU F 88 1.79 40.07 13.25
C GLU F 88 2.55 41.00 12.35
N PRO F 89 1.88 42.05 11.85
CA PRO F 89 2.50 43.03 10.97
C PRO F 89 3.05 44.25 11.75
N ARG F 90 3.16 44.10 13.05
CA ARG F 90 3.73 45.12 13.92
C ARG F 90 5.24 44.88 14.03
N ALA F 91 5.71 43.74 13.54
CA ALA F 91 7.11 43.37 13.57
C ALA F 91 7.55 42.73 12.29
N LEU F 92 8.48 43.37 11.61
CA LEU F 92 9.09 42.84 10.39
C LEU F 92 9.80 41.51 10.66
N LEU F 93 10.66 41.13 9.72
CA LEU F 93 11.49 39.94 9.85
C LEU F 93 12.88 40.26 9.32
N LYS F 94 13.91 39.98 10.11
CA LYS F 94 15.26 40.23 9.66
C LYS F 94 15.83 38.99 9.01
N ASP F 95 15.97 37.93 9.80
CA ASP F 95 16.37 36.62 9.32
C ASP F 95 16.01 35.57 10.35
N VAL F 96 15.79 34.35 9.90
CA VAL F 96 15.50 33.24 10.79
C VAL F 96 16.55 32.18 10.51
N ILE F 97 17.41 31.89 11.48
CA ILE F 97 18.45 30.89 11.30
C ILE F 97 18.18 29.59 12.04
N ILE F 98 18.07 28.50 11.29
CA ILE F 98 17.77 27.18 11.83
C ILE F 98 18.95 26.21 11.79
N GLN F 99 19.34 25.70 12.94
CA GLN F 99 20.43 24.76 13.08
C GLN F 99 19.97 23.56 13.88
N PRO F 100 20.42 22.36 13.52
CA PRO F 100 20.25 21.22 14.42
C PRO F 100 21.17 21.37 15.61
N ASP F 101 20.73 20.85 16.75
CA ASP F 101 21.56 20.91 17.95
C ASP F 101 22.69 19.90 17.82
N LYS F 102 23.92 20.37 18.05
CA LYS F 102 25.08 19.51 17.82
C LYS F 102 25.24 18.47 18.93
N GLN F 103 25.10 18.87 20.18
CA GLN F 103 25.01 17.94 21.31
C GLN F 103 23.55 17.59 21.50
N GLU F 104 23.25 16.29 21.56
CA GLU F 104 21.89 15.76 21.68
C GLU F 104 21.04 16.23 20.50
N ALA F 105 21.31 15.69 19.32
CA ALA F 105 20.65 16.03 18.07
C ALA F 105 19.18 15.61 18.08
N SER F 106 18.53 15.85 16.94
CA SER F 106 17.09 15.85 16.71
C SER F 106 16.37 16.94 17.47
N ARG F 107 17.05 18.06 17.73
CA ARG F 107 16.41 19.30 18.13
C ARG F 107 16.77 20.36 17.10
N LEU F 108 15.77 20.91 16.43
CA LEU F 108 15.95 22.06 15.57
C LEU F 108 15.85 23.34 16.37
N ARG F 109 16.87 24.17 16.29
CA ARG F 109 16.90 25.45 16.97
C ARG F 109 16.75 26.55 15.93
N ALA F 110 15.70 27.35 16.06
CA ALA F 110 15.44 28.47 15.18
C ALA F 110 15.57 29.77 15.96
N GLN F 111 16.47 30.65 15.53
CA GLN F 111 16.52 32.01 16.02
C GLN F 111 15.82 32.93 15.04
N ILE F 112 14.70 33.50 15.47
CA ILE F 112 13.91 34.39 14.65
C ILE F 112 14.26 35.82 15.06
N THR F 113 14.79 36.59 14.13
CA THR F 113 15.17 37.98 14.37
C THR F 113 14.25 38.87 13.56
N VAL F 114 13.71 39.91 14.20
CA VAL F 114 12.70 40.76 13.60
C VAL F 114 13.22 42.19 13.60
N TYR F 115 12.44 43.10 13.03
CA TYR F 115 12.63 44.52 13.26
C TYR F 115 11.42 45.10 13.98
N LEU F 116 11.56 46.34 14.42
CA LEU F 116 10.51 46.95 15.24
C LEU F 116 9.36 47.44 14.38
N ALA F 117 9.65 47.86 13.15
CA ALA F 117 8.73 48.26 12.07
C ALA F 117 7.98 49.57 12.32
N ASN F 130 25.29 45.57 -1.01
CA ASN F 130 26.71 45.82 -1.22
C ASN F 130 27.45 44.50 -1.28
N ILE F 131 28.22 44.31 -2.34
CA ILE F 131 29.07 43.15 -2.49
C ILE F 131 30.34 43.43 -1.70
N HIS F 132 30.69 42.51 -0.81
CA HIS F 132 31.82 42.72 0.08
C HIS F 132 33.12 42.67 -0.70
N ASP F 133 33.70 43.85 -0.94
CA ASP F 133 34.89 43.99 -1.76
C ASP F 133 36.17 43.65 -1.03
N GLY F 134 36.11 43.48 0.29
CA GLY F 134 37.30 43.19 1.06
C GLY F 134 37.80 41.76 0.97
N GLN F 135 36.97 40.86 0.43
CA GLN F 135 37.36 39.45 0.43
C GLN F 135 38.32 39.12 -0.69
N THR F 136 38.54 40.04 -1.63
CA THR F 136 39.46 39.78 -2.72
C THR F 136 40.91 39.78 -2.26
N LEU F 137 41.17 40.34 -1.08
CA LEU F 137 42.53 40.50 -0.60
C LEU F 137 42.92 39.29 0.25
N ARG F 138 42.01 38.33 0.38
CA ARG F 138 42.20 37.13 1.18
C ARG F 138 41.90 35.85 0.40
N LEU F 139 41.74 35.96 -0.91
CA LEU F 139 41.55 34.81 -1.81
C LEU F 139 42.77 34.69 -2.70
N LEU F 140 42.74 33.70 -3.59
CA LEU F 140 43.80 33.51 -4.57
C LEU F 140 43.87 34.68 -5.56
N THR G 2 -27.48 -22.27 -28.26
CA THR G 2 -28.35 -23.34 -27.89
C THR G 2 -27.72 -24.06 -26.72
N MET G 3 -26.59 -24.69 -27.01
CA MET G 3 -25.73 -25.33 -26.01
C MET G 3 -25.25 -24.23 -25.06
N VAL G 4 -24.62 -23.17 -25.55
CA VAL G 4 -24.12 -22.14 -24.65
C VAL G 4 -24.83 -20.83 -24.96
N LEU G 5 -24.95 -19.98 -23.94
CA LEU G 5 -25.57 -18.66 -24.07
C LEU G 5 -24.55 -17.62 -23.62
N PRO G 6 -23.71 -17.14 -24.52
CA PRO G 6 -22.74 -16.10 -24.15
C PRO G 6 -23.43 -14.77 -23.88
N GLY G 7 -23.12 -14.19 -22.73
CA GLY G 7 -23.74 -12.94 -22.33
C GLY G 7 -23.02 -12.25 -21.19
N VAL G 8 -23.76 -11.45 -20.43
CA VAL G 8 -23.21 -10.68 -19.32
C VAL G 8 -23.73 -11.29 -18.02
N SER G 9 -22.82 -11.74 -17.18
CA SER G 9 -23.17 -12.36 -15.91
C SER G 9 -22.90 -11.38 -14.77
N TYR G 10 -23.02 -11.84 -13.54
CA TYR G 10 -22.68 -11.06 -12.36
C TYR G 10 -22.21 -12.02 -11.28
N ASN G 11 -21.02 -11.78 -10.73
CA ASN G 11 -20.53 -12.58 -9.61
C ASN G 11 -19.52 -11.77 -8.81
N GLU G 12 -19.30 -12.22 -7.58
CA GLU G 12 -18.48 -11.49 -6.61
C GLU G 12 -17.22 -12.25 -6.26
N THR G 13 -16.57 -12.82 -7.28
CA THR G 13 -15.30 -13.49 -7.07
C THR G 13 -14.22 -12.40 -7.05
N LEU G 14 -13.05 -12.68 -6.48
CA LEU G 14 -12.00 -11.67 -6.41
C LEU G 14 -10.86 -11.98 -7.38
N LEU G 15 -10.57 -11.05 -8.28
CA LEU G 15 -9.50 -11.23 -9.26
C LEU G 15 -8.11 -11.33 -8.64
N THR G 16 -7.84 -10.45 -7.69
CA THR G 16 -6.59 -10.33 -6.91
C THR G 16 -5.41 -9.66 -7.66
N GLN G 17 -4.31 -9.42 -6.94
CA GLN G 17 -3.11 -8.80 -7.50
C GLN G 17 -1.92 -9.61 -7.05
N ALA G 18 -0.82 -9.56 -7.80
CA ALA G 18 0.36 -10.36 -7.43
C ALA G 18 1.66 -9.61 -7.13
N SER G 19 2.24 -9.92 -5.97
CA SER G 19 3.51 -9.39 -5.46
C SER G 19 3.72 -7.88 -5.24
N ASN G 20 3.70 -7.48 -3.97
CA ASN G 20 3.92 -6.09 -3.61
C ASN G 20 5.35 -5.88 -3.10
N ASP G 21 6.12 -6.96 -3.08
CA ASP G 21 7.52 -6.95 -2.62
C ASP G 21 7.62 -6.36 -1.21
N ASP G 22 8.56 -5.45 -0.98
CA ASP G 22 8.71 -4.79 0.31
C ASP G 22 8.75 -5.75 1.50
N PRO G 23 9.63 -6.75 1.46
CA PRO G 23 9.69 -7.73 2.55
C PRO G 23 9.98 -7.11 3.91
N VAL G 24 10.81 -6.10 3.98
CA VAL G 24 11.14 -5.47 5.26
C VAL G 24 9.95 -4.85 6.01
N THR G 25 9.02 -4.23 5.29
CA THR G 25 7.86 -3.63 5.94
C THR G 25 6.60 -4.47 5.75
N MET G 26 6.73 -5.77 5.57
CA MET G 26 5.57 -6.65 5.46
C MET G 26 5.15 -7.11 6.84
N PRO G 27 3.92 -6.84 7.27
CA PRO G 27 3.45 -7.38 8.55
C PRO G 27 3.11 -8.85 8.45
N LEU G 28 3.10 -9.49 9.63
CA LEU G 28 2.75 -10.90 9.75
C LEU G 28 1.84 -11.04 10.97
N PHE G 29 0.58 -11.37 10.75
CA PHE G 29 -0.39 -11.46 11.85
C PHE G 29 -0.43 -12.90 12.34
N ILE G 30 -0.25 -13.10 13.65
CA ILE G 30 -0.06 -14.45 14.20
C ILE G 30 -1.17 -14.75 15.20
N GLY G 31 -2.40 -14.33 14.91
CA GLY G 31 -3.51 -14.70 15.74
C GLY G 31 -4.05 -16.09 15.42
N TYR G 32 -5.02 -16.52 16.21
CA TYR G 32 -5.66 -17.82 16.02
C TYR G 32 -6.59 -17.74 14.82
N THR G 33 -6.80 -18.87 14.15
CA THR G 33 -7.68 -18.89 12.99
C THR G 33 -9.09 -18.52 13.42
N PRO G 34 -9.79 -17.72 12.61
CA PRO G 34 -11.16 -17.30 12.95
C PRO G 34 -12.09 -18.50 13.00
N PRO G 35 -13.03 -18.48 13.96
CA PRO G 35 -14.00 -19.56 14.14
C PRO G 35 -15.23 -19.36 13.25
N PRO G 40 -10.04 -22.88 4.48
CA PRO G 40 -9.34 -24.16 4.63
C PRO G 40 -7.83 -23.99 4.62
N VAL G 41 -7.36 -22.91 5.24
CA VAL G 41 -5.93 -22.61 5.32
C VAL G 41 -5.19 -23.63 6.16
N THR G 42 -3.95 -23.94 5.77
CA THR G 42 -3.15 -24.91 6.51
C THR G 42 -2.86 -24.38 7.90
N VAL G 43 -2.86 -25.28 8.88
CA VAL G 43 -2.66 -24.90 10.27
C VAL G 43 -1.33 -24.21 10.62
N MET G 44 -0.44 -23.97 9.67
CA MET G 44 0.79 -23.31 10.07
C MET G 44 1.39 -22.40 9.01
N GLN G 45 1.16 -22.68 7.73
CA GLN G 45 1.83 -21.95 6.66
C GLN G 45 1.27 -20.54 6.53
N PRO G 46 2.11 -19.52 6.32
CA PRO G 46 1.62 -18.15 6.17
C PRO G 46 0.85 -17.95 4.88
N VAL G 47 -0.24 -17.19 4.97
CA VAL G 47 -1.21 -17.03 3.89
C VAL G 47 -1.15 -15.58 3.41
N SER G 48 -1.00 -15.41 2.10
CA SER G 48 -0.93 -14.07 1.50
C SER G 48 -2.32 -13.48 1.39
N VAL G 49 -2.58 -12.41 2.15
CA VAL G 49 -3.84 -11.68 2.08
C VAL G 49 -3.62 -10.43 1.23
N GLY G 50 -4.47 -10.24 0.23
CA GLY G 50 -4.30 -9.23 -0.78
C GLY G 50 -5.11 -7.99 -0.48
N SER G 51 -6.30 -7.89 -1.04
CA SER G 51 -7.19 -6.78 -0.72
C SER G 51 -7.99 -7.10 0.55
N LEU G 52 -8.95 -6.26 0.89
CA LEU G 52 -9.82 -6.52 2.03
C LEU G 52 -10.89 -7.55 1.68
N THR G 53 -11.17 -7.73 0.39
CA THR G 53 -12.13 -8.74 -0.03
C THR G 53 -11.59 -10.15 0.23
N GLN G 54 -10.29 -10.35 0.02
CA GLN G 54 -9.67 -11.63 0.31
C GLN G 54 -9.61 -11.91 1.81
N ALA G 55 -9.52 -10.85 2.63
CA ALA G 55 -9.49 -11.04 4.07
C ALA G 55 -10.84 -11.49 4.61
N ASN G 56 -11.92 -11.12 3.95
CA ASN G 56 -13.25 -11.57 4.34
C ASN G 56 -13.59 -12.93 3.75
N SER G 57 -13.09 -13.23 2.55
CA SER G 57 -13.35 -14.52 1.93
C SER G 57 -12.54 -15.64 2.57
N LEU G 58 -11.48 -15.31 3.30
CA LEU G 58 -10.71 -16.31 4.03
C LEU G 58 -11.13 -16.40 5.50
N PHE G 59 -11.33 -15.25 6.14
CA PHE G 59 -11.37 -15.17 7.59
C PHE G 59 -12.66 -14.57 8.14
N GLY G 60 -13.69 -14.42 7.32
CA GLY G 60 -14.92 -13.85 7.81
C GLY G 60 -14.83 -12.34 8.05
N GLN G 61 -15.83 -11.82 8.72
CA GLN G 61 -15.91 -10.40 9.03
C GLN G 61 -15.88 -10.09 10.52
N ARG G 62 -16.17 -11.07 11.38
CA ARG G 62 -16.28 -10.84 12.81
C ARG G 62 -15.36 -11.79 13.56
N GLY G 63 -14.58 -11.25 14.49
CA GLY G 63 -13.63 -12.03 15.26
C GLY G 63 -12.72 -11.13 16.08
N THR G 64 -11.44 -11.42 16.11
CA THR G 64 -10.42 -10.49 16.59
C THR G 64 -9.35 -10.25 15.53
N LEU G 65 -8.93 -11.31 14.84
CA LEU G 65 -8.04 -11.15 13.70
C LEU G 65 -8.78 -10.56 12.50
N ALA G 66 -10.10 -10.75 12.45
CA ALA G 66 -10.87 -10.25 11.31
C ALA G 66 -11.06 -8.74 11.38
N TYR G 67 -11.26 -8.19 12.58
CA TYR G 67 -11.35 -6.74 12.69
C TYR G 67 -10.00 -6.07 12.53
N SER G 68 -8.91 -6.78 12.87
CA SER G 68 -7.59 -6.18 12.73
C SER G 68 -7.15 -6.14 11.27
N LEU G 69 -7.59 -7.10 10.46
CA LEU G 69 -7.35 -7.02 9.02
C LEU G 69 -8.20 -5.94 8.36
N ARG G 70 -9.44 -5.76 8.80
CA ARG G 70 -10.27 -4.69 8.26
C ARG G 70 -9.74 -3.32 8.65
N HIS G 71 -9.12 -3.21 9.82
CA HIS G 71 -8.53 -1.97 10.25
C HIS G 71 -7.12 -1.79 9.69
N PHE G 72 -6.56 -2.84 9.09
CA PHE G 72 -5.28 -2.73 8.40
C PHE G 72 -5.47 -2.14 7.01
N PHE G 73 -6.39 -2.68 6.22
CA PHE G 73 -6.55 -2.23 4.84
C PHE G 73 -7.34 -0.94 4.73
N GLU G 74 -8.13 -0.60 5.73
CA GLU G 74 -8.81 0.69 5.72
C GLU G 74 -7.96 1.80 6.32
N ASN G 75 -6.74 1.48 6.77
CA ASN G 75 -5.73 2.47 7.12
C ASN G 75 -4.65 2.59 6.05
N GLY G 76 -4.86 2.00 4.89
CA GLY G 76 -3.92 2.14 3.81
C GLY G 76 -2.89 1.04 3.71
N GLY G 77 -3.22 -0.17 4.16
CA GLY G 77 -2.30 -1.27 4.01
C GLY G 77 -2.32 -1.82 2.58
N LEU G 78 -1.14 -2.23 2.12
CA LEU G 78 -0.97 -2.76 0.77
C LEU G 78 -1.17 -4.27 0.75
N GLN G 79 -0.35 -5.00 1.52
CA GLN G 79 -0.46 -6.44 1.58
C GLN G 79 0.01 -6.91 2.96
N CYS G 80 -0.61 -7.98 3.45
CA CYS G 80 -0.34 -8.54 4.75
C CYS G 80 -0.25 -10.05 4.61
N TYR G 81 0.54 -10.70 5.46
CA TYR G 81 0.48 -12.15 5.58
C TYR G 81 -0.11 -12.52 6.94
N VAL G 82 -0.83 -13.64 6.97
CA VAL G 82 -1.43 -14.15 8.19
C VAL G 82 -0.86 -15.54 8.45
N LEU G 83 -0.30 -15.73 9.64
CA LEU G 83 0.13 -17.06 10.05
C LEU G 83 -0.93 -17.62 10.99
N PRO G 84 -1.75 -18.56 10.55
CA PRO G 84 -2.74 -19.15 11.46
C PRO G 84 -2.08 -20.05 12.49
N LEU G 85 -2.84 -20.37 13.54
CA LEU G 85 -2.35 -21.25 14.59
C LEU G 85 -3.32 -22.35 14.99
N GLY G 86 -4.59 -22.26 14.64
CA GLY G 86 -5.54 -23.29 14.97
C GLY G 86 -6.86 -22.73 15.47
N PRO G 87 -7.91 -23.54 15.42
CA PRO G 87 -9.20 -23.13 15.97
C PRO G 87 -9.20 -23.18 17.48
N GLY G 88 -8.84 -22.05 18.12
CA GLY G 88 -8.59 -21.99 19.55
C GLY G 88 -9.78 -22.39 20.41
N LYS G 89 -9.49 -22.50 21.71
CA LYS G 89 -10.38 -23.15 22.67
C LYS G 89 -11.65 -22.35 22.90
N GLY G 90 -11.52 -21.14 23.41
CA GLY G 90 -12.55 -20.47 24.18
C GLY G 90 -12.11 -20.35 25.62
N GLU G 91 -12.98 -19.69 26.42
CA GLU G 91 -12.70 -19.26 27.78
C GLU G 91 -11.42 -18.44 27.78
N PRO G 92 -11.50 -17.17 27.36
CA PRO G 92 -10.32 -16.47 26.81
C PRO G 92 -9.15 -16.21 27.78
N ALA G 93 -9.23 -16.66 29.03
CA ALA G 93 -8.03 -16.71 29.85
C ALA G 93 -7.18 -17.94 29.55
N ALA G 94 -7.69 -18.88 28.77
CA ALA G 94 -6.97 -20.09 28.39
C ALA G 94 -6.46 -20.07 26.96
N ARG G 95 -7.13 -19.33 26.06
CA ARG G 95 -6.59 -19.10 24.73
C ARG G 95 -5.32 -18.29 24.77
N LEU G 96 -5.18 -17.46 25.81
CA LEU G 96 -4.17 -16.43 25.87
C LEU G 96 -3.00 -16.82 26.76
N GLN G 97 -2.96 -18.08 27.20
CA GLN G 97 -1.74 -18.69 27.69
C GLN G 97 -1.36 -19.92 26.89
N GLU G 98 -2.25 -20.40 26.01
CA GLU G 98 -1.85 -21.32 24.96
C GLU G 98 -1.34 -20.59 23.73
N LEU G 99 -1.63 -19.29 23.61
CA LEU G 99 -1.07 -18.50 22.52
C LEU G 99 0.42 -18.29 22.73
N ILE G 100 0.80 -17.88 23.95
CA ILE G 100 2.21 -17.68 24.28
C ILE G 100 2.95 -19.02 24.28
N ALA G 101 2.29 -20.08 24.75
CA ALA G 101 2.92 -21.41 24.75
C ALA G 101 3.09 -21.95 23.34
N ALA G 102 2.24 -21.55 22.40
CA ALA G 102 2.44 -21.94 21.01
C ALA G 102 3.57 -21.16 20.35
N LEU G 103 3.80 -19.92 20.79
CA LEU G 103 4.86 -19.10 20.21
C LEU G 103 6.23 -19.44 20.77
N GLN G 104 6.32 -20.25 21.81
CA GLN G 104 7.59 -20.70 22.36
C GLN G 104 8.05 -22.02 21.78
N THR G 105 7.28 -22.61 20.87
CA THR G 105 7.65 -23.87 20.27
C THR G 105 8.83 -23.67 19.33
N PRO G 106 9.67 -24.69 19.16
CA PRO G 106 10.71 -24.64 18.13
C PRO G 106 10.16 -24.71 16.71
N GLN G 107 8.88 -25.05 16.53
CA GLN G 107 8.25 -25.01 15.21
C GLN G 107 7.88 -23.59 14.79
N MET G 108 7.95 -22.60 15.68
CA MET G 108 7.83 -21.22 15.25
C MET G 108 9.09 -20.75 14.52
N LEU G 109 10.26 -21.21 14.97
CA LEU G 109 11.49 -20.80 14.32
C LEU G 109 11.64 -21.42 12.94
N GLU G 110 11.13 -22.64 12.75
CA GLU G 110 11.24 -23.23 11.42
C GLU G 110 10.29 -22.58 10.42
N THR G 111 9.32 -21.80 10.88
CA THR G 111 8.42 -21.07 10.01
C THR G 111 8.80 -19.60 9.83
N LEU G 112 9.48 -19.00 10.81
CA LEU G 112 9.91 -17.62 10.66
C LEU G 112 11.25 -17.50 9.96
N LEU G 113 12.15 -18.46 10.18
CA LEU G 113 13.45 -18.42 9.52
C LEU G 113 13.33 -18.88 8.08
N ALA G 114 12.50 -19.87 7.81
CA ALA G 114 12.25 -20.34 6.44
C ALA G 114 11.05 -19.65 5.84
N ASP G 115 11.02 -18.32 5.88
CA ASP G 115 9.88 -17.55 5.42
C ASP G 115 10.25 -16.58 4.30
N ASP G 116 11.26 -15.74 4.53
CA ASP G 116 11.85 -14.66 3.71
C ASP G 116 10.84 -13.90 2.84
N LYS G 117 9.68 -13.59 3.41
CA LYS G 117 8.68 -12.76 2.76
C LYS G 117 8.13 -11.65 3.63
N THR G 118 8.30 -11.71 4.96
CA THR G 118 7.76 -10.73 5.88
C THR G 118 8.86 -10.15 6.76
N GLY G 119 8.56 -9.02 7.37
CA GLY G 119 9.54 -8.36 8.21
C GLY G 119 9.00 -7.59 9.40
N LEU G 120 7.72 -7.72 9.70
CA LEU G 120 7.11 -7.09 10.88
C LEU G 120 6.29 -8.16 11.60
N VAL G 121 6.80 -8.65 12.72
CA VAL G 121 6.11 -9.67 13.50
C VAL G 121 5.07 -9.00 14.37
N LEU G 122 3.86 -9.53 14.36
CA LEU G 122 2.75 -8.88 15.05
C LEU G 122 1.75 -9.91 15.53
N VAL G 123 1.48 -9.92 16.83
CA VAL G 123 0.40 -10.71 17.40
C VAL G 123 -0.62 -9.74 18.00
N PRO G 124 -1.71 -9.47 17.29
CA PRO G 124 -2.68 -8.47 17.77
C PRO G 124 -3.60 -8.97 18.87
N GLU G 125 -3.54 -10.25 19.23
CA GLU G 125 -4.46 -10.82 20.20
C GLU G 125 -3.96 -10.73 21.64
N LEU G 126 -2.77 -10.19 21.88
CA LEU G 126 -2.37 -9.89 23.25
C LEU G 126 -3.10 -8.70 23.85
N SER G 127 -3.88 -7.96 23.05
CA SER G 127 -4.75 -6.92 23.59
C SER G 127 -5.85 -7.49 24.47
N GLU G 128 -6.18 -8.77 24.32
CA GLU G 128 -7.21 -9.42 25.13
C GLU G 128 -6.76 -9.68 26.57
N LEU G 129 -5.50 -9.40 26.86
CA LEU G 129 -4.96 -9.56 28.21
C LEU G 129 -5.48 -8.45 29.11
N ASN G 130 -6.00 -7.39 28.49
CA ASN G 130 -6.56 -6.27 29.22
C ASN G 130 -7.79 -6.73 30.00
N GLU G 131 -8.59 -7.60 29.39
CA GLU G 131 -9.78 -8.15 30.03
C GLU G 131 -9.35 -8.98 31.25
N VAL G 132 -8.28 -9.75 31.08
CA VAL G 132 -7.76 -10.58 32.15
C VAL G 132 -7.06 -9.74 33.20
N ASP G 148 -1.65 -14.39 36.14
CA ASP G 148 -1.20 -13.03 36.39
C ASP G 148 -1.09 -12.29 35.08
N ALA G 149 -1.79 -11.16 34.98
CA ALA G 149 -1.75 -10.38 33.76
C ALA G 149 -0.35 -9.86 33.51
N ASP G 150 0.32 -9.41 34.57
CA ASP G 150 1.68 -8.89 34.44
C ASP G 150 2.65 -9.98 33.97
N ALA G 151 2.50 -11.17 34.50
CA ALA G 151 3.36 -12.29 34.11
C ALA G 151 3.14 -12.63 32.64
N LEU G 152 1.89 -12.59 32.21
CA LEU G 152 1.55 -12.90 30.82
C LEU G 152 2.01 -11.80 29.86
N TRP G 153 2.06 -10.56 30.34
CA TRP G 153 2.52 -9.47 29.48
C TRP G 153 4.02 -9.55 29.26
N TYR G 154 4.79 -9.95 30.27
CA TYR G 154 6.23 -9.93 30.12
C TYR G 154 6.72 -11.11 29.29
N GLN G 155 6.14 -12.28 29.43
CA GLN G 155 6.43 -13.36 28.51
C GLN G 155 5.53 -13.32 27.28
N GLY G 156 4.86 -12.21 27.03
CA GLY G 156 4.25 -11.97 25.75
C GLY G 156 5.18 -11.16 24.89
N TRP G 157 5.85 -10.19 25.50
CA TRP G 157 6.85 -9.40 24.77
C TRP G 157 8.11 -10.21 24.51
N GLN G 158 8.62 -10.88 25.54
CA GLN G 158 9.97 -11.46 25.47
C GLN G 158 10.02 -12.67 24.56
N VAL G 159 8.87 -13.29 24.29
CA VAL G 159 8.83 -14.32 23.26
C VAL G 159 8.90 -13.70 21.89
N LEU G 160 8.22 -12.57 21.68
CA LEU G 160 8.28 -11.88 20.41
C LEU G 160 9.61 -11.19 20.17
N LEU G 161 10.24 -10.68 21.23
CA LEU G 161 11.51 -9.99 21.07
C LEU G 161 12.69 -10.93 20.81
N THR G 162 12.54 -12.22 21.09
CA THR G 162 13.57 -13.19 20.75
C THR G 162 13.35 -13.84 19.40
N LEU G 163 12.11 -13.92 18.91
CA LEU G 163 11.88 -14.43 17.57
C LEU G 163 12.36 -13.46 16.50
N CYS G 164 12.53 -12.20 16.86
CA CYS G 164 13.03 -11.24 15.90
C CYS G 164 14.53 -11.09 16.02
N ARG G 165 15.06 -11.27 17.23
CA ARG G 165 16.49 -11.21 17.42
C ARG G 165 17.14 -12.35 16.67
N GLN G 166 16.54 -13.52 16.76
CA GLN G 166 17.00 -14.72 16.08
C GLN G 166 16.88 -14.65 14.56
N ALA G 167 15.77 -14.10 14.07
CA ALA G 167 15.52 -13.98 12.63
C ALA G 167 16.41 -12.91 12.01
N PRO G 168 16.79 -13.08 10.74
CA PRO G 168 17.70 -12.07 10.19
C PRO G 168 17.15 -10.65 10.11
N GLN G 169 15.94 -10.43 9.64
CA GLN G 169 15.46 -9.05 9.61
C GLN G 169 13.98 -8.87 9.90
N ARG G 170 13.62 -9.02 11.18
CA ARG G 170 12.25 -8.88 11.64
C ARG G 170 12.19 -7.87 12.76
N PHE G 171 11.06 -7.19 12.86
CA PHE G 171 10.83 -6.16 13.87
C PHE G 171 9.55 -6.48 14.58
N ALA G 172 9.55 -6.51 15.92
CA ALA G 172 8.36 -6.75 16.70
C ALA G 172 7.53 -5.48 16.81
N LEU G 173 6.21 -5.65 16.83
CA LEU G 173 5.28 -4.57 17.10
C LEU G 173 4.52 -4.95 18.37
N LEU G 174 4.82 -4.28 19.47
CA LEU G 174 4.32 -4.63 20.78
C LEU G 174 3.34 -3.56 21.22
N GLU G 175 2.76 -3.76 22.41
CA GLU G 175 1.85 -2.78 22.97
C GLU G 175 1.82 -2.91 24.48
N LEU G 176 1.47 -1.83 25.13
CA LEU G 176 1.32 -1.73 26.56
C LEU G 176 -0.11 -2.02 26.99
N PRO G 177 -0.32 -2.49 28.22
CA PRO G 177 -1.68 -2.54 28.75
C PRO G 177 -2.21 -1.15 29.06
N GLU G 178 -3.54 -1.02 29.08
CA GLU G 178 -4.16 0.28 29.23
C GLU G 178 -3.97 0.87 30.62
N ASP G 179 -4.03 0.03 31.64
CA ASP G 179 -3.98 0.53 33.01
C ASP G 179 -2.57 0.94 33.38
N PRO G 180 -2.35 2.19 33.81
CA PRO G 180 -1.06 2.55 34.36
C PRO G 180 -0.80 1.83 35.67
N ALA G 181 0.49 1.74 36.02
CA ALA G 181 1.08 0.87 37.03
C ALA G 181 0.86 -0.62 36.72
N SER G 182 0.52 -0.95 35.50
CA SER G 182 0.60 -2.30 34.95
C SER G 182 1.38 -2.18 33.65
N ALA G 183 1.26 -1.02 33.01
CA ALA G 183 2.13 -0.63 31.92
C ALA G 183 3.43 0.00 32.43
N VAL G 184 3.44 0.49 33.65
CA VAL G 184 4.67 1.01 34.25
C VAL G 184 5.59 -0.13 34.64
N THR G 185 5.02 -1.17 35.25
CA THR G 185 5.79 -2.34 35.67
C THR G 185 6.27 -3.19 34.51
N LEU G 186 5.70 -3.01 33.32
CA LEU G 186 6.18 -3.74 32.15
C LEU G 186 7.38 -3.06 31.51
N THR G 187 7.38 -1.73 31.47
CA THR G 187 8.54 -1.02 30.95
C THR G 187 9.72 -1.09 31.92
N GLN G 188 9.43 -1.18 33.21
CA GLN G 188 10.48 -1.32 34.21
C GLN G 188 10.79 -2.78 34.49
N GLN G 189 11.03 -3.49 33.39
CA GLN G 189 11.31 -4.92 33.38
C GLN G 189 12.58 -5.11 32.59
N SER G 190 13.29 -6.20 32.83
CA SER G 190 14.56 -6.40 32.15
C SER G 190 14.49 -6.98 30.75
N PHE G 191 15.04 -6.23 29.81
CA PHE G 191 15.17 -6.61 28.40
C PHE G 191 16.62 -6.36 28.04
N SER G 192 17.25 -7.29 27.33
CA SER G 192 18.64 -7.08 26.93
C SER G 192 18.72 -6.05 25.82
N ALA G 193 19.86 -5.40 25.70
CA ALA G 193 20.07 -4.36 24.70
C ALA G 193 19.92 -4.87 23.28
N ASP G 194 20.36 -6.10 23.03
CA ASP G 194 20.23 -6.64 21.70
C ASP G 194 18.76 -6.73 21.32
N GLN G 195 17.92 -7.23 22.22
CA GLN G 195 16.48 -7.34 21.97
C GLN G 195 15.65 -6.05 21.88
N CYS G 196 15.96 -5.05 22.71
CA CYS G 196 15.23 -3.79 22.70
C CYS G 196 15.35 -3.14 21.34
N GLN G 197 16.54 -3.22 20.79
CA GLN G 197 16.89 -2.61 19.51
C GLN G 197 15.85 -2.86 18.44
N ARG G 198 15.12 -3.97 18.52
CA ARG G 198 14.24 -4.43 17.46
C ARG G 198 12.86 -4.78 18.03
N GLY G 199 12.04 -3.77 18.18
CA GLY G 199 10.69 -3.92 18.69
C GLY G 199 10.21 -2.61 19.29
N ALA G 200 8.91 -2.37 19.17
CA ALA G 200 8.30 -1.16 19.72
C ALA G 200 6.91 -1.37 20.26
N ALA G 201 6.58 -0.51 21.23
CA ALA G 201 5.26 -0.48 21.85
C ALA G 201 4.61 0.86 21.60
N TRP G 202 3.34 0.83 21.16
CA TRP G 202 2.47 2.00 21.10
C TRP G 202 1.40 1.84 22.18
N TRP G 203 1.27 2.84 23.05
CA TRP G 203 0.46 2.62 24.24
C TRP G 203 -1.06 2.68 24.07
N PRO G 204 -1.69 3.78 23.63
CA PRO G 204 -3.14 3.90 23.83
C PRO G 204 -3.90 3.03 22.84
N ARG G 205 -4.70 2.13 23.37
CA ARG G 205 -5.49 1.23 22.55
C ARG G 205 -6.58 2.02 21.82
N LEU G 206 -6.90 1.62 20.60
CA LEU G 206 -7.73 2.43 19.71
C LEU G 206 -9.19 2.01 19.79
N GLU G 207 -10.07 3.00 19.90
CA GLU G 207 -11.51 2.80 19.81
C GLU G 207 -11.93 3.05 18.36
N THR G 208 -12.26 1.98 17.64
CA THR G 208 -12.56 2.07 16.22
C THR G 208 -14.00 2.53 16.02
N SER G 209 -14.47 2.48 14.78
CA SER G 209 -15.85 2.84 14.45
C SER G 209 -16.70 1.64 14.12
N TYR G 210 -16.11 0.46 14.21
CA TYR G 210 -16.82 -0.76 13.91
C TYR G 210 -17.78 -1.06 15.01
N GLN G 211 -18.95 -1.54 14.62
CA GLN G 211 -19.95 -1.91 15.57
C GLN G 211 -19.57 -3.26 16.16
N ASP G 212 -20.04 -3.53 17.37
CA ASP G 212 -19.75 -4.79 18.05
C ASP G 212 -20.99 -5.68 18.00
N GLU G 213 -21.81 -5.44 16.96
CA GLU G 213 -23.12 -6.07 16.62
C GLU G 213 -24.28 -5.38 17.37
N SER G 214 -23.92 -4.32 18.09
CA SER G 214 -24.80 -3.52 18.89
C SER G 214 -24.32 -2.07 18.80
N SER G 215 -24.94 -1.20 19.57
CA SER G 215 -24.56 0.20 19.55
C SER G 215 -23.09 0.43 19.95
N ALA G 216 -22.58 -0.33 20.93
CA ALA G 216 -21.20 -0.17 21.39
C ALA G 216 -20.14 -0.49 20.33
N PRO G 217 -19.07 0.32 20.30
CA PRO G 217 -17.90 0.28 19.40
C PRO G 217 -16.87 -0.81 19.70
N VAL G 218 -16.12 -1.20 18.68
CA VAL G 218 -15.09 -2.21 18.77
C VAL G 218 -13.77 -1.52 19.11
N VAL G 219 -13.10 -2.02 20.15
CA VAL G 219 -11.84 -1.45 20.60
C VAL G 219 -10.73 -2.41 20.19
N LEU G 220 -9.86 -1.95 19.29
CA LEU G 220 -8.77 -2.75 18.76
C LEU G 220 -7.43 -2.21 19.23
N SER G 221 -6.43 -3.09 19.21
CA SER G 221 -5.04 -2.73 19.41
C SER G 221 -4.61 -1.72 18.34
N PRO G 222 -3.67 -0.82 18.66
CA PRO G 222 -3.25 0.17 17.67
C PRO G 222 -2.38 -0.39 16.57
N LEU G 223 -1.92 -1.61 16.70
CA LEU G 223 -0.84 -2.20 15.89
C LEU G 223 -1.20 -2.60 14.45
N PRO G 224 -2.41 -3.06 14.12
CA PRO G 224 -2.76 -3.10 12.69
C PRO G 224 -2.87 -1.74 12.03
N ALA G 225 -3.21 -0.69 12.77
CA ALA G 225 -3.15 0.66 12.20
C ALA G 225 -1.73 1.15 12.06
N VAL G 226 -0.84 0.71 12.96
CA VAL G 226 0.56 1.11 12.89
C VAL G 226 1.26 0.44 11.71
N ALA G 227 1.06 -0.87 11.54
CA ALA G 227 1.73 -1.62 10.48
C ALA G 227 1.26 -1.23 9.09
N ALA G 228 0.08 -0.62 8.97
CA ALA G 228 -0.34 -0.04 7.71
C ALA G 228 0.27 1.34 7.49
N ALA G 229 0.49 2.09 8.57
CA ALA G 229 1.14 3.39 8.44
C ALA G 229 2.64 3.23 8.20
N ILE G 230 3.24 2.14 8.67
CA ILE G 230 4.66 1.91 8.43
C ILE G 230 4.89 1.57 6.96
N GLN G 231 4.12 0.65 6.39
CA GLN G 231 4.45 0.25 5.03
C GLN G 231 3.82 1.13 3.97
N ARG G 232 2.95 2.07 4.32
CA ARG G 232 2.54 3.03 3.31
C ARG G 232 3.43 4.27 3.32
N SER G 233 3.91 4.69 4.48
CA SER G 233 4.89 5.77 4.50
C SER G 233 6.28 5.28 4.15
N ALA G 234 6.48 3.97 3.93
CA ALA G 234 7.69 3.45 3.33
C ALA G 234 7.52 3.21 1.84
N HIS G 235 6.29 3.03 1.39
CA HIS G 235 6.02 2.90 -0.03
C HIS G 235 5.96 4.27 -0.70
N ASP G 236 5.32 5.24 -0.04
CA ASP G 236 5.18 6.59 -0.57
C ASP G 236 6.42 7.44 -0.34
N ASN G 237 6.90 7.50 0.90
CA ASN G 237 7.94 8.44 1.30
C ASN G 237 9.32 7.83 1.38
N GLY G 238 9.43 6.52 1.29
CA GLY G 238 10.68 5.87 1.60
C GLY G 238 10.75 5.44 3.04
N VAL G 239 11.45 4.32 3.28
CA VAL G 239 11.47 3.73 4.61
C VAL G 239 12.35 4.50 5.58
N TRP G 240 13.11 5.47 5.09
CA TRP G 240 13.97 6.29 5.92
C TRP G 240 13.27 7.47 6.55
N LYS G 241 11.95 7.62 6.37
CA LYS G 241 11.38 8.92 6.72
C LYS G 241 11.08 9.02 8.21
N ALA G 242 9.95 8.44 8.63
CA ALA G 242 9.43 8.28 9.99
C ALA G 242 8.10 7.57 9.87
N PRO G 243 7.69 6.75 10.84
CA PRO G 243 6.33 6.22 10.79
C PRO G 243 5.28 7.12 11.44
N ALA G 244 5.67 8.26 11.99
CA ALA G 244 4.78 9.10 12.78
C ALA G 244 4.21 10.24 11.94
N ASN G 245 3.44 11.13 12.61
CA ASN G 245 2.63 12.19 11.97
C ASN G 245 1.67 11.63 10.92
N ILE G 246 1.12 10.46 11.17
CA ILE G 246 0.20 9.81 10.25
C ILE G 246 -1.18 9.85 10.87
N ALA G 247 -2.15 10.35 10.12
CA ALA G 247 -3.52 10.37 10.58
C ALA G 247 -4.12 8.98 10.50
N LEU G 248 -4.63 8.49 11.62
CA LEU G 248 -5.28 7.19 11.66
C LEU G 248 -6.70 7.34 11.13
N ALA G 249 -7.08 6.45 10.22
CA ALA G 249 -8.25 6.71 9.39
C ALA G 249 -9.55 6.50 10.15
N LYS G 250 -9.79 5.29 10.63
CA LYS G 250 -11.13 4.88 11.00
C LYS G 250 -11.18 4.61 12.51
N THR G 251 -10.60 5.55 13.26
CA THR G 251 -10.58 5.49 14.71
C THR G 251 -11.36 6.68 15.26
N ARG G 252 -12.19 6.43 16.27
CA ARG G 252 -12.87 7.54 16.94
C ARG G 252 -11.91 8.30 17.83
N ARG G 253 -11.25 7.60 18.75
CA ARG G 253 -10.38 8.23 19.74
C ARG G 253 -9.49 7.16 20.33
N PRO G 254 -8.33 7.54 20.85
CA PRO G 254 -7.62 6.64 21.76
C PRO G 254 -8.34 6.58 23.09
N THR G 255 -8.26 5.42 23.75
CA THR G 255 -9.10 5.18 24.91
C THR G 255 -8.66 5.98 26.13
N GLN G 256 -7.38 6.34 26.20
CA GLN G 256 -6.87 7.15 27.30
C GLN G 256 -5.90 8.18 26.78
N SER G 257 -5.99 9.40 27.30
CA SER G 257 -5.08 10.46 26.93
C SER G 257 -3.97 10.57 27.97
N ILE G 258 -2.93 11.34 27.62
CA ILE G 258 -1.78 11.49 28.49
C ILE G 258 -1.99 12.60 29.52
N LEU G 259 -3.04 13.41 29.37
CA LEU G 259 -3.36 14.45 30.33
C LEU G 259 -4.08 13.92 31.57
N THR G 260 -4.50 12.65 31.57
CA THR G 260 -5.15 12.06 32.72
C THR G 260 -4.33 10.96 33.38
N SER G 261 -3.18 10.60 32.83
CA SER G 261 -2.34 9.56 33.44
C SER G 261 -0.88 9.96 33.22
N GLN G 262 -0.31 10.69 34.19
CA GLN G 262 1.05 11.19 34.07
C GLN G 262 2.10 10.12 34.34
N ALA G 263 1.70 8.93 34.77
CA ALA G 263 2.59 7.79 34.69
C ALA G 263 2.80 7.43 33.23
N LEU G 264 3.89 6.69 32.98
CA LEU G 264 4.61 6.42 31.72
C LEU G 264 5.45 7.62 31.29
N LEU G 265 5.39 8.75 31.99
CA LEU G 265 6.37 9.80 31.79
C LEU G 265 7.59 9.59 32.66
N ASP G 266 7.59 8.54 33.48
CA ASP G 266 8.73 8.24 34.32
C ASP G 266 9.90 7.74 33.49
N ASN G 267 11.00 8.49 33.51
CA ASN G 267 12.19 8.16 32.71
C ASN G 267 13.01 7.09 33.45
N GLN G 268 12.46 5.88 33.50
CA GLN G 268 13.14 4.77 34.14
C GLN G 268 12.94 3.46 33.41
N GLY G 269 12.33 3.48 32.22
CA GLY G 269 12.09 2.26 31.47
C GLY G 269 12.21 2.40 29.97
N VAL G 270 11.71 1.40 29.25
CA VAL G 270 11.80 1.37 27.79
C VAL G 270 11.01 2.47 27.10
N SER G 271 11.52 2.98 25.99
CA SER G 271 10.85 4.04 25.26
C SER G 271 9.52 3.59 24.70
N CYS G 272 8.54 4.47 24.78
CA CYS G 272 7.19 4.17 24.35
C CYS G 272 6.70 5.24 23.39
N ASN G 273 5.76 4.86 22.53
CA ASN G 273 5.22 5.75 21.52
C ASN G 273 3.78 6.10 21.82
N LEU G 274 3.47 7.38 21.75
CA LEU G 274 2.14 7.85 22.08
C LEU G 274 1.26 8.10 20.90
N ILE G 275 0.03 7.62 20.98
CA ILE G 275 -0.93 7.87 19.92
C ILE G 275 -1.87 8.88 20.54
N ARG G 276 -1.98 10.03 19.92
CA ARG G 276 -2.84 11.10 20.42
C ARG G 276 -3.82 11.56 19.37
N SER G 277 -4.66 12.52 19.77
CA SER G 277 -5.54 13.24 18.87
C SER G 277 -5.40 14.73 19.12
N PHE G 278 -5.54 15.50 18.06
CA PHE G 278 -5.38 16.95 18.06
C PHE G 278 -6.72 17.61 17.75
N VAL G 279 -6.72 18.93 17.64
CA VAL G 279 -7.96 19.66 17.44
C VAL G 279 -8.28 19.77 15.96
N GLY G 280 -7.41 20.44 15.20
CA GLY G 280 -7.63 20.60 13.79
C GLY G 280 -7.30 19.41 12.93
N LYS G 281 -6.80 18.34 13.54
CA LYS G 281 -6.39 17.14 12.83
C LYS G 281 -6.60 15.95 13.75
N GLY G 282 -6.81 14.79 13.15
CA GLY G 282 -7.39 13.66 13.84
C GLY G 282 -6.44 12.91 14.74
N VAL G 283 -6.65 11.59 14.81
CA VAL G 283 -5.83 10.75 15.66
C VAL G 283 -4.49 10.51 14.98
N ARG G 284 -3.41 10.98 15.61
CA ARG G 284 -2.08 10.94 15.03
C ARG G 284 -1.20 9.96 15.80
N LEU G 285 -0.35 9.24 15.06
CA LEU G 285 0.76 8.51 15.67
C LEU G 285 1.82 9.54 16.05
N TRP G 286 2.23 9.55 17.32
CA TRP G 286 3.06 10.65 17.77
C TRP G 286 4.36 10.17 18.40
N GLY G 287 5.08 9.31 17.71
CA GLY G 287 6.38 8.91 18.18
C GLY G 287 7.06 7.92 17.26
N CYS G 288 8.39 7.98 17.17
CA CYS G 288 9.16 6.94 16.47
C CYS G 288 10.49 6.79 17.20
N ARG G 289 10.53 5.85 18.15
CA ARG G 289 11.67 5.70 19.02
C ARG G 289 11.59 4.35 19.69
N THR G 290 12.61 3.51 19.48
CA THR G 290 12.52 2.10 19.86
C THR G 290 12.62 1.92 21.37
N LEU G 291 12.60 0.66 21.79
CA LEU G 291 12.70 0.30 23.20
C LEU G 291 14.04 0.65 23.82
N LEU G 292 15.07 0.93 23.02
CA LEU G 292 16.32 1.42 23.57
C LEU G 292 16.14 2.83 24.10
N ASN G 293 16.22 2.97 25.42
CA ASN G 293 16.19 4.28 26.07
C ASN G 293 17.62 4.75 26.32
N GLU G 294 18.37 4.84 25.23
CA GLU G 294 19.76 5.24 25.25
C GLU G 294 19.93 6.49 24.39
N GLU G 295 20.66 7.47 24.93
CA GLU G 295 20.66 8.81 24.36
C GLU G 295 21.63 8.98 23.20
N ASN G 296 22.66 8.14 23.11
CA ASN G 296 23.67 8.30 22.08
C ASN G 296 23.66 7.20 21.03
N THR G 297 23.30 5.97 21.41
CA THR G 297 23.26 4.86 20.47
C THR G 297 22.11 5.07 19.49
N ALA G 298 22.43 5.14 18.20
CA ALA G 298 21.40 5.43 17.20
C ALA G 298 20.71 4.17 16.71
N TRP G 299 20.29 3.31 17.64
CA TRP G 299 19.39 2.22 17.33
C TRP G 299 18.02 2.43 17.93
N ARG G 300 17.74 3.63 18.41
CA ARG G 300 16.39 4.14 18.55
C ARG G 300 15.90 4.59 17.17
N TYR G 301 14.75 5.29 17.15
CA TYR G 301 14.21 5.89 15.92
C TYR G 301 13.92 4.86 14.84
N ILE G 302 12.74 4.21 14.88
CA ILE G 302 12.29 3.05 14.08
C ILE G 302 12.80 3.02 12.65
N GLN G 303 12.75 4.19 12.00
CA GLN G 303 13.18 4.31 10.62
C GLN G 303 14.69 4.15 10.45
N ILE G 304 15.48 4.27 11.52
CA ILE G 304 16.90 3.95 11.40
C ILE G 304 17.10 2.45 11.40
N ARG G 305 16.34 1.73 12.24
CA ARG G 305 16.41 0.28 12.26
C ARG G 305 15.81 -0.33 11.01
N LEU G 306 14.84 0.33 10.40
CA LEU G 306 14.20 -0.17 9.18
C LEU G 306 14.90 0.28 7.92
N LEU G 307 15.64 1.39 7.93
CA LEU G 307 16.44 1.75 6.76
C LEU G 307 17.64 0.84 6.63
N VAL G 308 18.38 0.64 7.73
CA VAL G 308 19.64 -0.08 7.64
C VAL G 308 19.40 -1.56 7.43
N SER G 309 18.19 -2.06 7.73
CA SER G 309 17.86 -3.43 7.38
C SER G 309 17.25 -3.52 5.98
N SER G 310 16.83 -2.41 5.40
CA SER G 310 16.47 -2.37 3.99
C SER G 310 17.71 -2.30 3.10
N VAL G 311 18.82 -1.82 3.67
CA VAL G 311 20.11 -1.86 2.99
C VAL G 311 20.76 -3.23 3.17
N GLU G 312 20.53 -3.87 4.32
CA GLU G 312 20.93 -5.27 4.49
C GLU G 312 20.26 -6.19 3.49
N HIS G 313 18.99 -5.92 3.17
CA HIS G 313 18.25 -6.83 2.31
C HIS G 313 18.67 -6.73 0.86
N TYR G 314 19.11 -5.55 0.41
CA TYR G 314 19.56 -5.45 -0.97
C TYR G 314 21.04 -5.70 -1.13
N LEU G 315 21.87 -5.25 -0.20
CA LEU G 315 23.30 -5.49 -0.36
C LEU G 315 23.66 -6.95 -0.19
N SER G 316 22.86 -7.71 0.56
CA SER G 316 23.04 -9.16 0.61
C SER G 316 22.34 -9.87 -0.53
N LYS G 317 21.57 -9.15 -1.34
CA LYS G 317 21.05 -9.73 -2.57
C LYS G 317 22.10 -9.72 -3.66
N LEU G 318 22.88 -8.64 -3.76
CA LEU G 318 23.94 -8.62 -4.76
C LEU G 318 25.25 -9.19 -4.23
N ALA G 319 25.35 -9.41 -2.91
CA ALA G 319 26.52 -10.11 -2.39
C ALA G 319 26.49 -11.58 -2.76
N ARG G 320 25.35 -12.23 -2.57
CA ARG G 320 25.26 -13.64 -2.91
C ARG G 320 25.16 -13.88 -4.41
N ALA G 321 25.03 -12.84 -5.21
CA ALA G 321 25.27 -12.97 -6.64
C ALA G 321 26.74 -13.24 -6.92
N TYR G 322 27.63 -12.59 -6.19
CA TYR G 322 29.06 -12.86 -6.23
C TYR G 322 29.49 -13.82 -5.13
N LEU G 323 28.80 -14.95 -4.95
CA LEU G 323 29.11 -15.76 -3.78
C LEU G 323 30.10 -16.86 -4.12
N PHE G 324 29.73 -17.80 -5.00
CA PHE G 324 30.64 -18.91 -5.26
C PHE G 324 31.61 -18.59 -6.40
N GLU G 325 32.22 -17.42 -6.29
CA GLU G 325 33.27 -16.90 -7.14
C GLU G 325 34.60 -17.20 -6.49
N PRO G 326 35.72 -17.02 -7.20
CA PRO G 326 37.01 -17.06 -6.52
C PRO G 326 37.20 -15.93 -5.52
N ASN G 327 38.09 -16.17 -4.56
CA ASN G 327 38.54 -15.15 -3.62
C ASN G 327 39.71 -14.34 -4.15
N THR G 328 39.82 -14.21 -5.47
CA THR G 328 40.85 -13.37 -6.03
C THR G 328 40.44 -11.91 -5.93
N ALA G 329 41.43 -11.03 -6.03
CA ALA G 329 41.18 -9.60 -5.97
C ALA G 329 40.30 -9.02 -7.08
N PRO G 330 40.17 -9.58 -8.31
CA PRO G 330 39.11 -9.08 -9.20
C PRO G 330 37.69 -9.21 -8.67
N THR G 331 37.34 -10.32 -8.01
CA THR G 331 35.96 -10.45 -7.54
C THR G 331 35.68 -9.61 -6.30
N TRP G 332 36.72 -9.16 -5.60
CA TRP G 332 36.53 -8.20 -4.52
C TRP G 332 36.15 -6.84 -5.07
N MET G 333 36.77 -6.45 -6.18
CA MET G 333 36.54 -5.15 -6.78
C MET G 333 35.34 -5.15 -7.73
N LYS G 334 34.95 -6.32 -8.25
CA LYS G 334 33.65 -6.46 -8.89
C LYS G 334 32.52 -6.21 -7.91
N LEU G 335 32.72 -6.54 -6.64
CA LEU G 335 31.71 -6.35 -5.61
C LEU G 335 31.71 -4.93 -5.06
N LYS G 336 32.86 -4.28 -4.91
CA LYS G 336 32.86 -2.88 -4.51
C LYS G 336 32.22 -1.98 -5.55
N GLY G 337 32.49 -2.22 -6.84
CA GLY G 337 31.96 -1.37 -7.88
C GLY G 337 30.44 -1.42 -7.96
N GLN G 338 29.86 -2.58 -7.63
CA GLN G 338 28.40 -2.67 -7.64
C GLN G 338 27.79 -2.06 -6.39
N VAL G 339 28.47 -2.19 -5.25
CA VAL G 339 27.95 -1.64 -4.00
C VAL G 339 28.14 -0.13 -3.95
N TRP G 340 29.26 0.36 -4.47
CA TRP G 340 29.53 1.80 -4.50
C TRP G 340 28.55 2.52 -5.40
N THR G 341 28.19 1.91 -6.53
CA THR G 341 27.20 2.49 -7.44
C THR G 341 25.85 2.59 -6.78
N TRP G 342 25.43 1.53 -6.09
CA TRP G 342 24.10 1.51 -5.50
C TRP G 342 24.01 2.45 -4.31
N LEU G 343 25.05 2.50 -3.48
CA LEU G 343 25.00 3.36 -2.31
C LEU G 343 25.09 4.83 -2.67
N ARG G 344 25.69 5.14 -3.82
CA ARG G 344 25.77 6.53 -4.25
C ARG G 344 24.43 7.01 -4.77
N GLN G 345 23.64 6.12 -5.34
CA GLN G 345 22.33 6.50 -5.86
C GLN G 345 21.33 6.73 -4.73
N GLN G 346 21.51 6.04 -3.60
CA GLN G 346 20.59 6.23 -2.48
C GLN G 346 20.96 7.48 -1.70
N TRP G 347 22.23 7.87 -1.75
CA TRP G 347 22.63 9.14 -1.18
C TRP G 347 22.09 10.31 -1.98
N LEU G 348 22.09 10.18 -3.31
CA LEU G 348 21.51 11.22 -4.17
C LEU G 348 19.99 11.14 -4.24
N ALA G 349 19.38 10.10 -3.69
CA ALA G 349 17.94 10.05 -3.54
C ALA G 349 17.46 10.63 -2.22
N GLY G 350 18.37 10.95 -1.31
CA GLY G 350 18.01 11.57 -0.06
C GLY G 350 17.99 10.67 1.14
N ALA G 351 18.52 9.46 1.04
CA ALA G 351 18.44 8.50 2.14
C ALA G 351 19.54 8.66 3.18
N PHE G 352 20.69 9.23 2.82
CA PHE G 352 21.81 9.32 3.73
C PHE G 352 22.23 10.77 3.93
N PHE G 353 22.78 11.03 5.10
CA PHE G 353 23.29 12.34 5.47
C PHE G 353 24.63 12.59 4.82
N GLY G 354 24.93 13.86 4.56
CA GLY G 354 26.24 14.24 4.08
C GLY G 354 26.19 15.05 2.82
N THR G 355 26.90 16.17 2.79
CA THR G 355 26.91 17.00 1.60
C THR G 355 27.99 16.61 0.61
N VAL G 356 28.92 15.75 1.01
CA VAL G 356 29.86 15.12 0.08
C VAL G 356 29.79 13.62 0.30
N GLU G 357 30.26 12.87 -0.70
CA GLU G 357 30.22 11.41 -0.67
C GLU G 357 31.14 10.82 0.37
N ASP G 358 32.21 11.53 0.73
CA ASP G 358 33.18 11.03 1.70
C ASP G 358 32.60 10.93 3.10
N GLU G 359 31.56 11.71 3.39
CA GLU G 359 30.91 11.67 4.70
C GLU G 359 29.52 11.07 4.64
N ALA G 360 29.14 10.45 3.53
CA ALA G 360 27.88 9.74 3.42
C ALA G 360 28.04 8.24 3.59
N PHE G 361 29.04 7.64 2.98
CA PHE G 361 29.27 6.20 3.09
C PHE G 361 30.73 5.90 2.81
N SER G 362 31.11 4.63 3.04
CA SER G 362 32.47 4.17 2.79
C SER G 362 32.47 2.67 2.55
N LEU G 363 33.42 2.21 1.74
CA LEU G 363 33.60 0.80 1.41
C LEU G 363 35.06 0.44 1.54
N SER G 364 35.35 -0.74 2.09
CA SER G 364 36.74 -1.06 2.38
C SER G 364 37.09 -2.54 2.18
N ILE G 365 36.67 -3.18 1.09
CA ILE G 365 37.09 -4.58 0.90
C ILE G 365 38.57 -4.64 0.51
N GLY G 366 39.21 -5.76 0.81
CA GLY G 366 40.61 -5.91 0.48
C GLY G 366 41.27 -7.01 1.27
N LEU G 367 42.58 -7.17 1.02
CA LEU G 367 43.31 -8.31 1.56
C LEU G 367 43.87 -8.02 2.95
N ASP G 368 44.39 -6.81 3.16
CA ASP G 368 44.84 -6.41 4.49
C ASP G 368 44.11 -5.16 4.96
N GLU G 369 42.91 -4.94 4.45
CA GLU G 369 42.02 -3.90 4.93
C GLU G 369 40.95 -4.47 5.84
N THR G 370 40.26 -5.51 5.39
CA THR G 370 39.29 -6.24 6.20
C THR G 370 39.71 -7.68 6.43
N MET G 371 40.13 -8.37 5.38
CA MET G 371 40.45 -9.77 5.48
C MET G 371 41.88 -9.96 5.95
N THR G 372 42.29 -11.22 6.03
CA THR G 372 43.67 -11.62 6.20
C THR G 372 43.83 -12.91 5.41
N GLU G 373 45.06 -13.41 5.32
CA GLU G 373 45.25 -14.61 4.52
C GLU G 373 44.69 -15.85 5.20
N ASP G 374 44.53 -15.82 6.52
CA ASP G 374 43.81 -16.89 7.20
C ASP G 374 42.31 -16.80 6.94
N ASP G 375 41.76 -15.60 6.77
CA ASP G 375 40.35 -15.47 6.42
C ASP G 375 40.07 -15.91 4.99
N ILE G 376 41.04 -15.71 4.08
CA ILE G 376 40.82 -16.06 2.69
C ILE G 376 40.82 -17.58 2.50
N ARG G 377 41.70 -18.28 3.21
CA ARG G 377 41.77 -19.73 3.05
C ARG G 377 40.60 -20.46 3.66
N HIS G 378 39.88 -19.86 4.60
CA HIS G 378 38.62 -20.40 5.09
C HIS G 378 37.44 -19.99 4.23
N GLY G 379 37.66 -19.29 3.12
CA GLY G 379 36.60 -19.01 2.18
C GLY G 379 35.74 -17.81 2.51
N LYS G 380 36.30 -16.79 3.15
CA LYS G 380 35.55 -15.61 3.55
C LYS G 380 35.84 -14.45 2.63
N MET G 381 34.87 -13.54 2.52
CA MET G 381 35.03 -12.32 1.74
C MET G 381 34.33 -11.21 2.51
N ILE G 382 35.11 -10.39 3.21
CA ILE G 382 34.59 -9.47 4.23
C ILE G 382 34.56 -8.07 3.66
N LEU G 383 33.39 -7.45 3.66
CA LEU G 383 33.19 -6.10 3.14
C LEU G 383 32.61 -5.20 4.23
N GLN G 384 33.20 -4.02 4.41
CA GLN G 384 32.77 -3.05 5.42
C GLN G 384 32.04 -1.89 4.79
N VAL G 385 30.88 -1.55 5.35
CA VAL G 385 30.12 -0.38 4.96
C VAL G 385 29.96 0.50 6.18
N ARG G 386 30.28 1.79 6.03
CA ARG G 386 29.96 2.80 7.01
C ARG G 386 28.84 3.66 6.45
N LEU G 387 27.95 4.14 7.31
CA LEU G 387 26.83 4.94 6.86
C LEU G 387 26.68 6.17 7.73
N ALA G 388 26.03 7.19 7.19
CA ALA G 388 25.68 8.39 7.94
C ALA G 388 24.21 8.68 7.66
N LEU G 389 23.40 8.69 8.70
CA LEU G 389 21.95 8.67 8.55
C LEU G 389 21.36 10.00 9.01
N LEU G 390 20.07 10.16 8.74
CA LEU G 390 19.35 11.40 8.98
C LEU G 390 18.65 11.36 10.33
N ALA G 391 18.53 12.53 10.97
CA ALA G 391 17.91 12.65 12.28
C ALA G 391 16.54 13.30 12.17
N PRO G 392 15.56 12.88 12.99
CA PRO G 392 14.23 13.48 12.93
C PRO G 392 14.22 14.89 13.48
N ALA G 393 13.13 15.60 13.24
CA ALA G 393 12.96 16.94 13.80
C ALA G 393 12.02 16.91 15.00
N GLU G 394 12.36 16.10 16.03
CA GLU G 394 11.42 15.83 17.12
C GLU G 394 11.10 17.07 17.94
N PHE G 395 12.04 18.00 18.07
CA PHE G 395 11.82 19.17 18.90
C PHE G 395 12.18 20.43 18.11
N ILE G 396 11.29 21.41 18.14
CA ILE G 396 11.53 22.70 17.50
C ILE G 396 11.73 23.74 18.60
N ALA G 397 12.97 24.23 18.72
CA ALA G 397 13.31 25.13 19.81
C ALA G 397 13.33 26.59 19.37
N ILE G 398 12.14 27.16 19.12
CA ILE G 398 11.94 28.56 18.71
C ILE G 398 12.60 29.56 19.67
N SER G 399 13.28 30.56 19.11
CA SER G 399 13.78 31.71 19.87
C SER G 399 13.39 32.99 19.13
N LEU G 400 13.28 34.08 19.89
CA LEU G 400 12.92 35.38 19.34
C LEU G 400 13.95 36.42 19.78
N THR G 401 14.37 37.28 18.85
CA THR G 401 15.37 38.30 19.11
C THR G 401 14.83 39.65 18.61
N LEU G 402 15.04 40.70 19.38
CA LEU G 402 14.32 41.96 19.12
C LEU G 402 15.03 42.82 18.08
N ASP G 403 16.35 42.97 18.19
CA ASP G 403 17.20 43.69 17.22
C ASP G 403 16.76 45.14 17.04
N LEU G 404 17.01 45.93 18.12
CA LEU G 404 16.48 47.26 18.38
C LEU G 404 16.44 48.22 17.19
N ARG G 405 17.61 48.55 16.63
CA ARG G 405 17.78 49.31 15.39
C ARG G 405 17.06 50.66 15.46
N ASP G 406 17.61 51.53 16.31
CA ASP G 406 17.16 52.92 16.54
C ASP G 406 15.77 52.90 17.19
N SER H 2 22.24 22.96 0.05
CA SER H 2 23.21 22.05 0.65
C SER H 2 23.13 22.08 2.18
N LEU H 3 24.31 21.97 2.79
CA LEU H 3 24.63 22.13 4.21
C LEU H 3 24.14 20.99 5.10
N LEU H 4 23.27 20.13 4.61
CA LEU H 4 22.94 18.92 5.36
C LEU H 4 23.11 17.68 4.49
N GLU H 5 22.50 17.68 3.30
CA GLU H 5 22.41 16.48 2.49
C GLU H 5 22.19 16.88 1.04
N ARG H 6 22.08 15.86 0.16
CA ARG H 6 22.14 16.06 -1.28
C ARG H 6 20.90 15.55 -2.00
N GLY H 7 19.78 15.40 -1.32
CA GLY H 7 18.55 15.00 -1.99
C GLY H 7 17.90 16.17 -2.70
N LEU H 8 17.25 15.88 -3.81
CA LEU H 8 16.59 16.92 -4.59
C LEU H 8 15.33 17.41 -3.91
N SER H 9 14.92 18.62 -4.27
CA SER H 9 13.64 19.18 -3.86
C SER H 9 12.86 19.52 -5.12
N LYS H 10 11.80 18.77 -5.39
CA LYS H 10 10.96 19.01 -6.55
C LYS H 10 10.10 20.25 -6.32
N LEU H 11 9.42 20.70 -7.36
CA LEU H 11 8.44 21.75 -7.18
C LEU H 11 7.07 21.15 -6.93
N THR H 12 6.26 21.86 -6.14
CA THR H 12 4.94 21.40 -5.75
C THR H 12 3.92 22.44 -6.18
N LEU H 13 2.85 21.98 -6.84
CA LEU H 13 1.78 22.85 -7.30
C LEU H 13 0.55 22.62 -6.43
N ASN H 14 0.33 23.51 -5.49
CA ASN H 14 -0.82 23.44 -4.59
C ASN H 14 -1.97 24.24 -5.18
N ALA H 15 -3.19 23.78 -4.93
CA ALA H 15 -4.37 24.44 -5.45
C ALA H 15 -5.39 24.66 -4.34
N TRP H 16 -6.19 25.71 -4.49
CA TRP H 16 -7.27 26.04 -3.58
C TRP H 16 -8.58 26.24 -4.32
N LYS H 17 -9.57 26.80 -3.69
CA LYS H 17 -10.73 27.18 -4.47
C LYS H 17 -11.06 28.66 -4.32
N ASP H 18 -10.95 29.19 -3.11
CA ASP H 18 -11.13 30.59 -2.84
C ASP H 18 -9.83 31.35 -3.10
N ARG H 19 -9.90 32.68 -2.95
CA ARG H 19 -8.72 33.52 -3.08
C ARG H 19 -7.70 33.22 -1.97
N GLU H 20 -8.17 32.99 -0.75
CA GLU H 20 -7.32 32.67 0.37
C GLU H 20 -7.03 31.17 0.43
N GLY H 21 -6.39 30.76 1.52
CA GLY H 21 -6.03 29.37 1.72
C GLY H 21 -7.01 28.53 2.51
N LYS H 22 -8.29 28.92 2.57
CA LYS H 22 -9.21 28.24 3.47
C LYS H 22 -9.69 26.90 2.89
N ILE H 23 -9.94 26.84 1.59
CA ILE H 23 -10.51 25.64 0.97
C ILE H 23 -9.48 24.97 0.07
N PRO H 24 -8.76 23.94 0.52
CA PRO H 24 -7.76 23.31 -0.34
C PRO H 24 -8.38 22.38 -1.38
N ALA H 25 -7.94 22.52 -2.62
CA ALA H 25 -8.16 21.55 -3.67
C ALA H 25 -6.98 20.59 -3.69
N GLY H 26 -6.82 19.81 -4.76
CA GLY H 26 -5.70 18.90 -4.88
C GLY H 26 -4.35 19.59 -4.95
N SER H 27 -3.29 18.78 -4.92
CA SER H 27 -1.93 19.32 -4.80
C SER H 27 -0.95 18.27 -5.30
N MET H 28 -0.25 18.57 -6.39
CA MET H 28 0.71 17.64 -6.97
C MET H 28 2.11 18.20 -6.88
N SER H 29 3.09 17.30 -6.81
CA SER H 29 4.49 17.62 -6.99
C SER H 29 4.94 17.00 -8.31
N ALA H 30 5.65 17.78 -9.11
CA ALA H 30 6.01 17.35 -10.45
C ALA H 30 7.47 16.95 -10.50
N MET H 31 7.74 15.75 -11.02
CA MET H 31 9.10 15.30 -11.22
C MET H 31 9.72 16.03 -12.42
N TYR H 32 11.05 15.89 -12.55
CA TYR H 32 11.84 16.46 -13.64
C TYR H 32 11.70 17.97 -13.69
N ASN H 33 12.39 18.65 -12.76
CA ASN H 33 12.41 20.10 -12.58
C ASN H 33 12.60 20.88 -13.90
N PRO H 34 12.12 22.13 -13.97
CA PRO H 34 11.98 22.81 -15.26
C PRO H 34 13.23 23.13 -16.07
N GLU H 35 14.43 23.17 -15.46
CA GLU H 35 15.75 23.62 -15.96
C GLU H 35 15.84 25.14 -15.98
N THR H 36 14.74 25.87 -16.18
CA THR H 36 14.71 27.32 -16.31
C THR H 36 13.32 27.82 -15.97
N ILE H 37 13.23 28.81 -15.08
CA ILE H 37 12.02 29.55 -14.88
C ILE H 37 12.18 30.90 -15.56
N GLN H 38 11.09 31.65 -15.64
CA GLN H 38 11.13 33.00 -16.17
C GLN H 38 9.93 33.74 -15.64
N LEU H 39 10.15 34.85 -14.95
CA LEU H 39 9.04 35.70 -14.54
C LEU H 39 9.24 37.10 -15.10
N ASP H 40 8.29 37.54 -15.91
CA ASP H 40 8.36 38.79 -16.65
C ASP H 40 7.51 39.84 -15.93
N TYR H 41 8.11 40.98 -15.60
CA TYR H 41 7.35 42.10 -15.09
C TYR H 41 7.12 43.07 -16.24
N GLN H 42 6.07 43.88 -16.12
CA GLN H 42 5.80 44.92 -17.11
C GLN H 42 4.90 45.98 -16.51
N THR H 43 5.25 47.24 -16.73
CA THR H 43 4.51 48.38 -16.23
C THR H 43 4.18 49.28 -17.41
N ARG H 44 2.91 49.68 -17.54
CA ARG H 44 2.47 50.46 -18.68
C ARG H 44 2.44 51.95 -18.33
N PHE H 45 3.09 52.75 -19.17
CA PHE H 45 3.13 54.19 -19.04
C PHE H 45 2.50 54.85 -20.26
N ASP H 46 1.87 55.99 -20.06
CA ASP H 46 1.31 56.78 -21.16
C ASP H 46 1.88 58.20 -21.11
N THR H 47 2.30 58.70 -22.27
CA THR H 47 2.97 60.00 -22.33
C THR H 47 1.97 61.13 -22.26
N GLU H 48 2.29 62.14 -21.45
CA GLU H 48 1.47 63.34 -21.35
C GLU H 48 1.69 64.21 -22.58
N ASP H 49 0.65 64.38 -23.38
CA ASP H 49 0.69 65.30 -24.52
C ASP H 49 0.11 66.67 -24.15
N THR H 50 0.72 67.29 -23.15
CA THR H 50 0.27 68.57 -22.65
C THR H 50 0.57 69.68 -23.67
N ILE H 51 -0.33 70.66 -23.74
CA ILE H 51 -0.18 71.71 -24.75
C ILE H 51 0.82 72.76 -24.29
N ASN H 52 1.10 72.83 -22.98
CA ASN H 52 1.88 73.93 -22.44
C ASN H 52 3.36 73.83 -22.81
N THR H 53 3.84 72.62 -23.11
CA THR H 53 5.20 72.32 -23.62
C THR H 53 6.30 72.75 -22.66
N ALA H 54 5.99 72.81 -21.37
CA ALA H 54 7.03 73.12 -20.39
C ALA H 54 7.91 71.90 -20.11
N SER H 55 7.33 70.72 -20.12
CA SER H 55 7.97 69.52 -19.62
C SER H 55 7.56 68.31 -20.46
N GLN H 56 8.44 67.31 -20.47
CA GLN H 56 8.14 66.00 -21.04
C GLN H 56 8.04 64.98 -19.91
N SER H 57 6.95 64.23 -19.88
CA SER H 57 6.70 63.28 -18.81
C SER H 57 5.72 62.23 -19.28
N ASN H 58 5.57 61.19 -18.47
CA ASN H 58 4.62 60.12 -18.79
C ASN H 58 4.03 59.55 -17.51
N ARG H 59 2.71 59.37 -17.53
CA ARG H 59 1.97 58.93 -16.37
C ARG H 59 2.15 57.44 -16.14
N TYR H 60 1.77 57.00 -14.95
CA TYR H 60 1.65 55.59 -14.62
C TYR H 60 0.19 55.17 -14.72
N VAL H 61 -0.09 54.12 -15.49
CA VAL H 61 -1.47 53.72 -15.72
C VAL H 61 -1.82 52.49 -14.89
N ILE H 62 -1.22 51.35 -15.20
CA ILE H 62 -1.40 50.10 -14.47
C ILE H 62 -0.14 49.26 -14.62
N SER H 63 0.13 48.46 -13.60
CA SER H 63 1.20 47.48 -13.64
C SER H 63 0.60 46.13 -13.98
N GLU H 64 1.07 45.55 -15.08
CA GLU H 64 0.61 44.23 -15.51
C GLU H 64 1.02 43.19 -14.48
N PRO H 65 0.22 42.13 -14.28
CA PRO H 65 0.58 41.12 -13.27
C PRO H 65 1.80 40.34 -13.69
N VAL H 66 2.58 39.94 -12.68
CA VAL H 66 3.75 39.12 -12.93
C VAL H 66 3.33 37.78 -13.49
N GLY H 67 3.87 37.42 -14.63
CA GLY H 67 3.57 36.15 -15.29
C GLY H 67 4.78 35.24 -15.23
N LEU H 68 4.55 33.98 -14.94
CA LEU H 68 5.61 33.00 -14.79
C LEU H 68 5.51 31.98 -15.90
N ASN H 69 6.63 31.73 -16.58
CA ASN H 69 6.72 30.69 -17.59
C ASN H 69 7.64 29.58 -17.10
N LEU H 70 7.27 28.35 -17.45
CA LEU H 70 7.80 27.16 -16.81
C LEU H 70 7.47 25.94 -17.67
N THR H 71 8.44 25.09 -17.94
CA THR H 71 8.23 23.98 -18.85
C THR H 71 8.65 22.68 -18.20
N LEU H 72 7.77 21.68 -18.24
CA LEU H 72 8.00 20.43 -17.54
C LEU H 72 8.11 19.29 -18.55
N LEU H 73 8.44 18.11 -18.04
CA LEU H 73 8.53 16.91 -18.85
C LEU H 73 8.21 15.71 -17.97
N PHE H 74 7.39 14.82 -18.50
CA PHE H 74 7.05 13.57 -17.84
C PHE H 74 7.42 12.42 -18.76
N ASP H 75 7.72 11.27 -18.16
CA ASP H 75 8.16 10.10 -18.88
C ASP H 75 7.99 8.87 -18.01
N SER H 76 7.30 7.86 -18.53
CA SER H 76 7.25 6.56 -17.85
C SER H 76 7.51 5.43 -18.85
N GLN H 77 8.77 5.22 -19.17
CA GLN H 77 9.21 3.90 -19.62
C GLN H 77 10.56 3.49 -19.09
N MET H 78 11.40 4.43 -18.64
CA MET H 78 12.63 4.08 -17.95
C MET H 78 12.30 3.35 -16.65
N PRO H 79 13.06 2.32 -16.28
CA PRO H 79 12.56 1.36 -15.28
C PRO H 79 12.54 1.89 -13.86
N GLY H 80 13.06 3.09 -13.59
CA GLY H 80 12.71 3.74 -12.35
C GLY H 80 11.33 4.36 -12.37
N ASN H 81 10.85 4.72 -13.55
CA ASN H 81 9.59 5.42 -13.72
C ASN H 81 8.48 4.39 -13.95
N THR H 82 7.63 4.19 -12.95
CA THR H 82 6.57 3.20 -13.03
C THR H 82 5.17 3.77 -12.97
N THR H 83 4.96 4.94 -12.39
CA THR H 83 3.65 5.55 -12.41
C THR H 83 3.35 6.06 -13.81
N PRO H 84 2.20 5.72 -14.39
CA PRO H 84 1.90 6.19 -15.75
C PRO H 84 1.64 7.69 -15.75
N ILE H 85 2.09 8.36 -16.82
CA ILE H 85 2.08 9.82 -16.79
C ILE H 85 0.69 10.40 -16.99
N GLU H 86 -0.32 9.59 -17.28
CA GLU H 86 -1.68 10.11 -17.30
C GLU H 86 -2.22 10.36 -15.90
N THR H 87 -1.76 9.64 -14.89
CA THR H 87 -2.19 9.96 -13.54
C THR H 87 -1.55 11.24 -13.05
N GLN H 88 -0.37 11.58 -13.58
CA GLN H 88 0.30 12.80 -13.22
C GLN H 88 -0.19 13.99 -14.05
N LEU H 89 -0.70 13.72 -15.25
CA LEU H 89 -1.31 14.76 -16.06
C LEU H 89 -2.81 14.89 -15.83
N ALA H 90 -3.43 13.95 -15.12
CA ALA H 90 -4.83 14.14 -14.75
C ALA H 90 -5.00 15.18 -13.65
N MET H 91 -3.91 15.67 -13.08
CA MET H 91 -3.93 16.73 -12.09
C MET H 91 -3.60 18.08 -12.68
N LEU H 92 -2.60 18.18 -13.57
CA LEU H 92 -2.32 19.44 -14.25
C LEU H 92 -3.45 19.86 -15.15
N LYS H 93 -4.04 18.93 -15.90
CA LYS H 93 -5.19 19.26 -16.72
C LYS H 93 -6.40 19.63 -15.88
N SER H 94 -6.48 19.11 -14.66
CA SER H 94 -7.61 19.41 -13.78
C SER H 94 -7.39 20.72 -13.04
N LEU H 95 -6.21 20.93 -12.46
CA LEU H 95 -5.98 22.11 -11.64
C LEU H 95 -5.78 23.37 -12.46
N CYS H 96 -5.44 23.26 -13.74
CA CYS H 96 -5.28 24.43 -14.60
C CYS H 96 -6.49 24.61 -15.51
N ALA H 97 -7.67 24.30 -15.00
CA ALA H 97 -8.92 24.44 -15.75
C ALA H 97 -10.01 24.89 -14.79
N VAL H 98 -11.20 25.07 -15.32
CA VAL H 98 -12.33 25.60 -14.58
C VAL H 98 -12.88 24.50 -13.67
N ASP H 99 -13.07 24.80 -12.39
CA ASP H 99 -13.56 23.79 -11.48
C ASP H 99 -15.06 23.58 -11.65
N ALA H 100 -15.48 22.35 -11.39
CA ALA H 100 -16.89 22.01 -11.54
C ALA H 100 -17.75 22.59 -10.44
N ALA H 101 -17.17 22.89 -9.28
CA ALA H 101 -17.96 23.35 -8.15
C ALA H 101 -18.44 24.78 -8.35
N THR H 102 -17.52 25.69 -8.67
CA THR H 102 -17.81 27.11 -8.67
C THR H 102 -17.80 27.76 -10.05
N GLY H 103 -17.06 27.21 -11.00
CA GLY H 103 -16.96 27.84 -12.30
C GLY H 103 -15.89 28.91 -12.35
N SER H 104 -14.67 28.54 -11.99
CA SER H 104 -13.55 29.48 -11.89
C SER H 104 -12.26 28.67 -11.93
N PRO H 105 -11.12 29.30 -12.14
CA PRO H 105 -9.86 28.59 -11.90
C PRO H 105 -9.54 28.36 -10.42
N TYR H 106 -8.43 27.69 -10.13
CA TYR H 106 -8.20 27.10 -8.82
C TYR H 106 -7.23 27.84 -7.92
N PHE H 107 -6.69 28.99 -8.31
CA PHE H 107 -5.78 29.81 -7.48
C PHE H 107 -4.55 29.02 -7.03
N LEU H 108 -3.73 28.68 -8.02
CA LEU H 108 -2.58 27.82 -7.80
C LEU H 108 -1.52 28.54 -6.96
N ARG H 109 -0.57 27.76 -6.45
CA ARG H 109 0.57 28.34 -5.73
C ARG H 109 1.78 27.46 -5.99
N ILE H 110 2.72 27.94 -6.80
CA ILE H 110 3.98 27.22 -7.14
C ILE H 110 5.02 27.46 -6.04
N THR H 111 5.74 26.42 -5.62
CA THR H 111 6.81 26.59 -4.59
C THR H 111 8.01 25.69 -4.90
N TRP H 112 9.22 26.14 -4.53
CA TRP H 112 10.49 25.38 -4.70
C TRP H 112 11.24 25.42 -3.36
N GLY H 113 12.18 24.50 -3.12
CA GLY H 113 12.74 24.42 -1.75
C GLY H 113 13.40 25.67 -1.24
N LYS H 114 14.32 26.29 -1.97
CA LYS H 114 14.98 27.51 -1.44
C LYS H 114 14.78 28.68 -2.39
N MET H 115 14.11 28.43 -3.52
CA MET H 115 13.93 29.54 -4.48
C MET H 115 12.94 30.54 -3.90
N ARG H 116 13.30 31.82 -3.90
CA ARG H 116 12.36 32.85 -3.40
C ARG H 116 11.79 33.58 -4.61
N TRP H 117 10.48 33.43 -4.82
CA TRP H 117 9.81 34.08 -5.92
C TRP H 117 9.71 35.56 -5.56
N GLU H 118 8.93 36.35 -6.32
CA GLU H 118 9.08 37.80 -6.53
C GLU H 118 9.53 38.65 -5.33
N ASN H 119 8.92 38.49 -4.15
CA ASN H 119 9.58 38.80 -2.90
C ASN H 119 9.20 37.83 -1.79
N LYS H 120 8.56 36.71 -2.11
CA LYS H 120 8.01 35.80 -1.13
C LYS H 120 8.49 34.39 -1.43
N GLY H 121 8.23 33.48 -0.51
CA GLY H 121 8.66 32.11 -0.69
C GLY H 121 7.75 31.25 -1.53
N TRP H 122 6.73 31.85 -2.14
CA TRP H 122 5.74 31.15 -2.95
C TRP H 122 5.34 32.06 -4.10
N PHE H 123 4.72 31.47 -5.11
CA PHE H 123 4.19 32.23 -6.24
C PHE H 123 2.71 31.90 -6.37
N ALA H 124 1.85 32.82 -5.94
CA ALA H 124 0.42 32.61 -6.07
C ALA H 124 -0.01 32.88 -7.50
N GLY H 125 -1.29 32.68 -7.80
CA GLY H 125 -1.82 33.05 -9.09
C GLY H 125 -2.57 31.92 -9.76
N ARG H 126 -3.10 32.24 -10.94
CA ARG H 126 -3.93 31.31 -11.70
C ARG H 126 -3.31 31.06 -13.06
N ALA H 127 -3.74 29.98 -13.71
CA ALA H 127 -3.11 29.48 -14.92
C ALA H 127 -3.69 30.17 -16.15
N ARG H 128 -2.85 30.95 -16.84
CA ARG H 128 -3.24 31.60 -18.07
C ARG H 128 -3.25 30.62 -19.24
N ASP H 129 -2.37 29.62 -19.20
CA ASP H 129 -2.03 28.86 -20.39
C ASP H 129 -1.50 27.50 -19.96
N LEU H 130 -1.66 26.52 -20.84
CA LEU H 130 -1.26 25.14 -20.62
C LEU H 130 -1.29 24.45 -21.97
N SER H 131 -0.26 23.66 -22.29
CA SER H 131 -0.26 22.92 -23.53
C SER H 131 0.55 21.66 -23.36
N VAL H 132 -0.10 20.51 -23.44
CA VAL H 132 0.56 19.22 -23.41
C VAL H 132 0.72 18.71 -24.84
N THR H 133 1.89 18.18 -25.15
CA THR H 133 2.20 17.67 -26.49
C THR H 133 2.88 16.30 -26.39
N TYR H 134 2.07 15.24 -26.50
CA TYR H 134 2.59 13.90 -26.30
C TYR H 134 3.37 13.49 -27.54
N THR H 135 4.57 12.95 -27.35
CA THR H 135 5.44 12.69 -28.48
C THR H 135 5.73 11.22 -28.72
N LEU H 136 5.69 10.39 -27.69
CA LEU H 136 5.91 8.97 -27.85
C LEU H 136 4.65 8.27 -27.39
N PHE H 137 4.48 7.00 -27.73
CA PHE H 137 3.29 6.23 -27.37
C PHE H 137 3.68 4.78 -27.16
N ASP H 138 2.68 3.90 -27.04
CA ASP H 138 2.90 2.46 -26.97
C ASP H 138 2.00 1.81 -28.01
N ARG H 139 1.99 0.47 -28.07
CA ARG H 139 1.20 -0.26 -29.05
C ARG H 139 -0.30 -0.02 -28.84
N ASP H 140 -0.76 -0.08 -27.59
CA ASP H 140 -2.10 0.35 -27.24
C ASP H 140 -2.20 1.84 -26.95
N ALA H 141 -1.07 2.54 -27.04
CA ALA H 141 -0.93 3.98 -26.83
C ALA H 141 -1.35 4.43 -25.43
N THR H 142 -0.70 3.85 -24.43
CA THR H 142 -0.43 4.60 -23.23
C THR H 142 0.66 5.61 -23.59
N PRO H 143 0.49 6.89 -23.30
CA PRO H 143 1.39 7.92 -23.86
C PRO H 143 2.84 7.86 -23.45
N LEU H 144 3.16 8.00 -22.17
CA LEU H 144 4.52 7.83 -21.61
C LEU H 144 5.59 8.77 -22.21
N ARG H 145 5.18 10.00 -22.59
CA ARG H 145 6.06 11.17 -22.79
C ARG H 145 5.21 12.43 -22.95
N ALA H 146 5.46 13.51 -22.20
CA ALA H 146 4.46 14.57 -22.06
C ALA H 146 4.84 15.95 -22.58
N THR H 147 5.89 16.59 -22.05
CA THR H 147 6.37 17.94 -22.44
C THR H 147 5.30 19.03 -22.26
N VAL H 148 5.05 19.38 -20.98
CA VAL H 148 4.08 20.38 -20.56
C VAL H 148 4.70 21.78 -20.58
N GLN H 149 3.88 22.81 -20.85
CA GLN H 149 4.34 24.19 -21.10
C GLN H 149 3.49 25.23 -20.33
N LEU H 150 3.41 25.10 -19.01
CA LEU H 150 2.68 26.03 -18.12
C LEU H 150 2.97 27.52 -18.26
N SER H 151 2.00 28.34 -17.84
CA SER H 151 2.13 29.80 -17.82
C SER H 151 1.08 30.37 -16.89
N LEU H 152 1.51 31.16 -15.90
CA LEU H 152 0.65 31.62 -14.81
C LEU H 152 0.65 33.14 -14.73
N VAL H 153 -0.16 33.68 -13.81
CA VAL H 153 -0.22 35.11 -13.52
C VAL H 153 0.01 35.32 -12.03
N ALA H 154 -0.05 36.58 -11.58
CA ALA H 154 0.43 36.91 -10.24
C ALA H 154 -0.62 36.66 -9.16
N ASP H 155 -1.76 37.33 -9.31
CA ASP H 155 -2.98 37.23 -8.46
C ASP H 155 -2.73 36.71 -7.04
N GLU H 156 -2.27 37.56 -6.12
CA GLU H 156 -2.06 37.16 -4.70
C GLU H 156 -3.38 37.34 -3.94
N SER H 157 -3.46 36.88 -2.68
CA SER H 157 -4.69 37.03 -1.87
C SER H 157 -4.76 38.43 -1.28
N PHE H 158 -5.93 38.83 -0.75
CA PHE H 158 -6.09 40.22 -0.25
C PHE H 158 -5.54 40.39 1.17
N VAL H 159 -5.39 39.31 1.93
CA VAL H 159 -4.86 39.44 3.28
C VAL H 159 -3.34 39.61 3.25
N ILE H 160 -2.68 38.96 2.29
CA ILE H 160 -1.23 39.10 2.15
C ILE H 160 -0.88 40.46 1.58
N GLN H 161 -1.69 40.97 0.65
CA GLN H 161 -1.41 42.27 0.06
C GLN H 161 -1.67 43.42 1.02
N GLN H 162 -2.64 43.26 1.93
CA GLN H 162 -2.86 44.27 2.95
C GLN H 162 -1.80 44.22 4.03
N SER H 163 -1.21 43.06 4.26
CA SER H 163 -0.18 42.95 5.30
C SER H 163 1.12 43.57 4.85
N LEU H 164 1.46 43.43 3.57
CA LEU H 164 2.65 44.07 3.02
C LEU H 164 2.51 45.58 2.92
N LYS H 165 1.29 46.10 2.90
CA LYS H 165 1.10 47.54 2.85
C LYS H 165 1.32 48.18 4.22
N THR H 166 0.86 47.54 5.28
CA THR H 166 1.04 48.10 6.62
C THR H 166 2.48 48.00 7.09
N GLN H 167 3.32 47.19 6.45
CA GLN H 167 4.73 47.14 6.80
C GLN H 167 5.52 48.32 6.24
N SER H 168 4.92 49.13 5.37
CA SER H 168 5.56 50.33 4.84
C SER H 168 4.65 51.52 5.11
N ALA H 169 5.12 52.46 5.94
CA ALA H 169 4.41 53.62 6.44
C ALA H 169 3.08 53.26 7.11
N PRO H 170 3.08 52.70 8.33
CA PRO H 170 1.81 52.41 9.00
C PRO H 170 1.24 53.60 9.75
N ASP H 171 1.27 54.78 9.12
CA ASP H 171 0.64 56.03 9.53
C ASP H 171 1.16 56.57 10.88
N ARG H 172 2.23 56.01 11.43
CA ARG H 172 3.02 56.63 12.48
C ARG H 172 4.49 56.52 12.10
N ALA H 173 5.28 57.48 12.58
CA ALA H 173 6.68 57.54 12.20
C ALA H 173 7.63 57.26 13.36
N LEU H 174 7.47 57.99 14.47
CA LEU H 174 8.28 57.88 15.69
C LEU H 174 9.76 58.13 15.35
N VAL H 175 10.02 59.38 14.97
CA VAL H 175 11.30 59.81 14.45
C VAL H 175 12.23 60.21 15.59
N SER H 176 13.43 59.64 15.62
CA SER H 176 14.46 60.06 16.56
C SER H 176 15.10 61.35 16.07
N VAL H 177 15.59 62.14 17.02
CA VAL H 177 16.25 63.38 16.63
C VAL H 177 17.76 63.20 16.74
N PRO H 178 18.52 63.74 15.80
CA PRO H 178 19.98 63.66 15.92
C PRO H 178 20.56 64.88 16.59
N ASP H 179 21.88 64.84 16.85
CA ASP H 179 22.59 66.03 17.29
C ASP H 179 22.67 67.03 16.14
N LEU H 180 22.54 68.32 16.49
CA LEU H 180 22.42 69.43 15.53
C LEU H 180 21.26 69.22 14.56
N ALA H 181 20.06 69.21 15.10
CA ALA H 181 18.85 68.97 14.34
C ALA H 181 18.01 70.23 14.24
N SER H 182 17.01 70.18 13.36
CA SER H 182 16.07 71.28 13.19
C SER H 182 14.77 70.72 12.62
N LEU H 183 13.66 71.37 12.96
CA LEU H 183 12.35 70.89 12.51
C LEU H 183 12.11 70.86 11.01
N PRO H 184 12.66 71.75 10.15
CA PRO H 184 12.57 71.46 8.72
C PRO H 184 13.32 70.22 8.30
N LEU H 185 14.41 69.86 8.98
CA LEU H 185 15.07 68.59 8.71
C LEU H 185 14.34 67.42 9.35
N LEU H 186 13.75 67.64 10.53
CA LEU H 186 12.98 66.59 11.18
C LEU H 186 11.65 66.35 10.49
N ALA H 187 11.17 67.29 9.69
CA ALA H 187 9.99 67.04 8.86
C ALA H 187 10.34 66.34 7.57
N LEU H 188 11.54 66.54 7.05
CA LEU H 188 11.96 65.78 5.88
C LEU H 188 12.27 64.34 6.25
N SER H 189 12.78 64.09 7.45
CA SER H 189 13.01 62.72 7.90
C SER H 189 11.73 62.05 8.39
N ALA H 190 10.71 62.83 8.73
CA ALA H 190 9.39 62.27 9.02
C ALA H 190 8.52 62.22 7.79
N GLY H 191 8.81 63.03 6.78
CA GLY H 191 8.12 62.94 5.51
C GLY H 191 8.66 61.89 4.57
N GLY H 192 9.68 61.14 5.01
CA GLY H 192 10.19 60.03 4.24
C GLY H 192 9.74 58.71 4.82
N VAL H 193 9.42 58.71 6.12
CA VAL H 193 8.85 57.53 6.74
C VAL H 193 7.40 57.37 6.31
N LEU H 194 6.69 58.47 6.12
CA LEU H 194 5.28 58.43 5.78
C LEU H 194 4.98 58.75 4.32
N ALA H 195 5.90 59.41 3.62
CA ALA H 195 5.74 59.90 2.24
C ALA H 195 4.50 60.77 2.09
N SER H 196 4.38 61.77 2.97
CA SER H 196 3.16 62.57 3.01
C SER H 196 3.37 64.06 3.28
N SER H 197 4.62 64.56 3.31
CA SER H 197 4.96 65.99 3.41
C SER H 197 4.38 66.63 4.70
N VAL H 198 4.98 66.24 5.82
CA VAL H 198 4.40 66.42 7.14
C VAL H 198 4.57 67.80 7.78
N ASP H 199 4.88 68.83 6.99
CA ASP H 199 4.55 70.26 7.20
C ASP H 199 4.79 70.84 8.61
N TYR H 200 6.06 71.04 8.96
CA TYR H 200 6.65 71.10 10.31
C TYR H 200 5.85 71.76 11.43
N LEU H 201 4.97 72.70 11.12
CA LEU H 201 4.13 73.32 12.16
C LEU H 201 3.16 72.32 12.79
N SER H 202 2.79 71.27 12.06
CA SER H 202 1.97 70.24 12.67
C SER H 202 2.78 69.31 13.56
N LEU H 203 4.10 69.24 13.38
CA LEU H 203 4.92 68.43 14.27
C LEU H 203 5.04 69.08 15.65
N ALA H 204 5.23 70.39 15.70
CA ALA H 204 5.36 71.06 16.97
C ALA H 204 4.04 71.18 17.71
N TRP H 205 2.91 71.03 17.01
CA TRP H 205 1.62 71.04 17.68
C TRP H 205 1.22 69.67 18.19
N ASP H 206 1.57 68.62 17.45
CA ASP H 206 1.18 67.27 17.85
C ASP H 206 2.04 66.73 18.99
N ASN H 207 3.24 67.25 19.17
CA ASN H 207 4.15 66.78 20.19
C ASN H 207 4.29 67.73 21.37
N ASP H 208 3.53 68.83 21.37
CA ASP H 208 3.54 69.86 22.41
C ASP H 208 4.93 70.46 22.61
N LEU H 209 5.55 70.87 21.50
CA LEU H 209 6.76 71.65 21.58
C LEU H 209 6.45 73.04 22.14
N ASP H 210 7.45 73.66 22.73
CA ASP H 210 7.28 74.99 23.32
C ASP H 210 7.66 76.10 22.36
N ASN H 211 8.81 75.98 21.69
CA ASN H 211 9.40 77.12 20.99
C ASN H 211 10.04 76.78 19.66
N LEU H 212 9.64 75.66 19.03
CA LEU H 212 10.11 75.12 17.75
C LEU H 212 11.52 74.56 17.79
N ASP H 213 12.24 74.76 18.89
CA ASP H 213 13.52 74.09 19.17
C ASP H 213 13.41 73.57 20.59
N ASP H 214 12.78 72.41 20.76
CA ASP H 214 12.53 71.87 22.09
C ASP H 214 13.15 70.50 22.29
N PHE H 215 13.20 69.69 21.24
CA PHE H 215 13.87 68.39 21.23
C PHE H 215 15.33 68.49 21.67
N GLN H 216 15.80 67.46 22.39
CA GLN H 216 17.14 67.46 22.96
C GLN H 216 17.82 66.13 22.62
N THR H 217 18.40 66.07 21.40
CA THR H 217 19.36 65.11 20.86
C THR H 217 19.26 63.66 21.35
N GLY H 218 18.11 63.03 21.14
CA GLY H 218 17.91 61.69 21.65
C GLY H 218 16.49 61.37 22.06
N ASP H 219 15.61 62.37 22.04
CA ASP H 219 14.20 62.15 22.32
C ASP H 219 13.45 61.99 21.00
N PHE H 220 12.30 61.34 21.07
CA PHE H 220 11.55 60.96 19.89
C PHE H 220 10.40 61.92 19.65
N LEU H 221 10.02 62.05 18.37
CA LEU H 221 8.87 62.85 17.95
C LEU H 221 7.93 61.98 17.13
N ARG H 222 6.67 61.96 17.51
CA ARG H 222 5.66 61.13 16.87
C ARG H 222 5.00 61.89 15.73
N ALA H 223 5.00 61.31 14.54
CA ALA H 223 4.43 61.94 13.35
C ALA H 223 3.37 61.02 12.76
N THR H 224 2.12 61.47 12.80
CA THR H 224 0.99 60.76 12.20
C THR H 224 0.49 61.55 11.00
N LYS H 225 0.42 60.89 9.86
CA LYS H 225 0.05 61.46 8.55
C LYS H 225 0.96 62.65 8.22
N THR I 19 -44.46 44.27 33.32
CA THR I 19 -45.26 43.12 33.68
C THR I 19 -44.47 42.15 34.54
N PHE I 20 -44.97 40.93 34.64
CA PHE I 20 -44.23 39.85 35.29
C PHE I 20 -42.98 39.53 34.48
N LEU I 21 -41.92 39.12 35.17
CA LEU I 21 -40.60 39.24 34.58
C LEU I 21 -39.90 37.91 34.32
N LEU I 22 -39.99 36.95 35.25
CA LEU I 22 -39.45 35.59 35.25
C LEU I 22 -37.95 35.55 35.50
N GLU I 23 -37.28 36.68 35.45
CA GLU I 23 -35.92 36.76 35.99
C GLU I 23 -35.60 38.19 36.37
N PRO I 24 -35.59 38.47 37.65
CA PRO I 24 -35.06 39.73 38.16
C PRO I 24 -33.55 39.70 38.26
N ARG I 25 -33.01 40.63 39.04
CA ARG I 25 -31.62 40.69 39.48
C ARG I 25 -30.68 40.87 38.28
N THR I 26 -30.56 42.14 37.88
CA THR I 26 -29.64 42.50 36.83
C THR I 26 -28.19 42.47 37.30
N GLY I 27 -27.30 43.10 36.53
CA GLY I 27 -25.88 43.08 36.85
C GLY I 27 -25.54 43.64 38.22
N LYS I 28 -26.40 44.49 38.77
CA LYS I 28 -26.33 44.81 40.19
C LYS I 28 -26.53 43.57 41.05
N GLY I 29 -27.57 42.79 40.78
CA GLY I 29 -27.83 41.61 41.59
C GLY I 29 -26.81 40.51 41.34
N LEU I 30 -26.38 40.37 40.08
CA LEU I 30 -25.31 39.43 39.76
C LEU I 30 -24.03 39.82 40.43
N LEU I 31 -23.74 41.11 40.47
CA LEU I 31 -22.52 41.59 41.09
C LEU I 31 -22.58 41.45 42.60
N ASN I 32 -23.78 41.54 43.18
CA ASN I 32 -23.94 41.30 44.60
C ASN I 32 -23.69 39.82 44.93
N LEU I 33 -24.26 38.93 44.12
CA LEU I 33 -24.04 37.51 44.27
C LEU I 33 -22.57 37.14 44.08
N MET I 34 -21.92 37.81 43.15
CA MET I 34 -20.52 37.57 42.85
C MET I 34 -19.61 38.11 43.93
N ALA I 35 -20.02 39.19 44.61
CA ALA I 35 -19.24 39.71 45.71
C ALA I 35 -19.39 38.85 46.95
N LYS I 36 -20.58 38.29 47.18
CA LYS I 36 -20.73 37.26 48.19
C LYS I 36 -19.91 36.03 47.85
N TYR I 37 -19.84 35.70 46.58
CA TYR I 37 -19.37 34.40 46.13
C TYR I 37 -17.85 34.29 46.16
N THR I 38 -17.17 35.29 45.62
CA THR I 38 -15.73 35.23 45.46
C THR I 38 -14.95 35.41 46.75
N GLU I 39 -15.63 35.62 47.88
CA GLU I 39 -14.91 35.71 49.14
C GLU I 39 -14.53 34.34 49.65
N ALA I 40 -15.19 33.30 49.17
CA ALA I 40 -14.86 31.96 49.61
C ALA I 40 -13.57 31.43 49.00
N VAL I 41 -13.02 32.11 47.99
CA VAL I 41 -11.84 31.60 47.28
C VAL I 41 -10.58 32.28 47.79
N PRO I 42 -9.57 31.52 48.21
CA PRO I 42 -8.29 32.12 48.56
C PRO I 42 -7.50 32.52 47.32
N PHE I 43 -6.79 33.64 47.43
CA PHE I 43 -5.98 34.16 46.34
C PHE I 43 -4.76 33.26 46.22
N ALA I 44 -4.92 32.14 45.52
CA ALA I 44 -4.04 30.98 45.67
C ALA I 44 -2.61 31.27 45.26
N GLY I 45 -1.68 30.58 45.89
CA GLY I 45 -0.29 30.95 45.88
C GLY I 45 0.05 31.94 46.97
N HIS I 46 -0.82 32.89 47.22
CA HIS I 46 -0.76 33.76 48.38
C HIS I 46 -1.73 33.18 49.39
N THR I 47 -1.57 33.57 50.66
CA THR I 47 -2.48 33.06 51.66
C THR I 47 -3.00 34.21 52.50
N ASP I 48 -4.11 33.95 53.20
CA ASP I 48 -4.89 34.94 53.93
C ASP I 48 -5.26 36.10 53.01
N ALA I 49 -5.84 35.77 51.87
CA ALA I 49 -6.24 36.77 50.90
C ALA I 49 -7.42 36.23 50.10
N ASP I 50 -8.55 36.91 50.18
CA ASP I 50 -9.73 36.48 49.47
C ASP I 50 -9.63 36.88 48.01
N TRP I 51 -10.24 36.08 47.15
CA TRP I 51 -10.28 36.44 45.75
C TRP I 51 -11.28 37.55 45.48
N LYS I 52 -12.18 37.80 46.42
CA LYS I 52 -13.10 38.93 46.35
C LYS I 52 -12.37 40.25 46.39
N ASP I 53 -11.17 40.26 47.00
CA ASP I 53 -10.29 41.42 46.90
C ASP I 53 -9.90 41.71 45.47
N PHE I 54 -9.77 40.68 44.64
CA PHE I 54 -9.27 40.85 43.28
C PHE I 54 -10.29 41.56 42.40
N TRP I 55 -11.56 41.19 42.51
CA TRP I 55 -12.56 41.77 41.62
C TRP I 55 -13.07 43.10 42.16
N MET I 56 -12.91 43.35 43.46
CA MET I 56 -13.46 44.54 44.09
C MET I 56 -12.38 45.49 44.57
N ALA I 57 -11.17 45.35 44.05
CA ALA I 57 -10.13 46.32 44.36
C ALA I 57 -10.42 47.61 43.63
N GLY I 58 -10.40 48.72 44.37
CA GLY I 58 -10.56 50.05 43.82
C GLY I 58 -11.89 50.69 44.14
N CYS I 59 -12.96 49.90 44.23
CA CYS I 59 -14.29 50.46 44.45
C CYS I 59 -15.06 49.57 45.40
N THR I 60 -16.18 50.10 45.88
CA THR I 60 -17.15 49.29 46.60
C THR I 60 -18.11 48.65 45.62
N LEU I 61 -19.03 47.84 46.15
CA LEU I 61 -20.01 47.14 45.34
C LEU I 61 -20.92 48.11 44.61
N GLU I 62 -21.42 49.11 45.32
CA GLU I 62 -22.37 50.04 44.75
C GLU I 62 -21.71 50.98 43.75
N ALA I 63 -20.48 51.42 44.02
CA ALA I 63 -19.77 52.26 43.08
C ALA I 63 -19.45 51.52 41.79
N LEU I 64 -19.19 50.21 41.89
CA LEU I 64 -18.95 49.43 40.69
C LEU I 64 -20.24 49.21 39.92
N SER I 65 -21.35 49.05 40.61
CA SER I 65 -22.64 48.92 39.92
C SER I 65 -23.03 50.22 39.24
N ASP I 66 -22.62 51.36 39.81
CA ASP I 66 -22.88 52.63 39.15
C ASP I 66 -22.11 52.75 37.85
N ILE I 67 -20.89 52.23 37.83
CA ILE I 67 -20.13 52.19 36.58
C ILE I 67 -20.77 51.21 35.61
N TYR I 68 -21.39 50.15 36.14
CA TYR I 68 -22.10 49.19 35.29
C TYR I 68 -23.26 49.83 34.57
N GLN I 69 -24.04 50.66 35.27
CA GLN I 69 -25.11 51.36 34.57
C GLN I 69 -24.55 52.45 33.67
N TYR I 70 -23.72 53.33 34.21
CA TYR I 70 -23.15 54.41 33.42
C TYR I 70 -21.68 54.14 33.21
N PRO I 71 -21.25 53.80 32.00
CA PRO I 71 -19.83 53.46 31.79
C PRO I 71 -18.89 54.64 31.86
N GLY I 72 -19.39 55.87 31.74
CA GLY I 72 -18.51 57.03 31.77
C GLY I 72 -17.95 57.35 33.13
N LEU I 73 -18.49 56.76 34.19
CA LEU I 73 -17.97 56.96 35.54
C LEU I 73 -16.55 56.41 35.66
N ALA I 74 -16.21 55.40 34.88
CA ALA I 74 -14.82 55.12 34.60
C ALA I 74 -14.37 56.06 33.51
N GLU I 75 -13.24 56.73 33.71
CA GLU I 75 -12.72 57.64 32.70
C GLU I 75 -11.67 56.92 31.87
N LYS I 76 -12.15 55.95 31.10
CA LYS I 76 -11.37 55.07 30.23
C LYS I 76 -10.32 54.26 31.00
N LYS I 77 -10.46 54.14 32.31
CA LYS I 77 -9.53 53.37 33.12
C LYS I 77 -10.27 52.83 34.32
N LEU I 78 -9.93 51.60 34.67
CA LEU I 78 -10.25 50.83 35.86
C LEU I 78 -9.46 49.55 35.69
N PRO I 79 -9.24 48.76 36.75
CA PRO I 79 -8.53 47.48 36.58
C PRO I 79 -9.28 46.54 35.64
N VAL I 80 -8.50 45.88 34.79
CA VAL I 80 -9.06 45.24 33.62
C VAL I 80 -9.86 43.99 33.93
N GLN I 81 -9.72 43.44 35.13
CA GLN I 81 -10.63 42.37 35.52
C GLN I 81 -12.02 42.90 35.76
N GLN I 82 -12.14 44.15 36.18
CA GLN I 82 -13.47 44.73 36.34
C GLN I 82 -14.09 45.05 34.98
N ALA I 83 -13.29 45.51 34.02
CA ALA I 83 -13.80 45.73 32.67
C ALA I 83 -14.20 44.43 32.01
N PHE I 84 -13.39 43.40 32.24
CA PHE I 84 -13.70 42.03 31.84
C PHE I 84 -15.03 41.58 32.42
N LEU I 85 -15.25 41.84 33.71
CA LEU I 85 -16.46 41.37 34.37
C LEU I 85 -17.68 42.15 33.92
N LEU I 86 -17.54 43.46 33.71
CA LEU I 86 -18.69 44.23 33.24
C LEU I 86 -19.02 43.91 31.80
N ALA I 87 -18.01 43.63 30.97
CA ALA I 87 -18.27 43.14 29.63
C ALA I 87 -18.97 41.80 29.66
N LEU I 88 -18.56 40.94 30.59
CA LEU I 88 -19.24 39.66 30.79
C LEU I 88 -20.71 39.86 31.14
N LEU I 89 -21.00 40.77 32.07
CA LEU I 89 -22.38 40.95 32.50
C LEU I 89 -23.24 41.58 31.40
N HIS I 90 -22.67 42.52 30.65
CA HIS I 90 -23.38 43.07 29.51
C HIS I 90 -23.65 42.02 28.45
N LEU I 91 -22.76 41.04 28.32
CA LEU I 91 -23.07 39.92 27.46
C LEU I 91 -24.16 39.05 28.02
N LEU I 92 -24.14 38.82 29.33
CA LEU I 92 -25.11 37.95 29.97
C LEU I 92 -26.49 38.55 30.03
N GLU I 93 -26.62 39.85 29.80
CA GLU I 93 -27.95 40.46 29.74
C GLU I 93 -28.79 39.88 28.62
N THR I 94 -28.15 39.48 27.52
CA THR I 94 -28.90 39.03 26.35
C THR I 94 -29.66 37.72 26.56
N PRO I 95 -29.07 36.63 27.08
CA PRO I 95 -29.90 35.44 27.31
C PRO I 95 -30.91 35.61 28.41
N ARG I 96 -30.64 36.49 29.38
CA ARG I 96 -31.67 36.87 30.33
C ARG I 96 -32.83 37.55 29.65
N ALA I 97 -32.54 38.34 28.62
CA ALA I 97 -33.61 39.01 27.87
C ALA I 97 -34.41 38.03 27.06
N MET I 98 -33.75 37.02 26.47
CA MET I 98 -34.53 35.98 25.81
C MET I 98 -35.33 35.15 26.81
N LEU I 99 -34.81 35.00 28.01
CA LEU I 99 -35.49 34.15 28.97
C LEU I 99 -36.68 34.87 29.59
N ASN I 100 -36.65 36.19 29.64
CA ASN I 100 -37.81 36.91 30.15
C ASN I 100 -38.95 36.96 29.17
N THR I 101 -38.75 36.52 27.95
CA THR I 101 -39.82 36.41 26.97
C THR I 101 -40.53 35.08 27.02
N VAL I 102 -40.28 34.29 28.04
CA VAL I 102 -40.92 32.98 28.19
C VAL I 102 -42.34 33.02 28.77
N PRO I 103 -42.63 33.62 29.94
CA PRO I 103 -43.94 33.36 30.56
C PRO I 103 -45.12 33.93 29.81
N ALA I 104 -44.92 35.01 29.05
CA ALA I 104 -45.98 35.51 28.19
C ALA I 104 -46.27 34.53 27.07
N ARG I 105 -45.22 33.94 26.49
CA ARG I 105 -45.42 32.92 25.49
C ARG I 105 -46.04 31.66 26.08
N HIS I 106 -45.77 31.39 27.36
CA HIS I 106 -46.41 30.27 28.03
C HIS I 106 -47.91 30.49 28.15
N ARG I 107 -48.30 31.69 28.58
CA ARG I 107 -49.71 32.04 28.71
C ARG I 107 -50.44 31.98 27.38
N SER I 108 -49.83 32.56 26.34
CA SER I 108 -50.47 32.51 25.03
C SER I 108 -50.48 31.11 24.46
N LEU I 109 -49.49 30.28 24.79
CA LEU I 109 -49.52 28.89 24.37
C LEU I 109 -50.63 28.13 25.05
N TYR I 110 -50.90 28.46 26.31
CA TYR I 110 -51.96 27.78 27.01
C TYR I 110 -53.34 28.24 26.59
N TYR I 111 -53.50 29.52 26.25
CA TYR I 111 -54.81 30.00 25.82
C TYR I 111 -55.11 29.63 24.37
N ARG I 112 -54.12 29.66 23.50
CA ARG I 112 -54.39 29.43 22.08
C ARG I 112 -54.31 27.96 21.70
N ASP I 113 -53.20 27.29 22.01
CA ASP I 113 -53.01 25.92 21.54
C ASP I 113 -53.93 24.97 22.29
N LEU I 114 -53.77 24.88 23.60
CA LEU I 114 -54.87 24.37 24.40
C LEU I 114 -55.92 25.44 24.49
N LEU I 115 -57.15 25.01 24.81
CA LEU I 115 -58.31 25.83 25.15
C LEU I 115 -58.90 26.60 23.97
N GLY I 116 -58.21 26.62 22.84
CA GLY I 116 -58.67 27.23 21.61
C GLY I 116 -59.15 28.66 21.64
N PHE I 117 -58.68 29.46 22.58
CA PHE I 117 -59.04 30.88 22.59
C PHE I 117 -58.44 31.59 21.39
N ALA I 118 -59.12 32.63 20.94
CA ALA I 118 -58.67 33.38 19.80
C ALA I 118 -59.27 34.77 19.87
N PRO I 119 -58.52 35.79 19.46
CA PRO I 119 -59.12 37.12 19.29
C PRO I 119 -60.15 37.10 18.16
N ARG I 120 -61.39 37.38 18.51
CA ARG I 120 -62.49 37.14 17.59
C ARG I 120 -62.50 38.16 16.45
N ALA I 121 -63.12 37.75 15.34
CA ALA I 121 -63.08 38.50 14.11
C ALA I 121 -64.00 39.72 14.20
N PRO I 122 -63.73 40.78 13.43
CA PRO I 122 -64.60 41.95 13.47
C PRO I 122 -65.90 41.73 12.70
N GLN I 123 -66.81 42.66 12.91
CA GLN I 123 -68.15 42.66 12.36
C GLN I 123 -68.26 43.66 11.21
N PRO I 124 -69.18 43.48 10.27
CA PRO I 124 -69.33 44.45 9.19
C PRO I 124 -70.23 45.61 9.56
N ASP I 125 -70.02 46.73 8.88
CA ASP I 125 -70.78 47.96 9.10
C ASP I 125 -72.16 47.86 8.46
N SER I 126 -72.96 48.91 8.66
CA SER I 126 -74.28 49.04 8.06
C SER I 126 -74.70 50.51 8.07
N VAL I 127 -75.05 51.06 6.91
CA VAL I 127 -75.52 52.43 6.80
C VAL I 127 -76.82 52.43 6.04
N ALA I 128 -77.46 53.61 5.98
CA ALA I 128 -78.68 53.80 5.22
C ALA I 128 -78.56 55.05 4.38
N VAL I 129 -78.71 54.91 3.07
CA VAL I 129 -78.56 56.02 2.14
C VAL I 129 -79.90 56.32 1.49
N SER I 130 -80.08 57.57 1.07
CA SER I 130 -81.41 58.16 0.91
C SER I 130 -81.95 58.16 -0.51
N PHE I 131 -81.12 58.47 -1.50
CA PHE I 131 -81.47 58.46 -2.93
C PHE I 131 -82.62 59.41 -3.26
N THR I 132 -82.35 60.70 -3.18
CA THR I 132 -83.31 61.62 -3.76
C THR I 132 -83.25 61.53 -5.29
N LEU I 133 -84.38 61.87 -5.91
CA LEU I 133 -84.63 61.62 -7.32
C LEU I 133 -83.91 62.66 -8.18
N GLN I 134 -84.10 62.59 -9.50
CA GLN I 134 -83.80 63.70 -10.40
C GLN I 134 -84.84 64.81 -10.26
N ARG I 135 -84.74 65.78 -11.17
CA ARG I 135 -85.80 66.80 -11.28
C ARG I 135 -87.12 66.16 -11.63
N ASN I 136 -87.21 65.58 -12.83
CA ASN I 136 -88.40 64.88 -13.29
C ASN I 136 -87.98 63.87 -14.36
N SER I 137 -87.77 62.62 -13.96
CA SER I 137 -87.47 61.58 -14.94
C SER I 137 -88.52 60.48 -14.95
N SER I 138 -88.61 59.69 -13.88
CA SER I 138 -89.50 58.54 -13.68
C SER I 138 -89.17 57.99 -12.30
N PRO I 139 -90.05 57.18 -11.70
CA PRO I 139 -89.62 56.38 -10.55
C PRO I 139 -88.72 55.26 -11.03
N TYR I 140 -87.47 55.27 -10.54
CA TYR I 140 -86.42 54.41 -11.05
C TYR I 140 -86.03 53.35 -10.03
N ALA I 141 -85.84 52.12 -10.50
CA ALA I 141 -85.61 50.98 -9.63
C ALA I 141 -84.13 50.64 -9.53
N LEU I 142 -83.64 50.44 -8.27
CA LEU I 142 -82.33 49.95 -7.93
C LEU I 142 -82.41 48.52 -7.43
N PRO I 143 -81.58 47.63 -7.96
CA PRO I 143 -81.53 46.26 -7.44
C PRO I 143 -80.80 46.19 -6.11
N ALA I 144 -80.74 45.00 -5.52
CA ALA I 144 -80.02 44.82 -4.27
C ALA I 144 -78.53 44.69 -4.56
N GLY I 145 -77.72 45.45 -3.84
CA GLY I 145 -76.28 45.42 -4.03
C GLY I 145 -75.83 46.38 -5.11
N SER I 146 -76.22 47.64 -4.99
CA SER I 146 -76.00 48.60 -6.05
C SER I 146 -74.66 49.31 -5.95
N LEU I 147 -73.78 48.86 -5.06
CA LEU I 147 -72.39 49.34 -4.93
C LEU I 147 -72.33 50.83 -4.59
N LEU I 148 -72.83 51.15 -3.42
CA LEU I 148 -72.72 52.50 -2.89
C LEU I 148 -71.29 52.75 -2.44
N ASP I 149 -70.81 53.97 -2.64
CA ASP I 149 -69.43 54.32 -2.35
C ASP I 149 -69.35 55.02 -1.00
N GLY I 150 -68.28 54.75 -0.26
CA GLY I 150 -68.17 55.23 1.10
C GLY I 150 -66.81 55.75 1.52
N GLY I 151 -66.08 56.37 0.61
CA GLY I 151 -64.78 56.92 0.93
C GLY I 151 -63.67 56.09 0.30
N GLN I 152 -62.44 56.31 0.78
CA GLN I 152 -61.37 55.49 0.22
C GLN I 152 -61.03 54.33 1.14
N ASP I 153 -60.26 54.59 2.21
CA ASP I 153 -59.81 53.58 3.16
C ASP I 153 -58.99 54.27 4.26
N SER I 154 -58.37 53.48 5.13
CA SER I 154 -57.18 53.87 5.87
C SER I 154 -55.91 53.27 5.28
N ALA I 155 -56.04 52.37 4.29
CA ALA I 155 -54.91 51.70 3.67
C ALA I 155 -54.72 52.02 2.21
N GLY I 156 -55.77 52.41 1.50
CA GLY I 156 -55.62 52.91 0.14
C GLY I 156 -56.32 52.15 -0.95
N ASN I 157 -57.43 51.49 -0.63
CA ASN I 157 -58.27 50.91 -1.67
C ASN I 157 -59.73 51.04 -1.28
N SER I 158 -60.57 51.25 -2.29
CA SER I 158 -61.88 51.86 -2.09
C SER I 158 -62.85 50.91 -1.40
N ILE I 159 -63.37 51.32 -0.25
CA ILE I 159 -64.42 50.56 0.39
C ILE I 159 -65.74 50.93 -0.25
N THR I 160 -66.56 49.92 -0.48
CA THR I 160 -67.89 50.12 -1.04
C THR I 160 -68.90 49.40 -0.16
N TYR I 161 -70.09 49.96 -0.06
CA TYR I 161 -71.20 49.29 0.58
C TYR I 161 -72.20 48.88 -0.48
N GLN I 162 -73.00 47.88 -0.16
CA GLN I 162 -73.97 47.38 -1.11
C GLN I 162 -75.37 47.49 -0.54
N THR I 163 -76.33 47.59 -1.45
CA THR I 163 -77.72 47.77 -1.09
C THR I 163 -78.31 46.44 -0.67
N ASP I 164 -78.97 46.41 0.49
CA ASP I 164 -79.47 45.14 1.01
C ASP I 164 -80.67 44.64 0.24
N ASP I 165 -81.51 45.53 -0.27
CA ASP I 165 -82.73 45.11 -0.92
C ASP I 165 -83.10 46.08 -2.02
N SER I 166 -83.67 45.54 -3.10
CA SER I 166 -84.09 46.34 -4.24
C SER I 166 -85.24 47.26 -3.87
N LEU I 167 -85.26 48.45 -4.46
CA LEU I 167 -86.32 49.41 -4.19
C LEU I 167 -86.55 50.28 -5.41
N LEU I 168 -87.58 51.12 -5.34
CA LEU I 168 -87.83 52.13 -6.35
C LEU I 168 -87.67 53.51 -5.76
N ILE I 169 -87.39 54.48 -6.63
CA ILE I 169 -87.16 55.86 -6.23
C ILE I 169 -88.18 56.71 -6.97
N THR I 170 -89.07 57.33 -6.21
CA THR I 170 -90.26 57.94 -6.78
C THR I 170 -90.34 59.43 -6.57
N GLY I 171 -89.71 59.98 -5.56
CA GLY I 171 -89.85 61.37 -5.21
C GLY I 171 -90.56 61.60 -3.92
N GLN I 172 -90.51 60.66 -3.00
CA GLN I 172 -91.14 60.83 -1.71
C GLN I 172 -90.33 61.77 -0.85
N GLN I 173 -90.90 62.90 -0.50
CA GLN I 173 -90.28 63.80 0.44
C GLN I 173 -91.05 63.72 1.73
N LEU I 174 -90.70 64.58 2.68
CA LEU I 174 -91.19 64.41 4.04
C LEU I 174 -91.62 65.75 4.61
N GLU I 175 -92.92 66.02 4.57
CA GLU I 175 -93.49 67.07 5.41
C GLU I 175 -93.47 66.60 6.87
N GLN I 176 -93.70 67.55 7.77
CA GLN I 176 -93.33 67.38 9.18
C GLN I 176 -94.14 66.30 9.89
N LEU I 177 -93.72 65.96 11.10
CA LEU I 177 -94.36 64.95 11.91
C LEU I 177 -95.40 65.55 12.86
N ALA I 222 -98.60 64.75 2.40
CA ALA I 222 -99.33 65.23 3.57
C ALA I 222 -100.05 64.20 4.52
N PRO I 223 -100.62 63.06 4.01
CA PRO I 223 -101.30 62.16 4.96
C PRO I 223 -100.48 61.01 5.54
N GLU I 224 -100.58 60.80 6.86
CA GLU I 224 -100.23 59.56 7.54
C GLU I 224 -100.91 59.61 8.91
N LEU I 225 -100.56 58.69 9.80
CA LEU I 225 -101.11 58.70 11.17
C LEU I 225 -100.60 59.91 11.95
N TYR I 226 -99.30 60.00 12.16
CA TYR I 226 -98.68 61.16 12.80
C TYR I 226 -97.85 61.99 11.86
N LEU I 227 -97.89 61.72 10.56
CA LEU I 227 -96.82 62.12 9.66
C LEU I 227 -97.44 62.56 8.34
N GLY I 228 -96.59 62.99 7.41
CA GLY I 228 -97.03 63.35 6.07
C GLY I 228 -95.91 63.37 5.08
N PHE I 229 -96.22 63.40 3.79
CA PHE I 229 -95.20 63.30 2.75
C PHE I 229 -95.51 64.33 1.67
N SER I 230 -94.87 64.19 0.52
CA SER I 230 -95.28 64.90 -0.67
C SER I 230 -95.14 63.99 -1.89
N GLY I 231 -95.47 62.72 -1.74
CA GLY I 231 -95.46 61.81 -2.86
C GLY I 231 -96.74 61.02 -2.92
N THR I 232 -97.82 61.64 -2.45
CA THR I 232 -99.11 60.98 -2.29
C THR I 232 -99.70 60.63 -3.66
N SER I 233 -99.75 59.34 -3.96
CA SER I 233 -100.17 58.83 -5.26
C SER I 233 -100.81 57.48 -5.01
N ALA I 234 -100.94 56.67 -6.06
CA ALA I 234 -101.40 55.30 -5.94
C ALA I 234 -100.22 54.37 -6.16
N GLN I 235 -100.14 53.32 -5.34
CA GLN I 235 -98.96 52.46 -5.20
C GLN I 235 -97.73 53.31 -4.88
N ASP I 236 -97.77 53.88 -3.68
CA ASP I 236 -96.70 54.77 -3.23
C ASP I 236 -95.40 54.05 -2.94
N THR I 237 -95.47 52.75 -2.61
CA THR I 237 -94.35 51.84 -2.26
C THR I 237 -93.24 52.52 -1.45
N LEU I 238 -93.66 53.23 -0.41
CA LEU I 238 -92.75 54.06 0.36
C LEU I 238 -91.82 53.23 1.22
N SER I 239 -90.55 53.65 1.25
CA SER I 239 -89.55 52.99 2.05
C SER I 239 -88.87 54.04 2.92
N LEU I 240 -88.97 53.86 4.22
CA LEU I 240 -88.40 54.78 5.17
C LEU I 240 -87.15 54.17 5.79
N TYR I 241 -86.35 55.02 6.39
CA TYR I 241 -85.38 54.58 7.37
C TYR I 241 -85.65 55.28 8.69
N TRP I 242 -85.60 54.51 9.75
CA TRP I 242 -85.78 55.02 11.08
C TRP I 242 -84.44 54.98 11.80
N SER I 243 -84.24 55.90 12.73
CA SER I 243 -83.09 55.87 13.61
C SER I 243 -83.59 56.16 15.00
N VAL I 244 -83.87 55.12 15.78
CA VAL I 244 -84.53 55.28 17.05
C VAL I 244 -83.63 54.69 18.11
N ARG I 245 -83.86 55.11 19.35
CA ARG I 245 -83.15 54.53 20.49
C ARG I 245 -83.76 53.18 20.86
N ALA I 246 -83.26 52.64 21.97
CA ALA I 246 -83.87 51.44 22.52
C ALA I 246 -85.24 51.76 23.07
N SER I 247 -86.13 50.78 23.05
CA SER I 247 -87.49 50.98 23.49
C SER I 247 -88.03 49.67 24.06
N SER I 248 -89.35 49.64 24.25
CA SER I 248 -90.05 48.49 24.81
C SER I 248 -90.99 47.83 23.81
N ALA I 249 -90.74 48.01 22.51
CA ALA I 249 -91.45 47.36 21.40
C ALA I 249 -92.95 47.68 21.43
N LEU I 250 -93.24 48.95 21.13
CA LEU I 250 -94.61 49.44 21.04
C LEU I 250 -95.34 48.86 19.82
N ASP I 251 -96.60 49.27 19.67
CA ASP I 251 -97.45 48.81 18.58
C ASP I 251 -98.23 49.97 17.96
N VAL I 252 -98.16 50.09 16.64
CA VAL I 252 -98.76 51.18 15.88
C VAL I 252 -99.72 50.56 14.86
N THR I 253 -100.75 51.31 14.46
CA THR I 253 -101.73 50.82 13.50
C THR I 253 -101.53 51.32 12.07
N TRP I 254 -100.98 52.53 11.90
CA TRP I 254 -100.73 53.18 10.60
C TRP I 254 -102.00 53.28 9.78
N TRP I 255 -102.95 54.11 10.21
CA TRP I 255 -104.36 53.82 9.99
C TRP I 255 -104.83 54.09 8.56
N TYR I 256 -104.02 54.76 7.74
CA TYR I 256 -104.48 55.11 6.40
C TYR I 256 -104.45 53.91 5.46
N TYR I 257 -105.00 54.10 4.27
CA TYR I 257 -105.07 53.09 3.23
C TYR I 257 -104.33 53.60 2.01
N GLN I 258 -103.69 52.70 1.27
CA GLN I 258 -102.73 53.15 0.26
C GLN I 258 -103.31 53.10 -1.15
N GLY I 259 -104.19 52.14 -1.45
CA GLY I 259 -104.72 52.04 -2.79
C GLY I 259 -105.65 53.18 -3.16
N THR I 260 -106.25 53.83 -2.17
CA THR I 260 -107.02 55.06 -2.37
C THR I 260 -106.22 56.24 -1.87
N LYS I 261 -106.12 57.28 -2.68
CA LYS I 261 -105.31 58.43 -2.35
C LYS I 261 -106.02 59.36 -1.37
N TRP I 262 -105.40 60.51 -1.14
CA TRP I 262 -105.96 61.53 -0.28
C TRP I 262 -106.09 62.83 -1.06
N GLN I 334 -88.70 57.22 25.32
CA GLN I 334 -87.69 56.96 24.30
C GLN I 334 -87.87 57.89 23.10
N ALA I 335 -86.77 58.26 22.45
CA ALA I 335 -86.81 59.26 21.39
C ALA I 335 -86.11 58.73 20.14
N VAL I 336 -86.49 59.28 19.00
CA VAL I 336 -85.85 58.99 17.73
C VAL I 336 -84.60 59.84 17.61
N LEU I 337 -83.78 59.54 16.60
CA LEU I 337 -82.71 60.44 16.19
C LEU I 337 -83.09 61.21 14.92
N ALA I 338 -83.46 60.49 13.87
CA ALA I 338 -83.72 61.10 12.57
C ALA I 338 -84.54 60.14 11.74
N ASN I 339 -84.80 60.53 10.50
CA ASN I 339 -85.42 59.67 9.49
C ASN I 339 -84.82 59.94 8.13
N ALA I 340 -85.32 59.20 7.15
CA ALA I 340 -84.96 59.37 5.76
C ALA I 340 -86.11 58.86 4.92
N MET I 341 -86.08 59.20 3.65
CA MET I 341 -87.06 58.72 2.69
C MET I 341 -86.35 58.04 1.55
N THR I 342 -87.04 57.06 0.95
CA THR I 342 -86.58 56.28 -0.19
C THR I 342 -85.27 55.56 0.15
N ALA I 343 -85.15 55.15 1.39
CA ALA I 343 -83.88 54.67 1.90
C ALA I 343 -83.84 53.16 1.96
N THR I 344 -82.62 52.63 1.91
CA THR I 344 -82.39 51.20 2.11
C THR I 344 -81.10 51.02 2.89
N LEU I 345 -81.13 50.12 3.86
CA LEU I 345 -79.97 49.83 4.68
C LEU I 345 -78.89 49.13 3.84
N ASN I 346 -77.65 49.22 4.31
CA ASN I 346 -76.49 48.68 3.61
C ASN I 346 -75.72 47.75 4.52
N VAL I 347 -74.66 47.14 3.97
CA VAL I 347 -73.68 46.39 4.75
C VAL I 347 -72.29 46.74 4.23
N ALA I 348 -71.28 46.36 5.01
CA ALA I 348 -69.92 46.44 4.52
C ALA I 348 -69.66 45.25 3.62
N GLN I 349 -69.41 45.53 2.34
CA GLN I 349 -69.00 44.47 1.43
C GLN I 349 -67.58 44.04 1.77
N ALA I 350 -67.44 42.81 2.25
CA ALA I 350 -66.15 42.34 2.76
C ALA I 350 -65.22 41.99 1.60
N ILE I 351 -64.18 42.81 1.41
CA ILE I 351 -63.06 42.47 0.53
C ILE I 351 -61.72 42.57 1.25
N ASP I 352 -61.52 43.65 2.04
CA ASP I 352 -60.35 43.84 2.89
C ASP I 352 -60.67 44.93 3.91
N ASP I 353 -59.63 45.35 4.64
CA ASP I 353 -59.84 46.28 5.76
C ASP I 353 -58.54 46.94 6.18
N SER I 354 -58.67 48.16 6.72
CA SER I 354 -57.78 48.66 7.76
C SER I 354 -58.54 49.55 8.75
N HIS I 355 -59.84 49.30 8.88
CA HIS I 355 -60.76 50.11 9.67
C HIS I 355 -61.61 49.11 10.41
N PHE I 356 -62.84 49.49 10.78
CA PHE I 356 -63.86 48.93 11.67
C PHE I 356 -63.58 49.46 13.06
N SER I 357 -62.60 50.33 13.20
CA SER I 357 -62.46 51.11 14.41
C SER I 357 -63.16 52.45 14.31
N GLN I 358 -63.53 52.88 13.11
CA GLN I 358 -64.17 54.18 12.89
C GLN I 358 -65.45 53.99 12.10
N PRO I 359 -66.60 54.39 12.64
CA PRO I 359 -67.82 54.46 11.83
C PRO I 359 -67.73 55.59 10.81
N LEU I 360 -68.36 55.37 9.65
CA LEU I 360 -68.28 56.34 8.56
C LEU I 360 -69.14 57.56 8.85
N PRO I 361 -68.58 58.75 8.93
CA PRO I 361 -69.33 59.97 9.31
C PRO I 361 -69.94 60.80 8.18
N ALA I 362 -71.10 60.36 7.70
CA ALA I 362 -71.85 60.98 6.58
C ALA I 362 -71.01 61.07 5.30
N ASN I 363 -70.18 60.05 5.08
CA ASN I 363 -69.09 60.11 4.11
C ASN I 363 -69.51 59.71 2.71
N THR I 364 -70.75 59.32 2.49
CA THR I 364 -71.19 58.80 1.21
C THR I 364 -71.93 59.89 0.46
N ILE I 365 -71.49 60.18 -0.76
CA ILE I 365 -72.07 61.30 -1.49
C ILE I 365 -72.57 60.85 -2.85
N ASN I 366 -71.98 59.78 -3.40
CA ASN I 366 -72.48 59.19 -4.63
C ASN I 366 -72.22 57.70 -4.55
N GLN I 367 -72.25 57.04 -5.70
CA GLN I 367 -72.01 55.61 -5.72
C GLN I 367 -71.20 55.25 -6.96
N LEU I 368 -70.90 53.97 -7.08
CA LEU I 368 -70.32 53.45 -8.32
C LEU I 368 -71.37 53.51 -9.42
N VAL I 369 -70.96 53.08 -10.63
CA VAL I 369 -71.24 53.71 -11.92
C VAL I 369 -72.61 54.37 -12.00
N THR I 370 -72.63 55.64 -12.34
CA THR I 370 -73.71 56.55 -11.97
C THR I 370 -74.94 56.32 -12.83
N PRO I 371 -76.10 56.05 -12.23
CA PRO I 371 -77.35 56.17 -12.97
C PRO I 371 -77.79 57.63 -12.98
N VAL I 372 -78.04 58.14 -14.18
CA VAL I 372 -78.50 59.51 -14.30
C VAL I 372 -80.02 59.51 -14.23
N ALA I 373 -80.60 58.32 -14.14
CA ALA I 373 -82.04 58.13 -14.06
C ALA I 373 -82.62 58.76 -12.81
N ALA I 374 -82.05 58.47 -11.64
CA ALA I 374 -82.44 59.21 -10.44
C ALA I 374 -81.24 59.31 -9.52
N ILE I 375 -80.41 60.33 -9.77
CA ILE I 375 -79.51 60.90 -8.78
C ILE I 375 -79.46 62.39 -9.05
N SER I 376 -80.06 63.18 -8.18
CA SER I 376 -79.53 64.51 -7.97
C SER I 376 -78.55 64.51 -6.81
N ASP I 377 -78.69 63.51 -5.93
CA ASP I 377 -77.86 63.31 -4.77
C ASP I 377 -78.20 61.95 -4.21
N VAL I 378 -77.28 61.39 -3.44
CA VAL I 378 -77.60 60.37 -2.46
C VAL I 378 -76.81 60.73 -1.21
N ARG I 379 -77.46 60.63 -0.06
CA ARG I 379 -76.79 61.03 1.17
C ARG I 379 -76.98 59.96 2.22
N GLN I 380 -75.89 59.62 2.89
CA GLN I 380 -76.31 59.11 4.16
C GLN I 380 -76.32 60.25 5.17
N PRO I 381 -77.24 60.28 6.09
CA PRO I 381 -77.22 61.34 7.09
C PRO I 381 -76.45 60.97 8.33
N LEU I 382 -76.23 59.68 8.54
CA LEU I 382 -75.90 59.16 9.85
C LEU I 382 -74.68 58.27 9.78
N PRO I 383 -74.04 57.99 10.92
CA PRO I 383 -72.93 57.05 10.91
C PRO I 383 -73.33 55.61 10.71
N SER I 384 -72.34 54.74 10.58
CA SER I 384 -72.62 53.32 10.43
C SER I 384 -73.07 52.73 11.76
N VAL I 385 -73.72 51.57 11.68
CA VAL I 385 -74.33 50.99 12.86
C VAL I 385 -73.28 50.38 13.78
N GLY I 386 -72.52 49.42 13.28
CA GLY I 386 -71.59 48.74 14.15
C GLY I 386 -70.40 48.12 13.47
N GLY I 387 -69.22 48.47 13.93
CA GLY I 387 -68.01 47.89 13.38
C GLY I 387 -67.48 46.76 14.23
N GLN I 388 -67.30 47.02 15.53
CA GLN I 388 -66.79 46.09 16.53
C GLN I 388 -65.51 45.46 16.05
N PRO I 389 -64.39 46.19 16.08
CA PRO I 389 -63.18 45.75 15.37
C PRO I 389 -62.55 44.52 16.02
N ARG I 390 -61.57 43.99 15.32
CA ARG I 390 -60.80 42.84 15.78
C ARG I 390 -60.11 43.16 17.08
N GLU I 391 -60.39 42.38 18.12
CA GLU I 391 -59.94 42.72 19.45
C GLU I 391 -58.44 42.48 19.60
N THR I 392 -57.86 43.16 20.57
CA THR I 392 -56.44 42.98 20.85
C THR I 392 -56.21 41.67 21.58
N GLU I 393 -54.96 41.24 21.59
CA GLU I 393 -54.59 40.06 22.35
C GLU I 393 -54.72 40.31 23.84
N MET I 394 -54.45 41.55 24.28
CA MET I 394 -54.68 41.89 25.68
C MET I 394 -56.16 41.79 26.03
N ALA I 395 -57.03 42.26 25.13
CA ALA I 395 -58.46 42.04 25.32
C ALA I 395 -58.85 40.58 25.23
N MET I 396 -58.10 39.78 24.48
CA MET I 396 -58.43 38.37 24.40
C MET I 396 -58.06 37.65 25.70
N LEU I 397 -56.91 37.99 26.27
CA LEU I 397 -56.55 37.49 27.60
C LEU I 397 -57.54 37.96 28.65
N GLN I 398 -57.98 39.21 28.54
CA GLN I 398 -58.94 39.78 29.45
C GLN I 398 -60.33 39.19 29.26
N ARG I 399 -60.58 38.59 28.09
CA ARG I 399 -61.81 37.83 27.89
C ARG I 399 -61.65 36.42 28.41
N ALA I 400 -60.44 35.89 28.36
CA ALA I 400 -60.19 34.50 28.67
C ALA I 400 -60.12 34.20 30.15
N ALA I 401 -59.49 35.08 30.92
CA ALA I 401 -59.32 34.80 32.34
C ALA I 401 -60.62 34.82 33.18
N PRO I 402 -61.59 35.73 32.96
CA PRO I 402 -62.87 35.54 33.65
C PRO I 402 -63.65 34.34 33.18
N ARG I 403 -63.48 33.90 31.93
CA ARG I 403 -64.28 32.77 31.46
C ARG I 403 -63.73 31.45 31.99
N ILE I 404 -62.60 31.47 32.68
CA ILE I 404 -62.18 30.35 33.50
C ILE I 404 -62.32 30.71 34.98
N ALA I 405 -62.55 31.98 35.31
CA ALA I 405 -62.99 32.27 36.67
C ALA I 405 -64.39 31.73 36.91
N HIS I 406 -65.36 32.20 36.12
CA HIS I 406 -66.69 31.63 36.13
C HIS I 406 -66.80 30.63 34.98
N ARG I 407 -67.69 29.66 35.12
CA ARG I 407 -67.81 28.60 34.14
C ARG I 407 -68.89 28.86 33.11
N GLN I 408 -69.09 30.14 32.74
CA GLN I 408 -70.28 30.61 32.02
C GLN I 408 -71.53 30.22 32.82
N ARG I 409 -71.46 30.45 34.13
CA ARG I 409 -72.52 30.10 35.06
C ARG I 409 -72.64 31.18 36.13
N ALA I 410 -73.85 31.35 36.66
CA ALA I 410 -74.10 32.30 37.74
C ALA I 410 -74.34 31.50 39.00
N ILE I 411 -73.28 31.17 39.71
CA ILE I 411 -73.43 30.31 40.88
C ILE I 411 -73.45 31.13 42.15
N THR I 412 -72.35 31.80 42.43
CA THR I 412 -72.29 32.65 43.60
C THR I 412 -72.30 34.10 43.15
N TRP I 413 -72.14 34.99 44.11
CA TRP I 413 -72.00 36.40 43.78
C TRP I 413 -70.70 36.60 43.02
N ASN I 414 -70.72 37.60 42.13
CA ASN I 414 -69.66 38.05 41.24
C ASN I 414 -69.43 37.06 40.10
N ASN I 415 -70.08 35.91 40.13
CA ASN I 415 -70.47 35.29 38.88
C ASN I 415 -71.53 36.13 38.21
N MET I 416 -72.47 36.64 39.02
CA MET I 416 -73.55 37.47 38.50
C MET I 416 -73.04 38.82 38.05
N ARG I 417 -72.21 39.47 38.87
CA ARG I 417 -71.63 40.77 38.51
C ARG I 417 -70.83 40.70 37.22
N SER I 418 -69.90 39.75 37.15
CA SER I 418 -69.05 39.64 35.98
C SER I 418 -69.82 39.19 34.76
N LEU I 419 -70.75 38.25 34.93
CA LEU I 419 -71.51 37.76 33.80
C LEU I 419 -72.47 38.81 33.28
N LEU I 420 -72.93 39.68 34.16
CA LEU I 420 -73.91 40.68 33.77
C LEU I 420 -73.23 41.92 33.19
N MET I 421 -72.02 42.26 33.65
CA MET I 421 -71.26 43.32 33.00
C MET I 421 -70.60 42.83 31.73
N GLU I 422 -70.49 41.52 31.55
CA GLU I 422 -69.98 40.98 30.30
C GLU I 422 -70.93 41.22 29.15
N HIS I 423 -72.23 41.29 29.43
CA HIS I 423 -73.22 41.22 28.38
C HIS I 423 -73.99 42.51 28.16
N TYR I 424 -74.00 43.42 29.13
CA TYR I 424 -74.72 44.68 28.98
C TYR I 424 -73.77 45.83 29.29
N PRO I 425 -73.37 46.60 28.29
CA PRO I 425 -72.37 47.65 28.52
C PRO I 425 -72.92 48.87 29.23
N GLU I 426 -74.25 48.99 29.34
CA GLU I 426 -74.83 50.14 30.00
C GLU I 426 -74.61 50.09 31.49
N ILE I 427 -74.42 48.90 32.04
CA ILE I 427 -74.26 48.73 33.48
C ILE I 427 -72.89 49.22 33.89
N PHE I 428 -72.86 50.25 34.72
CA PHE I 428 -71.59 50.76 35.20
C PHE I 428 -70.98 49.84 36.25
N ASP I 429 -71.64 49.68 37.38
CA ASP I 429 -71.22 48.72 38.39
C ASP I 429 -72.41 47.89 38.84
N VAL I 430 -72.10 46.88 39.64
CA VAL I 430 -73.09 46.07 40.34
C VAL I 430 -72.60 45.91 41.78
N ARG I 431 -73.43 46.31 42.73
CA ARG I 431 -73.14 46.08 44.13
C ARG I 431 -73.98 44.93 44.69
N PHE I 432 -73.65 44.53 45.89
CA PHE I 432 -74.18 43.33 46.52
C PHE I 432 -74.91 43.69 47.82
N PRO I 433 -75.81 42.84 48.29
CA PRO I 433 -76.40 43.08 49.60
C PRO I 433 -75.40 42.84 50.71
N ASP I 434 -75.76 43.29 51.90
CA ASP I 434 -74.84 43.34 53.02
C ASP I 434 -74.56 41.94 53.55
N VAL I 435 -73.47 41.84 54.31
CA VAL I 435 -72.93 40.53 54.70
C VAL I 435 -73.82 39.87 55.73
N ASP I 436 -74.20 40.60 56.78
CA ASP I 436 -75.12 40.07 57.77
C ASP I 436 -76.50 39.84 57.18
N LYS I 437 -76.88 40.65 56.18
CA LYS I 437 -78.13 40.42 55.47
C LYS I 437 -78.08 39.10 54.71
N LEU I 438 -76.91 38.71 54.24
CA LEU I 438 -76.73 37.38 53.68
C LEU I 438 -76.71 36.31 54.77
N SER I 439 -76.44 36.67 56.02
CA SER I 439 -76.26 35.73 57.10
C SER I 439 -77.42 35.76 58.09
N ARG I 440 -78.65 35.87 57.58
CA ARG I 440 -79.83 35.79 58.42
C ARG I 440 -80.54 34.46 58.21
N LEU I 441 -81.21 33.99 59.26
CA LEU I 441 -81.90 32.71 59.30
C LEU I 441 -83.08 32.58 58.32
N PRO I 442 -83.87 33.63 58.05
CA PRO I 442 -84.72 33.56 56.86
C PRO I 442 -83.88 33.73 55.62
N ALA I 443 -83.33 32.62 55.09
CA ALA I 443 -82.63 32.65 53.82
C ALA I 443 -83.52 33.23 52.73
N LEU I 444 -83.02 34.28 52.07
CA LEU I 444 -83.88 35.29 51.47
C LEU I 444 -84.62 34.76 50.25
N GLU I 445 -83.94 33.91 49.46
CA GLU I 445 -84.50 33.19 48.32
C GLU I 445 -85.07 34.15 47.29
N VAL I 446 -84.46 35.34 47.20
CA VAL I 446 -84.76 36.29 46.13
C VAL I 446 -83.51 36.79 45.43
N GLN I 447 -82.35 36.76 46.09
CA GLN I 447 -81.03 37.01 45.52
C GLN I 447 -80.95 38.38 44.85
N SER I 448 -81.36 39.41 45.58
CA SER I 448 -81.40 40.75 45.03
C SER I 448 -80.01 41.33 44.93
N LEU I 449 -79.78 42.14 43.90
CA LEU I 449 -78.50 42.77 43.71
C LEU I 449 -78.68 44.08 42.97
N MET I 450 -77.98 45.11 43.45
CA MET I 450 -78.16 46.46 42.95
C MET I 450 -77.35 46.67 41.68
N VAL I 451 -77.98 47.30 40.70
CA VAL I 451 -77.33 47.60 39.44
C VAL I 451 -77.40 49.10 39.23
N ILE I 452 -76.23 49.72 39.13
CA ILE I 452 -76.17 51.14 38.81
C ILE I 452 -75.83 51.33 37.33
N PRO I 453 -76.70 51.94 36.58
CA PRO I 453 -76.40 52.21 35.17
C PRO I 453 -75.62 53.50 35.03
N ASP I 454 -75.39 53.95 33.79
CA ASP I 454 -74.70 55.20 33.53
C ASP I 454 -75.57 56.25 32.85
N GLY I 455 -76.82 55.93 32.56
CA GLY I 455 -77.71 56.83 31.86
C GLY I 455 -77.82 56.57 30.38
N ARG I 456 -76.96 55.72 29.83
CA ARG I 456 -76.94 55.50 28.40
C ARG I 456 -76.94 54.02 28.11
N ALA I 463 -79.08 61.26 33.12
CA ALA I 463 -77.63 61.18 32.97
C ALA I 463 -76.97 61.09 34.33
N LEU I 464 -76.72 62.25 34.93
CA LEU I 464 -76.34 62.31 36.34
C LEU I 464 -77.46 61.72 37.18
N ARG I 465 -77.06 61.02 38.25
CA ARG I 465 -77.84 60.12 39.11
C ARG I 465 -78.84 59.29 38.30
N PRO I 466 -78.36 58.40 37.43
CA PRO I 466 -79.24 57.73 36.49
C PRO I 466 -80.06 56.65 37.17
N ALA I 467 -81.19 56.36 36.55
CA ALA I 467 -82.08 55.31 37.04
C ALA I 467 -82.72 54.69 35.82
N LEU I 468 -82.52 53.40 35.64
CA LEU I 468 -82.88 52.74 34.40
C LEU I 468 -84.28 52.16 34.49
N SER I 469 -84.96 52.12 33.35
CA SER I 469 -86.39 51.83 33.32
C SER I 469 -86.66 50.38 33.71
N ASN I 470 -87.71 50.19 34.51
CA ASN I 470 -88.08 48.89 35.05
C ASN I 470 -88.55 47.91 33.98
N GLY I 471 -88.91 48.42 32.80
CA GLY I 471 -89.28 47.55 31.70
C GLY I 471 -88.16 46.68 31.18
N ARG I 472 -86.91 47.07 31.39
CA ARG I 472 -85.82 46.22 30.95
C ARG I 472 -85.16 45.46 32.10
N LEU I 473 -85.32 45.88 33.35
CA LEU I 473 -84.68 45.21 34.47
C LEU I 473 -85.25 43.82 34.71
N SER I 474 -86.54 43.63 34.46
CA SER I 474 -87.10 42.29 34.55
C SER I 474 -86.55 41.39 33.46
N ARG I 475 -86.28 41.96 32.28
CA ARG I 475 -85.66 41.17 31.23
C ARG I 475 -84.20 40.88 31.53
N MET I 476 -83.52 41.79 32.23
CA MET I 476 -82.16 41.53 32.68
C MET I 476 -82.12 40.36 33.66
N ALA I 477 -83.02 40.39 34.65
CA ALA I 477 -83.13 39.28 35.59
C ALA I 477 -83.51 37.99 34.89
N GLN I 478 -84.38 38.07 33.88
CA GLN I 478 -84.81 36.86 33.20
C GLN I 478 -83.69 36.30 32.33
N TRP I 479 -82.88 37.18 31.74
CA TRP I 479 -81.71 36.74 30.99
C TRP I 479 -80.70 36.07 31.91
N LEU I 480 -80.40 36.69 33.04
CA LEU I 480 -79.39 36.14 33.92
C LEU I 480 -79.87 34.88 34.62
N SER I 481 -81.18 34.71 34.74
CA SER I 481 -81.73 33.55 35.43
C SER I 481 -81.50 32.25 34.67
N GLN I 482 -81.37 32.29 33.35
CA GLN I 482 -81.13 31.04 32.63
C GLN I 482 -79.69 30.56 32.77
N TYR I 483 -78.79 31.42 33.24
CA TYR I 483 -77.43 31.02 33.58
C TYR I 483 -77.23 30.85 35.08
N THR I 484 -78.27 31.02 35.88
CA THR I 484 -78.17 30.71 37.29
C THR I 484 -78.35 29.21 37.50
N SER I 485 -78.28 28.82 38.77
CA SER I 485 -78.78 27.52 39.14
C SER I 485 -80.30 27.58 39.23
N LEU I 486 -80.90 26.42 39.50
CA LEU I 486 -82.26 26.41 39.97
C LEU I 486 -82.31 26.92 41.40
N TRP I 487 -83.53 27.26 41.84
CA TRP I 487 -83.81 27.79 43.18
C TRP I 487 -83.06 29.08 43.46
N ALA I 488 -82.74 29.86 42.43
CA ALA I 488 -81.99 31.08 42.61
C ALA I 488 -82.84 32.32 42.44
N ALA I 489 -83.44 32.49 41.26
CA ALA I 489 -84.31 33.59 40.83
C ALA I 489 -83.84 34.99 41.27
N PRO I 490 -82.72 35.50 40.77
CA PRO I 490 -82.24 36.79 41.26
C PRO I 490 -82.96 37.96 40.63
N THR I 491 -83.00 39.07 41.37
CA THR I 491 -83.71 40.26 40.93
C THR I 491 -82.81 41.48 41.02
N LEU I 492 -83.14 42.48 40.20
CA LEU I 492 -82.29 43.63 39.98
C LEU I 492 -83.05 44.89 40.35
N LYS I 493 -82.34 45.86 40.91
CA LYS I 493 -82.96 47.07 41.45
C LYS I 493 -82.18 48.28 40.98
N ASN I 494 -82.91 49.34 40.62
CA ASN I 494 -82.31 50.65 40.57
C ASN I 494 -81.94 51.07 41.99
N PRO I 495 -80.83 51.78 42.16
CA PRO I 495 -80.37 52.12 43.50
C PRO I 495 -81.21 53.23 44.11
N LYS I 496 -80.85 53.60 45.34
CA LYS I 496 -81.34 54.81 45.96
C LYS I 496 -80.22 55.83 46.00
N TYR I 497 -80.59 57.10 45.96
CA TYR I 497 -79.63 58.18 45.81
C TYR I 497 -79.73 59.10 47.01
N ILE I 498 -78.71 59.07 47.85
CA ILE I 498 -78.59 59.99 48.96
C ILE I 498 -77.49 60.98 48.61
N ASP I 499 -77.88 62.20 48.24
CA ASP I 499 -76.88 63.22 48.07
C ASP I 499 -76.39 63.69 49.43
N VAL I 500 -75.10 64.01 49.49
CA VAL I 500 -74.47 64.53 50.69
C VAL I 500 -73.94 65.91 50.37
N THR I 501 -74.18 66.86 51.26
CA THR I 501 -73.60 68.18 51.09
C THR I 501 -72.53 68.40 52.14
N ALA I 502 -71.61 69.31 51.81
CA ALA I 502 -70.61 69.80 52.73
C ALA I 502 -70.18 71.16 52.24
N ARG I 503 -69.84 72.04 53.18
CA ARG I 503 -69.43 73.39 52.86
C ARG I 503 -67.94 73.51 53.02
N TYR I 504 -67.35 74.43 52.25
CA TYR I 504 -65.90 74.48 52.13
C TYR I 504 -65.27 75.47 53.09
N ARG I 505 -65.64 76.75 52.97
CA ARG I 505 -65.04 77.86 53.71
C ARG I 505 -63.53 77.86 53.49
N VAL I 506 -63.15 78.15 52.25
CA VAL I 506 -61.80 77.89 51.79
C VAL I 506 -61.19 79.17 51.21
N THR I 507 -59.90 79.36 51.47
CA THR I 507 -59.14 80.44 50.88
C THR I 507 -58.59 80.02 49.53
N PHE I 508 -58.36 80.99 48.68
CA PHE I 508 -57.87 80.75 47.32
C PHE I 508 -56.50 81.36 47.14
N VAL I 509 -55.86 80.96 46.04
CA VAL I 509 -54.54 81.47 45.68
C VAL I 509 -54.73 82.81 44.99
N VAL I 510 -53.61 83.50 44.74
CA VAL I 510 -53.52 84.77 43.98
C VAL I 510 -54.25 85.91 44.67
N PRO I 514 -61.70 84.10 43.19
CA PRO I 514 -62.44 84.77 44.26
C PRO I 514 -63.73 84.02 44.57
N ASP I 515 -64.66 84.11 43.64
CA ASP I 515 -65.89 83.34 43.63
C ASP I 515 -65.80 82.20 42.61
N TYR I 516 -65.10 82.48 41.51
CA TYR I 516 -64.91 81.55 40.40
C TYR I 516 -64.28 80.25 40.84
N GLY I 517 -63.40 80.31 41.84
CA GLY I 517 -62.78 79.11 42.35
C GLY I 517 -63.76 78.17 43.00
N TYR I 518 -64.81 78.70 43.63
CA TYR I 518 -65.85 77.83 44.18
C TYR I 518 -66.58 77.07 43.08
N ARG I 519 -66.86 77.74 41.96
CA ARG I 519 -67.57 77.05 40.90
C ARG I 519 -66.70 76.01 40.21
N GLN I 520 -65.43 76.35 39.97
CA GLN I 520 -64.52 75.39 39.35
C GLN I 520 -64.27 74.20 40.26
N LEU I 521 -64.10 74.46 41.56
CA LEU I 521 -63.91 73.39 42.52
C LEU I 521 -65.16 72.54 42.66
N ALA I 522 -66.34 73.16 42.55
CA ALA I 522 -67.58 72.41 42.63
C ALA I 522 -67.73 71.48 41.43
N ALA I 523 -67.42 71.97 40.23
CA ALA I 523 -67.54 71.13 39.03
C ALA I 523 -66.50 70.02 39.04
N GLN I 524 -65.26 70.33 39.45
CA GLN I 524 -64.21 69.33 39.57
C GLN I 524 -64.58 68.26 40.59
N LEU I 525 -65.05 68.67 41.76
CA LEU I 525 -65.32 67.72 42.83
C LEU I 525 -66.59 66.94 42.54
N GLN I 526 -67.47 67.49 41.71
CA GLN I 526 -68.66 66.75 41.31
C GLN I 526 -68.35 65.76 40.22
N HIS I 527 -67.35 66.02 39.38
CA HIS I 527 -67.03 65.11 38.29
C HIS I 527 -66.44 63.80 38.79
N ASP I 528 -65.49 63.86 39.72
CA ASP I 528 -64.78 62.65 40.09
C ASP I 528 -65.48 61.82 41.15
N TYR I 529 -66.66 62.21 41.61
CA TYR I 529 -67.39 61.40 42.59
C TYR I 529 -68.64 60.74 42.04
N MET I 530 -69.01 61.01 40.80
CA MET I 530 -70.05 60.25 40.11
C MET I 530 -69.45 59.82 38.78
N PRO I 531 -68.57 58.81 38.79
CA PRO I 531 -67.86 58.43 37.56
C PRO I 531 -68.73 57.73 36.56
N TRP I 532 -69.94 57.33 36.94
CA TRP I 532 -70.91 56.83 35.97
C TRP I 532 -71.45 57.91 35.06
N ALA I 533 -71.17 59.19 35.35
CA ALA I 533 -71.46 60.24 34.38
C ALA I 533 -70.59 60.09 33.15
N THR I 534 -69.29 59.94 33.33
CA THR I 534 -68.43 59.86 32.16
C THR I 534 -67.51 58.65 32.13
N ASP I 535 -66.88 58.31 33.26
CA ASP I 535 -65.75 57.38 33.25
C ASP I 535 -66.24 55.94 33.30
N ARG I 536 -65.33 55.03 33.58
CA ARG I 536 -65.65 53.61 33.69
C ARG I 536 -65.13 53.04 34.99
N PRO I 542 -67.13 53.83 41.83
CA PRO I 542 -66.23 54.46 42.78
C PRO I 542 -66.23 53.69 44.07
N GLY I 543 -66.26 54.42 45.17
CA GLY I 543 -66.61 53.85 46.44
C GLY I 543 -68.08 54.05 46.75
N ASN I 544 -68.62 53.23 47.63
CA ASN I 544 -69.96 53.48 48.14
C ASN I 544 -69.92 54.48 49.28
N GLN I 545 -68.77 54.59 49.95
CA GLN I 545 -68.58 55.49 51.07
C GLN I 545 -67.79 56.73 50.62
N VAL I 546 -67.82 57.76 51.45
CA VAL I 546 -67.01 58.96 51.21
C VAL I 546 -66.19 59.29 52.46
N ASP I 547 -64.87 59.26 52.31
CA ASP I 547 -64.00 59.51 53.44
C ASP I 547 -63.81 61.00 53.67
N TYR I 548 -63.58 61.37 54.93
CA TYR I 548 -63.41 62.78 55.27
C TYR I 548 -62.02 63.28 54.91
N TYR I 549 -60.99 62.71 55.54
CA TYR I 549 -59.64 63.20 55.37
C TYR I 549 -59.10 62.92 53.98
N GLN I 550 -59.65 61.91 53.32
CA GLN I 550 -59.31 61.72 51.92
C GLN I 550 -59.91 62.83 51.07
N LEU I 551 -61.06 63.36 51.45
CA LEU I 551 -61.62 64.51 50.76
C LEU I 551 -60.86 65.78 51.11
N LEU I 552 -60.31 65.86 52.34
CA LEU I 552 -59.37 66.92 52.67
C LEU I 552 -58.20 66.92 51.71
N ALA I 553 -57.44 65.83 51.69
CA ALA I 553 -56.29 65.69 50.82
C ALA I 553 -56.64 65.70 49.35
N THR I 554 -57.92 65.52 49.01
CA THR I 554 -58.43 65.82 47.69
C THR I 554 -58.58 67.33 47.47
N LEU I 555 -58.93 68.09 48.50
CA LEU I 555 -59.17 69.50 48.26
C LEU I 555 -57.90 70.33 48.26
N GLN I 556 -57.04 70.19 49.27
CA GLN I 556 -55.93 71.13 49.33
C GLN I 556 -54.81 70.81 48.35
N GLN I 557 -54.91 69.72 47.59
CA GLN I 557 -53.95 69.51 46.52
C GLN I 557 -54.37 70.18 45.23
N SER I 558 -55.55 70.78 45.20
CA SER I 558 -56.01 71.46 44.00
C SER I 558 -55.21 72.73 43.78
N PRO I 559 -54.81 73.02 42.52
CA PRO I 559 -53.82 74.08 42.29
C PRO I 559 -54.33 75.50 42.49
N LEU I 560 -55.63 75.70 42.66
CA LEU I 560 -56.14 77.02 42.98
C LEU I 560 -56.57 77.15 44.44
N VAL I 561 -56.36 76.11 45.24
CA VAL I 561 -56.81 76.09 46.62
C VAL I 561 -55.64 76.43 47.53
N GLN I 562 -55.81 77.50 48.31
CA GLN I 562 -54.75 77.89 49.24
C GLN I 562 -54.82 77.07 50.53
N SER I 563 -55.92 77.18 51.26
CA SER I 563 -56.01 76.59 52.59
C SER I 563 -57.47 76.39 52.93
N VAL I 564 -57.81 75.17 53.36
CA VAL I 564 -59.18 74.84 53.68
C VAL I 564 -59.36 75.09 55.18
N ASN I 565 -60.58 75.39 55.61
CA ASN I 565 -60.82 75.70 57.01
C ASN I 565 -61.81 74.77 57.69
N ALA I 566 -62.95 74.47 57.06
CA ALA I 566 -63.95 73.66 57.75
C ALA I 566 -64.79 72.88 56.75
N LEU I 567 -64.75 71.56 56.84
CA LEU I 567 -65.42 70.71 55.86
C LEU I 567 -66.50 69.86 56.48
N VAL I 568 -67.36 70.44 57.31
CA VAL I 568 -68.43 69.69 57.96
C VAL I 568 -69.37 69.06 56.94
N LEU I 569 -69.43 67.73 56.97
CA LEU I 569 -70.31 66.97 56.10
C LEU I 569 -71.73 67.02 56.61
N SER I 570 -72.68 66.70 55.73
CA SER I 570 -74.07 66.74 56.12
C SER I 570 -74.83 65.64 55.40
N HIS I 571 -75.35 64.70 56.18
CA HIS I 571 -76.25 63.67 55.67
C HIS I 571 -77.42 63.57 56.63
N ASP I 572 -78.51 62.99 56.16
CA ASP I 572 -79.67 62.84 57.03
C ASP I 572 -80.49 61.62 56.64
N THR I 577 -74.15 65.34 59.24
CA THR I 577 -74.29 66.49 60.11
C THR I 577 -73.02 66.74 60.91
N GLY I 578 -72.07 65.81 60.82
CA GLY I 578 -70.82 65.93 61.54
C GLY I 578 -69.63 65.86 60.61
N LYS I 579 -68.54 66.52 60.99
CA LYS I 579 -67.39 66.60 60.08
C LYS I 579 -66.61 65.30 59.94
N PRO I 580 -65.93 64.74 60.94
CA PRO I 580 -64.84 63.79 60.63
C PRO I 580 -65.34 62.37 60.39
N THR I 581 -66.26 62.23 59.45
CA THR I 581 -67.02 61.00 59.34
C THR I 581 -67.02 60.41 57.93
N SER I 582 -67.88 59.42 57.72
CA SER I 582 -68.14 58.83 56.41
C SER I 582 -69.63 58.48 56.33
N MET I 583 -70.04 57.90 55.20
CA MET I 583 -71.42 57.49 55.03
C MET I 583 -71.53 56.50 53.87
N GLU I 584 -72.15 55.35 54.16
CA GLU I 584 -72.60 54.39 53.14
C GLU I 584 -73.57 53.37 53.73
N THR I 585 -74.60 52.98 52.96
CA THR I 585 -75.42 51.84 53.32
C THR I 585 -75.51 50.92 52.11
N GLN I 586 -75.81 49.65 52.37
CA GLN I 586 -75.91 48.68 51.28
C GLN I 586 -77.32 48.55 50.76
N SER I 587 -77.96 49.70 50.56
CA SER I 587 -79.17 49.79 49.76
C SER I 587 -79.20 51.06 48.96
N THR I 588 -78.18 51.90 49.07
CA THR I 588 -78.20 53.24 48.50
C THR I 588 -76.87 53.48 47.81
N VAL I 589 -76.79 54.58 47.08
CA VAL I 589 -75.56 55.08 46.49
C VAL I 589 -75.41 56.54 46.91
N THR I 590 -74.30 56.85 47.57
CA THR I 590 -74.10 58.21 48.03
C THR I 590 -73.75 59.12 46.85
N ALA I 591 -73.96 60.42 47.05
CA ALA I 591 -73.60 61.42 46.06
C ALA I 591 -73.22 62.69 46.80
N ARG I 592 -72.47 63.55 46.11
CA ARG I 592 -71.92 64.74 46.73
C ARG I 592 -72.32 65.97 45.95
N ASP I 593 -73.22 66.77 46.52
CA ASP I 593 -73.55 68.10 46.02
C ASP I 593 -72.74 69.09 46.84
N ASP I 594 -72.23 70.12 46.17
CA ASP I 594 -71.44 71.22 46.75
C ASP I 594 -70.19 70.65 47.39
N GLU J 4 -42.90 24.73 15.86
CA GLU J 4 -41.76 25.34 16.54
C GLU J 4 -41.89 26.83 16.78
N ASN J 5 -42.59 27.24 17.83
CA ASN J 5 -42.38 28.60 18.33
C ASN J 5 -41.02 28.66 19.01
N ALA J 6 -40.06 29.27 18.31
CA ALA J 6 -38.66 28.92 18.56
C ALA J 6 -37.68 30.07 18.60
N LEU J 7 -38.06 31.29 18.21
CA LEU J 7 -37.25 32.51 18.28
C LEU J 7 -36.00 32.52 17.41
N PHE J 8 -35.62 31.40 16.82
CA PHE J 8 -34.33 31.28 16.17
C PHE J 8 -34.23 32.06 14.86
N PRO J 9 -35.19 32.02 13.93
CA PRO J 9 -35.11 32.97 12.81
C PRO J 9 -35.34 34.41 13.22
N ALA J 10 -35.86 34.66 14.42
CA ALA J 10 -36.00 36.01 14.90
C ALA J 10 -34.72 36.56 15.52
N VAL J 11 -33.94 35.73 16.20
CA VAL J 11 -32.77 36.21 16.92
C VAL J 11 -31.48 35.73 16.30
N LYS J 12 -31.53 35.14 15.10
CA LYS J 12 -30.35 34.57 14.47
C LYS J 12 -29.31 35.62 14.12
N ASP J 13 -29.70 36.88 13.98
CA ASP J 13 -28.74 37.95 13.80
C ASP J 13 -28.40 38.66 15.10
N ALA J 14 -28.50 37.97 16.22
CA ALA J 14 -28.08 38.55 17.49
C ALA J 14 -27.34 37.58 18.40
N ILE J 15 -27.13 36.33 17.99
CA ILE J 15 -26.57 35.34 18.89
C ILE J 15 -25.38 34.63 18.26
N VAL J 16 -24.81 35.19 17.21
CA VAL J 16 -23.85 34.42 16.41
C VAL J 16 -22.42 34.90 16.57
N PHE J 17 -22.10 35.43 17.75
CA PHE J 17 -20.74 35.58 18.26
C PHE J 17 -19.93 36.67 17.56
N ASP J 18 -20.40 37.20 16.45
CA ASP J 18 -19.71 38.39 15.98
C ASP J 18 -20.37 39.64 16.56
N ALA J 19 -21.70 39.64 16.58
CA ALA J 19 -22.42 40.71 17.27
C ALA J 19 -22.07 40.73 18.75
N LEU J 20 -22.01 39.56 19.37
CA LEU J 20 -21.66 39.48 20.78
C LEU J 20 -20.22 39.90 21.03
N TRP J 21 -19.30 39.55 20.13
CA TRP J 21 -17.92 39.95 20.37
C TRP J 21 -17.72 41.43 20.13
N GLN J 22 -18.45 42.02 19.19
CA GLN J 22 -18.27 43.45 19.06
C GLN J 22 -18.96 44.20 20.19
N GLN J 23 -20.03 43.65 20.76
CA GLN J 23 -20.62 44.25 21.94
C GLN J 23 -19.69 44.14 23.15
N ALA J 24 -18.96 43.04 23.27
CA ALA J 24 -18.02 42.95 24.37
C ALA J 24 -16.78 43.79 24.15
N HIS J 25 -16.34 43.88 22.91
CA HIS J 25 -15.10 44.57 22.59
C HIS J 25 -15.28 46.07 22.69
N GLU J 26 -16.41 46.59 22.23
CA GLU J 26 -16.72 47.99 22.48
C GLU J 26 -16.93 48.29 23.96
N LYS J 27 -17.43 47.31 24.71
CA LYS J 27 -17.61 47.50 26.14
C LYS J 27 -16.28 47.64 26.85
N VAL J 28 -15.32 46.77 26.54
CA VAL J 28 -14.03 46.91 27.19
C VAL J 28 -13.24 48.08 26.64
N THR J 29 -13.50 48.47 25.38
CA THR J 29 -12.89 49.67 24.83
C THR J 29 -13.42 50.92 25.49
N ALA J 30 -14.66 50.88 25.98
CA ALA J 30 -15.26 51.98 26.70
C ALA J 30 -14.85 52.02 28.17
N LEU J 31 -14.80 50.86 28.83
CA LEU J 31 -14.58 50.84 30.26
C LEU J 31 -13.12 51.16 30.58
N SER J 32 -12.23 50.30 30.14
CA SER J 32 -10.83 50.61 30.05
C SER J 32 -10.60 51.36 28.74
N GLY J 33 -9.36 51.39 28.27
CA GLY J 33 -9.15 52.01 26.98
C GLY J 33 -7.86 52.77 26.91
N GLU J 34 -7.33 53.13 28.07
CA GLU J 34 -5.95 53.58 28.16
C GLU J 34 -5.17 52.72 29.15
N ILE J 35 -5.74 51.59 29.55
CA ILE J 35 -5.03 50.59 30.31
C ILE J 35 -4.89 49.29 29.54
N TRP J 36 -5.95 48.87 28.87
CA TRP J 36 -5.99 47.66 28.07
C TRP J 36 -6.05 48.15 26.62
N THR J 37 -4.90 48.53 26.09
CA THR J 37 -4.82 49.22 24.80
C THR J 37 -4.72 48.28 23.62
N ASP J 38 -3.91 47.24 23.72
CA ASP J 38 -3.77 46.26 22.64
C ASP J 38 -4.93 45.28 22.72
N THR J 39 -5.65 45.14 21.62
CA THR J 39 -6.68 44.11 21.51
C THR J 39 -6.40 43.39 20.20
N GLY J 40 -5.45 42.48 20.23
CA GLY J 40 -5.26 41.58 19.12
C GLY J 40 -5.63 40.22 19.62
N ASP J 41 -5.44 39.19 18.81
CA ASP J 41 -5.79 37.85 19.24
C ASP J 41 -4.65 37.19 20.00
N HIS J 42 -3.59 37.95 20.26
CA HIS J 42 -2.44 37.50 20.98
C HIS J 42 -2.44 37.91 22.44
N ASP J 43 -3.31 38.83 22.85
CA ASP J 43 -3.37 39.02 24.29
C ASP J 43 -4.20 37.92 24.92
N PRO J 44 -3.82 37.45 26.11
CA PRO J 44 -4.54 36.33 26.71
C PRO J 44 -5.93 36.69 27.16
N GLY J 45 -6.12 37.89 27.71
CA GLY J 45 -7.43 38.27 28.20
C GLY J 45 -8.45 38.42 27.10
N VAL J 46 -7.98 38.79 25.92
CA VAL J 46 -8.85 38.82 24.74
C VAL J 46 -9.34 37.41 24.42
N THR J 47 -8.44 36.43 24.49
CA THR J 47 -8.83 35.05 24.21
C THR J 47 -9.79 34.51 25.25
N LEU J 48 -9.55 34.82 26.52
CA LEU J 48 -10.44 34.41 27.60
C LEU J 48 -11.82 35.01 27.42
N LEU J 49 -11.86 36.29 27.09
CA LEU J 49 -13.14 36.99 26.95
C LEU J 49 -13.90 36.51 25.74
N GLN J 50 -13.21 36.24 24.64
CA GLN J 50 -13.92 35.73 23.47
C GLN J 50 -14.32 34.27 23.63
N SER J 51 -13.62 33.50 24.46
CA SER J 51 -14.09 32.16 24.76
C SER J 51 -15.32 32.19 25.65
N ALA J 52 -15.33 33.10 26.63
CA ALA J 52 -16.53 33.30 27.43
C ALA J 52 -17.67 33.82 26.57
N THR J 53 -17.34 34.58 25.53
CA THR J 53 -18.34 35.02 24.57
C THR J 53 -18.91 33.86 23.80
N TRP J 54 -18.07 32.89 23.44
CA TRP J 54 -18.56 31.70 22.76
C TRP J 54 -19.48 30.88 23.65
N ASN J 55 -19.13 30.76 24.93
CA ASN J 55 -20.03 30.05 25.83
C ASN J 55 -21.31 30.82 26.08
N CYS J 56 -21.25 32.14 26.08
CA CYS J 56 -22.47 32.93 26.20
C CYS J 56 -23.34 32.79 24.96
N SER J 57 -22.71 32.66 23.78
CA SER J 57 -23.50 32.45 22.57
C SER J 57 -24.09 31.06 22.55
N ASP J 58 -23.38 30.09 23.10
CA ASP J 58 -23.95 28.77 23.34
C ASP J 58 -25.18 28.88 24.22
N LEU J 59 -25.07 29.65 25.29
CA LEU J 59 -26.17 29.80 26.23
C LEU J 59 -27.35 30.52 25.62
N SER J 60 -27.07 31.45 24.71
CA SER J 60 -28.15 32.13 24.01
C SER J 60 -28.82 31.22 23.01
N TYR J 61 -28.04 30.42 22.29
CA TYR J 61 -28.61 29.48 21.34
C TYR J 61 -29.45 28.42 22.02
N ARG J 62 -29.07 28.04 23.24
CA ARG J 62 -29.91 27.15 24.01
C ARG J 62 -31.22 27.80 24.38
N ALA J 63 -31.21 29.12 24.56
CA ALA J 63 -32.38 29.86 24.98
C ALA J 63 -33.21 30.36 23.82
N SER J 64 -33.22 29.63 22.71
CA SER J 64 -34.12 29.94 21.62
C SER J 64 -35.16 28.85 21.42
N LEU J 65 -34.70 27.63 21.17
CA LEU J 65 -35.52 26.59 20.59
C LEU J 65 -35.95 25.59 21.65
N SER J 66 -37.21 25.15 21.62
CA SER J 66 -38.33 25.89 21.07
C SER J 66 -39.31 25.84 22.22
N LEU J 67 -40.46 26.49 22.09
CA LEU J 67 -41.36 26.56 23.24
C LEU J 67 -42.01 25.21 23.53
N ASN J 68 -42.21 24.39 22.50
CA ASN J 68 -42.62 23.02 22.72
C ASN J 68 -41.50 22.16 23.24
N ASP J 69 -40.25 22.63 23.17
CA ASP J 69 -39.10 21.85 23.55
C ASP J 69 -38.48 22.31 24.86
N LEU J 70 -38.58 23.59 25.18
CA LEU J 70 -38.07 24.08 26.45
C LEU J 70 -38.91 23.62 27.63
N LEU J 71 -40.18 23.30 27.40
CA LEU J 71 -41.11 23.08 28.49
C LEU J 71 -41.35 21.61 28.81
N THR J 72 -40.87 20.69 27.99
CA THR J 72 -41.06 19.27 28.25
C THR J 72 -40.21 18.87 29.45
N HIS J 73 -40.76 18.06 30.35
CA HIS J 73 -40.04 17.89 31.60
C HIS J 73 -38.85 16.96 31.52
N GLN J 74 -39.08 15.65 31.58
CA GLN J 74 -38.13 14.68 31.06
C GLN J 74 -38.90 13.46 30.60
N ASP J 75 -40.03 13.23 31.22
CA ASP J 75 -40.69 11.94 31.18
C ASP J 75 -42.19 12.07 30.98
N GLN J 76 -42.73 13.24 31.32
CA GLN J 76 -44.14 13.46 31.13
C GLN J 76 -44.45 13.62 29.65
N SER J 77 -45.49 12.95 29.19
CA SER J 77 -45.79 12.92 27.75
C SER J 77 -46.22 14.27 27.24
N THR J 78 -46.91 15.03 28.07
CA THR J 78 -47.53 16.27 27.66
C THR J 78 -46.87 17.43 28.38
N LEU J 79 -47.02 18.62 27.82
CA LEU J 79 -46.46 19.81 28.49
C LEU J 79 -47.27 20.14 29.73
N PHE J 80 -48.57 20.25 29.59
CA PHE J 80 -49.49 20.49 30.67
C PHE J 80 -50.07 19.17 31.14
N PRO J 81 -50.53 19.07 32.37
CA PRO J 81 -51.32 17.91 32.77
C PRO J 81 -52.64 17.92 32.02
N GLU J 82 -53.13 16.72 31.70
CA GLU J 82 -54.31 16.61 30.86
C GLU J 82 -55.57 17.07 31.59
N GLU J 83 -55.54 17.13 32.92
CA GLU J 83 -56.62 17.78 33.64
C GLU J 83 -56.59 19.29 33.52
N PHE J 84 -55.46 19.87 33.14
CA PHE J 84 -55.44 21.28 32.82
C PHE J 84 -55.79 21.57 31.37
N GLY J 85 -56.19 20.55 30.62
CA GLY J 85 -56.69 20.77 29.30
C GLY J 85 -58.11 21.25 29.33
N PRO J 86 -58.64 21.60 28.16
CA PRO J 86 -60.05 21.96 28.07
C PRO J 86 -60.95 20.76 28.33
N GLU J 87 -62.22 21.07 28.55
CA GLU J 87 -63.29 20.23 29.12
C GLU J 87 -62.89 19.51 30.41
N GLN J 88 -61.91 20.01 31.13
CA GLN J 88 -61.73 19.73 32.55
C GLN J 88 -61.50 21.00 33.34
N VAL J 89 -60.89 21.99 32.72
CA VAL J 89 -60.77 23.33 33.27
C VAL J 89 -62.14 23.99 33.28
N LEU J 90 -62.22 25.18 33.85
CA LEU J 90 -63.50 25.82 34.05
C LEU J 90 -64.05 26.45 32.78
N THR J 91 -64.01 25.71 31.67
CA THR J 91 -64.75 26.01 30.46
C THR J 91 -66.08 25.29 30.45
N CYS J 92 -66.05 24.00 30.75
CA CYS J 92 -67.24 23.22 31.02
C CYS J 92 -67.68 23.46 32.46
N ASN J 93 -68.70 22.73 32.93
CA ASN J 93 -69.01 22.68 34.34
C ASN J 93 -69.48 21.29 34.72
N THR J 94 -69.79 21.12 35.99
CA THR J 94 -70.73 20.10 36.35
C THR J 94 -72.11 20.72 36.40
N VAL J 95 -73.11 19.89 36.19
CA VAL J 95 -74.41 20.37 35.76
C VAL J 95 -75.17 21.00 36.91
N THR J 96 -75.70 22.20 36.66
CA THR J 96 -76.58 22.87 37.61
C THR J 96 -77.78 23.55 36.98
N ALA J 97 -77.82 23.73 35.67
CA ALA J 97 -78.94 24.35 34.98
C ALA J 97 -79.93 23.25 34.61
N GLU J 98 -80.81 23.52 33.64
CA GLU J 98 -81.59 22.48 32.96
C GLU J 98 -80.73 21.36 32.36
N ASP J 99 -79.43 21.59 32.15
CA ASP J 99 -78.42 20.76 31.53
C ASP J 99 -78.28 19.38 32.15
N TYR J 100 -78.94 19.04 33.27
CA TYR J 100 -79.13 17.64 33.62
C TYR J 100 -79.68 16.86 32.44
N ARG J 101 -80.64 17.46 31.73
CA ARG J 101 -81.09 17.00 30.42
C ARG J 101 -79.93 16.61 29.52
N ARG J 102 -79.05 17.56 29.23
CA ARG J 102 -77.96 17.19 28.35
C ARG J 102 -76.90 16.39 29.10
N ALA J 103 -76.96 16.35 30.43
CA ALA J 103 -76.13 15.41 31.15
C ALA J 103 -76.65 13.99 31.02
N LEU J 104 -77.93 13.82 30.73
CA LEU J 104 -78.52 12.49 30.69
C LEU J 104 -78.77 11.97 29.30
N LEU J 105 -78.76 12.82 28.29
CA LEU J 105 -79.00 12.32 26.94
C LEU J 105 -77.70 11.93 26.23
N ASP J 106 -76.89 11.13 26.92
CA ASP J 106 -75.72 10.53 26.29
C ASP J 106 -75.45 9.11 26.77
N VAL J 107 -76.29 8.55 27.62
CA VAL J 107 -75.99 7.29 28.27
C VAL J 107 -76.69 6.13 27.57
N HIS J 108 -77.08 6.30 26.31
CA HIS J 108 -77.67 5.19 25.57
C HIS J 108 -76.65 4.09 25.31
N SER J 109 -75.41 4.47 25.03
CA SER J 109 -74.34 3.51 25.15
C SER J 109 -74.15 3.15 26.62
N SER J 110 -73.84 1.89 26.88
CA SER J 110 -73.75 1.44 28.25
C SER J 110 -72.33 1.02 28.59
N PHE J 124 -84.74 6.21 24.09
CA PHE J 124 -84.45 7.09 25.21
C PHE J 124 -84.31 8.52 24.75
N SER J 125 -85.03 9.42 25.40
CA SER J 125 -85.01 10.83 25.06
C SER J 125 -85.62 11.61 26.21
N ASP J 126 -85.60 12.93 26.07
CA ASP J 126 -86.55 13.87 26.69
C ASP J 126 -86.54 13.78 28.22
N VAL J 127 -85.42 14.21 28.79
CA VAL J 127 -85.35 14.43 30.23
C VAL J 127 -86.12 15.70 30.56
N SER J 128 -86.86 15.68 31.66
CA SER J 128 -87.49 16.90 32.17
C SER J 128 -87.15 17.01 33.65
N LEU J 129 -86.43 18.06 34.00
CA LEU J 129 -86.06 18.32 35.38
C LEU J 129 -86.78 19.58 35.84
N THR J 130 -87.32 19.53 37.04
CA THR J 130 -88.03 20.67 37.61
C THR J 130 -87.96 20.57 39.12
N GLN J 131 -88.66 21.49 39.78
CA GLN J 131 -88.72 21.55 41.23
C GLN J 131 -90.12 21.19 41.68
N GLU J 132 -90.29 21.06 43.00
CA GLU J 132 -91.58 20.64 43.53
C GLU J 132 -92.57 21.80 43.46
N PRO J 133 -93.78 21.57 42.99
CA PRO J 133 -94.63 22.68 42.53
C PRO J 133 -95.34 23.44 43.63
N LYS J 134 -94.59 24.18 44.45
CA LYS J 134 -95.10 25.11 45.47
C LYS J 134 -95.99 24.42 46.50
N GLU J 135 -95.80 23.12 46.65
CA GLU J 135 -96.47 22.28 47.61
C GLU J 135 -95.64 21.01 47.69
N HIS J 136 -96.19 19.99 48.37
CA HIS J 136 -95.53 18.71 48.63
C HIS J 136 -94.18 18.91 49.34
N ARG J 137 -94.12 19.92 50.20
CA ARG J 137 -92.97 20.14 51.05
C ARG J 137 -92.91 19.08 52.13
N PHE J 138 -91.81 19.04 52.85
CA PHE J 138 -91.75 18.14 53.99
C PHE J 138 -92.41 18.73 55.24
N HIS J 139 -92.84 20.00 55.18
CA HIS J 139 -93.58 20.68 56.25
C HIS J 139 -92.76 20.79 57.54
N TRP J 140 -91.43 20.80 57.38
CA TRP J 140 -90.39 21.00 58.40
C TRP J 140 -90.62 20.44 59.80
N GLY J 167 -86.29 23.65 49.01
CA GLY J 167 -87.19 22.77 48.30
C GLY J 167 -86.51 21.88 47.28
N ASN J 168 -86.95 20.63 47.20
CA ASN J 168 -86.27 19.60 46.42
C ASN J 168 -86.63 19.74 44.94
N LEU J 169 -86.30 18.70 44.17
CA LEU J 169 -86.52 18.68 42.74
C LEU J 169 -87.29 17.44 42.34
N TRP J 170 -88.04 17.55 41.25
CA TRP J 170 -88.64 16.40 40.60
C TRP J 170 -88.00 16.17 39.25
N LEU J 171 -88.29 15.01 38.68
CA LEU J 171 -87.58 14.53 37.51
C LEU J 171 -88.57 13.74 36.67
N SER J 172 -88.29 13.65 35.38
CA SER J 172 -89.24 13.03 34.46
C SER J 172 -88.49 12.48 33.25
N LEU J 173 -88.58 11.17 33.05
CA LEU J 173 -87.91 10.51 31.94
C LEU J 173 -88.85 9.66 31.11
N VAL J 174 -88.61 9.63 29.81
CA VAL J 174 -89.19 8.65 28.92
C VAL J 174 -88.07 7.75 28.42
N PRO J 175 -88.20 6.43 28.52
CA PRO J 175 -87.04 5.54 28.39
C PRO J 175 -86.80 4.99 26.99
N THR J 176 -87.49 5.50 25.98
CA THR J 176 -88.09 4.75 24.88
C THR J 176 -87.39 3.47 24.43
N ARG J 177 -86.07 3.49 24.30
CA ARG J 177 -85.34 2.31 23.87
C ARG J 177 -84.65 1.60 25.02
N TYR J 178 -84.95 1.99 26.26
CA TYR J 178 -84.70 1.15 27.42
C TYR J 178 -85.92 0.35 27.82
N THR J 179 -87.13 0.83 27.51
CA THR J 179 -88.34 0.07 27.72
C THR J 179 -88.36 -1.04 26.68
N GLN J 180 -87.69 -2.15 26.99
CA GLN J 180 -87.47 -3.20 26.02
C GLN J 180 -87.75 -4.54 26.66
N SER J 181 -87.52 -5.60 25.87
CA SER J 181 -87.51 -6.95 26.41
C SER J 181 -86.22 -7.23 27.16
N LEU J 182 -85.19 -6.40 26.96
CA LEU J 182 -83.90 -6.59 27.59
C LEU J 182 -83.79 -5.96 28.96
N SER J 183 -84.91 -5.62 29.60
CA SER J 183 -84.90 -5.10 30.97
C SER J 183 -86.12 -5.53 31.77
N PRO J 184 -86.20 -6.82 32.19
CA PRO J 184 -87.02 -7.13 33.37
C PRO J 184 -86.20 -7.07 34.64
N GLU J 185 -84.89 -7.21 34.49
CA GLU J 185 -83.92 -7.19 35.56
C GLU J 185 -82.79 -6.20 35.31
N ASN J 186 -82.45 -5.97 34.04
CA ASN J 186 -81.50 -4.91 33.71
C ASN J 186 -82.07 -3.54 34.00
N LEU J 187 -83.40 -3.42 34.05
CA LEU J 187 -84.06 -2.18 34.44
C LEU J 187 -83.68 -1.73 35.83
N ALA J 188 -83.47 -2.66 36.76
CA ALA J 188 -83.03 -2.29 38.10
C ALA J 188 -81.58 -1.79 38.11
N ALA J 189 -80.73 -2.38 37.28
CA ALA J 189 -79.36 -1.90 37.17
C ALA J 189 -79.29 -0.52 36.53
N VAL J 190 -80.14 -0.26 35.54
CA VAL J 190 -80.25 1.07 34.96
C VAL J 190 -80.80 2.05 36.00
N GLU J 191 -81.71 1.58 36.87
CA GLU J 191 -82.24 2.44 37.91
C GLU J 191 -81.18 2.80 38.94
N GLN J 192 -80.35 1.86 39.35
CA GLN J 192 -79.30 2.22 40.29
C GLN J 192 -78.16 2.99 39.65
N CYS J 193 -77.95 2.85 38.34
CA CYS J 193 -76.98 3.73 37.68
C CYS J 193 -77.52 5.16 37.62
N LEU J 194 -78.82 5.31 37.42
CA LEU J 194 -79.45 6.61 37.57
C LEU J 194 -79.34 7.13 39.00
N ALA J 195 -79.42 6.23 39.98
CA ALA J 195 -79.32 6.62 41.37
C ALA J 195 -77.93 7.13 41.71
N GLU J 196 -76.89 6.45 41.22
CA GLU J 196 -75.54 6.94 41.47
C GLU J 196 -75.19 8.13 40.60
N PHE J 197 -75.88 8.30 39.47
CA PHE J 197 -75.80 9.56 38.73
C PHE J 197 -76.31 10.71 39.57
N LEU J 198 -77.49 10.54 40.17
CA LEU J 198 -78.07 11.59 40.99
C LEU J 198 -77.30 11.79 42.28
N ALA J 199 -76.62 10.74 42.75
CA ALA J 199 -75.66 10.93 43.84
C ALA J 199 -74.47 11.76 43.37
N ALA J 200 -74.06 11.57 42.12
CA ALA J 200 -72.89 12.28 41.61
C ALA J 200 -73.16 13.75 41.34
N HIS J 201 -74.42 14.15 41.23
CA HIS J 201 -74.77 15.52 40.86
C HIS J 201 -75.80 16.02 41.87
N ARG J 202 -75.32 16.53 43.00
CA ARG J 202 -76.17 17.02 44.08
C ARG J 202 -75.54 18.30 44.63
N ASN J 203 -76.08 19.45 44.22
CA ASN J 203 -75.55 20.73 44.67
C ASN J 203 -75.89 20.98 46.15
N LEU J 204 -75.46 22.16 46.63
CA LEU J 204 -75.33 22.58 48.03
C LEU J 204 -76.47 22.18 48.96
N GLY J 205 -77.69 22.18 48.45
CA GLY J 205 -78.82 21.64 49.16
C GLY J 205 -79.77 21.05 48.13
N GLU J 206 -80.78 20.37 48.66
CA GLU J 206 -81.99 20.00 47.94
C GLU J 206 -81.69 19.08 46.76
N VAL J 207 -81.34 17.85 47.13
CA VAL J 207 -81.31 16.72 46.20
C VAL J 207 -82.72 16.48 45.66
N VAL J 208 -82.81 15.80 44.53
CA VAL J 208 -84.10 15.47 43.93
C VAL J 208 -84.87 14.51 44.82
N SER J 209 -86.18 14.46 44.61
CA SER J 209 -87.04 13.62 45.43
C SER J 209 -87.87 12.62 44.64
N ARG J 210 -88.19 12.89 43.38
CA ARG J 210 -89.06 12.01 42.64
C ARG J 210 -88.52 11.85 41.23
N ILE J 211 -88.60 10.64 40.71
CA ILE J 211 -87.96 10.27 39.46
C ILE J 211 -88.97 10.14 38.32
N THR J 212 -90.14 9.55 38.59
CA THR J 212 -91.32 9.55 37.73
C THR J 212 -91.04 8.92 36.35
N TRP J 213 -90.83 7.62 36.39
CA TRP J 213 -90.86 6.83 35.16
C TRP J 213 -92.20 6.97 34.48
N LEU J 214 -92.18 7.17 33.17
CA LEU J 214 -93.32 7.69 32.45
C LEU J 214 -93.78 6.68 31.41
N GLN J 215 -95.05 6.33 31.43
CA GLN J 215 -95.53 5.14 30.73
C GLN J 215 -95.90 5.48 29.30
N PRO J 216 -95.84 4.49 28.38
CA PRO J 216 -96.14 4.78 26.97
C PRO J 216 -97.63 4.84 26.68
N ALA J 217 -97.95 5.19 25.42
CA ALA J 217 -99.32 5.35 24.96
C ALA J 217 -99.63 4.62 23.67
N THR J 218 -98.60 4.04 23.01
CA THR J 218 -98.63 3.39 21.67
C THR J 218 -99.56 4.09 20.67
N PHE J 219 -99.38 5.39 20.52
CA PHE J 219 -100.14 6.19 19.58
C PHE J 219 -99.63 5.94 18.17
N SER J 220 -100.22 4.96 17.49
CA SER J 220 -99.72 4.55 16.19
C SER J 220 -100.74 4.92 15.11
N PRO J 221 -100.44 5.89 14.25
CA PRO J 221 -101.41 6.31 13.24
C PRO J 221 -101.41 5.40 12.02
N ARG J 222 -102.14 5.85 11.01
CA ARG J 222 -102.29 5.12 9.76
C ARG J 222 -102.37 6.11 8.60
N MET J 223 -101.58 5.89 7.56
CA MET J 223 -101.59 6.76 6.40
C MET J 223 -101.43 5.90 5.17
N THR J 224 -101.68 6.48 4.01
CA THR J 224 -101.30 5.81 2.77
C THR J 224 -100.55 6.79 1.87
N ILE J 225 -99.55 6.28 1.19
CA ILE J 225 -98.72 7.05 0.29
C ILE J 225 -98.65 6.36 -1.05
N GLU J 226 -98.05 7.03 -2.02
CA GLU J 226 -98.03 6.53 -3.38
C GLU J 226 -96.78 7.02 -4.08
N LEU J 227 -96.28 6.19 -5.00
CA LEU J 227 -94.92 6.32 -5.48
C LEU J 227 -94.88 6.00 -6.97
N ALA J 228 -93.74 6.25 -7.58
CA ALA J 228 -93.65 6.21 -9.04
C ALA J 228 -92.66 5.18 -9.57
N ASP J 229 -91.47 5.14 -8.98
CA ASP J 229 -90.43 4.24 -9.44
C ASP J 229 -89.66 3.70 -8.25
N ASN J 230 -89.41 2.38 -8.26
CA ASN J 230 -88.81 1.61 -7.16
C ASN J 230 -89.57 1.80 -5.86
N ILE J 234 -87.93 -0.31 -2.72
CA ILE J 234 -88.96 -0.86 -1.86
C ILE J 234 -88.28 -1.51 -0.65
N ASN J 235 -88.97 -1.50 0.50
CA ASN J 235 -88.54 -1.90 1.84
C ASN J 235 -87.50 -0.96 2.44
N GLN J 236 -87.10 0.04 1.68
CA GLN J 236 -86.21 1.07 2.20
C GLN J 236 -86.99 2.32 2.52
N VAL J 237 -87.99 2.62 1.68
CA VAL J 237 -88.85 3.77 1.92
C VAL J 237 -89.71 3.54 3.15
N ALA J 238 -90.12 2.30 3.40
CA ALA J 238 -90.92 2.03 4.60
C ALA J 238 -90.07 2.14 5.84
N ALA J 239 -88.80 1.74 5.76
CA ALA J 239 -87.89 1.92 6.88
C ALA J 239 -87.63 3.38 7.16
N GLN J 240 -87.48 4.20 6.10
CA GLN J 240 -87.30 5.63 6.30
C GLN J 240 -88.55 6.30 6.83
N ILE J 241 -89.72 5.85 6.40
CA ILE J 241 -90.98 6.40 6.92
C ILE J 241 -91.14 6.05 8.39
N TYR J 242 -90.74 4.83 8.78
CA TYR J 242 -90.68 4.49 10.19
C TYR J 242 -89.71 5.39 10.95
N GLN J 243 -88.55 5.68 10.37
CA GLN J 243 -87.57 6.51 11.05
C GLN J 243 -88.07 7.95 11.22
N VAL J 244 -88.70 8.50 10.18
CA VAL J 244 -89.18 9.88 10.25
C VAL J 244 -90.33 9.99 11.23
N THR J 245 -91.25 9.02 11.21
CA THR J 245 -92.37 9.06 12.15
C THR J 245 -91.94 8.78 13.58
N ASP J 246 -90.84 8.04 13.77
CA ASP J 246 -90.37 7.85 15.14
C ASP J 246 -89.64 9.09 15.63
N ALA J 247 -88.78 9.66 14.79
CA ALA J 247 -88.01 10.83 15.17
C ALA J 247 -88.86 12.10 15.24
N PHE J 248 -90.09 12.06 14.78
CA PHE J 248 -90.97 13.20 14.93
C PHE J 248 -91.58 13.28 16.32
N LEU J 249 -91.61 12.16 17.03
CA LEU J 249 -92.25 12.12 18.34
C LEU J 249 -91.36 12.75 19.40
N ARG J 250 -90.19 12.15 19.65
CA ARG J 250 -89.20 12.79 20.49
C ARG J 250 -88.55 13.93 19.71
N PRO J 251 -88.21 15.04 20.38
CA PRO J 251 -87.96 16.29 19.63
C PRO J 251 -86.73 16.33 18.74
N ALA J 252 -85.54 16.24 19.32
CA ALA J 252 -84.28 16.42 18.61
C ALA J 252 -83.10 16.04 19.49
N VAL J 253 -82.20 15.20 18.99
CA VAL J 253 -80.95 14.90 19.68
C VAL J 253 -79.84 14.97 18.64
N ALA J 254 -78.94 15.93 18.79
CA ALA J 254 -77.81 16.08 17.91
C ALA J 254 -76.54 15.94 18.73
N ARG J 255 -75.67 15.03 18.31
CA ARG J 255 -74.42 14.74 19.01
C ARG J 255 -73.28 14.91 18.02
N TYR J 256 -72.46 15.92 18.23
CA TYR J 256 -71.40 16.22 17.27
C TYR J 256 -70.05 15.91 17.87
N THR J 257 -69.10 15.55 17.01
CA THR J 257 -67.72 15.53 17.42
C THR J 257 -67.24 16.97 17.53
N THR J 258 -66.28 17.21 18.44
CA THR J 258 -65.78 18.56 18.64
C THR J 258 -65.12 19.13 17.38
N GLU J 259 -64.46 18.31 16.58
CA GLU J 259 -63.95 18.82 15.32
C GLU J 259 -65.02 18.85 14.25
N GLN J 260 -66.05 18.02 14.40
CA GLN J 260 -67.20 18.14 13.53
C GLN J 260 -67.96 19.42 13.82
N ARG J 261 -67.96 19.85 15.08
CA ARG J 261 -68.70 21.05 15.42
C ARG J 261 -67.88 22.32 15.14
N ARG J 262 -66.58 22.31 15.43
CA ARG J 262 -65.80 23.51 15.14
C ARG J 262 -65.57 23.70 13.65
N ALA J 263 -65.84 22.68 12.84
CA ALA J 263 -65.93 22.88 11.41
C ALA J 263 -67.22 23.57 11.00
N LEU J 264 -68.25 23.50 11.84
CA LEU J 264 -69.49 24.20 11.54
C LEU J 264 -69.39 25.69 11.82
N GLY J 265 -68.34 26.13 12.52
CA GLY J 265 -68.05 27.53 12.61
C GLY J 265 -68.29 28.21 13.95
N ASP J 266 -67.94 27.53 15.03
CA ASP J 266 -67.99 28.15 16.35
C ASP J 266 -66.63 28.02 17.02
N ALA J 267 -66.56 28.39 18.29
CA ALA J 267 -65.32 28.37 19.03
C ALA J 267 -65.43 27.43 20.23
N ASP J 268 -64.28 27.15 20.84
CA ASP J 268 -64.21 26.18 21.92
C ASP J 268 -64.85 26.67 23.20
N ASP J 269 -64.97 27.98 23.40
CA ASP J 269 -65.69 28.48 24.55
C ASP J 269 -67.19 28.29 24.42
N ALA J 270 -67.68 28.08 23.20
CA ALA J 270 -69.06 27.70 22.98
C ALA J 270 -69.24 26.19 22.92
N ILE J 271 -68.23 25.47 22.44
CA ILE J 271 -68.32 24.02 22.42
C ILE J 271 -68.19 23.46 23.83
N PHE J 272 -67.14 23.86 24.54
CA PHE J 272 -66.89 23.34 25.87
C PHE J 272 -67.67 24.21 26.87
N GLU J 273 -68.94 23.87 27.01
CA GLU J 273 -69.85 24.69 27.80
C GLU J 273 -70.36 23.99 29.05
N GLY J 274 -71.05 22.87 28.89
CA GLY J 274 -71.81 22.31 29.97
C GLY J 274 -71.14 21.14 30.63
N PRO J 275 -71.71 19.97 30.48
CA PRO J 275 -71.18 18.77 31.13
C PRO J 275 -69.90 18.31 30.43
N ARG J 276 -69.25 17.33 31.04
CA ARG J 276 -68.29 16.56 30.27
C ARG J 276 -69.05 15.47 29.54
N LEU J 277 -69.41 15.73 28.31
CA LEU J 277 -70.11 14.74 27.50
C LEU J 277 -69.09 13.72 27.03
N LYS J 278 -69.27 12.47 27.46
CA LYS J 278 -68.48 11.38 26.91
C LYS J 278 -68.87 11.09 25.48
N HIS J 279 -70.04 11.55 25.05
CA HIS J 279 -70.54 11.31 23.71
C HIS J 279 -71.12 12.60 23.17
N GLY J 280 -70.57 13.09 22.07
CA GLY J 280 -71.21 14.14 21.30
C GLY J 280 -71.21 15.51 21.97
N TRP J 281 -71.99 16.41 21.37
CA TRP J 281 -72.28 17.71 21.97
C TRP J 281 -73.74 18.06 21.71
N GLN J 282 -74.53 18.13 22.77
CA GLN J 282 -75.94 18.48 22.69
C GLN J 282 -76.12 19.94 22.35
N GLN J 283 -77.27 20.29 21.76
CA GLN J 283 -77.71 21.68 21.77
C GLN J 283 -79.21 21.85 21.90
N THR J 284 -79.97 20.77 22.04
CA THR J 284 -81.43 20.84 21.95
C THR J 284 -82.06 21.44 23.20
N ALA J 285 -83.25 22.03 23.03
CA ALA J 285 -84.01 22.46 24.20
C ALA J 285 -85.54 22.35 24.14
N PRO J 286 -86.12 21.25 23.65
CA PRO J 286 -87.32 20.72 24.33
C PRO J 286 -86.90 19.59 25.27
N SER J 287 -87.54 19.28 26.41
CA SER J 287 -88.81 19.73 27.00
C SER J 287 -90.06 19.61 26.10
N GLN J 288 -90.32 18.38 25.66
CA GLN J 288 -91.64 18.05 25.11
C GLN J 288 -92.59 17.66 26.22
N ILE J 289 -92.02 17.23 27.34
CA ILE J 289 -92.76 16.78 28.56
C ILE J 289 -93.34 18.04 29.23
N THR J 290 -94.59 17.98 29.67
CA THR J 290 -95.22 19.14 30.34
C THR J 290 -95.78 18.67 31.69
N SER J 291 -97.08 18.83 31.89
CA SER J 291 -97.75 18.41 33.15
C SER J 291 -99.25 18.29 32.90
N GLY J 292 -99.73 18.97 31.86
CA GLY J 292 -101.15 18.86 31.44
C GLY J 292 -101.34 17.83 30.36
N GLY J 293 -100.32 17.00 30.12
CA GLY J 293 -100.38 15.95 29.08
C GLY J 293 -99.80 16.42 27.76
N TYR J 294 -100.18 17.63 27.33
CA TYR J 294 -99.76 18.33 26.08
C TYR J 294 -100.50 17.81 24.84
N VAL J 295 -100.81 18.72 23.91
CA VAL J 295 -101.60 18.40 22.73
C VAL J 295 -100.80 17.68 21.65
N LEU J 296 -99.51 17.43 21.84
CA LEU J 296 -98.84 16.80 20.66
C LEU J 296 -99.70 17.12 19.41
N ASN J 297 -99.09 17.63 18.33
CA ASN J 297 -99.85 17.99 17.09
C ASN J 297 -98.90 18.19 15.89
N LEU J 298 -99.27 17.72 14.70
CA LEU J 298 -98.44 17.87 13.46
C LEU J 298 -99.13 18.79 12.45
N GLY J 299 -98.54 19.00 11.28
CA GLY J 299 -98.82 18.24 10.03
C GLY J 299 -99.17 19.11 8.82
N PRO J 300 -99.07 20.46 8.89
CA PRO J 300 -99.41 21.36 7.75
C PRO J 300 -98.70 21.26 6.39
N LEU J 301 -99.13 22.10 5.44
CA LEU J 301 -98.63 22.18 4.02
C LEU J 301 -97.16 22.62 3.98
N VAL J 302 -96.73 23.41 4.98
CA VAL J 302 -95.32 23.90 5.07
C VAL J 302 -94.88 23.77 6.53
N ASN J 303 -95.32 22.71 7.23
CA ASN J 303 -94.95 22.55 8.67
C ASN J 303 -94.67 21.08 9.04
N LEU J 304 -95.44 20.54 10.00
CA LEU J 304 -95.20 19.16 10.57
C LEU J 304 -95.48 18.03 9.59
N LEU J 305 -96.23 18.27 8.52
CA LEU J 305 -96.51 17.18 7.55
C LEU J 305 -95.48 17.23 6.42
N LEU J 306 -94.57 18.21 6.47
CA LEU J 306 -93.54 18.40 5.41
C LEU J 306 -92.32 17.51 5.66
N ALA J 307 -92.28 16.78 6.78
CA ALA J 307 -91.14 15.88 7.03
C ALA J 307 -91.53 14.44 6.66
N ILE J 308 -92.58 14.28 5.86
CA ILE J 308 -93.08 12.94 5.47
C ILE J 308 -92.84 12.74 3.96
N PRO J 309 -92.92 13.79 3.12
CA PRO J 309 -92.65 13.70 1.69
C PRO J 309 -91.16 13.81 1.36
N GLY J 310 -90.31 13.98 2.39
CA GLY J 310 -88.86 14.04 2.23
C GLY J 310 -88.33 12.74 1.64
N VAL J 311 -88.90 11.60 2.06
CA VAL J 311 -88.53 10.26 1.53
C VAL J 311 -88.58 10.38 0.00
N ALA J 312 -87.50 10.02 -0.67
CA ALA J 312 -87.41 10.30 -2.11
C ALA J 312 -88.13 9.26 -2.94
N SER J 313 -89.37 8.92 -2.58
CA SER J 313 -90.22 8.18 -3.50
C SER J 313 -91.69 8.59 -3.51
N LEU J 314 -92.19 9.30 -2.50
CA LEU J 314 -93.61 9.29 -2.21
C LEU J 314 -94.28 10.60 -2.60
N SER J 315 -95.52 10.47 -3.09
CA SER J 315 -96.41 11.57 -3.39
C SER J 315 -97.31 11.82 -2.17
N THR J 316 -98.43 12.55 -2.37
CA THR J 316 -99.27 13.03 -1.28
C THR J 316 -99.99 11.87 -0.57
N LEU J 317 -100.72 12.22 0.48
CA LEU J 317 -101.14 11.25 1.46
C LEU J 317 -102.61 11.39 1.81
N SER J 318 -103.03 10.57 2.78
CA SER J 318 -104.27 10.72 3.53
C SER J 318 -104.08 10.02 4.87
N VAL J 319 -103.95 10.79 5.94
CA VAL J 319 -103.46 10.30 7.23
C VAL J 319 -104.62 10.13 8.19
N ASP J 320 -104.64 9.02 8.92
CA ASP J 320 -105.69 8.71 9.87
C ASP J 320 -105.04 8.34 11.21
N LYS J 321 -105.85 8.37 12.28
CA LYS J 321 -105.40 8.00 13.62
C LYS J 321 -106.21 6.77 14.04
N GLY J 322 -105.71 5.60 13.71
CA GLY J 322 -106.47 4.37 13.87
C GLY J 322 -106.50 3.80 15.27
N ASP J 323 -106.72 4.64 16.27
CA ASP J 323 -106.75 4.22 17.66
C ASP J 323 -107.61 5.18 18.47
N GLY J 324 -107.99 4.75 19.67
CA GLY J 324 -108.90 5.53 20.47
C GLY J 324 -108.46 5.83 21.89
N HIS J 325 -107.27 5.37 22.28
CA HIS J 325 -106.81 5.59 23.64
C HIS J 325 -106.34 7.03 23.86
N ILE J 326 -105.62 7.59 22.89
CA ILE J 326 -105.18 8.98 22.97
C ILE J 326 -106.14 9.83 22.15
N THR J 327 -106.70 10.85 22.79
CA THR J 327 -107.80 11.59 22.19
C THR J 327 -107.33 12.54 21.10
N ALA J 328 -108.30 13.05 20.34
CA ALA J 328 -108.07 14.02 19.28
C ALA J 328 -108.91 15.25 19.56
N VAL J 329 -108.30 16.43 19.41
CA VAL J 329 -109.04 17.66 19.64
C VAL J 329 -109.97 17.91 18.46
N THR J 330 -110.94 18.82 18.66
CA THR J 330 -111.88 19.17 17.61
C THR J 330 -111.16 19.93 16.50
N GLY J 331 -111.29 19.42 15.27
CA GLY J 331 -110.56 19.94 14.14
C GLY J 331 -109.54 18.93 13.66
N ASP J 332 -109.90 18.15 12.64
CA ASP J 332 -109.03 17.10 12.15
C ASP J 332 -108.31 17.50 10.87
N ASN J 333 -108.79 18.51 10.16
CA ASN J 333 -108.03 19.06 9.05
C ASN J 333 -106.84 19.89 9.52
N LEU J 334 -106.73 20.17 10.82
CA LEU J 334 -105.51 20.66 11.42
C LEU J 334 -104.86 19.63 12.34
N ARG J 335 -105.66 18.78 13.00
CA ARG J 335 -105.27 17.51 13.60
C ARG J 335 -104.21 17.67 14.70
N TRP J 336 -104.65 18.21 15.82
CA TRP J 336 -103.88 18.05 17.04
C TRP J 336 -104.49 16.92 17.86
N GLN J 337 -103.62 16.20 18.58
CA GLN J 337 -103.99 14.94 19.25
C GLN J 337 -103.54 15.04 20.70
N VAL J 338 -104.46 15.27 21.62
CA VAL J 338 -104.10 15.64 22.99
C VAL J 338 -103.63 14.41 23.77
N ALA J 339 -102.41 14.48 24.30
CA ALA J 339 -101.92 13.53 25.29
C ALA J 339 -102.13 14.11 26.69
N ASP J 340 -102.06 13.24 27.69
CA ASP J 340 -102.48 13.60 29.05
C ASP J 340 -101.44 13.19 30.08
N GLY J 341 -100.18 13.52 29.82
CA GLY J 341 -99.12 13.21 30.76
C GLY J 341 -98.59 11.81 30.68
N TYR J 342 -98.67 11.16 29.52
CA TYR J 342 -97.92 9.92 29.26
C TYR J 342 -97.65 9.83 27.78
N TYR J 343 -96.43 9.35 27.42
CA TYR J 343 -95.82 9.70 26.14
C TYR J 343 -96.25 8.74 25.04
N PRO J 344 -96.28 9.18 23.79
CA PRO J 344 -96.67 8.30 22.69
C PRO J 344 -95.53 7.44 22.17
N LEU J 345 -95.90 6.24 21.73
CA LEU J 345 -95.02 5.39 20.93
C LEU J 345 -95.70 5.07 19.62
N LEU J 346 -94.92 4.54 18.69
CA LEU J 346 -95.44 3.98 17.46
C LEU J 346 -95.91 2.55 17.71
N TRP J 347 -96.04 1.78 16.63
CA TRP J 347 -96.63 0.45 16.55
C TRP J 347 -96.01 -0.60 17.48
N GLY J 348 -94.88 -0.34 18.10
CA GLY J 348 -94.19 -1.38 18.87
C GLY J 348 -93.13 -2.08 18.02
N ALA J 349 -93.42 -3.31 17.60
CA ALA J 349 -92.52 -4.00 16.71
C ALA J 349 -92.83 -3.65 15.25
N PRO J 350 -91.81 -3.66 14.39
CA PRO J 350 -92.06 -3.55 12.94
C PRO J 350 -92.84 -4.73 12.36
N PRO J 351 -92.76 -5.97 12.89
CA PRO J 351 -93.77 -6.97 12.49
C PRO J 351 -95.20 -6.62 12.88
N LEU J 352 -95.40 -5.78 13.90
CA LEU J 352 -96.74 -5.25 14.15
C LEU J 352 -97.13 -4.19 13.14
N SER J 353 -96.19 -3.75 12.30
CA SER J 353 -96.46 -2.96 11.11
C SER J 353 -96.74 -3.83 9.90
N LEU J 354 -96.71 -5.16 10.06
CA LEU J 354 -96.85 -6.06 8.91
C LEU J 354 -97.93 -7.11 9.14
N LEU J 355 -99.09 -6.69 9.65
CA LEU J 355 -100.22 -7.59 9.77
C LEU J 355 -100.86 -7.81 8.41
N ALA J 356 -101.96 -8.56 8.42
CA ALA J 356 -102.87 -8.51 7.28
C ALA J 356 -103.47 -7.12 7.15
N GLY J 357 -103.76 -6.47 8.28
CA GLY J 357 -104.13 -5.07 8.27
C GLY J 357 -102.91 -4.19 8.45
N ASP J 358 -102.38 -3.69 7.34
CA ASP J 358 -101.24 -2.79 7.35
C ASP J 358 -101.71 -1.38 7.75
N ASP J 359 -100.75 -0.54 8.13
CA ASP J 359 -101.05 0.84 8.41
C ASP J 359 -100.38 1.81 7.45
N SER J 360 -99.59 1.32 6.49
CA SER J 360 -99.01 2.17 5.45
C SER J 360 -98.97 1.43 4.14
N PRO J 361 -100.08 1.43 3.40
CA PRO J 361 -100.06 0.81 2.06
C PRO J 361 -99.48 1.76 1.03
N LEU J 362 -98.64 1.21 0.16
CA LEU J 362 -97.86 1.99 -0.79
C LEU J 362 -98.28 1.57 -2.19
N THR J 363 -99.17 2.33 -2.80
CA THR J 363 -99.74 2.00 -4.09
C THR J 363 -98.84 2.48 -5.21
N LEU J 364 -98.74 1.69 -6.28
CA LEU J 364 -97.92 2.09 -7.41
C LEU J 364 -98.75 2.29 -8.68
N VAL J 365 -99.77 1.47 -8.88
CA VAL J 365 -100.68 1.68 -9.99
C VAL J 365 -102.08 1.22 -9.60
N ARG J 371 -99.07 -3.90 -7.93
CA ARG J 371 -99.79 -2.75 -7.32
C ARG J 371 -100.05 -3.04 -5.84
N ASN J 372 -99.87 -4.30 -5.43
CA ASN J 372 -100.11 -4.68 -4.01
C ASN J 372 -99.09 -3.97 -3.11
N THR J 373 -97.84 -3.87 -3.57
CA THR J 373 -96.74 -3.21 -2.81
C THR J 373 -96.65 -3.78 -1.39
N LEU J 374 -96.23 -5.04 -1.27
CA LEU J 374 -96.09 -5.71 0.06
C LEU J 374 -94.78 -5.25 0.72
N GLU J 375 -94.66 -5.49 2.02
CA GLU J 375 -93.49 -5.11 2.79
C GLU J 375 -93.05 -6.26 3.68
N SER J 376 -91.76 -6.57 3.66
CA SER J 376 -91.23 -7.68 4.43
C SER J 376 -90.43 -7.17 5.63
N GLU J 377 -89.79 -8.11 6.33
CA GLU J 377 -88.98 -7.80 7.50
C GLU J 377 -87.59 -7.32 7.15
N ALA J 378 -87.34 -7.09 5.87
CA ALA J 378 -86.11 -6.50 5.37
C ALA J 378 -85.89 -5.11 5.93
N MET J 379 -86.99 -4.37 6.12
CA MET J 379 -86.89 -3.03 6.67
C MET J 379 -86.57 -3.01 8.15
N ALA J 380 -86.80 -4.10 8.86
CA ALA J 380 -86.63 -4.10 10.31
C ALA J 380 -85.21 -4.45 10.72
N GLY J 381 -84.60 -5.45 10.12
CA GLY J 381 -83.25 -5.80 10.47
C GLY J 381 -82.27 -4.82 9.87
N TYR J 382 -82.44 -4.51 8.60
CA TYR J 382 -81.53 -3.62 7.90
C TYR J 382 -82.34 -2.56 7.19
N LEU J 383 -81.65 -1.76 6.36
CA LEU J 383 -82.13 -0.53 5.75
C LEU J 383 -82.62 0.49 6.76
N THR J 384 -82.25 0.35 8.04
CA THR J 384 -82.84 1.14 9.10
C THR J 384 -81.85 1.57 10.18
N GLN J 385 -80.57 1.27 10.02
CA GLN J 385 -79.57 1.57 11.05
C GLN J 385 -78.93 2.91 10.76
N ALA J 386 -78.99 3.83 11.72
CA ALA J 386 -78.45 5.17 11.54
C ALA J 386 -77.74 5.63 12.82
N ASP J 387 -76.94 4.74 13.39
CA ASP J 387 -76.43 4.97 14.74
C ASP J 387 -74.92 5.01 14.72
N LEU J 388 -74.34 6.09 15.24
CA LEU J 388 -72.91 6.17 15.47
C LEU J 388 -72.66 6.49 16.94
N ILE J 389 -71.39 6.53 17.31
CA ILE J 389 -71.00 6.79 18.68
C ILE J 389 -69.76 7.67 18.69
N VAL J 390 -69.68 8.53 19.71
CA VAL J 390 -68.66 9.57 19.81
C VAL J 390 -67.97 9.41 21.15
N THR J 391 -66.64 9.54 21.17
CA THR J 391 -65.87 9.43 22.40
C THR J 391 -64.64 10.33 22.30
N THR J 392 -64.34 11.08 23.37
CA THR J 392 -63.33 12.12 23.34
C THR J 392 -62.18 11.81 24.30
N PRO J 393 -60.93 11.84 23.84
CA PRO J 393 -59.75 11.69 24.73
C PRO J 393 -59.31 12.98 25.42
N THR J 394 -60.05 14.06 25.18
CA THR J 394 -60.24 15.30 25.94
C THR J 394 -59.21 16.42 25.92
N VAL J 395 -57.92 16.18 25.60
CA VAL J 395 -57.00 16.90 24.69
C VAL J 395 -55.61 16.33 24.99
N LEU J 396 -54.77 16.12 23.97
CA LEU J 396 -53.37 15.85 24.28
C LEU J 396 -52.41 16.69 23.45
N PRO J 397 -51.55 17.49 24.07
CA PRO J 397 -50.36 17.98 23.37
C PRO J 397 -49.17 17.06 23.61
N ALA J 398 -48.11 17.28 22.86
CA ALA J 398 -46.96 16.40 22.94
C ALA J 398 -45.69 17.18 23.26
N GLY J 399 -44.80 16.54 24.04
CA GLY J 399 -43.51 17.10 24.38
C GLY J 399 -42.38 16.43 23.62
N ARG J 400 -41.18 17.02 23.75
CA ARG J 400 -40.00 16.54 23.00
C ARG J 400 -38.80 16.19 23.87
N PHE J 401 -38.46 17.03 24.84
CA PHE J 401 -37.28 16.92 25.70
C PHE J 401 -36.00 16.78 24.90
N ARG J 402 -35.58 17.86 24.25
CA ARG J 402 -34.20 17.97 23.79
C ARG J 402 -33.32 18.69 24.78
N ASP J 403 -33.53 18.46 26.07
CA ASP J 403 -32.79 19.21 27.06
C ASP J 403 -31.54 18.45 27.47
N GLN J 404 -30.89 18.95 28.51
CA GLN J 404 -29.46 18.79 28.65
C GLN J 404 -29.00 18.94 30.09
N THR J 405 -27.76 18.54 30.31
CA THR J 405 -27.02 18.88 31.52
C THR J 405 -25.57 19.20 31.19
N LEU J 406 -25.26 19.45 29.92
CA LEU J 406 -23.91 19.54 29.41
C LEU J 406 -23.38 20.97 29.47
N TYR J 407 -22.16 21.11 29.96
CA TYR J 407 -21.49 22.40 30.01
C TYR J 407 -20.01 22.23 29.73
N ILE J 408 -19.45 23.15 28.97
CA ILE J 408 -18.04 23.10 28.62
C ILE J 408 -17.37 24.31 29.25
N PRO J 409 -16.44 24.13 30.18
CA PRO J 409 -15.79 25.28 30.83
C PRO J 409 -14.87 26.02 29.88
N ILE J 410 -14.55 27.25 30.29
CA ILE J 410 -13.75 28.14 29.48
C ILE J 410 -12.32 27.63 29.34
N GLY J 411 -11.81 27.00 30.39
CA GLY J 411 -10.42 26.59 30.40
C GLY J 411 -10.07 25.53 29.37
N GLN J 412 -11.05 24.74 28.95
CA GLN J 412 -10.78 23.82 27.87
C GLN J 412 -11.22 24.35 26.53
N ARG J 413 -11.81 25.54 26.48
CA ARG J 413 -11.83 26.25 25.21
C ARG J 413 -10.44 26.77 24.86
N GLN J 414 -9.63 27.04 25.87
CA GLN J 414 -8.34 27.68 25.69
C GLN J 414 -7.35 26.72 25.04
N PRO J 415 -6.37 27.24 24.29
CA PRO J 415 -5.47 26.35 23.56
C PRO J 415 -4.49 25.67 24.50
N GLU J 416 -3.75 24.73 23.95
CA GLU J 416 -2.97 23.81 24.75
C GLU J 416 -1.57 24.35 25.03
N CYS J 417 -1.55 25.54 25.62
CA CYS J 417 -0.29 26.06 26.11
C CYS J 417 -0.47 26.77 27.44
N TYR J 418 -1.69 26.78 27.98
CA TYR J 418 -1.94 27.38 29.29
C TYR J 418 -2.23 26.31 30.34
N ALA J 419 -3.26 25.52 30.10
CA ALA J 419 -3.84 24.65 31.11
C ALA J 419 -4.33 23.39 30.42
N LEU J 420 -5.25 22.66 31.07
CA LEU J 420 -5.78 21.30 30.83
C LEU J 420 -4.75 20.33 31.39
N GLN J 421 -3.72 20.85 32.05
CA GLN J 421 -2.76 20.04 32.77
C GLN J 421 -3.45 19.37 33.95
N GLN J 422 -3.01 18.18 34.33
CA GLN J 422 -3.70 17.42 35.36
C GLN J 422 -3.65 18.07 36.73
N PRO J 423 -4.59 17.66 37.55
CA PRO J 423 -5.08 18.43 38.67
C PRO J 423 -4.14 18.35 39.87
N ASP J 424 -3.62 19.51 40.27
CA ASP J 424 -2.86 19.73 41.51
C ASP J 424 -1.63 18.84 41.61
N THR J 425 -1.10 18.45 40.47
CA THR J 425 0.11 17.64 40.42
C THR J 425 1.23 18.35 39.68
N VAL J 426 0.91 19.02 38.58
CA VAL J 426 1.92 19.56 37.70
C VAL J 426 1.90 21.09 37.68
N ILE J 427 0.73 21.70 37.76
CA ILE J 427 0.62 23.14 37.84
C ILE J 427 1.17 23.66 39.18
N ASP J 428 1.46 24.96 39.21
CA ASP J 428 2.38 25.53 40.19
C ASP J 428 1.82 26.80 40.82
N ASP J 429 0.57 26.73 41.31
CA ASP J 429 -0.05 27.75 42.16
C ASP J 429 -0.26 29.11 41.49
N GLN J 430 0.17 29.26 40.25
CA GLN J 430 -0.15 30.41 39.43
C GLN J 430 -0.89 30.01 38.18
N THR J 431 -0.64 28.80 37.69
CA THR J 431 -1.55 28.17 36.75
C THR J 431 -2.85 27.75 37.42
N ARG J 432 -2.88 27.66 38.74
CA ARG J 432 -4.14 27.53 39.46
C ARG J 432 -4.82 28.87 39.66
N ALA J 433 -4.06 29.96 39.59
CA ALA J 433 -4.65 31.28 39.77
C ALA J 433 -5.59 31.61 38.64
N VAL J 434 -5.28 31.18 37.41
CA VAL J 434 -6.25 31.38 36.35
C VAL J 434 -7.40 30.40 36.43
N HIS J 435 -7.22 29.27 37.11
CA HIS J 435 -8.38 28.43 37.40
C HIS J 435 -9.35 29.13 38.32
N GLN J 436 -8.84 29.89 39.28
CA GLN J 436 -9.74 30.58 40.18
C GLN J 436 -10.26 31.87 39.56
N PHE J 437 -9.50 32.42 38.61
CA PHE J 437 -9.98 33.57 37.86
C PHE J 437 -11.18 33.20 37.01
N LEU J 438 -11.22 31.97 36.50
CA LEU J 438 -12.28 31.54 35.61
C LEU J 438 -13.44 30.89 36.34
N LEU J 439 -13.33 30.64 37.63
CA LEU J 439 -14.40 30.01 38.40
C LEU J 439 -15.68 30.84 38.52
N PRO J 440 -15.65 32.13 38.92
CA PRO J 440 -16.93 32.87 38.93
C PRO J 440 -17.51 33.05 37.54
N VAL J 441 -16.65 33.18 36.52
CA VAL J 441 -17.16 33.33 35.18
C VAL J 441 -17.78 32.02 34.70
N ASP J 442 -17.18 30.88 35.07
CA ASP J 442 -17.78 29.61 34.72
C ASP J 442 -19.11 29.39 35.41
N GLN J 443 -19.24 29.77 36.69
CA GLN J 443 -20.53 29.52 37.32
C GLN J 443 -21.58 30.53 36.89
N LEU J 444 -21.18 31.75 36.54
CA LEU J 444 -22.15 32.68 35.97
C LEU J 444 -22.59 32.25 34.58
N LEU J 445 -21.72 31.56 33.84
CA LEU J 445 -22.17 30.99 32.59
C LEU J 445 -23.00 29.73 32.82
N ALA J 446 -22.79 29.07 33.95
CA ALA J 446 -23.52 27.84 34.20
C ALA J 446 -24.89 28.09 34.80
N ASP J 447 -25.09 29.25 35.43
CA ASP J 447 -26.39 29.54 36.02
C ASP J 447 -27.46 29.71 34.96
N GLY J 448 -27.09 30.19 33.78
CA GLY J 448 -28.05 30.25 32.69
C GLY J 448 -28.48 28.88 32.23
N THR J 449 -27.54 27.94 32.19
CA THR J 449 -27.88 26.57 31.87
C THR J 449 -28.75 25.95 32.96
N ALA J 450 -28.44 26.27 34.22
CA ALA J 450 -29.17 25.68 35.33
C ALA J 450 -30.59 26.21 35.43
N GLU J 451 -30.76 27.50 35.24
CA GLU J 451 -32.09 28.09 35.22
C GLU J 451 -32.87 27.65 34.00
N LEU J 452 -32.18 27.49 32.88
CA LEU J 452 -32.80 27.01 31.66
C LEU J 452 -33.38 25.61 31.83
N ALA J 453 -32.70 24.76 32.60
CA ALA J 453 -33.16 23.40 32.81
C ALA J 453 -34.04 23.26 34.04
N GLN J 454 -34.65 24.35 34.48
CA GLN J 454 -35.66 24.28 35.53
C GLN J 454 -36.90 25.08 35.20
N LEU J 455 -36.92 25.77 34.06
CA LEU J 455 -38.13 26.48 33.66
C LEU J 455 -39.38 25.62 33.43
N PRO J 456 -39.33 24.33 33.06
CA PRO J 456 -40.58 23.58 33.09
C PRO J 456 -41.11 23.34 34.48
N THR J 457 -40.27 23.31 35.51
CA THR J 457 -40.78 23.17 36.86
C THR J 457 -40.80 24.49 37.62
N LEU J 458 -40.27 25.56 37.03
CA LEU J 458 -40.54 26.87 37.58
C LEU J 458 -41.88 27.41 37.12
N LEU J 459 -42.24 27.16 35.88
CA LEU J 459 -43.60 27.46 35.41
C LEU J 459 -44.48 26.23 35.50
N ALA J 460 -44.53 25.61 36.67
CA ALA J 460 -45.28 24.40 36.87
C ALA J 460 -46.56 24.71 37.64
N PHE J 461 -47.58 23.91 37.39
CA PHE J 461 -48.81 24.02 38.17
C PHE J 461 -48.81 23.05 39.35
N LYS J 462 -48.67 21.76 39.07
CA LYS J 462 -48.92 20.76 40.10
C LYS J 462 -47.73 20.60 41.04
N ASN J 463 -46.60 20.17 40.51
CA ASN J 463 -45.44 19.83 41.32
C ASN J 463 -44.40 20.93 41.12
N ARG J 464 -44.30 21.81 42.08
CA ARG J 464 -43.36 22.91 41.98
C ARG J 464 -42.15 22.67 42.86
N GLY J 465 -41.02 23.23 42.45
CA GLY J 465 -39.76 23.02 43.12
C GLY J 465 -39.61 23.95 44.31
N ASP J 466 -38.39 23.96 44.85
CA ASP J 466 -38.10 24.69 46.07
C ASP J 466 -36.94 25.65 45.84
N ALA J 467 -37.05 26.43 44.77
CA ALA J 467 -36.06 27.43 44.48
C ALA J 467 -36.71 28.55 43.70
N ILE J 468 -35.92 29.57 43.42
CA ILE J 468 -36.35 30.66 42.59
C ILE J 468 -35.80 30.52 41.19
N ARG J 469 -34.51 30.23 41.09
CA ARG J 469 -33.83 30.11 39.83
C ARG J 469 -33.05 28.81 39.84
N GLY J 470 -32.23 28.63 38.81
CA GLY J 470 -31.36 27.47 38.75
C GLY J 470 -29.96 27.78 39.22
N THR J 471 -29.32 26.76 39.79
CA THR J 471 -27.94 26.88 40.24
C THR J 471 -27.30 25.51 40.14
N ARG J 472 -26.16 25.43 39.47
CA ARG J 472 -25.49 24.17 39.30
C ARG J 472 -23.99 24.37 39.44
N TRP J 473 -23.33 23.41 40.08
CA TRP J 473 -21.89 23.37 40.11
C TRP J 473 -21.37 23.09 38.72
N PRO J 474 -20.55 23.96 38.14
CA PRO J 474 -20.26 23.87 36.71
C PRO J 474 -19.25 22.83 36.31
N TYR J 475 -18.89 21.89 37.17
CA TYR J 475 -17.87 20.92 36.81
C TYR J 475 -18.34 19.51 37.09
N THR J 476 -17.53 18.56 36.65
CA THR J 476 -17.91 17.15 36.62
C THR J 476 -16.73 16.33 37.13
N ASN J 477 -17.02 15.14 37.64
CA ASN J 477 -15.99 14.13 37.75
C ASN J 477 -15.48 13.78 36.36
N ALA J 478 -14.22 13.32 36.32
CA ALA J 478 -13.43 13.21 35.09
C ALA J 478 -13.37 14.52 34.33
N MET J 479 -13.31 15.62 35.09
CA MET J 479 -12.94 16.92 34.57
C MET J 479 -11.95 17.49 35.56
N VAL J 480 -10.95 18.18 35.05
CA VAL J 480 -9.77 18.50 35.85
C VAL J 480 -10.11 19.55 36.90
N GLN J 481 -11.00 20.47 36.58
CA GLN J 481 -11.18 21.66 37.41
C GLN J 481 -12.07 21.42 38.61
N GLN J 482 -12.41 20.17 38.91
CA GLN J 482 -13.12 19.88 40.14
C GLN J 482 -12.16 19.61 41.28
N ALA J 483 -11.21 18.71 41.06
CA ALA J 483 -10.22 18.39 42.07
C ALA J 483 -9.25 19.54 42.34
N ILE J 484 -9.13 20.49 41.42
CA ILE J 484 -8.35 21.68 41.71
C ILE J 484 -9.12 22.57 42.68
N HIS J 485 -10.41 22.77 42.45
CA HIS J 485 -11.24 23.57 43.34
C HIS J 485 -11.77 22.80 44.52
N GLN J 486 -11.17 21.65 44.85
CA GLN J 486 -11.83 20.67 45.72
C GLN J 486 -12.00 21.11 47.17
N PRO J 487 -10.95 21.56 47.93
CA PRO J 487 -11.16 21.73 49.37
C PRO J 487 -11.97 22.94 49.79
N TYR J 488 -12.58 23.64 48.84
CA TYR J 488 -13.61 24.62 49.16
C TYR J 488 -14.84 24.44 48.29
N ALA J 489 -14.88 23.34 47.52
CA ALA J 489 -15.94 23.12 46.54
C ALA J 489 -17.31 23.01 47.19
N LYS J 490 -17.40 22.28 48.30
CA LYS J 490 -18.67 22.19 49.01
C LYS J 490 -19.07 23.51 49.64
N THR J 491 -18.10 24.38 49.92
CA THR J 491 -18.41 25.58 50.68
C THR J 491 -19.11 26.61 49.83
N LEU J 492 -18.65 26.79 48.60
CA LEU J 492 -19.15 27.90 47.82
C LEU J 492 -20.37 27.54 46.99
N GLU J 493 -20.53 26.28 46.59
CA GLU J 493 -21.79 25.87 45.99
C GLU J 493 -22.92 25.85 47.00
N ALA J 494 -22.60 25.75 48.29
CA ALA J 494 -23.62 25.98 49.30
C ALA J 494 -23.99 27.45 49.40
N ILE J 495 -23.10 28.34 48.96
CA ILE J 495 -23.42 29.76 48.95
C ILE J 495 -24.44 30.05 47.88
N ALA J 496 -24.20 29.57 46.67
CA ALA J 496 -25.09 29.88 45.56
C ALA J 496 -26.37 29.08 45.58
N GLN J 497 -26.45 28.04 46.41
CA GLN J 497 -27.69 27.28 46.47
C GLN J 497 -28.69 27.92 47.41
N GLN J 498 -28.23 28.32 48.59
CA GLN J 498 -29.09 29.00 49.56
C GLN J 498 -29.48 30.39 49.09
N ASP J 499 -28.72 30.99 48.18
CA ASP J 499 -29.09 32.26 47.61
C ASP J 499 -29.97 32.09 46.39
N ALA J 500 -30.56 30.92 46.21
CA ALA J 500 -31.54 30.71 45.16
C ALA J 500 -32.74 29.90 45.62
N ALA J 501 -32.70 29.30 46.80
CA ALA J 501 -33.81 28.51 47.31
C ALA J 501 -34.68 29.35 48.22
N ILE J 502 -35.81 28.77 48.62
CA ILE J 502 -36.72 29.45 49.52
C ILE J 502 -36.67 28.90 50.93
N PHE J 503 -35.90 27.83 51.16
CA PHE J 503 -35.47 27.37 52.49
C PHE J 503 -36.67 26.96 53.36
N THR J 504 -37.19 25.77 53.03
CA THR J 504 -38.44 25.14 53.50
C THR J 504 -38.84 25.38 54.95
N GLN J 505 -37.88 25.37 55.88
CA GLN J 505 -38.14 25.70 57.28
C GLN J 505 -38.23 27.20 57.46
N ASP J 506 -37.96 27.71 58.67
CA ASP J 506 -38.05 29.13 59.00
C ASP J 506 -37.36 30.00 57.95
N LYS J 507 -38.19 30.75 57.23
CA LYS J 507 -37.93 31.10 55.84
C LYS J 507 -36.86 32.17 55.73
N GLN J 508 -36.52 32.48 54.49
CA GLN J 508 -35.61 33.57 54.17
C GLN J 508 -36.23 34.91 54.52
N PRO J 509 -35.75 35.60 55.58
CA PRO J 509 -36.49 36.76 56.10
C PRO J 509 -36.37 38.01 55.25
N VAL J 510 -35.16 38.33 54.81
CA VAL J 510 -34.92 39.48 53.96
C VAL J 510 -34.59 39.08 52.53
N GLY J 511 -34.09 37.87 52.30
CA GLY J 511 -34.08 37.32 50.97
C GLY J 511 -35.51 37.08 50.56
N GLY J 512 -35.97 37.80 49.55
CA GLY J 512 -37.36 37.74 49.15
C GLY J 512 -37.74 36.55 48.29
N ASN J 513 -37.06 35.42 48.53
CA ASN J 513 -37.40 34.20 47.83
C ASN J 513 -38.78 33.72 48.21
N TYR J 514 -39.15 33.90 49.48
CA TYR J 514 -40.51 33.61 49.90
C TYR J 514 -41.48 34.58 49.24
N ALA J 515 -41.06 35.84 49.03
CA ALA J 515 -41.90 36.78 48.29
C ALA J 515 -41.97 36.40 46.83
N ARG J 516 -40.84 35.97 46.25
CA ARG J 516 -40.80 35.69 44.82
C ARG J 516 -41.60 34.44 44.47
N GLU J 517 -41.66 33.48 45.38
CA GLU J 517 -42.51 32.32 45.14
C GLU J 517 -43.98 32.72 45.14
N LEU J 518 -44.35 33.64 46.02
CA LEU J 518 -45.71 34.17 45.99
C LEU J 518 -45.96 35.02 44.76
N ASP J 519 -44.92 35.62 44.19
CA ASP J 519 -45.07 36.30 42.91
C ASP J 519 -45.35 35.31 41.78
N PHE J 520 -44.65 34.17 41.78
CA PHE J 520 -44.97 33.09 40.86
C PHE J 520 -46.39 32.62 41.02
N LEU J 521 -46.84 32.48 42.27
CA LEU J 521 -48.20 32.03 42.54
C LEU J 521 -49.23 33.04 42.09
N GLN J 522 -48.95 34.33 42.30
CA GLN J 522 -49.83 35.38 41.84
C GLN J 522 -49.97 35.36 40.33
N TYR J 523 -48.84 35.24 39.63
CA TYR J 523 -48.85 35.23 38.17
C TYR J 523 -49.53 34.00 37.62
N LEU J 524 -49.34 32.84 38.24
CA LEU J 524 -49.97 31.65 37.70
C LEU J 524 -51.45 31.56 38.07
N LEU J 525 -51.83 32.03 39.25
CA LEU J 525 -53.24 32.07 39.59
C LEU J 525 -53.98 33.12 38.78
N GLY J 526 -53.28 34.12 38.27
CA GLY J 526 -53.91 35.06 37.34
C GLY J 526 -54.32 34.46 36.01
N TYR J 527 -53.84 33.26 35.68
CA TYR J 527 -54.36 32.56 34.52
C TYR J 527 -55.81 32.19 34.72
N PHE J 528 -56.13 31.61 35.87
CA PHE J 528 -57.42 30.98 36.07
C PHE J 528 -58.47 31.92 36.62
N GLY J 529 -58.28 33.23 36.45
CA GLY J 529 -59.23 34.19 36.95
C GLY J 529 -59.30 34.29 38.45
N THR J 530 -58.29 33.81 39.14
CA THR J 530 -58.25 33.86 40.58
C THR J 530 -57.16 34.83 41.02
N GLN J 531 -56.89 34.83 42.32
CA GLN J 531 -55.89 35.69 42.89
C GLN J 531 -55.29 34.99 44.10
N ARG J 532 -53.99 35.18 44.29
CA ARG J 532 -53.31 34.67 45.47
C ARG J 532 -53.92 35.29 46.71
N ALA J 533 -54.14 34.44 47.72
CA ALA J 533 -54.55 34.91 49.03
C ALA J 533 -53.53 35.87 49.62
N ALA J 534 -54.03 36.84 50.37
CA ALA J 534 -53.18 37.89 50.90
C ALA J 534 -52.28 37.35 52.00
N LEU J 535 -51.27 38.13 52.32
CA LEU J 535 -50.24 37.71 53.26
C LEU J 535 -50.81 37.69 54.67
N PRO J 536 -50.80 36.56 55.36
CA PRO J 536 -51.20 36.55 56.75
C PRO J 536 -50.11 37.16 57.59
N LEU J 537 -50.47 38.17 58.38
CA LEU J 537 -49.55 38.74 59.34
C LEU J 537 -49.48 37.95 60.63
N THR J 538 -50.21 36.83 60.71
CA THR J 538 -50.30 36.07 61.96
C THR J 538 -50.29 34.56 61.77
N LEU J 539 -49.93 34.05 60.60
CA LEU J 539 -49.81 32.62 60.39
C LEU J 539 -48.35 32.23 60.36
N ASP J 540 -48.10 30.93 60.26
CA ASP J 540 -46.75 30.51 59.91
C ASP J 540 -46.56 30.65 58.41
N LEU J 541 -45.32 30.75 58.01
CA LEU J 541 -45.05 30.87 56.58
C LEU J 541 -45.15 29.56 55.79
N PRO J 542 -44.53 28.43 56.20
CA PRO J 542 -44.46 27.29 55.25
C PRO J 542 -45.80 26.63 55.00
N ASP J 543 -46.67 26.58 56.01
CA ASP J 543 -47.98 25.99 55.78
C ASP J 543 -48.85 26.90 54.91
N PHE J 544 -48.64 28.22 55.01
CA PHE J 544 -49.34 29.13 54.09
C PHE J 544 -48.84 28.96 52.67
N LEU J 545 -47.55 28.74 52.49
CA LEU J 545 -47.01 28.54 51.15
C LEU J 545 -47.51 27.23 50.56
N ALA J 546 -47.58 26.18 51.38
CA ALA J 546 -48.16 24.93 50.93
C ALA J 546 -49.65 25.03 50.71
N THR J 547 -50.33 25.95 51.39
CA THR J 547 -51.73 26.21 51.11
C THR J 547 -51.88 26.81 49.73
N GLN J 548 -51.05 27.81 49.43
CA GLN J 548 -51.18 28.54 48.18
C GLN J 548 -50.79 27.70 46.97
N ARG J 549 -49.72 26.89 47.08
CA ARG J 549 -49.33 26.07 45.93
C ARG J 549 -50.33 24.96 45.67
N ALA J 550 -50.98 24.45 46.72
CA ALA J 550 -52.02 23.45 46.48
C ALA J 550 -53.29 24.10 45.96
N TYR J 551 -53.52 25.36 46.29
CA TYR J 551 -54.63 26.09 45.69
C TYR J 551 -54.39 26.31 44.20
N LEU J 552 -53.13 26.56 43.82
CA LEU J 552 -52.82 26.60 42.40
C LEU J 552 -52.97 25.24 41.75
N ALA J 553 -52.49 24.19 42.43
CA ALA J 553 -52.38 22.86 41.83
C ALA J 553 -53.73 22.22 41.56
N GLN J 554 -54.78 22.64 42.26
CA GLN J 554 -56.13 22.22 41.91
C GLN J 554 -56.87 23.44 41.46
N GLN J 555 -56.65 23.85 40.24
CA GLN J 555 -57.61 24.78 39.66
C GLN J 555 -58.80 24.12 38.97
N PRO J 556 -58.65 23.13 38.07
CA PRO J 556 -59.84 22.60 37.40
C PRO J 556 -60.72 21.79 38.31
N ALA J 557 -60.15 21.20 39.35
CA ALA J 557 -60.97 20.50 40.34
C ALA J 557 -61.79 21.48 41.16
N LEU J 558 -61.24 22.66 41.45
CA LEU J 558 -61.95 23.62 42.28
C LEU J 558 -63.06 24.34 41.53
N GLY J 559 -63.24 24.06 40.25
CA GLY J 559 -64.40 24.60 39.58
C GLY J 559 -65.65 23.79 39.82
N TYR J 560 -65.52 22.47 39.91
CA TYR J 560 -66.70 21.60 39.99
C TYR J 560 -67.38 21.67 41.35
N ASP J 561 -66.61 21.68 42.42
CA ASP J 561 -67.21 21.42 43.73
C ASP J 561 -67.90 22.62 44.34
N ARG J 562 -68.19 23.68 43.58
CA ARG J 562 -69.21 24.61 44.00
C ARG J 562 -70.58 23.92 43.97
N ILE J 563 -70.86 23.24 42.86
CA ILE J 563 -71.97 22.32 42.65
C ILE J 563 -71.51 20.95 43.16
N ASN J 564 -72.40 19.95 43.16
CA ASN J 564 -72.22 18.51 43.34
C ASN J 564 -71.20 18.08 44.41
N ILE J 565 -71.53 18.41 45.65
CA ILE J 565 -70.78 17.89 46.79
C ILE J 565 -70.90 16.38 46.81
N ARG J 566 -69.78 15.72 46.57
CA ARG J 566 -69.67 14.30 46.82
C ARG J 566 -69.35 14.09 48.29
N ILE J 567 -69.80 12.96 48.83
CA ILE J 567 -69.60 12.69 50.26
C ILE J 567 -68.15 12.34 50.57
N ASP J 568 -67.35 11.96 49.58
CA ASP J 568 -66.04 11.40 49.81
C ASP J 568 -64.91 12.41 49.68
N GLN J 569 -65.19 13.70 49.77
CA GLN J 569 -64.13 14.70 49.79
C GLN J 569 -64.29 15.65 50.95
N VAL J 570 -63.51 16.71 50.94
CA VAL J 570 -63.62 17.75 51.93
C VAL J 570 -64.52 18.89 51.41
N SER J 571 -65.30 18.60 50.36
CA SER J 571 -66.33 19.47 49.79
C SER J 571 -65.72 20.79 49.30
N ALA J 572 -64.91 20.66 48.25
CA ALA J 572 -63.81 21.56 47.90
C ALA J 572 -64.20 23.03 47.73
N LEU J 573 -65.49 23.36 47.70
CA LEU J 573 -65.92 24.69 48.08
C LEU J 573 -65.39 25.06 49.46
N GLN J 574 -65.42 24.11 50.40
CA GLN J 574 -64.81 24.32 51.70
C GLN J 574 -63.31 24.53 51.57
N LYS J 575 -62.65 23.78 50.69
CA LYS J 575 -61.22 24.04 50.57
C LYS J 575 -60.94 25.27 49.71
N ARG J 576 -61.90 25.69 48.88
CA ARG J 576 -61.81 26.99 48.24
C ARG J 576 -61.76 28.10 49.28
N ILE J 577 -62.68 28.05 50.24
CA ILE J 577 -62.66 29.04 51.33
C ILE J 577 -61.41 28.87 52.18
N ALA J 578 -61.01 27.63 52.44
CA ALA J 578 -59.87 27.32 53.28
C ALA J 578 -58.55 27.56 52.60
N ALA J 579 -58.57 27.95 51.33
CA ALA J 579 -57.39 28.48 50.67
C ALA J 579 -57.49 29.96 50.36
N ARG J 580 -58.69 30.54 50.41
CA ARG J 580 -58.81 32.00 50.35
C ARG J 580 -58.15 32.64 51.54
N ILE J 581 -58.19 31.98 52.68
CA ILE J 581 -57.38 32.30 53.84
C ILE J 581 -56.51 31.09 54.12
N GLY J 582 -55.24 31.32 54.44
CA GLY J 582 -54.28 30.22 54.39
C GLY J 582 -54.31 29.31 55.58
N LEU J 583 -54.87 28.10 55.44
CA LEU J 583 -54.86 27.15 56.53
C LEU J 583 -54.11 25.86 56.19
N ASP J 584 -54.57 25.12 55.19
CA ASP J 584 -54.12 23.77 54.78
C ASP J 584 -53.74 22.89 55.95
N SER J 585 -54.71 22.65 56.82
CA SER J 585 -54.50 21.59 57.81
C SER J 585 -54.58 20.24 57.12
N ILE J 586 -55.75 19.93 56.55
CA ILE J 586 -55.99 18.68 55.83
C ILE J 586 -56.66 19.02 54.52
N CYS J 587 -56.85 20.32 54.26
CA CYS J 587 -57.80 20.77 53.25
C CYS J 587 -57.34 20.47 51.83
N PHE J 588 -56.13 19.96 51.66
CA PHE J 588 -55.66 19.40 50.41
C PHE J 588 -55.04 18.06 50.78
N ALA J 589 -54.84 17.19 49.77
CA ALA J 589 -54.49 15.77 49.95
C ALA J 589 -55.54 15.12 50.84
N ASP J 590 -56.74 14.97 50.30
CA ASP J 590 -58.04 14.95 50.98
C ASP J 590 -58.27 13.80 51.96
N ASN J 591 -57.28 12.95 52.22
CA ASN J 591 -57.55 11.72 52.96
C ASN J 591 -57.95 11.90 54.43
N PRO J 592 -57.21 12.63 55.32
CA PRO J 592 -57.59 12.56 56.75
C PRO J 592 -58.75 13.47 57.11
N ASP J 593 -59.27 13.29 58.33
CA ASP J 593 -60.23 14.17 58.95
C ASP J 593 -59.51 15.19 59.84
N LEU J 594 -60.28 15.88 60.70
CA LEU J 594 -59.82 16.86 61.69
C LEU J 594 -59.23 18.11 61.07
N GLY J 595 -60.01 18.81 60.24
CA GLY J 595 -59.61 20.11 59.71
C GLY J 595 -60.42 21.23 60.31
N GLN J 596 -60.64 22.25 59.50
CA GLN J 596 -61.46 23.38 59.92
C GLN J 596 -62.88 23.22 59.40
N LEU J 597 -63.80 22.93 60.30
CA LEU J 597 -65.06 22.28 59.96
C LEU J 597 -66.12 23.34 59.67
N PRO J 598 -66.91 23.18 58.60
CA PRO J 598 -67.92 24.17 58.19
C PRO J 598 -69.17 24.13 59.04
#